data_5JAW
#
_entry.id   5JAW
#
_cell.length_a   99.168
_cell.length_b   115.660
_cell.length_c   115.935
_cell.angle_alpha   90.15
_cell.angle_beta   90.11
_cell.angle_gamma   90.11
#
_symmetry.space_group_name_H-M   'P 1'
#
loop_
_entity.id
_entity.type
_entity.pdbx_description
1 polymer 'Beta-galactosidase, putative, bgl35A'
2 non-polymer (1S,2S,3S,4S,5R,6R)-5-amino-6-(hydroxymethyl)cyclohexane-1,2,3,4-tetrol
3 non-polymer 'SODIUM ION'
4 non-polymer 'ACETATE ION'
5 water water
#
_entity_poly.entity_id   1
_entity_poly.type   'polypeptide(L)'
_entity_poly.pdbx_seq_one_letter_code
;MGSSHHHHHHAAPLPELLSNNGKHALMVDGAPYIILGSQTNNSSNYPDALKDVWPSMEKMGANTLSIPVAWEQIEPVEGQ
FDFSFVDVLLKEARQRKVRLVLLWFATWKNNAPHYAPAWVKLDNARFPRVVKEDGDTLNSLSPLGQNTLAADKKAFVELM
KYLAKRDKDHTVIMVQVQNEVGTYGAVRDYSPMAQAVFNAAVPDDLIQKLQLKPGTWSQVFGRDADEFFHAYQIARYCDE
VTVAGKAIKNLPMYVNVALRNPFNPGLPGQYSSGGGTDNVLHIWKAAAPNIDLIAPDIYFRDYKTVSKVLELYTRPDNAL
FVAEIGNDQPFARYLFPTLGKGGIGFSPFGMDDTDYTNYPLGAKVYNDETIEQFAQVYRLVNPMMREWARLSYQGQVWGV
AEPLDSTTETQKIWNAEATPEEKEQHKKDRASALTQQLDLGLWDAEVTYGRPMFWVTPPEGNTPAAGGALIAQLDDNEYL
VTAYKARVEFKPSQELAGKKFMIERVEEGRFEKGKWVMERVWNGDQTDWGLNFTDRPHLLRVKMASYSVQ
;
_entity_poly.pdbx_strand_id   A,B,C,D,E,F,G,H
#
loop_
_chem_comp.id
_chem_comp.type
_chem_comp.name
_chem_comp.formula
ACT non-polymer 'ACETATE ION' 'C2 H3 O2 -1'
NA non-polymer 'SODIUM ION' 'Na 1'
UUU non-polymer (1S,2S,3S,4S,5R,6R)-5-amino-6-(hydroxymethyl)cyclohexane-1,2,3,4-tetrol 'C7 H15 N O5'
#
# COMPACT_ATOMS: atom_id res chain seq x y z
N ALA A 12 7.02 -7.75 47.74
CA ALA A 12 7.95 -8.92 47.52
C ALA A 12 9.43 -8.50 47.41
N PRO A 13 10.31 -9.01 48.30
CA PRO A 13 11.73 -8.76 48.03
C PRO A 13 12.32 -9.54 46.85
N LEU A 14 13.35 -8.95 46.21
CA LEU A 14 14.11 -9.64 45.16
C LEU A 14 14.65 -11.01 45.57
N PRO A 15 14.53 -11.97 44.65
CA PRO A 15 15.31 -13.19 44.82
C PRO A 15 16.83 -12.92 44.83
N GLU A 16 17.57 -13.70 45.63
CA GLU A 16 19.02 -13.49 45.80
C GLU A 16 19.72 -14.82 46.07
N LEU A 17 20.94 -14.99 45.56
CA LEU A 17 21.79 -16.11 45.89
C LEU A 17 22.66 -15.68 47.04
N LEU A 18 22.54 -16.37 48.19
CA LEU A 18 23.29 -16.04 49.40
C LEU A 18 24.36 -17.09 49.59
N SER A 19 25.50 -16.67 50.10
CA SER A 19 26.60 -17.58 50.30
C SER A 19 27.33 -17.27 51.62
N ASN A 20 27.45 -18.25 52.49
CA ASN A 20 28.11 -18.03 53.78
C ASN A 20 28.53 -19.35 54.42
N ASN A 21 29.69 -19.34 55.10
CA ASN A 21 30.30 -20.54 55.73
C ASN A 21 30.40 -21.77 54.80
N GLY A 22 30.79 -21.53 53.53
CA GLY A 22 30.83 -22.54 52.45
C GLY A 22 29.49 -23.16 52.03
N LYS A 23 28.38 -22.50 52.39
N LYS A 23 28.39 -22.51 52.38
CA LYS A 23 27.02 -22.98 52.12
CA LYS A 23 27.03 -22.98 52.07
C LYS A 23 26.35 -21.91 51.27
C LYS A 23 26.32 -21.89 51.29
N HIS A 24 25.14 -22.22 50.78
CA HIS A 24 24.42 -21.38 49.84
C HIS A 24 22.96 -21.54 50.02
N ALA A 25 22.24 -20.47 49.66
CA ALA A 25 20.82 -20.54 49.54
C ALA A 25 20.26 -19.64 48.47
N LEU A 26 19.32 -20.17 47.72
CA LEU A 26 18.59 -19.35 46.77
C LEU A 26 17.43 -18.78 47.52
N MET A 27 17.44 -17.47 47.74
CA MET A 27 16.35 -16.84 48.44
C MET A 27 15.27 -16.44 47.49
N VAL A 28 14.06 -16.83 47.82
CA VAL A 28 12.86 -16.48 47.08
C VAL A 28 11.80 -16.03 48.07
N ASP A 29 11.26 -14.83 47.85
CA ASP A 29 10.26 -14.26 48.79
C ASP A 29 10.78 -14.22 50.26
N GLY A 30 12.08 -14.03 50.42
CA GLY A 30 12.70 -13.80 51.71
C GLY A 30 13.10 -14.97 52.54
N ALA A 31 13.10 -16.17 51.94
CA ALA A 31 13.53 -17.34 52.63
C ALA A 31 14.14 -18.35 51.57
N PRO A 32 14.95 -19.29 52.07
CA PRO A 32 15.61 -20.30 51.20
C PRO A 32 14.51 -21.08 50.42
N TYR A 33 14.85 -21.50 49.22
CA TYR A 33 13.93 -22.09 48.27
C TYR A 33 14.71 -23.15 47.51
N ILE A 34 14.04 -24.29 47.24
CA ILE A 34 14.56 -25.31 46.33
C ILE A 34 13.77 -25.37 45.06
N ILE A 35 14.49 -25.37 43.93
CA ILE A 35 13.91 -25.44 42.62
C ILE A 35 13.79 -26.98 42.32
N LEU A 36 12.55 -27.37 42.42
CA LEU A 36 12.07 -28.70 42.03
C LEU A 36 11.57 -28.45 40.63
N GLY A 37 12.49 -28.51 39.66
CA GLY A 37 12.26 -27.91 38.30
C GLY A 37 11.72 -28.82 37.23
N SER A 38 11.27 -28.24 36.15
CA SER A 38 11.05 -28.94 34.89
C SER A 38 11.62 -27.99 33.84
N GLN A 39 12.27 -28.55 32.86
CA GLN A 39 12.75 -27.70 31.70
C GLN A 39 12.14 -28.18 30.39
N THR A 40 11.72 -27.26 29.53
CA THR A 40 11.09 -27.64 28.28
C THR A 40 12.16 -28.12 27.27
N ASN A 41 11.70 -28.79 26.20
CA ASN A 41 12.48 -28.98 24.92
C ASN A 41 12.70 -27.62 24.32
N ASN A 42 13.66 -27.59 23.41
CA ASN A 42 14.19 -26.33 22.89
C ASN A 42 13.27 -25.53 22.01
N SER A 43 12.14 -26.04 21.59
CA SER A 43 11.27 -25.37 20.61
C SER A 43 9.84 -25.09 21.19
N SER A 44 9.76 -25.03 22.52
CA SER A 44 8.56 -24.78 23.27
C SER A 44 8.36 -23.36 23.75
N ASN A 45 9.24 -22.45 23.28
CA ASN A 45 9.26 -21.08 23.76
C ASN A 45 8.31 -20.21 22.94
N TYR A 46 7.07 -20.67 22.73
CA TYR A 46 6.09 -19.92 21.96
C TYR A 46 4.70 -20.09 22.60
N PRO A 47 3.83 -19.09 22.45
CA PRO A 47 2.52 -19.14 23.12
C PRO A 47 1.75 -20.44 22.82
N ASP A 48 1.72 -20.87 21.55
CA ASP A 48 1.00 -22.08 21.14
C ASP A 48 1.54 -23.37 21.80
N ALA A 49 2.81 -23.41 22.20
CA ALA A 49 3.49 -24.59 22.74
C ALA A 49 3.16 -24.83 24.22
N LEU A 50 2.80 -23.79 24.96
CA LEU A 50 2.66 -23.83 26.40
C LEU A 50 1.60 -24.82 26.87
N LYS A 51 0.54 -25.00 26.07
CA LYS A 51 -0.50 -26.04 26.31
C LYS A 51 0.11 -27.41 26.46
N ASP A 52 1.26 -27.68 25.79
CA ASP A 52 2.01 -28.94 25.86
C ASP A 52 3.08 -29.07 26.96
N VAL A 53 3.21 -27.99 27.71
CA VAL A 53 4.15 -27.78 28.79
C VAL A 53 3.50 -27.90 30.15
N TRP A 54 2.41 -27.18 30.39
CA TRP A 54 1.79 -27.09 31.71
C TRP A 54 1.34 -28.43 32.29
N PRO A 55 0.76 -29.29 31.43
CA PRO A 55 0.28 -30.54 32.02
C PRO A 55 1.41 -31.36 32.62
N SER A 56 2.55 -31.48 31.90
CA SER A 56 3.71 -32.18 32.43
C SER A 56 4.11 -31.60 33.74
N MET A 57 4.17 -30.27 33.85
CA MET A 57 4.59 -29.68 35.08
C MET A 57 3.68 -30.02 36.30
N GLU A 58 2.37 -30.07 36.03
CA GLU A 58 1.41 -30.34 37.04
C GLU A 58 1.60 -31.79 37.46
N LYS A 59 1.71 -32.70 36.50
CA LYS A 59 1.93 -34.14 36.77
C LYS A 59 3.21 -34.39 37.55
N MET A 60 4.28 -33.63 37.27
CA MET A 60 5.53 -33.80 37.97
C MET A 60 5.55 -33.20 39.39
N GLY A 61 4.65 -32.24 39.69
CA GLY A 61 4.69 -31.49 40.89
C GLY A 61 5.83 -30.49 41.00
N ALA A 62 6.28 -30.00 39.81
CA ALA A 62 7.40 -29.09 39.75
C ALA A 62 6.94 -27.69 40.20
N ASN A 63 7.81 -26.97 40.89
CA ASN A 63 7.47 -25.64 41.40
C ASN A 63 8.05 -24.57 40.48
N THR A 64 8.87 -24.93 39.48
CA THR A 64 9.65 -23.91 38.71
C THR A 64 9.91 -24.40 37.34
N LEU A 65 9.59 -23.58 36.32
CA LEU A 65 9.74 -24.05 34.93
C LEU A 65 10.96 -23.33 34.37
N SER A 66 11.93 -24.05 33.76
CA SER A 66 13.00 -23.41 33.00
C SER A 66 12.58 -23.47 31.57
N ILE A 67 12.60 -22.32 30.87
CA ILE A 67 12.12 -22.24 29.54
C ILE A 67 12.97 -21.23 28.73
N PRO A 68 13.22 -21.45 27.43
CA PRO A 68 14.02 -20.39 26.73
C PRO A 68 13.26 -19.07 26.46
N VAL A 69 14.01 -17.95 26.41
CA VAL A 69 13.63 -16.73 25.76
C VAL A 69 14.76 -16.43 24.78
N ALA A 70 14.41 -16.36 23.50
CA ALA A 70 15.48 -16.38 22.44
C ALA A 70 15.65 -14.94 21.96
N TRP A 71 16.91 -14.62 21.68
CA TRP A 71 17.20 -13.31 21.06
C TRP A 71 16.43 -13.13 19.77
N GLU A 72 16.42 -14.15 18.91
CA GLU A 72 15.67 -14.11 17.69
C GLU A 72 14.21 -13.72 17.86
N GLN A 73 13.58 -14.22 18.89
CA GLN A 73 12.16 -13.86 19.12
C GLN A 73 11.89 -12.45 19.69
N ILE A 74 12.70 -11.96 20.61
CA ILE A 74 12.48 -10.66 21.21
C ILE A 74 13.05 -9.59 20.27
N GLU A 75 13.97 -9.88 19.38
CA GLU A 75 14.51 -8.75 18.51
C GLU A 75 14.66 -9.26 17.10
N PRO A 76 13.53 -9.59 16.46
CA PRO A 76 13.55 -10.22 15.15
C PRO A 76 14.17 -9.35 14.04
N VAL A 77 13.96 -8.06 14.21
CA VAL A 77 14.57 -6.96 13.36
C VAL A 77 15.19 -6.02 14.36
N GLU A 78 16.39 -5.54 14.01
CA GLU A 78 17.16 -4.78 14.96
C GLU A 78 16.38 -3.54 15.42
N GLY A 79 16.32 -3.41 16.73
CA GLY A 79 15.71 -2.29 17.42
C GLY A 79 14.22 -2.44 17.59
N GLN A 80 13.64 -3.52 17.08
CA GLN A 80 12.19 -3.69 17.03
C GLN A 80 11.86 -4.84 17.96
N PHE A 81 11.60 -4.54 19.23
CA PHE A 81 11.48 -5.57 20.30
C PHE A 81 10.03 -6.13 20.39
N ASP A 82 9.91 -7.44 20.71
CA ASP A 82 8.65 -8.19 20.70
C ASP A 82 8.68 -9.08 21.96
N PHE A 83 8.01 -8.66 23.05
CA PHE A 83 7.95 -9.45 24.30
C PHE A 83 6.61 -10.24 24.44
N SER A 84 5.89 -10.41 23.31
CA SER A 84 4.54 -11.08 23.32
C SER A 84 4.60 -12.45 23.99
N PHE A 85 5.64 -13.23 23.71
CA PHE A 85 5.85 -14.51 24.43
C PHE A 85 6.05 -14.38 25.93
N VAL A 86 6.87 -13.44 26.35
CA VAL A 86 7.17 -13.27 27.76
C VAL A 86 5.87 -12.91 28.51
N ASP A 87 5.12 -11.98 27.95
CA ASP A 87 3.76 -11.62 28.46
C ASP A 87 2.85 -12.81 28.77
N VAL A 88 2.61 -13.65 27.75
CA VAL A 88 1.77 -14.87 27.91
C VAL A 88 2.40 -15.78 29.00
N LEU A 89 3.70 -16.04 28.86
CA LEU A 89 4.43 -16.90 29.79
C LEU A 89 4.29 -16.52 31.20
N LEU A 90 4.50 -15.25 31.53
CA LEU A 90 4.29 -14.68 32.84
C LEU A 90 2.85 -14.89 33.36
N LYS A 91 1.91 -14.55 32.48
CA LYS A 91 0.45 -14.69 32.77
C LYS A 91 0.14 -16.11 33.13
N GLU A 92 0.59 -17.02 32.27
CA GLU A 92 0.23 -18.44 32.43
C GLU A 92 0.93 -19.12 33.62
N ALA A 93 2.19 -18.78 33.90
CA ALA A 93 2.94 -19.24 35.06
C ALA A 93 2.21 -18.86 36.33
N ARG A 94 1.76 -17.60 36.38
CA ARG A 94 1.03 -17.08 37.55
C ARG A 94 -0.24 -17.80 37.77
N GLN A 95 -0.93 -18.12 36.69
CA GLN A 95 -2.24 -18.79 36.78
C GLN A 95 -2.05 -20.17 37.41
N ARG A 96 -0.93 -20.78 37.10
CA ARG A 96 -0.60 -22.11 37.68
C ARG A 96 0.26 -22.10 38.94
N LYS A 97 0.46 -20.92 39.52
CA LYS A 97 1.24 -20.64 40.74
C LYS A 97 2.64 -21.27 40.78
N VAL A 98 3.32 -21.15 39.65
CA VAL A 98 4.68 -21.62 39.52
C VAL A 98 5.62 -20.49 39.19
N ARG A 99 6.90 -20.75 39.45
CA ARG A 99 7.97 -19.81 39.21
C ARG A 99 8.70 -20.15 37.94
N LEU A 100 9.49 -19.16 37.45
CA LEU A 100 10.22 -19.27 36.16
C LEU A 100 11.75 -19.05 36.32
N VAL A 101 12.51 -19.77 35.51
CA VAL A 101 13.89 -19.51 35.24
C VAL A 101 13.96 -19.30 33.74
N LEU A 102 14.34 -18.12 33.25
CA LEU A 102 14.35 -17.89 31.84
C LEU A 102 15.77 -18.14 31.28
N LEU A 103 15.83 -18.87 30.18
CA LEU A 103 17.13 -19.27 29.62
C LEU A 103 17.33 -18.33 28.42
N TRP A 104 18.27 -17.43 28.57
CA TRP A 104 18.56 -16.45 27.46
C TRP A 104 19.43 -17.10 26.38
N PHE A 105 18.78 -17.49 25.31
CA PHE A 105 19.45 -18.16 24.22
C PHE A 105 19.80 -17.01 23.28
N ALA A 106 21.07 -16.73 23.22
CA ALA A 106 21.56 -15.56 22.42
C ALA A 106 22.87 -15.81 21.63
N THR A 107 24.02 -15.24 22.06
CA THR A 107 25.31 -15.48 21.36
C THR A 107 25.64 -16.94 21.28
N TRP A 108 25.40 -17.69 22.36
CA TRP A 108 25.67 -19.13 22.34
C TRP A 108 24.47 -19.90 22.87
N LYS A 109 24.13 -20.90 22.09
CA LYS A 109 23.19 -21.96 22.57
C LYS A 109 23.91 -23.24 22.04
N ASN A 110 24.48 -24.05 22.96
CA ASN A 110 25.19 -25.24 22.58
C ASN A 110 26.30 -24.91 21.58
N ASN A 111 27.00 -23.81 21.91
CA ASN A 111 28.22 -23.36 21.18
C ASN A 111 27.90 -22.50 19.99
N ALA A 112 26.66 -22.54 19.51
CA ALA A 112 26.24 -21.88 18.25
C ALA A 112 25.28 -20.71 18.33
N PRO A 113 25.23 -19.92 17.23
CA PRO A 113 24.38 -18.73 17.20
C PRO A 113 22.98 -18.92 16.67
N HIS A 114 22.45 -20.13 16.73
CA HIS A 114 21.23 -20.35 15.96
C HIS A 114 19.99 -19.54 16.44
N TYR A 115 20.00 -19.16 17.70
CA TYR A 115 18.88 -18.45 18.34
C TYR A 115 19.11 -16.93 18.36
N ALA A 116 20.25 -16.52 17.85
CA ALA A 116 20.41 -15.11 17.48
C ALA A 116 19.59 -14.74 16.26
N PRO A 117 19.10 -13.49 16.18
CA PRO A 117 18.27 -13.09 15.05
C PRO A 117 19.02 -13.24 13.72
N ALA A 118 18.30 -13.25 12.61
CA ALA A 118 18.93 -13.52 11.31
C ALA A 118 19.91 -12.39 10.95
N TRP A 119 19.57 -11.18 11.39
CA TRP A 119 20.52 -10.03 11.14
C TRP A 119 21.84 -10.16 11.95
N VAL A 120 21.89 -11.00 12.98
CA VAL A 120 23.11 -11.27 13.65
C VAL A 120 23.78 -12.44 12.97
N LYS A 121 23.11 -13.63 13.00
CA LYS A 121 23.81 -14.81 12.62
C LYS A 121 24.16 -15.01 11.18
N LEU A 122 23.55 -14.20 10.30
CA LEU A 122 23.90 -14.23 8.91
C LEU A 122 24.87 -13.10 8.56
N ASP A 123 25.30 -12.24 9.53
CA ASP A 123 26.28 -11.14 9.21
C ASP A 123 27.65 -11.35 9.92
N ASN A 124 28.47 -12.21 9.31
CA ASN A 124 29.77 -12.58 9.86
C ASN A 124 30.80 -11.43 9.94
N ALA A 125 30.67 -10.51 8.97
CA ALA A 125 31.52 -9.25 8.93
C ALA A 125 31.38 -8.47 10.24
N ARG A 126 30.15 -8.28 10.66
CA ARG A 126 29.81 -7.54 11.87
C ARG A 126 29.96 -8.38 13.14
N PHE A 127 29.55 -9.64 13.06
CA PHE A 127 29.45 -10.51 14.19
C PHE A 127 30.27 -11.77 13.90
N PRO A 128 31.56 -11.71 14.17
CA PRO A 128 32.40 -12.74 13.66
C PRO A 128 32.47 -14.05 14.40
N ARG A 129 32.66 -15.08 13.57
CA ARG A 129 32.83 -16.42 14.06
C ARG A 129 34.27 -16.75 14.49
N VAL A 130 34.39 -17.76 15.31
CA VAL A 130 35.65 -18.40 15.60
C VAL A 130 36.30 -18.95 14.36
N VAL A 131 37.60 -18.66 14.22
CA VAL A 131 38.43 -19.15 13.12
C VAL A 131 39.46 -20.16 13.66
N LYS A 132 39.56 -21.33 13.02
CA LYS A 132 40.43 -22.40 13.49
C LYS A 132 41.88 -21.98 13.14
N GLU A 133 42.88 -22.71 13.66
CA GLU A 133 44.31 -22.48 13.31
C GLU A 133 44.57 -22.68 11.81
N ASP A 134 43.88 -23.65 11.20
CA ASP A 134 44.04 -23.94 9.76
C ASP A 134 43.37 -22.90 8.84
N GLY A 135 42.66 -21.95 9.44
CA GLY A 135 41.99 -20.91 8.68
C GLY A 135 40.51 -21.11 8.44
N ASP A 136 40.00 -22.34 8.59
CA ASP A 136 38.57 -22.60 8.37
C ASP A 136 37.78 -22.00 9.53
N THR A 137 36.48 -21.76 9.28
CA THR A 137 35.62 -21.00 10.21
C THR A 137 34.62 -21.98 10.80
N LEU A 138 34.38 -21.83 12.11
CA LEU A 138 33.37 -22.65 12.83
C LEU A 138 32.08 -21.83 13.06
N ASN A 139 30.90 -22.50 13.16
CA ASN A 139 29.69 -21.73 13.46
C ASN A 139 29.58 -21.62 14.97
N SER A 140 30.43 -20.76 15.54
CA SER A 140 30.53 -20.48 16.95
C SER A 140 31.00 -18.99 16.97
N LEU A 141 30.21 -18.15 17.60
CA LEU A 141 30.61 -16.70 17.61
C LEU A 141 31.76 -16.48 18.53
N SER A 142 32.71 -15.64 18.05
CA SER A 142 33.91 -15.27 18.80
C SER A 142 33.57 -14.38 20.01
N PRO A 143 34.09 -14.70 21.22
CA PRO A 143 33.91 -13.89 22.41
C PRO A 143 34.59 -12.53 22.25
N LEU A 144 35.46 -12.39 21.24
CA LEU A 144 36.07 -11.05 21.01
C LEU A 144 35.39 -10.12 20.05
N GLY A 145 34.26 -10.52 19.46
CA GLY A 145 33.47 -9.68 18.64
C GLY A 145 32.81 -8.62 19.50
N GLN A 146 33.34 -7.40 19.43
CA GLN A 146 32.79 -6.32 20.23
C GLN A 146 31.38 -5.91 19.85
N ASN A 147 31.00 -6.10 18.61
CA ASN A 147 29.66 -5.69 18.14
C ASN A 147 28.65 -6.74 18.69
N THR A 148 29.09 -8.00 18.65
CA THR A 148 28.28 -9.16 19.12
C THR A 148 27.97 -8.87 20.56
N LEU A 149 29.00 -8.63 21.37
CA LEU A 149 28.77 -8.25 22.80
C LEU A 149 27.77 -7.12 22.96
N ALA A 150 27.95 -6.00 22.27
CA ALA A 150 27.03 -4.87 22.50
C ALA A 150 25.58 -5.19 22.15
N ALA A 151 25.44 -5.93 21.04
CA ALA A 151 24.10 -6.34 20.52
C ALA A 151 23.37 -7.29 21.53
N ASP A 152 24.10 -8.29 21.97
CA ASP A 152 23.61 -9.25 23.03
C ASP A 152 23.22 -8.44 24.28
N LYS A 153 24.18 -7.70 24.82
CA LYS A 153 23.90 -6.83 25.95
C LYS A 153 22.68 -5.91 25.76
N LYS A 154 22.55 -5.29 24.62
CA LYS A 154 21.44 -4.38 24.42
C LYS A 154 20.10 -5.13 24.51
N ALA A 155 20.01 -6.30 23.90
CA ALA A 155 18.74 -7.03 23.89
C ALA A 155 18.43 -7.65 25.29
N PHE A 156 19.46 -8.15 25.94
CA PHE A 156 19.27 -8.65 27.33
C PHE A 156 18.76 -7.58 28.31
N VAL A 157 19.30 -6.36 28.13
CA VAL A 157 18.85 -5.21 28.86
C VAL A 157 17.34 -4.92 28.62
N GLU A 158 16.86 -5.06 27.38
CA GLU A 158 15.50 -4.85 27.05
C GLU A 158 14.61 -5.92 27.68
N LEU A 159 15.11 -7.15 27.63
CA LEU A 159 14.50 -8.24 28.41
C LEU A 159 14.36 -7.92 29.89
N MET A 160 15.44 -7.52 30.51
CA MET A 160 15.39 -7.22 31.92
C MET A 160 14.54 -5.98 32.20
N LYS A 161 14.55 -4.99 31.29
CA LYS A 161 13.65 -3.86 31.46
C LYS A 161 12.16 -4.30 31.41
N TYR A 162 11.85 -5.27 30.55
CA TYR A 162 10.49 -5.84 30.56
C TYR A 162 10.14 -6.49 31.93
N LEU A 163 11.06 -7.28 32.51
CA LEU A 163 10.83 -7.92 33.83
C LEU A 163 10.68 -6.90 34.94
N ALA A 164 11.49 -5.84 34.86
CA ALA A 164 11.42 -4.71 35.79
C ALA A 164 10.02 -4.11 35.79
N LYS A 165 9.48 -3.82 34.61
CA LYS A 165 8.12 -3.23 34.53
C LYS A 165 6.97 -4.17 34.80
N ARG A 166 7.11 -5.45 34.41
CA ARG A 166 5.97 -6.30 34.28
C ARG A 166 6.04 -7.49 35.19
N ASP A 167 7.05 -7.62 36.03
CA ASP A 167 7.15 -8.77 36.93
C ASP A 167 7.52 -8.37 38.37
N LYS A 168 6.74 -7.44 38.96
CA LYS A 168 6.96 -6.91 40.29
C LYS A 168 7.07 -7.92 41.43
N ASP A 169 6.37 -9.04 41.27
CA ASP A 169 6.24 -10.09 42.26
C ASP A 169 7.32 -11.15 41.95
N HIS A 170 8.14 -10.93 40.90
CA HIS A 170 9.32 -11.81 40.66
C HIS A 170 8.83 -13.25 40.38
N THR A 171 7.91 -13.37 39.47
CA THR A 171 7.57 -14.71 38.92
C THR A 171 8.83 -15.38 38.40
N VAL A 172 9.65 -14.63 37.69
CA VAL A 172 10.97 -15.06 37.23
C VAL A 172 11.92 -14.88 38.39
N ILE A 173 12.46 -15.96 38.91
CA ILE A 173 13.35 -15.97 40.02
C ILE A 173 14.85 -15.97 39.71
N MET A 174 15.22 -16.34 38.49
CA MET A 174 16.64 -16.48 38.09
C MET A 174 16.66 -16.50 36.55
N VAL A 175 17.81 -16.13 35.98
CA VAL A 175 17.99 -16.04 34.57
C VAL A 175 19.30 -16.67 34.21
N GLN A 176 19.25 -17.56 33.27
CA GLN A 176 20.46 -18.23 32.74
C GLN A 176 20.94 -17.39 31.54
N VAL A 177 22.21 -16.94 31.56
CA VAL A 177 22.79 -16.04 30.52
C VAL A 177 23.51 -16.96 29.56
N GLN A 178 22.97 -17.09 28.37
CA GLN A 178 23.41 -18.00 27.25
C GLN A 178 22.98 -19.43 27.65
N ASN A 179 23.34 -20.39 26.76
CA ASN A 179 23.12 -21.81 27.04
C ASN A 179 24.28 -22.65 26.56
N GLU A 180 24.97 -23.36 27.46
CA GLU A 180 26.15 -24.13 27.07
C GLU A 180 27.09 -23.39 26.08
N VAL A 181 27.73 -22.36 26.68
CA VAL A 181 28.70 -21.59 25.90
C VAL A 181 29.90 -22.48 25.53
N GLY A 182 30.65 -21.97 24.58
CA GLY A 182 31.93 -22.57 24.18
C GLY A 182 32.05 -22.83 22.72
N THR A 183 33.01 -23.68 22.35
CA THR A 183 33.24 -24.02 20.95
C THR A 183 33.63 -25.48 20.80
N TYR A 184 32.93 -26.18 19.95
CA TYR A 184 33.34 -27.48 19.48
C TYR A 184 34.24 -27.33 18.21
N GLY A 185 35.23 -28.20 18.08
CA GLY A 185 36.07 -28.30 16.90
C GLY A 185 37.33 -27.40 16.86
N ALA A 186 37.44 -26.48 17.81
CA ALA A 186 38.66 -25.68 18.05
C ALA A 186 38.73 -25.28 19.52
N VAL A 187 39.96 -25.01 20.01
CA VAL A 187 40.17 -24.63 21.40
C VAL A 187 39.80 -23.19 21.70
N ARG A 188 40.07 -22.31 20.71
CA ARG A 188 39.82 -20.91 20.81
C ARG A 188 39.60 -20.28 19.41
N ASP A 189 39.42 -18.98 19.39
CA ASP A 189 39.47 -18.18 18.17
C ASP A 189 40.95 -17.92 17.81
N TYR A 190 41.36 -18.35 16.61
CA TYR A 190 42.72 -18.04 16.08
C TYR A 190 42.71 -16.95 15.04
N SER A 191 41.63 -16.17 14.99
CA SER A 191 41.45 -15.08 14.03
C SER A 191 42.51 -14.04 14.34
N PRO A 192 42.88 -13.21 13.34
CA PRO A 192 43.88 -12.19 13.63
C PRO A 192 43.52 -11.28 14.82
N MET A 193 42.24 -10.92 14.92
CA MET A 193 41.72 -10.15 16.06
C MET A 193 42.04 -10.84 17.37
N ALA A 194 41.69 -12.12 17.45
CA ALA A 194 41.94 -12.92 18.63
C ALA A 194 43.39 -13.04 18.97
N GLN A 195 44.22 -13.24 17.96
CA GLN A 195 45.62 -13.59 18.16
C GLN A 195 46.38 -12.41 18.75
N ALA A 196 45.97 -11.20 18.35
CA ALA A 196 46.49 -9.96 18.97
C ALA A 196 46.32 -9.93 20.48
N VAL A 197 45.13 -10.32 20.96
CA VAL A 197 44.80 -10.24 22.35
C VAL A 197 45.54 -11.42 22.99
N PHE A 198 45.60 -12.56 22.30
CA PHE A 198 46.33 -13.71 22.85
C PHE A 198 47.83 -13.43 23.07
N ASN A 199 48.43 -12.81 22.07
CA ASN A 199 49.84 -12.35 22.08
C ASN A 199 50.17 -11.30 23.13
N ALA A 200 49.16 -10.56 23.58
CA ALA A 200 49.29 -9.47 24.55
C ALA A 200 49.29 -9.99 25.99
N ALA A 201 49.55 -9.09 26.93
CA ALA A 201 49.65 -9.44 28.33
C ALA A 201 48.32 -10.02 28.83
N VAL A 202 48.43 -11.01 29.71
CA VAL A 202 47.26 -11.39 30.49
C VAL A 202 46.79 -10.18 31.34
N PRO A 203 45.48 -9.86 31.29
CA PRO A 203 44.96 -8.74 32.07
C PRO A 203 45.33 -8.82 33.55
N ASP A 204 45.62 -7.66 34.15
CA ASP A 204 46.15 -7.58 35.50
C ASP A 204 45.27 -8.24 36.53
N ASP A 205 43.96 -8.00 36.44
CA ASP A 205 43.01 -8.52 37.45
C ASP A 205 43.05 -10.07 37.58
N LEU A 206 43.18 -10.77 36.46
CA LEU A 206 43.32 -12.23 36.46
C LEU A 206 44.64 -12.64 37.11
N ILE A 207 45.71 -11.96 36.71
CA ILE A 207 47.05 -12.29 37.20
C ILE A 207 47.08 -12.15 38.72
N GLN A 208 46.57 -11.01 39.18
CA GLN A 208 46.46 -10.73 40.61
C GLN A 208 45.55 -11.70 41.36
N LYS A 209 44.33 -11.95 40.85
CA LYS A 209 43.33 -12.83 41.50
C LYS A 209 43.84 -14.24 41.69
N LEU A 210 44.55 -14.74 40.69
CA LEU A 210 45.08 -16.10 40.69
C LEU A 210 46.45 -16.21 41.31
N GLN A 211 47.05 -15.06 41.67
CA GLN A 211 48.36 -15.01 42.32
C GLN A 211 49.46 -15.54 41.40
N LEU A 212 49.52 -14.98 40.20
CA LEU A 212 50.41 -15.44 39.11
C LEU A 212 51.49 -14.41 38.77
N LYS A 213 52.55 -14.85 38.11
CA LYS A 213 53.55 -13.95 37.51
C LYS A 213 52.93 -13.29 36.29
N PRO A 214 53.01 -11.94 36.18
CA PRO A 214 52.49 -11.32 34.94
C PRO A 214 53.23 -11.82 33.71
N GLY A 215 52.58 -11.69 32.55
CA GLY A 215 53.17 -12.07 31.27
C GLY A 215 52.05 -12.35 30.29
N THR A 216 52.39 -12.78 29.10
CA THR A 216 51.38 -13.06 28.05
C THR A 216 50.74 -14.40 28.27
N TRP A 217 49.66 -14.64 27.50
CA TRP A 217 48.91 -15.89 27.61
C TRP A 217 49.83 -17.11 27.54
N SER A 218 50.62 -17.20 26.47
CA SER A 218 51.56 -18.35 26.29
C SER A 218 52.58 -18.51 27.44
N GLN A 219 53.16 -17.40 27.88
CA GLN A 219 54.15 -17.42 28.96
C GLN A 219 53.58 -17.91 30.28
N VAL A 220 52.38 -17.44 30.63
CA VAL A 220 51.80 -17.65 31.95
C VAL A 220 51.15 -19.01 32.13
N PHE A 221 50.44 -19.43 31.08
CA PHE A 221 49.64 -20.66 31.09
C PHE A 221 50.20 -21.83 30.29
N GLY A 222 51.23 -21.64 29.46
CA GLY A 222 51.85 -22.80 28.82
C GLY A 222 50.90 -23.67 28.00
N ARG A 223 50.94 -24.98 28.26
CA ARG A 223 50.03 -25.99 27.65
C ARG A 223 48.53 -25.61 27.74
N ASP A 224 48.16 -24.90 28.80
CA ASP A 224 46.75 -24.46 29.00
C ASP A 224 46.36 -23.10 28.38
N ALA A 225 47.26 -22.43 27.63
CA ALA A 225 46.98 -21.07 27.19
C ALA A 225 45.77 -20.92 26.33
N ASP A 226 45.63 -21.82 25.38
CA ASP A 226 44.58 -21.76 24.38
C ASP A 226 43.20 -21.87 25.05
N GLU A 227 43.06 -22.89 25.85
CA GLU A 227 41.76 -23.11 26.51
C GLU A 227 41.45 -22.10 27.55
N PHE A 228 42.44 -21.72 28.37
CA PHE A 228 42.23 -20.67 29.37
C PHE A 228 41.85 -19.32 28.74
N PHE A 229 42.50 -18.99 27.63
CA PHE A 229 42.19 -17.76 26.89
C PHE A 229 40.70 -17.77 26.49
N HIS A 230 40.25 -18.88 25.91
CA HIS A 230 38.84 -18.94 25.46
C HIS A 230 37.88 -18.86 26.61
N ALA A 231 38.12 -19.67 27.63
CA ALA A 231 37.36 -19.59 28.86
C ALA A 231 37.29 -18.17 29.40
N TYR A 232 38.46 -17.50 29.51
CA TYR A 232 38.43 -16.15 30.04
C TYR A 232 37.62 -15.18 29.20
N GLN A 233 37.79 -15.28 27.87
CA GLN A 233 37.11 -14.37 26.95
C GLN A 233 35.60 -14.59 26.97
N ILE A 234 35.18 -15.87 27.09
CA ILE A 234 33.73 -16.09 27.17
C ILE A 234 33.24 -15.66 28.53
N ALA A 235 33.97 -16.00 29.60
CA ALA A 235 33.55 -15.56 30.91
C ALA A 235 33.40 -14.02 30.96
N ARG A 236 34.37 -13.26 30.41
CA ARG A 236 34.19 -11.78 30.38
C ARG A 236 32.98 -11.25 29.64
N TYR A 237 32.72 -11.88 28.51
CA TYR A 237 31.60 -11.63 27.65
C TYR A 237 30.35 -11.86 28.47
N CYS A 238 30.24 -13.03 29.07
CA CYS A 238 29.01 -13.37 29.85
C CYS A 238 28.82 -12.49 31.10
N ASP A 239 29.93 -12.13 31.74
CA ASP A 239 29.88 -11.33 32.93
C ASP A 239 29.43 -9.95 32.52
N GLU A 240 29.93 -9.44 31.39
CA GLU A 240 29.46 -8.11 30.92
C GLU A 240 27.92 -8.03 30.59
N VAL A 241 27.40 -9.08 29.98
CA VAL A 241 25.97 -9.21 29.72
C VAL A 241 25.26 -9.24 31.06
N THR A 242 25.79 -10.05 32.00
CA THR A 242 25.15 -10.19 33.31
C THR A 242 25.07 -8.88 34.06
N VAL A 243 26.17 -8.16 34.12
CA VAL A 243 26.16 -6.88 34.88
C VAL A 243 25.20 -5.86 34.25
N ALA A 244 25.19 -5.82 32.92
CA ALA A 244 24.31 -4.95 32.18
C ALA A 244 22.84 -5.22 32.49
N GLY A 245 22.47 -6.51 32.60
CA GLY A 245 21.08 -6.80 32.92
C GLY A 245 20.79 -6.60 34.40
N LYS A 246 21.70 -6.99 35.29
CA LYS A 246 21.54 -6.82 36.74
C LYS A 246 21.35 -5.34 37.11
N ALA A 247 22.03 -4.46 36.38
CA ALA A 247 21.88 -3.00 36.59
C ALA A 247 20.41 -2.52 36.43
N ILE A 248 19.61 -3.24 35.63
CA ILE A 248 18.19 -3.01 35.44
C ILE A 248 17.38 -3.74 36.52
N LYS A 249 17.53 -5.07 36.63
CA LYS A 249 16.87 -5.80 37.73
C LYS A 249 17.82 -6.87 38.21
N ASN A 250 18.16 -6.80 39.49
CA ASN A 250 19.23 -7.55 40.11
C ASN A 250 18.85 -8.99 40.53
N LEU A 251 18.41 -9.77 39.55
CA LEU A 251 18.00 -11.11 39.84
C LEU A 251 19.22 -11.99 39.85
N PRO A 252 19.16 -13.16 40.51
CA PRO A 252 20.27 -14.11 40.33
C PRO A 252 20.38 -14.59 38.89
N MET A 253 21.62 -14.72 38.40
CA MET A 253 21.92 -15.13 37.03
C MET A 253 23.06 -16.11 37.01
N TYR A 254 22.96 -17.09 36.17
CA TYR A 254 23.96 -18.19 36.13
C TYR A 254 24.26 -18.62 34.69
N VAL A 255 25.31 -19.45 34.61
CA VAL A 255 25.62 -20.18 33.35
C VAL A 255 25.63 -21.66 33.57
N ASN A 256 25.26 -22.35 32.50
CA ASN A 256 25.13 -23.82 32.48
C ASN A 256 26.20 -24.46 31.58
N VAL A 257 26.77 -25.57 32.04
CA VAL A 257 27.96 -26.12 31.45
C VAL A 257 27.72 -27.37 30.66
N ALA A 258 28.18 -27.39 29.42
CA ALA A 258 28.29 -28.62 28.62
C ALA A 258 29.48 -29.35 29.19
N LEU A 259 29.26 -30.33 30.04
CA LEU A 259 30.33 -30.94 30.82
C LEU A 259 31.33 -31.73 29.95
N ARG A 260 32.56 -31.74 30.41
CA ARG A 260 33.49 -32.77 29.94
C ARG A 260 33.44 -33.93 30.91
N ASN A 261 33.71 -35.12 30.45
CA ASN A 261 33.77 -36.24 31.35
C ASN A 261 34.89 -36.00 32.37
N PRO A 262 34.58 -36.09 33.64
CA PRO A 262 35.57 -35.69 34.67
C PRO A 262 36.69 -36.69 34.92
N PHE A 263 36.54 -37.93 34.48
CA PHE A 263 37.61 -38.95 34.59
C PHE A 263 38.46 -39.11 33.31
N ASN A 264 37.90 -38.78 32.15
CA ASN A 264 38.53 -39.04 30.85
C ASN A 264 37.93 -38.03 29.85
N PRO A 265 38.27 -36.74 30.03
CA PRO A 265 37.63 -35.64 29.27
C PRO A 265 37.88 -35.55 27.77
N GLY A 266 38.98 -36.10 27.30
CA GLY A 266 39.52 -35.81 25.98
C GLY A 266 40.02 -34.38 25.89
N LEU A 267 40.14 -33.89 24.65
CA LEU A 267 40.74 -32.56 24.43
C LEU A 267 39.68 -31.49 24.37
N PRO A 268 40.01 -30.28 24.83
CA PRO A 268 39.13 -29.13 24.53
C PRO A 268 38.86 -29.02 23.02
N GLY A 269 37.60 -28.86 22.64
CA GLY A 269 37.16 -28.87 21.26
C GLY A 269 36.49 -30.17 20.88
N GLN A 270 36.87 -31.25 21.55
CA GLN A 270 36.07 -32.51 21.52
C GLN A 270 34.87 -32.28 22.47
N TYR A 271 35.18 -31.86 23.70
CA TYR A 271 34.24 -31.19 24.57
C TYR A 271 34.16 -29.69 24.19
N SER A 272 33.15 -29.00 24.65
CA SER A 272 32.93 -27.59 24.29
C SER A 272 33.97 -26.75 25.04
N SER A 273 34.98 -26.29 24.32
CA SER A 273 36.08 -25.57 24.90
C SER A 273 35.61 -24.19 25.34
N GLY A 274 36.01 -23.79 26.54
CA GLY A 274 35.79 -22.42 26.94
C GLY A 274 34.56 -22.28 27.89
N GLY A 275 33.64 -23.26 27.92
CA GLY A 275 32.61 -23.19 28.96
C GLY A 275 33.18 -23.56 30.37
N GLY A 276 32.35 -23.54 31.43
CA GLY A 276 32.88 -23.69 32.78
C GLY A 276 33.14 -25.13 33.18
N THR A 277 34.04 -25.81 32.43
CA THR A 277 34.41 -27.20 32.64
C THR A 277 35.28 -27.24 33.89
N ASP A 278 35.43 -28.41 34.52
CA ASP A 278 36.03 -28.51 35.84
C ASP A 278 37.46 -27.95 35.94
N ASN A 279 38.23 -28.04 34.85
CA ASN A 279 39.60 -27.52 34.74
C ASN A 279 39.70 -25.99 34.64
N VAL A 280 38.62 -25.30 34.34
CA VAL A 280 38.63 -23.82 34.20
C VAL A 280 37.66 -23.07 35.12
N LEU A 281 37.09 -23.74 36.14
CA LEU A 281 36.22 -23.08 37.10
C LEU A 281 37.02 -21.94 37.69
N HIS A 282 38.31 -22.16 37.94
CA HIS A 282 39.15 -21.09 38.51
C HIS A 282 39.25 -19.81 37.67
N ILE A 283 39.35 -19.99 36.37
CA ILE A 283 39.37 -18.90 35.38
C ILE A 283 38.01 -18.17 35.40
N TRP A 284 36.93 -18.96 35.29
CA TRP A 284 35.60 -18.41 35.30
C TRP A 284 35.24 -17.59 36.55
N LYS A 285 35.63 -18.10 37.71
CA LYS A 285 35.37 -17.41 38.97
C LYS A 285 36.17 -16.09 39.05
N ALA A 286 37.42 -16.07 38.63
CA ALA A 286 38.20 -14.79 38.61
C ALA A 286 37.68 -13.79 37.55
N ALA A 287 37.23 -14.28 36.40
CA ALA A 287 36.86 -13.47 35.25
C ALA A 287 35.43 -12.93 35.35
N ALA A 288 34.52 -13.69 35.98
CA ALA A 288 33.10 -13.32 35.99
C ALA A 288 32.56 -13.26 37.41
N PRO A 289 32.99 -12.27 38.19
CA PRO A 289 32.56 -12.14 39.53
C PRO A 289 31.11 -11.83 39.76
N ASN A 290 30.39 -11.41 38.71
CA ASN A 290 28.98 -11.01 38.80
C ASN A 290 28.01 -12.14 38.48
N ILE A 291 28.54 -13.21 37.92
CA ILE A 291 27.76 -14.45 37.67
C ILE A 291 27.65 -15.23 38.99
N ASP A 292 26.40 -15.56 39.36
CA ASP A 292 26.18 -16.09 40.69
C ASP A 292 26.72 -17.54 40.92
N LEU A 293 26.60 -18.39 39.90
CA LEU A 293 27.13 -19.75 39.99
C LEU A 293 27.21 -20.29 38.56
N ILE A 294 27.92 -21.41 38.51
CA ILE A 294 28.25 -22.16 37.34
C ILE A 294 27.57 -23.54 37.54
N ALA A 295 26.67 -23.91 36.61
CA ALA A 295 25.77 -25.08 36.88
C ALA A 295 26.11 -26.22 35.98
N PRO A 296 26.25 -27.42 36.52
CA PRO A 296 26.46 -28.56 35.66
C PRO A 296 25.18 -28.93 34.91
N ASP A 297 25.34 -29.39 33.65
CA ASP A 297 24.35 -30.05 32.83
C ASP A 297 24.68 -31.55 32.81
N ILE A 298 23.84 -32.42 33.38
CA ILE A 298 24.24 -33.82 33.63
C ILE A 298 23.53 -34.75 32.70
N TYR A 299 24.24 -35.29 31.75
CA TYR A 299 23.66 -36.39 30.94
C TYR A 299 24.38 -37.70 31.11
N PHE A 300 25.40 -37.76 31.97
CA PHE A 300 25.94 -39.04 32.45
C PHE A 300 24.88 -39.74 33.26
N ARG A 301 24.72 -41.03 33.06
CA ARG A 301 23.65 -41.84 33.71
CA ARG A 301 23.65 -41.81 33.73
C ARG A 301 24.17 -42.61 34.91
N ASP A 302 25.48 -42.82 34.93
CA ASP A 302 26.12 -43.72 35.90
C ASP A 302 26.48 -43.00 37.20
N TYR A 303 26.14 -43.68 38.30
CA TYR A 303 26.37 -43.20 39.67
C TYR A 303 27.76 -42.60 39.94
N LYS A 304 28.82 -43.29 39.53
CA LYS A 304 30.18 -42.84 39.83
C LYS A 304 30.45 -41.51 39.14
N THR A 305 30.03 -41.39 37.88
CA THR A 305 30.39 -40.17 37.14
C THR A 305 29.53 -39.02 37.62
N VAL A 306 28.21 -39.24 37.79
CA VAL A 306 27.35 -38.18 38.32
C VAL A 306 27.85 -37.69 39.68
N SER A 307 28.18 -38.62 40.58
CA SER A 307 28.71 -38.31 41.87
C SER A 307 29.96 -37.42 41.82
N LYS A 308 30.87 -37.70 40.88
CA LYS A 308 32.08 -36.93 40.68
C LYS A 308 31.72 -35.55 40.23
N VAL A 309 30.75 -35.44 39.34
CA VAL A 309 30.34 -34.09 38.87
C VAL A 309 29.76 -33.20 39.99
N LEU A 310 28.86 -33.79 40.77
CA LEU A 310 28.31 -33.05 41.89
C LEU A 310 29.44 -32.66 42.85
N GLU A 311 30.43 -33.56 43.09
CA GLU A 311 31.57 -33.17 43.95
C GLU A 311 32.30 -31.96 43.39
N LEU A 312 32.63 -32.04 42.11
CA LEU A 312 33.39 -30.95 41.43
C LEU A 312 32.67 -29.59 41.42
N TYR A 313 31.33 -29.56 41.24
CA TYR A 313 30.61 -28.33 41.15
C TYR A 313 30.11 -27.77 42.45
N THR A 314 30.17 -28.57 43.54
CA THR A 314 29.77 -28.08 44.87
C THR A 314 31.05 -27.56 45.53
N ARG A 315 31.13 -26.23 45.61
CA ARG A 315 32.26 -25.58 46.22
C ARG A 315 31.85 -24.47 47.16
N PRO A 316 32.78 -24.12 48.04
CA PRO A 316 32.46 -22.94 48.86
C PRO A 316 32.15 -21.66 48.10
N ASP A 317 32.81 -21.53 46.94
CA ASP A 317 32.52 -20.46 45.98
C ASP A 317 31.47 -20.79 44.92
N ASN A 318 30.88 -22.00 44.95
CA ASN A 318 29.86 -22.29 43.89
C ASN A 318 28.64 -23.09 44.40
N ALA A 319 27.50 -22.44 44.45
CA ALA A 319 26.26 -23.15 44.85
C ALA A 319 25.99 -24.20 43.79
N LEU A 320 25.59 -25.39 44.23
CA LEU A 320 25.15 -26.41 43.25
C LEU A 320 23.71 -26.24 42.74
N PHE A 321 23.54 -26.12 41.45
CA PHE A 321 22.27 -26.11 40.76
C PHE A 321 22.37 -27.05 39.55
N VAL A 322 21.61 -28.15 39.56
CA VAL A 322 21.65 -29.10 38.47
C VAL A 322 20.69 -28.57 37.43
N ALA A 323 21.21 -27.72 36.55
CA ALA A 323 20.39 -26.95 35.63
C ALA A 323 19.80 -27.72 34.48
N GLU A 324 20.31 -28.94 34.29
CA GLU A 324 19.85 -29.86 33.22
C GLU A 324 20.31 -31.23 33.71
N ILE A 325 19.44 -32.18 33.46
CA ILE A 325 19.65 -33.56 33.80
C ILE A 325 18.66 -34.34 32.93
N GLY A 326 19.07 -35.55 32.54
CA GLY A 326 18.21 -36.38 31.71
C GLY A 326 16.90 -36.73 32.37
N ASN A 327 15.92 -37.09 31.55
CA ASN A 327 14.58 -37.37 32.08
C ASN A 327 14.26 -38.91 32.13
N ASP A 328 15.21 -39.71 31.72
CA ASP A 328 15.05 -41.18 31.87
C ASP A 328 15.06 -41.57 33.30
N GLN A 329 14.46 -42.72 33.63
CA GLN A 329 14.34 -43.22 34.98
C GLN A 329 15.59 -43.19 35.88
N PRO A 330 16.78 -43.46 35.31
CA PRO A 330 17.93 -43.57 36.22
C PRO A 330 18.27 -42.22 36.90
N PHE A 331 17.90 -41.16 36.21
CA PHE A 331 18.30 -39.82 36.66
C PHE A 331 17.63 -39.32 37.88
N ALA A 332 16.42 -39.81 38.17
CA ALA A 332 15.50 -39.19 39.14
C ALA A 332 16.13 -39.27 40.54
N ARG A 333 16.83 -40.41 40.86
CA ARG A 333 17.45 -40.57 42.16
C ARG A 333 18.59 -39.60 42.50
N TYR A 334 19.11 -38.95 41.42
CA TYR A 334 20.16 -37.94 41.61
C TYR A 334 19.63 -36.71 42.30
N LEU A 335 18.32 -36.59 42.50
CA LEU A 335 17.79 -35.56 43.38
C LEU A 335 18.37 -35.66 44.75
N PHE A 336 18.44 -36.86 45.30
CA PHE A 336 18.88 -37.00 46.69
C PHE A 336 20.28 -36.47 47.02
N PRO A 337 21.31 -36.88 46.23
CA PRO A 337 22.68 -36.33 46.53
C PRO A 337 22.75 -34.82 46.23
N THR A 338 21.98 -34.40 45.25
CA THR A 338 21.97 -33.00 44.85
C THR A 338 21.56 -32.23 46.05
N LEU A 339 20.39 -32.55 46.64
CA LEU A 339 19.94 -31.81 47.84
C LEU A 339 20.94 -32.02 49.00
N GLY A 340 21.43 -33.26 49.13
CA GLY A 340 22.43 -33.62 50.12
C GLY A 340 23.67 -32.78 50.30
N LYS A 341 24.08 -32.26 49.15
CA LYS A 341 25.25 -31.45 48.99
C LYS A 341 24.90 -30.00 49.25
N GLY A 342 23.66 -29.68 49.65
CA GLY A 342 23.17 -28.31 49.74
C GLY A 342 22.67 -27.72 48.47
N GLY A 343 22.39 -28.56 47.48
CA GLY A 343 21.93 -28.05 46.22
C GLY A 343 20.72 -27.16 46.28
N ILE A 344 20.68 -26.11 45.46
CA ILE A 344 19.52 -25.27 45.37
C ILE A 344 18.45 -25.68 44.41
N GLY A 345 18.70 -26.68 43.58
CA GLY A 345 17.76 -27.04 42.60
C GLY A 345 18.20 -28.14 41.67
N PHE A 346 17.25 -28.53 40.83
CA PHE A 346 17.28 -29.75 39.99
C PHE A 346 16.27 -29.64 38.91
N SER A 347 16.69 -29.75 37.67
CA SER A 347 15.83 -29.41 36.49
C SER A 347 15.95 -30.40 35.31
N PRO A 348 15.22 -31.53 35.42
CA PRO A 348 15.12 -32.45 34.33
C PRO A 348 14.65 -31.77 33.03
N PHE A 349 15.27 -32.23 31.97
CA PHE A 349 15.11 -31.68 30.64
C PHE A 349 14.08 -32.46 29.82
N GLY A 350 13.39 -31.75 28.95
CA GLY A 350 12.57 -32.34 27.96
C GLY A 350 11.16 -32.66 28.54
N MET A 351 10.71 -31.91 29.51
CA MET A 351 9.48 -32.28 30.27
C MET A 351 8.27 -31.61 29.59
N ASP A 352 8.06 -31.94 28.34
CA ASP A 352 6.85 -31.52 27.64
C ASP A 352 6.45 -32.52 26.55
N ASP A 353 5.24 -32.27 26.03
CA ASP A 353 4.56 -33.10 25.08
C ASP A 353 4.59 -32.53 23.68
N THR A 354 5.72 -31.93 23.32
CA THR A 354 5.85 -31.33 21.99
C THR A 354 6.48 -32.23 20.93
N ASP A 355 6.50 -33.51 21.20
CA ASP A 355 6.76 -34.51 20.20
C ASP A 355 8.19 -34.49 19.85
N TYR A 356 8.99 -34.61 20.91
CA TYR A 356 10.42 -34.72 20.72
C TYR A 356 10.96 -35.47 21.93
N THR A 357 11.83 -36.41 21.59
CA THR A 357 12.66 -36.99 22.64
C THR A 357 14.10 -36.98 22.23
N ASN A 358 14.97 -36.60 23.18
CA ASN A 358 16.47 -36.64 22.85
C ASN A 358 17.11 -38.00 23.15
N TYR A 359 16.31 -39.04 23.40
CA TYR A 359 16.87 -40.38 23.36
C TYR A 359 17.93 -40.51 22.23
N PRO A 360 19.09 -41.13 22.50
CA PRO A 360 19.37 -41.89 23.72
C PRO A 360 19.85 -41.11 24.94
N LEU A 361 19.80 -39.79 24.88
CA LEU A 361 20.16 -39.02 26.07
C LEU A 361 19.09 -39.24 27.19
N GLY A 362 17.84 -38.88 26.97
CA GLY A 362 16.73 -39.07 27.91
C GLY A 362 15.80 -40.21 27.55
N ALA A 363 14.55 -40.11 27.97
CA ALA A 363 13.65 -41.24 27.84
C ALA A 363 13.26 -41.47 26.39
N LYS A 364 13.36 -42.73 25.96
CA LYS A 364 12.88 -43.20 24.69
C LYS A 364 11.46 -42.79 24.38
N VAL A 365 10.59 -42.99 25.41
CA VAL A 365 9.13 -42.72 25.39
C VAL A 365 8.75 -41.75 26.50
N TYR A 366 8.11 -40.65 26.09
CA TYR A 366 7.70 -39.62 26.99
C TYR A 366 6.26 -39.80 27.28
N ASN A 367 5.97 -40.31 28.46
CA ASN A 367 4.59 -40.53 28.82
C ASN A 367 4.34 -40.35 30.31
N ASP A 368 3.13 -40.69 30.82
CA ASP A 368 2.92 -40.43 32.27
C ASP A 368 3.93 -41.16 33.21
N GLU A 369 4.32 -42.42 32.85
CA GLU A 369 5.31 -43.20 33.60
C GLU A 369 6.68 -42.46 33.64
N THR A 370 7.05 -41.79 32.53
CA THR A 370 8.29 -41.03 32.49
C THR A 370 8.24 -39.95 33.55
N ILE A 371 7.15 -39.24 33.58
CA ILE A 371 6.95 -38.09 34.48
C ILE A 371 6.97 -38.56 35.93
N GLU A 372 6.23 -39.66 36.16
CA GLU A 372 5.97 -40.23 37.49
C GLU A 372 7.25 -40.59 38.25
N GLN A 373 8.33 -40.98 37.53
CA GLN A 373 9.59 -41.24 38.20
C GLN A 373 10.11 -40.03 38.93
N PHE A 374 9.97 -38.87 38.32
CA PHE A 374 10.27 -37.66 39.02
C PHE A 374 9.24 -37.20 40.04
N ALA A 375 7.95 -37.32 39.68
CA ALA A 375 6.85 -36.90 40.61
C ALA A 375 7.06 -37.61 41.95
N GLN A 376 7.39 -38.87 41.94
CA GLN A 376 7.56 -39.66 43.17
C GLN A 376 8.66 -39.11 44.05
N VAL A 377 9.77 -38.65 43.45
CA VAL A 377 10.79 -38.12 44.33
C VAL A 377 10.42 -36.67 44.78
N TYR A 378 9.94 -35.89 43.84
CA TYR A 378 9.50 -34.50 44.19
C TYR A 378 8.45 -34.48 45.33
N ARG A 379 7.64 -35.54 45.41
CA ARG A 379 6.62 -35.64 46.48
C ARG A 379 7.23 -35.84 47.87
N LEU A 380 8.50 -36.26 47.95
CA LEU A 380 9.21 -36.35 49.22
C LEU A 380 9.56 -34.95 49.77
N VAL A 381 9.82 -34.08 48.79
CA VAL A 381 10.43 -32.80 49.14
C VAL A 381 9.41 -31.68 49.19
N ASN A 382 8.45 -31.61 48.28
CA ASN A 382 7.40 -30.55 48.28
C ASN A 382 6.78 -30.30 49.66
N PRO A 383 6.45 -31.37 50.42
CA PRO A 383 5.87 -31.18 51.75
C PRO A 383 6.72 -30.43 52.75
N MET A 384 8.03 -30.38 52.58
CA MET A 384 8.91 -29.74 53.49
C MET A 384 9.81 -28.74 52.78
N MET A 385 9.34 -28.19 51.66
CA MET A 385 10.33 -27.52 50.75
C MET A 385 11.05 -26.39 51.49
N ARG A 386 10.26 -25.54 52.12
CA ARG A 386 10.88 -24.37 52.81
C ARG A 386 11.74 -24.76 54.01
N GLU A 387 11.27 -25.78 54.74
CA GLU A 387 11.95 -26.26 55.91
C GLU A 387 13.29 -26.86 55.55
N TRP A 388 13.26 -27.72 54.51
CA TRP A 388 14.42 -28.35 54.01
C TRP A 388 15.40 -27.26 53.54
N ALA A 389 14.89 -26.32 52.76
CA ALA A 389 15.74 -25.24 52.15
C ALA A 389 16.52 -24.46 53.23
N ARG A 390 15.79 -24.15 54.28
CA ARG A 390 16.38 -23.50 55.49
C ARG A 390 17.45 -24.38 56.13
N LEU A 391 17.13 -25.66 56.39
CA LEU A 391 18.12 -26.52 57.02
C LEU A 391 19.36 -26.74 56.16
N SER A 392 19.18 -26.84 54.85
N SER A 392 19.16 -26.83 54.83
CA SER A 392 20.32 -27.05 53.99
CA SER A 392 20.28 -27.07 53.94
C SER A 392 21.26 -25.86 54.16
C SER A 392 21.24 -25.87 53.99
N TYR A 393 20.68 -24.67 54.15
CA TYR A 393 21.48 -23.41 54.29
C TYR A 393 22.09 -23.21 55.68
N GLN A 394 21.25 -23.27 56.70
CA GLN A 394 21.65 -22.88 58.08
C GLN A 394 22.17 -24.07 58.86
N GLY A 395 22.01 -25.27 58.31
CA GLY A 395 22.11 -26.51 59.09
C GLY A 395 22.88 -27.63 58.44
N GLN A 396 22.57 -28.87 58.83
CA GLN A 396 23.36 -29.98 58.37
C GLN A 396 22.37 -30.88 57.70
N VAL A 397 22.67 -31.17 56.46
CA VAL A 397 21.85 -32.07 55.65
C VAL A 397 22.72 -33.11 55.01
N TRP A 398 22.10 -34.27 54.73
CA TRP A 398 22.77 -35.37 54.04
C TRP A 398 21.78 -35.90 52.95
N GLY A 399 22.30 -36.51 51.89
CA GLY A 399 21.53 -37.09 50.86
C GLY A 399 22.31 -38.08 50.05
N VAL A 400 21.73 -39.26 49.77
CA VAL A 400 22.38 -40.33 49.07
C VAL A 400 21.44 -40.94 48.07
N ALA A 401 22.00 -41.53 47.02
CA ALA A 401 21.27 -42.29 46.03
C ALA A 401 21.87 -43.68 46.01
N GLU A 402 21.08 -44.59 45.50
CA GLU A 402 21.40 -46.00 45.28
C GLU A 402 22.66 -46.11 44.45
N PRO A 403 23.73 -46.62 45.03
CA PRO A 403 25.07 -46.37 44.39
C PRO A 403 25.46 -47.40 43.31
N LEU A 404 24.63 -48.39 43.04
CA LEU A 404 24.91 -49.34 41.97
C LEU A 404 23.88 -49.05 40.88
N ASP A 405 24.34 -48.93 39.65
CA ASP A 405 23.41 -48.79 38.52
C ASP A 405 22.70 -50.13 38.19
N SER A 406 21.62 -50.06 37.43
CA SER A 406 20.81 -51.27 37.13
C SER A 406 21.71 -52.29 36.43
N THR A 407 21.51 -53.55 36.79
CA THR A 407 22.36 -54.64 36.27
C THR A 407 22.15 -54.73 34.79
N THR A 408 23.26 -54.81 34.06
CA THR A 408 23.29 -54.85 32.61
C THR A 408 23.01 -56.26 32.04
N GLU A 409 23.11 -56.39 30.71
CA GLU A 409 23.11 -57.70 30.05
C GLU A 409 24.52 -58.30 30.07
N LYS A 412 24.96 -59.71 33.84
CA LYS A 412 23.87 -60.70 34.03
C LYS A 412 24.19 -62.03 33.34
N ILE A 413 24.87 -61.95 32.19
CA ILE A 413 25.50 -63.11 31.56
C ILE A 413 26.49 -63.79 32.51
N TRP A 414 27.27 -62.97 33.21
CA TRP A 414 28.32 -63.41 34.15
C TRP A 414 27.76 -64.19 35.34
N ASN A 415 26.76 -63.60 36.02
CA ASN A 415 26.08 -64.26 37.15
C ASN A 415 25.43 -65.61 36.78
N ALA A 416 25.02 -65.76 35.52
CA ALA A 416 24.51 -67.02 34.98
C ALA A 416 25.60 -68.08 34.70
N GLU A 417 26.84 -67.65 34.49
CA GLU A 417 27.96 -68.55 34.17
C GLU A 417 29.21 -68.31 35.02
N ALA A 418 29.02 -68.14 36.33
CA ALA A 418 30.11 -68.08 37.31
C ALA A 418 29.93 -69.21 38.31
N THR A 419 30.97 -69.47 39.10
CA THR A 419 30.98 -70.58 40.05
C THR A 419 29.91 -70.39 41.12
N PRO A 420 29.24 -71.47 41.51
CA PRO A 420 28.23 -71.53 42.59
C PRO A 420 28.63 -70.73 43.84
N GLU A 421 29.91 -70.81 44.21
CA GLU A 421 30.50 -70.03 45.30
C GLU A 421 30.62 -68.54 44.94
N GLU A 422 31.17 -68.24 43.76
CA GLU A 422 31.40 -66.86 43.32
C GLU A 422 30.13 -66.01 43.18
N LYS A 423 28.99 -66.67 42.96
CA LYS A 423 27.67 -66.03 43.02
C LYS A 423 27.34 -65.55 44.45
N GLU A 424 27.60 -66.40 45.42
CA GLU A 424 27.57 -66.01 46.84
C GLU A 424 28.48 -64.81 47.11
N GLN A 425 29.72 -64.85 46.62
CA GLN A 425 30.63 -63.72 46.78
C GLN A 425 30.19 -62.45 46.04
N HIS A 426 29.49 -62.62 44.91
CA HIS A 426 28.90 -61.51 44.18
C HIS A 426 27.72 -60.87 44.90
N LYS A 427 26.83 -61.69 45.48
CA LYS A 427 25.80 -61.18 46.37
C LYS A 427 26.44 -60.45 47.55
N LYS A 428 27.47 -61.04 48.16
CA LYS A 428 28.19 -60.37 49.23
C LYS A 428 28.71 -58.96 48.82
N ASP A 429 29.49 -58.86 47.73
CA ASP A 429 30.03 -57.57 47.24
C ASP A 429 28.93 -56.53 46.94
N ARG A 430 27.96 -56.93 46.13
CA ARG A 430 26.84 -56.02 45.84
C ARG A 430 26.17 -55.55 47.14
N ALA A 431 25.87 -56.44 48.10
CA ALA A 431 25.26 -55.97 49.37
C ALA A 431 26.12 -54.93 50.10
N SER A 432 27.44 -55.17 50.16
CA SER A 432 28.31 -54.25 50.80
C SER A 432 28.30 -52.92 50.03
N ALA A 433 28.31 -52.98 48.71
CA ALA A 433 28.26 -51.69 47.94
C ALA A 433 26.92 -50.97 48.08
N LEU A 434 25.86 -51.69 48.38
CA LEU A 434 24.52 -51.15 48.55
C LEU A 434 24.19 -50.78 50.03
N THR A 435 25.22 -50.58 50.82
CA THR A 435 25.12 -50.11 52.18
C THR A 435 26.00 -48.84 52.34
N GLN A 436 25.40 -47.69 52.71
CA GLN A 436 26.04 -46.43 52.82
C GLN A 436 26.01 -46.00 54.25
N GLN A 437 27.13 -45.51 54.77
CA GLN A 437 27.25 -44.99 56.11
C GLN A 437 27.26 -43.49 56.01
N LEU A 438 26.57 -42.82 56.95
CA LEU A 438 26.51 -41.35 57.13
C LEU A 438 26.77 -41.06 58.58
N ASP A 439 27.74 -40.18 58.79
CA ASP A 439 28.15 -39.69 60.09
C ASP A 439 27.30 -38.46 60.45
N LEU A 440 26.36 -38.65 61.37
CA LEU A 440 25.45 -37.59 61.74
C LEU A 440 25.77 -36.93 63.10
N GLY A 441 27.00 -37.10 63.58
CA GLY A 441 27.49 -36.48 64.81
C GLY A 441 27.52 -37.55 65.87
N LEU A 442 26.57 -37.56 66.80
CA LEU A 442 26.51 -38.59 67.82
C LEU A 442 25.92 -39.90 67.29
N TRP A 443 25.20 -39.83 66.19
CA TRP A 443 24.52 -40.97 65.59
C TRP A 443 24.99 -41.11 64.16
N ASP A 444 25.07 -42.35 63.67
CA ASP A 444 25.24 -42.59 62.26
C ASP A 444 23.96 -43.18 61.74
N ALA A 445 23.76 -43.05 60.45
CA ALA A 445 22.72 -43.80 59.76
C ALA A 445 23.33 -44.73 58.74
N GLU A 446 22.75 -45.90 58.62
CA GLU A 446 23.08 -46.86 57.55
C GLU A 446 21.96 -46.94 56.57
N VAL A 447 22.25 -46.57 55.32
CA VAL A 447 21.25 -46.66 54.26
C VAL A 447 21.51 -47.85 53.33
N THR A 448 20.47 -48.69 53.16
CA THR A 448 20.52 -49.85 52.37
C THR A 448 19.35 -49.88 51.38
N TYR A 449 19.56 -50.62 50.29
CA TYR A 449 18.65 -50.57 49.17
C TYR A 449 18.24 -51.95 48.68
N GLY A 450 16.93 -52.15 48.59
CA GLY A 450 16.35 -53.28 47.90
C GLY A 450 16.30 -54.48 48.84
N ARG A 451 15.46 -54.42 49.87
CA ARG A 451 15.32 -55.50 50.84
C ARG A 451 13.90 -55.44 51.41
N PRO A 452 13.42 -56.54 52.02
CA PRO A 452 12.13 -56.52 52.70
C PRO A 452 12.09 -55.48 53.82
N MET A 453 10.87 -55.24 54.29
CA MET A 453 10.54 -54.27 55.34
C MET A 453 10.66 -54.87 56.72
N PHE A 454 11.00 -56.14 56.73
CA PHE A 454 11.05 -56.98 57.92
C PHE A 454 12.28 -57.90 57.90
N TRP A 455 12.89 -58.10 59.05
CA TRP A 455 14.12 -58.87 59.19
C TRP A 455 15.34 -58.29 58.45
N VAL A 456 16.39 -59.08 58.29
CA VAL A 456 17.69 -58.51 58.06
C VAL A 456 18.45 -59.17 56.89
N THR A 457 17.70 -59.67 55.90
CA THR A 457 18.33 -60.25 54.69
C THR A 457 19.11 -59.17 53.96
N PRO A 458 20.33 -59.51 53.44
CA PRO A 458 21.12 -58.44 52.86
C PRO A 458 20.48 -57.80 51.61
N PRO A 459 20.74 -56.49 51.41
CA PRO A 459 20.25 -55.73 50.29
C PRO A 459 20.74 -56.27 48.98
N GLU A 460 19.82 -56.29 48.02
CA GLU A 460 20.10 -56.74 46.65
C GLU A 460 19.86 -55.72 45.56
N GLY A 461 19.51 -54.51 45.97
CA GLY A 461 19.19 -53.44 45.05
C GLY A 461 17.80 -53.49 44.54
N ASN A 462 17.25 -52.31 44.19
CA ASN A 462 16.06 -52.14 43.42
C ASN A 462 16.33 -52.44 41.96
N THR A 463 15.28 -52.91 41.27
CA THR A 463 15.33 -53.11 39.82
C THR A 463 14.17 -52.33 39.22
N PRO A 464 14.46 -51.21 38.57
CA PRO A 464 15.81 -50.66 38.31
C PRO A 464 16.37 -49.90 39.53
N ALA A 465 17.65 -49.58 39.51
CA ALA A 465 18.25 -48.71 40.56
C ALA A 465 17.39 -47.45 40.68
N ALA A 466 17.11 -47.05 41.92
CA ALA A 466 16.02 -46.01 42.17
C ALA A 466 16.04 -45.33 43.51
N GLY A 467 16.60 -45.98 44.55
CA GLY A 467 16.60 -45.50 45.90
C GLY A 467 17.34 -44.27 46.26
N GLY A 468 16.95 -43.69 47.40
CA GLY A 468 17.73 -42.65 48.02
C GLY A 468 17.18 -42.21 49.32
N ALA A 469 17.87 -41.30 50.03
CA ALA A 469 17.41 -40.86 51.32
C ALA A 469 17.87 -39.46 51.56
N LEU A 470 17.06 -38.74 52.29
CA LEU A 470 17.42 -37.36 52.77
C LEU A 470 17.39 -37.37 54.26
N ILE A 471 18.40 -36.71 54.86
CA ILE A 471 18.43 -36.52 56.32
C ILE A 471 18.83 -35.09 56.70
N ALA A 472 18.08 -34.52 57.63
CA ALA A 472 18.41 -33.17 58.21
C ALA A 472 18.58 -33.32 59.71
N GLN A 473 19.56 -32.61 60.27
CA GLN A 473 19.76 -32.66 61.67
C GLN A 473 19.01 -31.52 62.32
N LEU A 474 18.14 -31.86 63.27
CA LEU A 474 17.37 -30.94 64.06
C LEU A 474 17.99 -30.51 65.35
N ASP A 475 18.78 -31.40 65.94
CA ASP A 475 19.44 -31.19 67.23
C ASP A 475 20.34 -32.42 67.49
N ASP A 476 21.15 -32.40 68.56
CA ASP A 476 22.10 -33.50 68.86
C ASP A 476 21.55 -34.90 68.60
N ASN A 477 20.30 -35.17 68.97
CA ASN A 477 19.76 -36.52 68.83
C ASN A 477 18.54 -36.60 67.99
N GLU A 478 18.26 -35.59 67.17
CA GLU A 478 17.02 -35.59 66.44
C GLU A 478 17.23 -35.22 65.01
N TYR A 479 16.57 -35.96 64.12
CA TYR A 479 16.73 -35.85 62.71
C TYR A 479 15.40 -35.90 61.96
N LEU A 480 15.34 -35.20 60.82
CA LEU A 480 14.25 -35.23 59.88
C LEU A 480 14.72 -36.22 58.84
N VAL A 481 13.89 -37.22 58.52
CA VAL A 481 14.23 -38.20 57.54
C VAL A 481 13.09 -38.50 56.49
N THR A 482 13.44 -38.67 55.25
CA THR A 482 12.49 -39.19 54.26
C THR A 482 13.33 -39.91 53.25
N ALA A 483 12.83 -41.05 52.80
CA ALA A 483 13.66 -41.86 51.92
C ALA A 483 12.74 -42.58 50.91
N TYR A 484 13.30 -43.44 50.05
CA TYR A 484 12.62 -43.86 48.84
C TYR A 484 13.23 -45.13 48.44
N LYS A 485 12.42 -46.20 48.46
CA LYS A 485 12.86 -47.54 48.11
C LYS A 485 14.15 -47.94 48.84
N ALA A 486 14.17 -47.75 50.15
CA ALA A 486 15.36 -47.82 50.98
C ALA A 486 15.04 -48.08 52.41
N ARG A 487 16.05 -48.58 53.12
CA ARG A 487 16.01 -48.68 54.60
C ARG A 487 17.07 -47.76 55.17
N VAL A 488 16.69 -47.00 56.19
CA VAL A 488 17.61 -46.20 56.96
C VAL A 488 17.58 -46.68 58.37
N GLU A 489 18.76 -46.94 58.90
CA GLU A 489 18.90 -47.48 60.24
C GLU A 489 19.87 -46.57 60.99
N PHE A 490 19.48 -46.21 62.24
CA PHE A 490 20.30 -45.43 63.16
C PHE A 490 21.05 -46.25 64.16
N LYS A 491 22.28 -45.80 64.48
CA LYS A 491 23.10 -46.43 65.51
C LYS A 491 24.01 -45.36 66.11
N PRO A 492 24.66 -45.62 67.25
CA PRO A 492 25.61 -44.66 67.77
C PRO A 492 26.84 -44.47 66.86
N SER A 493 27.35 -43.22 66.82
CA SER A 493 28.48 -42.91 66.01
C SER A 493 29.81 -43.26 66.71
N GLN A 494 29.75 -43.46 68.02
CA GLN A 494 30.92 -43.69 68.87
C GLN A 494 30.56 -44.72 69.92
N GLU A 495 31.56 -45.34 70.53
CA GLU A 495 31.27 -46.28 71.64
C GLU A 495 30.63 -45.54 72.75
N LEU A 496 29.68 -46.23 73.40
CA LEU A 496 28.86 -45.62 74.42
C LEU A 496 29.30 -45.89 75.86
N ALA A 497 30.53 -46.40 76.06
CA ALA A 497 31.12 -46.43 77.40
C ALA A 497 30.24 -47.08 78.47
N GLY A 498 29.50 -48.14 78.10
CA GLY A 498 28.63 -48.84 79.03
C GLY A 498 27.13 -48.66 78.89
N LYS A 499 26.71 -47.61 78.22
CA LYS A 499 25.29 -47.36 77.98
C LYS A 499 24.80 -48.18 76.81
N LYS A 500 23.49 -48.29 76.73
CA LYS A 500 22.78 -48.89 75.61
C LYS A 500 22.18 -47.76 74.74
N PHE A 501 21.62 -48.07 73.60
CA PHE A 501 20.82 -47.06 72.85
C PHE A 501 19.52 -47.67 72.28
N MET A 502 18.62 -46.78 71.96
CA MET A 502 17.39 -47.09 71.28
CA MET A 502 17.43 -47.11 71.21
C MET A 502 16.92 -45.90 70.49
N ILE A 503 16.04 -46.16 69.55
CA ILE A 503 15.14 -45.18 69.11
C ILE A 503 14.24 -44.71 70.23
N GLU A 504 14.23 -43.41 70.54
CA GLU A 504 13.33 -42.88 71.51
C GLU A 504 11.93 -42.68 70.95
N ARG A 505 11.81 -42.08 69.78
CA ARG A 505 10.57 -41.84 69.15
C ARG A 505 10.75 -41.57 67.68
N VAL A 506 9.93 -42.18 66.82
CA VAL A 506 9.79 -41.80 65.46
C VAL A 506 8.36 -41.33 65.22
N GLU A 507 8.20 -40.12 64.68
CA GLU A 507 6.90 -39.62 64.35
C GLU A 507 6.84 -39.35 62.85
N GLU A 508 5.75 -39.71 62.20
CA GLU A 508 5.48 -39.30 60.83
C GLU A 508 4.57 -38.07 60.90
N GLY A 509 4.83 -37.08 60.05
CA GLY A 509 4.00 -35.93 60.11
C GLY A 509 4.28 -34.96 58.99
N ARG A 510 3.96 -33.69 59.26
CA ARG A 510 4.09 -32.70 58.14
C ARG A 510 4.19 -31.37 58.78
N PHE A 511 4.62 -30.39 57.98
CA PHE A 511 4.69 -29.00 58.45
C PHE A 511 3.46 -28.19 58.02
N GLU A 512 2.82 -27.48 58.95
CA GLU A 512 1.71 -26.55 58.58
C GLU A 512 1.98 -25.19 59.19
N LYS A 513 1.89 -24.14 58.36
CA LYS A 513 2.35 -22.81 58.75
C LYS A 513 3.72 -22.92 59.40
N GLY A 514 4.57 -23.84 58.92
CA GLY A 514 5.88 -24.09 59.50
C GLY A 514 6.02 -24.76 60.86
N LYS A 515 4.91 -25.21 61.46
CA LYS A 515 4.98 -25.96 62.71
C LYS A 515 4.77 -27.45 62.39
N TRP A 516 5.47 -28.29 63.12
CA TRP A 516 5.35 -29.78 62.94
C TRP A 516 4.01 -30.25 63.46
N VAL A 517 3.32 -31.01 62.63
CA VAL A 517 2.06 -31.64 63.01
C VAL A 517 2.27 -33.16 62.92
N MET A 518 2.12 -33.84 64.05
N MET A 518 2.20 -33.85 64.06
CA MET A 518 2.20 -35.29 64.07
CA MET A 518 2.32 -35.32 64.06
C MET A 518 0.94 -35.90 63.46
C MET A 518 1.04 -36.00 63.62
N GLU A 519 1.19 -36.92 62.64
CA GLU A 519 0.08 -37.77 62.14
C GLU A 519 0.05 -39.07 62.87
N ARG A 520 1.21 -39.69 63.04
CA ARG A 520 1.23 -40.98 63.81
C ARG A 520 2.62 -41.26 64.32
N VAL A 521 2.74 -42.22 65.24
CA VAL A 521 4.03 -42.67 65.72
C VAL A 521 4.34 -44.00 65.00
N TRP A 522 5.56 -44.14 64.45
CA TRP A 522 6.05 -45.43 63.94
C TRP A 522 6.69 -46.16 65.09
N ASN A 523 6.42 -47.48 65.23
CA ASN A 523 6.96 -48.17 66.32
C ASN A 523 6.81 -49.67 65.99
N GLY A 524 7.26 -50.52 66.89
CA GLY A 524 7.07 -51.94 66.61
C GLY A 524 7.73 -52.40 65.37
N ASP A 525 7.00 -53.13 64.51
CA ASP A 525 7.50 -53.65 63.27
C ASP A 525 8.11 -52.53 62.42
N GLN A 526 7.48 -51.37 62.51
CA GLN A 526 7.85 -50.25 61.63
C GLN A 526 9.21 -49.66 62.05
N THR A 527 9.72 -49.98 63.22
CA THR A 527 11.08 -49.50 63.67
C THR A 527 12.08 -50.60 64.11
N ASP A 528 11.63 -51.86 64.14
CA ASP A 528 12.49 -52.95 64.59
C ASP A 528 13.58 -53.28 63.60
N TRP A 529 13.39 -52.94 62.30
CA TRP A 529 14.15 -53.40 61.16
C TRP A 529 14.59 -52.17 60.28
N GLY A 530 15.13 -51.20 61.01
CA GLY A 530 15.32 -49.85 60.46
C GLY A 530 14.01 -49.19 60.05
N LEU A 531 14.11 -48.08 59.28
CA LEU A 531 12.98 -47.33 58.79
C LEU A 531 12.92 -47.61 57.31
N ASN A 532 11.84 -48.26 56.91
CA ASN A 532 11.65 -48.82 55.56
C ASN A 532 10.65 -48.03 54.77
N PHE A 533 11.13 -47.66 53.59
CA PHE A 533 10.44 -46.80 52.66
C PHE A 533 10.25 -47.48 51.32
N THR A 534 9.03 -47.37 50.77
CA THR A 534 8.74 -47.75 49.43
C THR A 534 8.70 -46.61 48.44
N ASP A 535 7.75 -46.58 47.52
CA ASP A 535 7.60 -45.42 46.63
C ASP A 535 6.76 -44.32 47.19
N ARG A 536 6.12 -44.50 48.35
CA ARG A 536 5.18 -43.56 48.92
C ARG A 536 5.85 -42.60 49.92
N PRO A 537 5.35 -41.33 50.03
CA PRO A 537 5.98 -40.29 50.81
C PRO A 537 5.66 -40.39 52.25
N HIS A 538 6.70 -40.43 53.05
CA HIS A 538 6.60 -40.30 54.50
C HIS A 538 7.69 -39.40 55.02
N LEU A 539 7.36 -38.36 55.79
CA LEU A 539 8.35 -37.59 56.44
C LEU A 539 8.32 -37.87 57.95
N LEU A 540 9.50 -38.18 58.49
CA LEU A 540 9.70 -38.64 59.81
C LEU A 540 10.61 -37.76 60.65
N ARG A 541 10.25 -37.59 61.91
CA ARG A 541 11.12 -36.97 62.94
C ARG A 541 11.61 -38.10 63.80
N VAL A 542 12.92 -38.30 63.77
CA VAL A 542 13.61 -39.36 64.48
C VAL A 542 14.37 -38.86 65.69
N LYS A 543 14.07 -39.42 66.85
CA LYS A 543 14.80 -39.03 68.06
C LYS A 543 15.38 -40.26 68.66
N MET A 544 16.69 -40.23 68.83
CA MET A 544 17.50 -41.32 69.33
C MET A 544 17.93 -41.03 70.74
N ALA A 545 18.27 -42.06 71.50
CA ALA A 545 18.62 -41.92 72.90
C ALA A 545 19.61 -42.95 73.33
N SER A 546 20.67 -42.51 74.02
CA SER A 546 21.50 -43.42 74.77
C SER A 546 20.96 -43.43 76.21
N TYR A 547 21.05 -44.56 76.90
CA TYR A 547 20.54 -44.68 78.25
C TYR A 547 21.44 -45.59 79.10
N SER A 548 21.51 -45.28 80.39
N SER A 548 21.47 -45.30 80.40
CA SER A 548 22.21 -46.13 81.35
CA SER A 548 22.20 -46.13 81.33
C SER A 548 21.48 -47.42 81.73
C SER A 548 21.48 -47.42 81.73
N VAL A 549 22.27 -48.45 81.97
CA VAL A 549 21.78 -49.69 82.54
C VAL A 549 22.54 -50.08 83.81
N GLN A 550 23.29 -49.12 84.38
CA GLN A 550 24.00 -49.27 85.66
C GLN A 550 23.08 -49.57 86.85
N ALA B 12 -37.71 19.94 36.55
CA ALA B 12 -36.63 19.45 35.66
C ALA B 12 -36.69 17.92 35.45
N PRO B 13 -36.25 17.44 34.28
CA PRO B 13 -36.22 15.99 34.10
C PRO B 13 -35.15 15.37 34.96
N LEU B 14 -35.30 14.08 35.23
CA LEU B 14 -34.32 13.38 36.00
C LEU B 14 -32.99 13.27 35.21
N PRO B 15 -31.88 13.30 35.95
CA PRO B 15 -30.61 12.87 35.39
C PRO B 15 -30.79 11.45 34.90
N GLU B 16 -30.07 11.09 33.86
CA GLU B 16 -30.09 9.74 33.34
C GLU B 16 -28.87 9.46 32.48
N LEU B 17 -28.40 8.20 32.51
CA LEU B 17 -27.24 7.81 31.71
C LEU B 17 -27.74 7.23 30.41
N LEU B 18 -27.39 7.90 29.30
CA LEU B 18 -27.71 7.43 27.96
C LEU B 18 -26.52 6.80 27.25
N SER B 19 -26.80 5.77 26.47
CA SER B 19 -25.81 4.96 25.83
C SER B 19 -26.33 4.67 24.39
N ASN B 20 -25.70 5.20 23.34
CA ASN B 20 -26.13 4.98 21.93
C ASN B 20 -24.94 5.08 20.99
N ASN B 21 -24.97 4.37 19.87
CA ASN B 21 -23.90 4.44 18.86
C ASN B 21 -22.52 4.12 19.47
N GLY B 22 -22.46 3.26 20.49
CA GLY B 22 -21.23 3.03 21.25
C GLY B 22 -20.68 4.19 22.10
N LYS B 23 -21.51 5.20 22.36
CA LYS B 23 -21.09 6.38 23.13
CA LYS B 23 -21.14 6.44 23.10
C LYS B 23 -22.09 6.66 24.24
N HIS B 24 -21.79 7.62 25.11
CA HIS B 24 -22.55 7.78 26.32
C HIS B 24 -22.70 9.21 26.71
N ALA B 25 -23.78 9.49 27.45
CA ALA B 25 -23.88 10.83 28.04
C ALA B 25 -24.58 10.84 29.41
N LEU B 26 -24.08 11.68 30.33
CA LEU B 26 -24.83 11.92 31.55
C LEU B 26 -25.70 13.10 31.25
N MET B 27 -27.02 12.85 31.24
CA MET B 27 -28.02 13.88 31.03
C MET B 27 -28.34 14.48 32.38
N VAL B 28 -28.19 15.80 32.43
CA VAL B 28 -28.53 16.62 33.57
C VAL B 28 -29.36 17.79 33.07
N ASP B 29 -30.59 17.91 33.61
CA ASP B 29 -31.50 18.98 33.23
C ASP B 29 -31.75 18.94 31.70
N GLY B 30 -31.82 17.72 31.16
CA GLY B 30 -32.19 17.46 29.81
C GLY B 30 -31.15 17.64 28.73
N ALA B 31 -29.88 17.73 29.12
CA ALA B 31 -28.79 17.79 28.13
C ALA B 31 -27.52 17.18 28.75
N PRO B 32 -26.60 16.71 27.89
CA PRO B 32 -25.35 16.12 28.32
C PRO B 32 -24.57 17.03 29.26
N TYR B 33 -23.83 16.42 30.17
CA TYR B 33 -23.18 17.20 31.25
C TYR B 33 -21.88 16.52 31.55
N ILE B 34 -20.92 17.32 31.98
CA ILE B 34 -19.62 16.82 32.36
C ILE B 34 -19.44 17.10 33.83
N ILE B 35 -19.18 16.06 34.62
CA ILE B 35 -18.70 16.22 35.99
C ILE B 35 -17.25 16.71 36.03
N LEU B 36 -17.08 18.03 36.28
CA LEU B 36 -15.78 18.56 36.65
C LEU B 36 -15.75 18.61 38.18
N GLY B 37 -15.31 17.52 38.75
CA GLY B 37 -15.60 17.20 40.10
C GLY B 37 -14.55 17.52 41.14
N SER B 38 -14.97 17.39 42.38
CA SER B 38 -14.07 17.50 43.52
C SER B 38 -14.59 16.42 44.47
N GLN B 39 -13.71 15.72 45.16
CA GLN B 39 -14.21 14.67 46.11
C GLN B 39 -13.57 14.95 47.45
N THR B 40 -14.35 14.96 48.53
CA THR B 40 -13.87 15.24 49.89
C THR B 40 -12.99 14.06 50.40
N ASN B 41 -12.20 14.31 51.43
CA ASN B 41 -11.61 13.25 52.26
C ASN B 41 -12.75 12.47 52.95
N ASN B 42 -12.38 11.35 53.57
CA ASN B 42 -13.35 10.36 54.08
C ASN B 42 -14.14 10.76 55.30
N SER B 43 -13.70 11.75 56.04
CA SER B 43 -14.31 12.16 57.29
C SER B 43 -14.88 13.60 57.21
N SER B 44 -15.29 14.01 56.00
CA SER B 44 -15.84 15.37 55.83
C SER B 44 -17.39 15.45 55.70
N ASN B 45 -18.01 14.29 55.88
CA ASN B 45 -19.44 14.10 55.72
C ASN B 45 -20.23 14.51 56.95
N TYR B 46 -19.92 15.67 57.53
CA TYR B 46 -20.69 16.23 58.67
C TYR B 46 -20.88 17.68 58.51
N PRO B 47 -21.99 18.26 59.04
CA PRO B 47 -22.25 19.69 58.83
C PRO B 47 -21.05 20.56 59.16
N ASP B 48 -20.40 20.35 60.29
CA ASP B 48 -19.26 21.19 60.73
C ASP B 48 -18.07 21.15 59.73
N ALA B 49 -17.91 20.09 58.96
CA ALA B 49 -16.75 20.00 58.02
C ALA B 49 -16.95 20.76 56.73
N LEU B 50 -18.19 21.05 56.37
CA LEU B 50 -18.51 21.64 55.09
C LEU B 50 -17.82 23.00 54.85
N LYS B 51 -17.51 23.75 55.91
CA LYS B 51 -16.83 25.05 55.75
C LYS B 51 -15.42 24.84 55.25
N ASP B 52 -14.84 23.65 55.50
CA ASP B 52 -13.54 23.22 54.96
C ASP B 52 -13.55 22.54 53.61
N VAL B 53 -14.71 22.37 53.01
CA VAL B 53 -14.92 21.78 51.71
C VAL B 53 -15.20 22.87 50.64
N TRP B 54 -16.14 23.78 50.88
CA TRP B 54 -16.66 24.66 49.80
C TRP B 54 -15.60 25.60 49.26
N PRO B 55 -14.75 26.17 50.12
CA PRO B 55 -13.70 27.03 49.57
C PRO B 55 -12.80 26.36 48.54
N SER B 56 -12.35 25.14 48.81
CA SER B 56 -11.54 24.39 47.83
C SER B 56 -12.33 24.19 46.55
N MET B 57 -13.63 23.90 46.66
CA MET B 57 -14.38 23.66 45.49
C MET B 57 -14.46 24.94 44.58
N GLU B 58 -14.63 26.11 45.19
CA GLU B 58 -14.66 27.39 44.48
C GLU B 58 -13.32 27.63 43.78
N LYS B 59 -12.25 27.43 44.53
CA LYS B 59 -10.88 27.65 43.93
C LYS B 59 -10.65 26.76 42.73
N MET B 60 -11.13 25.52 42.83
CA MET B 60 -10.98 24.53 41.78
C MET B 60 -11.83 24.79 40.56
N GLY B 61 -12.96 25.45 40.78
CA GLY B 61 -13.94 25.65 39.77
C GLY B 61 -14.69 24.38 39.41
N ALA B 62 -14.79 23.50 40.42
CA ALA B 62 -15.60 22.26 40.26
C ALA B 62 -17.10 22.56 40.19
N ASN B 63 -17.82 21.75 39.40
CA ASN B 63 -19.24 21.93 39.20
C ASN B 63 -20.06 20.87 40.00
N THR B 64 -19.35 19.91 40.55
CA THR B 64 -19.97 18.77 41.20
C THR B 64 -19.11 18.28 42.37
N LEU B 65 -19.76 18.08 43.51
CA LEU B 65 -19.07 17.58 44.67
C LEU B 65 -19.43 16.12 44.95
N SER B 66 -18.44 15.26 45.06
CA SER B 66 -18.63 13.89 45.55
C SER B 66 -18.29 13.85 47.02
N ILE B 67 -19.25 13.36 47.82
CA ILE B 67 -19.12 13.34 49.23
C ILE B 67 -19.83 12.11 49.83
N PRO B 68 -19.23 11.50 50.87
CA PRO B 68 -19.96 10.35 51.44
C PRO B 68 -21.29 10.73 52.16
N VAL B 69 -22.23 9.80 52.09
CA VAL B 69 -23.28 9.61 53.08
C VAL B 69 -23.15 8.16 53.66
N ALA B 70 -22.89 8.11 54.93
CA ALA B 70 -22.61 6.90 55.67
C ALA B 70 -23.84 6.22 56.27
N TRP B 71 -23.92 4.91 56.10
CA TRP B 71 -24.97 4.13 56.78
C TRP B 71 -24.97 4.41 58.31
N GLU B 72 -23.79 4.50 58.92
CA GLU B 72 -23.74 4.77 60.33
C GLU B 72 -24.39 6.05 60.74
N GLN B 73 -24.32 7.06 59.89
CA GLN B 73 -24.84 8.38 60.23
C GLN B 73 -26.32 8.54 60.04
N ILE B 74 -26.89 7.90 59.01
CA ILE B 74 -28.34 8.00 58.71
C ILE B 74 -29.14 7.01 59.53
N GLU B 75 -28.51 5.96 60.02
CA GLU B 75 -29.18 4.90 60.83
C GLU B 75 -28.40 4.42 62.01
N PRO B 76 -28.10 5.31 62.94
CA PRO B 76 -27.16 5.01 63.96
C PRO B 76 -27.71 4.01 64.96
N VAL B 77 -29.03 4.02 65.08
CA VAL B 77 -29.78 2.94 65.80
C VAL B 77 -30.80 2.39 64.81
N GLU B 78 -31.00 1.09 64.81
CA GLU B 78 -31.77 0.45 63.78
C GLU B 78 -33.21 0.99 63.79
N GLY B 79 -33.68 1.41 62.62
CA GLY B 79 -34.95 2.05 62.43
C GLY B 79 -35.16 3.53 62.79
N GLN B 80 -34.13 4.16 63.38
N GLN B 80 -34.09 4.15 63.28
CA GLN B 80 -34.18 5.59 63.75
CA GLN B 80 -34.07 5.53 63.73
C GLN B 80 -33.26 6.36 62.80
C GLN B 80 -33.22 6.34 62.75
N PHE B 81 -33.86 6.90 61.74
CA PHE B 81 -33.13 7.58 60.68
C PHE B 81 -32.90 9.03 60.93
N ASP B 82 -31.72 9.48 60.47
CA ASP B 82 -31.27 10.85 60.72
C ASP B 82 -30.68 11.39 59.41
N PHE B 83 -31.40 12.33 58.78
CA PHE B 83 -30.96 12.94 57.51
C PHE B 83 -30.47 14.36 57.70
N SER B 84 -30.13 14.70 58.93
CA SER B 84 -29.66 16.07 59.23
C SER B 84 -28.47 16.51 58.38
N PHE B 85 -27.47 15.66 58.22
CA PHE B 85 -26.36 15.96 57.32
C PHE B 85 -26.87 16.21 55.92
N VAL B 86 -27.74 15.34 55.41
CA VAL B 86 -28.22 15.50 54.04
C VAL B 86 -28.94 16.84 53.80
N ASP B 87 -29.75 17.27 54.77
CA ASP B 87 -30.45 18.52 54.72
C ASP B 87 -29.48 19.69 54.58
N VAL B 88 -28.50 19.73 55.45
CA VAL B 88 -27.52 20.83 55.40
C VAL B 88 -26.80 20.76 54.03
N LEU B 89 -26.36 19.59 53.64
CA LEU B 89 -25.54 19.43 52.45
C LEU B 89 -26.24 19.90 51.17
N LEU B 90 -27.49 19.54 51.03
CA LEU B 90 -28.31 19.94 49.91
C LEU B 90 -28.54 21.43 49.91
N LYS B 91 -28.85 22.02 51.06
CA LYS B 91 -29.03 23.45 51.12
C LYS B 91 -27.73 24.19 50.74
N GLU B 92 -26.62 23.67 51.27
CA GLU B 92 -25.35 24.41 51.06
C GLU B 92 -24.82 24.28 49.64
N ALA B 93 -25.05 23.10 49.03
CA ALA B 93 -24.75 22.88 47.64
C ALA B 93 -25.52 23.83 46.71
N ARG B 94 -26.82 23.97 46.99
CA ARG B 94 -27.69 24.81 46.19
C ARG B 94 -27.29 26.26 46.29
N GLN B 95 -26.86 26.72 47.45
CA GLN B 95 -26.47 28.11 47.67
C GLN B 95 -25.29 28.47 46.76
N ARG B 96 -24.42 27.49 46.52
CA ARG B 96 -23.22 27.63 45.66
C ARG B 96 -23.38 27.18 44.20
N LYS B 97 -24.61 26.79 43.85
CA LYS B 97 -25.02 26.33 42.54
C LYS B 97 -24.01 25.29 42.01
N VAL B 98 -23.78 24.25 42.82
CA VAL B 98 -23.03 23.07 42.37
C VAL B 98 -23.95 21.83 42.55
N ARG B 99 -23.61 20.77 41.82
CA ARG B 99 -24.31 19.47 41.96
C ARG B 99 -23.56 18.53 42.86
N LEU B 100 -24.15 17.35 43.11
CA LEU B 100 -23.66 16.45 44.11
C LEU B 100 -23.71 15.02 43.57
N VAL B 101 -22.71 14.27 43.98
CA VAL B 101 -22.78 12.81 43.88
C VAL B 101 -22.60 12.28 45.28
N LEU B 102 -23.61 11.55 45.79
CA LEU B 102 -23.58 10.98 47.10
C LEU B 102 -22.91 9.63 47.02
N LEU B 103 -21.97 9.42 47.89
CA LEU B 103 -21.29 8.12 47.98
C LEU B 103 -21.85 7.34 49.17
N TRP B 104 -22.51 6.24 48.88
CA TRP B 104 -23.15 5.40 49.92
C TRP B 104 -22.15 4.44 50.54
N PHE B 105 -21.71 4.76 51.75
CA PHE B 105 -20.68 4.06 52.44
C PHE B 105 -21.44 3.14 53.43
N ALA B 106 -21.54 1.86 53.04
CA ALA B 106 -22.45 0.94 53.76
C ALA B 106 -21.75 -0.44 54.02
N THR B 107 -22.15 -1.50 53.32
CA THR B 107 -21.65 -2.85 53.50
C THR B 107 -20.13 -2.88 53.23
N TRP B 108 -19.72 -2.20 52.18
CA TRP B 108 -18.27 -2.07 51.86
C TRP B 108 -17.88 -0.58 51.71
N LYS B 109 -16.88 -0.23 52.50
CA LYS B 109 -16.05 0.91 52.17
C LYS B 109 -14.59 0.39 52.10
N ASN B 110 -13.95 0.42 50.92
CA ASN B 110 -12.59 -0.16 50.83
C ASN B 110 -12.50 -1.58 51.44
N ASN B 111 -13.48 -2.39 51.00
CA ASN B 111 -13.58 -3.86 51.39
C ASN B 111 -14.19 -4.12 52.76
N ALA B 112 -14.24 -3.11 53.63
CA ALA B 112 -14.59 -3.23 55.03
C ALA B 112 -15.90 -2.56 55.47
N PRO B 113 -16.47 -3.02 56.59
CA PRO B 113 -17.72 -2.48 57.11
C PRO B 113 -17.61 -1.33 58.12
N HIS B 114 -16.53 -0.56 58.05
CA HIS B 114 -16.32 0.46 59.08
C HIS B 114 -17.36 1.55 59.16
N TYR B 115 -18.01 1.87 58.02
CA TYR B 115 -19.12 2.84 57.92
C TYR B 115 -20.53 2.30 58.14
N ALA B 116 -20.61 1.00 58.41
CA ALA B 116 -21.93 0.50 58.85
C ALA B 116 -22.17 0.87 60.31
N PRO B 117 -23.47 0.94 60.74
CA PRO B 117 -23.76 1.23 62.12
C PRO B 117 -23.10 0.15 63.04
N ALA B 118 -22.85 0.53 64.28
CA ALA B 118 -22.25 -0.36 65.26
C ALA B 118 -23.14 -1.61 65.42
N TRP B 119 -24.47 -1.43 65.33
CA TRP B 119 -25.40 -2.59 65.42
C TRP B 119 -25.25 -3.59 64.25
N VAL B 120 -24.62 -3.14 63.15
CA VAL B 120 -24.27 -4.02 62.08
C VAL B 120 -22.81 -4.58 62.23
N LYS B 121 -21.82 -3.72 62.29
CA LYS B 121 -20.42 -4.16 62.18
C LYS B 121 -19.87 -4.92 63.43
N LEU B 122 -20.60 -4.81 64.53
CA LEU B 122 -20.20 -5.55 65.76
C LEU B 122 -21.12 -6.80 65.98
N ASP B 123 -21.94 -7.13 64.99
CA ASP B 123 -22.86 -8.32 65.08
C ASP B 123 -22.62 -9.31 63.96
N ASN B 124 -21.54 -10.07 64.10
CA ASN B 124 -21.12 -11.04 63.10
C ASN B 124 -22.06 -12.26 62.90
N ALA B 125 -22.72 -12.69 63.96
CA ALA B 125 -23.74 -13.77 63.80
C ALA B 125 -24.89 -13.36 62.86
N ARG B 126 -25.33 -12.10 62.98
CA ARG B 126 -26.38 -11.53 62.15
C ARG B 126 -25.88 -11.09 60.79
N PHE B 127 -24.63 -10.61 60.75
CA PHE B 127 -24.10 -9.95 59.59
C PHE B 127 -22.69 -10.47 59.32
N PRO B 128 -22.56 -11.62 58.63
CA PRO B 128 -21.31 -12.37 58.70
C PRO B 128 -20.19 -11.87 57.82
N ARG B 129 -19.00 -12.02 58.34
CA ARG B 129 -17.76 -11.85 57.57
C ARG B 129 -17.33 -13.00 56.69
N VAL B 130 -16.56 -12.64 55.66
CA VAL B 130 -15.80 -13.56 54.86
C VAL B 130 -14.98 -14.39 55.79
N VAL B 131 -14.93 -15.68 55.48
CA VAL B 131 -14.06 -16.66 56.12
C VAL B 131 -13.02 -17.20 55.10
N LYS B 132 -11.79 -17.22 55.54
CA LYS B 132 -10.65 -17.66 54.73
C LYS B 132 -10.70 -19.19 54.58
N GLU B 133 -9.94 -19.68 53.62
CA GLU B 133 -9.80 -21.12 53.41
C GLU B 133 -9.33 -21.81 54.68
N ASP B 134 -8.41 -21.17 55.40
CA ASP B 134 -7.84 -21.69 56.66
C ASP B 134 -8.73 -21.58 57.92
N GLY B 135 -9.89 -20.93 57.78
CA GLY B 135 -10.86 -20.78 58.85
C GLY B 135 -10.79 -19.48 59.59
N ASP B 136 -9.72 -18.69 59.41
CA ASP B 136 -9.66 -17.33 60.02
C ASP B 136 -10.62 -16.42 59.30
N THR B 137 -11.07 -15.39 60.02
CA THR B 137 -12.13 -14.47 59.55
C THR B 137 -11.47 -13.14 59.20
N LEU B 138 -11.91 -12.58 58.09
CA LEU B 138 -11.47 -11.19 57.70
C LEU B 138 -12.57 -10.13 57.97
N ASN B 139 -12.20 -8.86 58.17
CA ASN B 139 -13.18 -7.79 58.41
C ASN B 139 -13.70 -7.24 57.08
N SER B 140 -14.41 -8.08 56.35
CA SER B 140 -14.98 -7.76 55.08
C SER B 140 -16.31 -8.51 55.09
N LEU B 141 -17.45 -7.86 54.94
CA LEU B 141 -18.76 -8.59 55.07
C LEU B 141 -19.05 -9.50 53.89
N SER B 142 -19.50 -10.74 54.15
CA SER B 142 -19.78 -11.63 53.02
C SER B 142 -21.00 -11.20 52.18
N PRO B 143 -20.88 -11.25 50.81
CA PRO B 143 -21.94 -10.94 49.87
C PRO B 143 -23.09 -11.98 49.96
N LEU B 144 -22.85 -13.10 50.60
CA LEU B 144 -23.91 -14.09 50.85
C LEU B 144 -24.71 -13.89 52.11
N GLY B 145 -24.42 -12.84 52.90
CA GLY B 145 -25.25 -12.53 54.06
C GLY B 145 -26.53 -11.83 53.69
N GLN B 146 -27.64 -12.56 53.87
CA GLN B 146 -28.96 -12.10 53.52
C GLN B 146 -29.54 -10.98 54.37
N ASN B 147 -29.20 -11.00 55.69
CA ASN B 147 -29.66 -10.00 56.63
C ASN B 147 -28.91 -8.70 56.31
N THR B 148 -27.61 -8.86 55.99
CA THR B 148 -26.78 -7.68 55.62
C THR B 148 -27.40 -6.99 54.40
N LEU B 149 -27.73 -7.75 53.38
CA LEU B 149 -28.27 -7.21 52.18
C LEU B 149 -29.61 -6.54 52.49
N ALA B 150 -30.46 -7.24 53.22
CA ALA B 150 -31.75 -6.66 53.59
C ALA B 150 -31.63 -5.33 54.33
N ALA B 151 -30.68 -5.23 55.27
CA ALA B 151 -30.50 -4.06 56.11
C ALA B 151 -29.90 -2.90 55.31
N ASP B 152 -28.86 -3.18 54.52
CA ASP B 152 -28.30 -2.14 53.65
C ASP B 152 -29.42 -1.65 52.74
N LYS B 153 -30.11 -2.54 52.02
CA LYS B 153 -31.26 -2.14 51.19
C LYS B 153 -32.25 -1.17 51.87
N LYS B 154 -32.74 -1.53 53.04
CA LYS B 154 -33.71 -0.73 53.76
C LYS B 154 -33.16 0.69 54.01
N ALA B 155 -31.89 0.76 54.39
CA ALA B 155 -31.34 2.06 54.73
C ALA B 155 -31.16 2.86 53.40
N PHE B 156 -30.69 2.16 52.36
CA PHE B 156 -30.53 2.83 51.04
C PHE B 156 -31.84 3.39 50.50
N VAL B 157 -32.89 2.62 50.74
CA VAL B 157 -34.23 3.00 50.37
C VAL B 157 -34.69 4.28 51.15
N GLU B 158 -34.40 4.35 52.45
CA GLU B 158 -34.71 5.55 53.23
C GLU B 158 -33.96 6.76 52.67
N LEU B 159 -32.68 6.58 52.32
CA LEU B 159 -31.92 7.67 51.69
C LEU B 159 -32.59 8.18 50.47
N MET B 160 -33.01 7.24 49.63
CA MET B 160 -33.56 7.67 48.34
C MET B 160 -34.93 8.31 48.49
N LYS B 161 -35.66 7.84 49.51
CA LYS B 161 -36.96 8.41 49.85
C LYS B 161 -36.74 9.84 50.26
N TYR B 162 -35.70 10.11 51.06
CA TYR B 162 -35.38 11.50 51.42
C TYR B 162 -35.10 12.37 50.17
N LEU B 163 -34.38 11.84 49.19
CA LEU B 163 -34.08 12.65 48.02
C LEU B 163 -35.34 12.81 47.17
N ALA B 164 -36.17 11.78 47.03
CA ALA B 164 -37.49 11.94 46.37
C ALA B 164 -38.29 13.12 46.90
N LYS B 165 -38.29 13.30 48.20
CA LYS B 165 -39.17 14.25 48.86
C LYS B 165 -38.52 15.64 48.95
N ARG B 166 -37.17 15.67 48.99
CA ARG B 166 -36.51 16.86 49.36
C ARG B 166 -35.49 17.38 48.37
N ASP B 167 -35.35 16.71 47.23
CA ASP B 167 -34.42 17.13 46.16
C ASP B 167 -35.07 17.08 44.77
N LYS B 168 -36.18 17.79 44.65
CA LYS B 168 -37.02 17.81 43.45
C LYS B 168 -36.38 18.33 42.16
N ASP B 169 -35.38 19.20 42.30
CA ASP B 169 -34.65 19.75 41.21
C ASP B 169 -33.38 18.93 41.00
N HIS B 170 -33.18 17.83 41.75
CA HIS B 170 -32.05 16.90 41.45
C HIS B 170 -30.68 17.52 41.65
N THR B 171 -30.53 18.24 42.77
CA THR B 171 -29.17 18.62 43.25
C THR B 171 -28.21 17.46 43.20
N VAL B 172 -28.70 16.31 43.67
CA VAL B 172 -27.95 15.06 43.63
C VAL B 172 -28.25 14.49 42.29
N ILE B 173 -27.17 14.31 41.50
CA ILE B 173 -27.34 13.84 40.14
C ILE B 173 -27.06 12.34 39.92
N MET B 174 -26.33 11.74 40.86
CA MET B 174 -25.91 10.37 40.76
C MET B 174 -25.49 9.93 42.14
N VAL B 175 -25.68 8.65 42.38
CA VAL B 175 -25.31 8.00 43.65
C VAL B 175 -24.39 6.83 43.44
N GLN B 176 -23.36 6.77 44.23
CA GLN B 176 -22.43 5.64 44.25
C GLN B 176 -22.85 4.64 45.31
N VAL B 177 -23.05 3.39 44.91
CA VAL B 177 -23.55 2.40 45.83
C VAL B 177 -22.33 1.61 46.31
N GLN B 178 -22.02 1.75 47.58
CA GLN B 178 -20.83 1.21 48.29
C GLN B 178 -19.63 2.04 47.82
N ASN B 179 -18.49 1.71 48.34
CA ASN B 179 -17.24 2.34 47.93
C ASN B 179 -16.18 1.26 47.84
N GLU B 180 -15.66 0.96 46.64
CA GLU B 180 -14.55 -0.01 46.46
C GLU B 180 -14.83 -1.30 47.22
N VAL B 181 -15.86 -1.95 46.74
CA VAL B 181 -16.24 -3.29 47.23
C VAL B 181 -15.13 -4.27 47.05
N GLY B 182 -15.23 -5.41 47.72
CA GLY B 182 -14.28 -6.47 47.52
C GLY B 182 -13.71 -7.00 48.83
N THR B 183 -12.74 -7.88 48.72
CA THR B 183 -12.02 -8.43 49.90
C THR B 183 -10.49 -8.47 49.67
N TYR B 184 -9.79 -7.92 50.64
CA TYR B 184 -8.35 -8.09 50.73
C TYR B 184 -8.05 -9.26 51.66
N GLY B 185 -7.09 -10.10 51.28
CA GLY B 185 -6.59 -11.12 52.18
C GLY B 185 -7.17 -12.49 51.88
N ALA B 186 -8.15 -12.55 50.97
CA ALA B 186 -8.73 -13.80 50.48
C ALA B 186 -9.44 -13.56 49.15
N VAL B 187 -9.69 -14.62 48.40
CA VAL B 187 -10.27 -14.48 47.10
C VAL B 187 -11.78 -14.39 47.21
N ARG B 188 -12.33 -15.10 48.20
CA ARG B 188 -13.80 -15.16 48.36
C ARG B 188 -14.12 -15.58 49.81
N ASP B 189 -15.43 -15.65 50.09
CA ASP B 189 -15.91 -16.21 51.34
C ASP B 189 -15.85 -17.76 51.12
N TYR B 190 -15.22 -18.41 52.09
CA TYR B 190 -15.10 -19.90 52.13
C TYR B 190 -15.81 -20.50 53.33
N SER B 191 -16.69 -19.72 53.95
CA SER B 191 -17.58 -20.20 55.01
C SER B 191 -18.48 -21.32 54.49
N PRO B 192 -19.07 -22.08 55.42
CA PRO B 192 -19.97 -23.12 54.92
C PRO B 192 -21.16 -22.60 54.10
N MET B 193 -21.65 -21.42 54.47
CA MET B 193 -22.77 -20.74 53.78
C MET B 193 -22.36 -20.45 52.35
N ALA B 194 -21.16 -19.94 52.20
CA ALA B 194 -20.61 -19.65 50.87
C ALA B 194 -20.26 -20.90 50.04
N GLN B 195 -19.65 -21.86 50.71
CA GLN B 195 -19.26 -23.11 50.08
C GLN B 195 -20.45 -23.87 49.53
N ALA B 196 -21.60 -23.88 50.23
CA ALA B 196 -22.86 -24.46 49.69
C ALA B 196 -23.27 -23.87 48.38
N VAL B 197 -23.09 -22.55 48.23
CA VAL B 197 -23.46 -21.88 46.99
C VAL B 197 -22.41 -22.14 45.89
N PHE B 198 -21.16 -22.18 46.27
CA PHE B 198 -20.03 -22.42 45.36
C PHE B 198 -20.12 -23.84 44.80
N ASN B 199 -20.46 -24.80 45.66
CA ASN B 199 -20.60 -26.18 45.22
C ASN B 199 -21.84 -26.47 44.36
N ALA B 200 -22.82 -25.57 44.36
CA ALA B 200 -24.07 -25.69 43.57
C ALA B 200 -23.90 -25.24 42.14
N ALA B 201 -24.96 -25.42 41.34
CA ALA B 201 -24.93 -25.07 39.92
C ALA B 201 -24.70 -23.56 39.73
N VAL B 202 -23.94 -23.15 38.72
CA VAL B 202 -23.86 -21.70 38.40
C VAL B 202 -25.29 -21.30 37.98
N PRO B 203 -25.81 -20.14 38.43
CA PRO B 203 -27.16 -19.67 38.02
C PRO B 203 -27.34 -19.59 36.50
N ASP B 204 -28.51 -20.04 36.02
CA ASP B 204 -28.81 -20.13 34.62
C ASP B 204 -28.60 -18.81 33.97
N ASP B 205 -29.02 -17.74 34.64
CA ASP B 205 -28.85 -16.41 34.04
C ASP B 205 -27.38 -16.04 33.69
N LEU B 206 -26.40 -16.39 34.53
CA LEU B 206 -25.00 -16.16 34.15
C LEU B 206 -24.48 -17.06 33.04
N ILE B 207 -24.83 -18.35 33.08
CA ILE B 207 -24.47 -19.29 32.00
C ILE B 207 -25.02 -18.76 30.68
N GLN B 208 -26.27 -18.30 30.72
CA GLN B 208 -26.96 -17.66 29.58
C GLN B 208 -26.24 -16.45 29.02
N LYS B 209 -25.88 -15.51 29.89
CA LYS B 209 -25.18 -14.27 29.47
C LYS B 209 -23.74 -14.44 29.01
N LEU B 210 -22.98 -15.35 29.65
CA LEU B 210 -21.56 -15.62 29.26
C LEU B 210 -21.41 -16.67 28.15
N GLN B 211 -22.49 -17.33 27.76
N GLN B 211 -22.50 -17.36 27.84
CA GLN B 211 -22.49 -18.31 26.68
CA GLN B 211 -22.58 -18.33 26.76
C GLN B 211 -21.57 -19.50 26.95
C GLN B 211 -21.60 -19.48 26.96
N LEU B 212 -21.77 -20.15 28.10
CA LEU B 212 -20.92 -21.27 28.56
C LEU B 212 -21.80 -22.50 28.80
N LYS B 213 -21.20 -23.63 29.18
CA LYS B 213 -21.96 -24.85 29.46
C LYS B 213 -22.32 -24.85 30.94
N PRO B 214 -23.50 -25.45 31.28
CA PRO B 214 -23.93 -25.66 32.67
C PRO B 214 -22.94 -26.46 33.55
N GLY B 215 -22.84 -26.06 34.80
CA GLY B 215 -22.02 -26.78 35.74
C GLY B 215 -21.92 -26.01 37.02
N THR B 216 -21.20 -26.59 37.97
CA THR B 216 -20.95 -25.95 39.25
C THR B 216 -19.92 -24.87 38.97
N TRP B 217 -19.71 -24.00 39.96
CA TRP B 217 -18.66 -22.97 39.82
C TRP B 217 -17.28 -23.48 39.43
N SER B 218 -16.79 -24.55 40.07
CA SER B 218 -15.49 -25.12 39.76
C SER B 218 -15.47 -25.71 38.33
N GLN B 219 -16.58 -26.39 37.97
CA GLN B 219 -16.65 -27.00 36.66
C GLN B 219 -16.63 -25.97 35.53
N VAL B 220 -17.38 -24.87 35.64
CA VAL B 220 -17.47 -23.95 34.50
C VAL B 220 -16.32 -22.95 34.42
N PHE B 221 -15.73 -22.56 35.56
CA PHE B 221 -14.70 -21.52 35.61
C PHE B 221 -13.29 -21.96 35.99
N GLY B 222 -13.09 -23.16 36.53
CA GLY B 222 -11.75 -23.66 36.76
C GLY B 222 -10.98 -22.81 37.77
N ARG B 223 -9.78 -22.35 37.38
CA ARG B 223 -8.87 -21.63 38.27
C ARG B 223 -9.44 -20.23 38.56
N ASP B 224 -10.46 -19.81 37.81
CA ASP B 224 -11.11 -18.51 38.06
C ASP B 224 -12.37 -18.65 38.95
N ALA B 225 -12.78 -19.88 39.35
CA ALA B 225 -14.05 -20.03 40.05
C ALA B 225 -14.19 -19.18 41.32
N ASP B 226 -13.14 -19.16 42.14
CA ASP B 226 -13.20 -18.50 43.40
C ASP B 226 -13.39 -16.99 43.21
N GLU B 227 -12.55 -16.40 42.37
CA GLU B 227 -12.66 -14.95 42.13
C GLU B 227 -13.96 -14.57 41.42
N PHE B 228 -14.37 -15.32 40.40
CA PHE B 228 -15.59 -14.94 39.64
C PHE B 228 -16.82 -15.10 40.55
N PHE B 229 -16.70 -16.11 41.42
CA PHE B 229 -17.73 -16.34 42.40
C PHE B 229 -17.96 -15.13 43.29
N HIS B 230 -16.84 -14.61 43.78
CA HIS B 230 -16.88 -13.52 44.70
C HIS B 230 -17.43 -12.27 43.96
N ALA B 231 -16.94 -12.05 42.74
CA ALA B 231 -17.40 -10.96 41.87
C ALA B 231 -18.93 -10.99 41.65
N TYR B 232 -19.40 -12.19 41.28
CA TYR B 232 -20.80 -12.38 40.95
C TYR B 232 -21.63 -12.08 42.18
N GLN B 233 -21.25 -12.66 43.36
CA GLN B 233 -22.08 -12.51 44.53
C GLN B 233 -22.09 -11.06 45.00
N ILE B 234 -20.96 -10.36 44.82
CA ILE B 234 -20.92 -8.91 45.21
C ILE B 234 -21.73 -8.10 44.19
N ALA B 235 -21.60 -8.43 42.91
CA ALA B 235 -22.31 -7.75 41.84
C ALA B 235 -23.82 -7.88 42.13
N ARG B 236 -24.30 -9.10 42.49
CA ARG B 236 -25.71 -9.32 42.73
C ARG B 236 -26.24 -8.49 43.92
N TYR B 237 -25.47 -8.49 45.00
CA TYR B 237 -25.70 -7.68 46.19
C TYR B 237 -25.85 -6.23 45.75
N CYS B 238 -24.84 -5.71 45.09
CA CYS B 238 -24.91 -4.31 44.64
C CYS B 238 -26.12 -3.95 43.74
N ASP B 239 -26.48 -4.86 42.85
CA ASP B 239 -27.57 -4.64 41.93
C ASP B 239 -28.88 -4.67 42.71
N GLU B 240 -28.98 -5.58 43.67
CA GLU B 240 -30.21 -5.57 44.48
C GLU B 240 -30.44 -4.26 45.24
N VAL B 241 -29.39 -3.72 45.86
CA VAL B 241 -29.48 -2.46 46.55
C VAL B 241 -29.84 -1.37 45.56
N THR B 242 -29.16 -1.37 44.41
CA THR B 242 -29.41 -0.41 43.40
C THR B 242 -30.91 -0.43 42.96
N VAL B 243 -31.40 -1.59 42.55
CA VAL B 243 -32.74 -1.69 42.09
C VAL B 243 -33.75 -1.11 43.10
N ALA B 244 -33.59 -1.44 44.37
CA ALA B 244 -34.51 -1.00 45.44
C ALA B 244 -34.50 0.53 45.59
N GLY B 245 -33.31 1.13 45.44
CA GLY B 245 -33.19 2.60 45.50
C GLY B 245 -33.80 3.26 44.28
N LYS B 246 -33.50 2.74 43.10
CA LYS B 246 -34.04 3.29 41.83
C LYS B 246 -35.55 3.22 41.79
N ALA B 247 -36.13 2.19 42.40
CA ALA B 247 -37.58 2.13 42.49
C ALA B 247 -38.21 3.31 43.22
N ILE B 248 -37.47 3.94 44.14
CA ILE B 248 -37.88 5.17 44.83
C ILE B 248 -37.61 6.38 43.95
N LYS B 249 -36.35 6.53 43.56
CA LYS B 249 -36.02 7.60 42.63
C LYS B 249 -34.94 7.14 41.62
N ASN B 250 -35.26 7.17 40.34
CA ASN B 250 -34.45 6.55 39.31
C ASN B 250 -33.26 7.40 38.89
N LEU B 251 -32.38 7.68 39.85
CA LEU B 251 -31.13 8.35 39.50
C LEU B 251 -30.12 7.38 38.89
N PRO B 252 -29.18 7.93 38.10
CA PRO B 252 -27.99 7.17 37.73
C PRO B 252 -27.26 6.65 38.93
N MET B 253 -26.89 5.38 38.94
CA MET B 253 -26.06 4.86 40.00
C MET B 253 -24.88 4.06 39.49
N TYR B 254 -23.80 4.10 40.25
CA TYR B 254 -22.56 3.46 39.77
C TYR B 254 -21.82 2.79 40.95
N VAL B 255 -20.82 1.98 40.56
CA VAL B 255 -19.82 1.44 41.48
C VAL B 255 -18.40 1.85 41.13
N ASN B 256 -17.59 2.06 42.15
CA ASN B 256 -16.18 2.49 41.96
C ASN B 256 -15.20 1.39 42.35
N VAL B 257 -14.26 1.15 41.45
CA VAL B 257 -13.31 0.03 41.48
C VAL B 257 -11.91 0.35 42.10
N ALA B 258 -11.54 -0.42 43.11
CA ALA B 258 -10.21 -0.47 43.62
C ALA B 258 -9.44 -1.27 42.57
N LEU B 259 -8.66 -0.58 41.77
CA LEU B 259 -8.14 -1.20 40.56
C LEU B 259 -7.06 -2.19 40.82
N ARG B 260 -6.96 -3.24 40.00
CA ARG B 260 -5.69 -4.00 39.96
C ARG B 260 -4.78 -3.39 38.86
N ASN B 261 -3.50 -3.54 38.98
CA ASN B 261 -2.64 -3.04 37.90
C ASN B 261 -3.01 -3.83 36.63
N PRO B 262 -3.35 -3.16 35.56
CA PRO B 262 -3.76 -3.88 34.37
C PRO B 262 -2.68 -4.68 33.62
N PHE B 263 -1.41 -4.36 33.85
CA PHE B 263 -0.25 -5.04 33.21
C PHE B 263 0.33 -6.13 34.08
N ASN B 264 0.09 -6.11 35.40
CA ASN B 264 0.81 -6.96 36.35
C ASN B 264 0.02 -6.94 37.68
N PRO B 265 -1.16 -7.57 37.68
CA PRO B 265 -2.13 -7.33 38.76
C PRO B 265 -1.77 -7.99 40.08
N GLY B 266 -1.00 -9.05 40.01
CA GLY B 266 -0.76 -9.88 41.20
C GLY B 266 -2.01 -10.72 41.34
N LEU B 267 -2.23 -11.28 42.53
CA LEU B 267 -3.36 -12.22 42.72
C LEU B 267 -4.55 -11.61 43.48
N PRO B 268 -5.81 -12.04 43.11
CA PRO B 268 -6.95 -11.61 43.90
C PRO B 268 -6.75 -11.85 45.41
N GLY B 269 -7.05 -10.82 46.18
CA GLY B 269 -6.76 -10.79 47.57
C GLY B 269 -5.58 -9.90 47.91
N GLN B 270 -4.62 -9.79 46.97
CA GLN B 270 -3.58 -8.75 47.02
C GLN B 270 -4.21 -7.47 46.54
N TYR B 271 -4.85 -7.52 45.37
CA TYR B 271 -5.82 -6.51 44.99
C TYR B 271 -7.18 -6.91 45.62
N SER B 272 -8.15 -6.00 45.58
CA SER B 272 -9.46 -6.22 46.22
C SER B 272 -10.24 -7.19 45.37
N SER B 273 -10.26 -8.45 45.76
CA SER B 273 -10.99 -9.39 45.00
C SER B 273 -12.51 -9.22 45.00
N GLY B 274 -13.12 -9.38 43.83
CA GLY B 274 -14.64 -9.34 43.75
C GLY B 274 -15.18 -8.02 43.25
N GLY B 275 -14.43 -6.95 43.42
CA GLY B 275 -14.80 -5.68 42.76
C GLY B 275 -14.65 -5.76 41.24
N GLY B 276 -15.03 -4.70 40.53
CA GLY B 276 -15.13 -4.65 39.09
C GLY B 276 -13.77 -4.46 38.38
N THR B 277 -12.83 -5.33 38.72
CA THR B 277 -11.48 -5.32 38.16
C THR B 277 -11.58 -5.74 36.68
N ASP B 278 -10.55 -5.47 35.85
CA ASP B 278 -10.71 -5.59 34.38
C ASP B 278 -10.99 -6.99 33.91
N ASN B 279 -10.62 -7.97 34.71
CA ASN B 279 -10.87 -9.38 34.43
C ASN B 279 -12.22 -9.92 34.78
N VAL B 280 -13.03 -9.15 35.49
CA VAL B 280 -14.41 -9.61 35.87
C VAL B 280 -15.48 -8.61 35.42
N LEU B 281 -15.13 -7.74 34.46
CA LEU B 281 -16.12 -6.80 33.98
C LEU B 281 -17.27 -7.57 33.33
N HIS B 282 -16.97 -8.66 32.62
CA HIS B 282 -17.98 -9.53 32.04
C HIS B 282 -18.96 -10.13 33.08
N ILE B 283 -18.43 -10.53 34.22
CA ILE B 283 -19.26 -11.03 35.32
C ILE B 283 -20.14 -9.88 35.86
N TRP B 284 -19.53 -8.73 36.13
CA TRP B 284 -20.25 -7.60 36.64
C TRP B 284 -21.39 -7.10 35.70
N LYS B 285 -21.11 -6.99 34.41
CA LYS B 285 -22.08 -6.57 33.42
C LYS B 285 -23.23 -7.58 33.32
N ALA B 286 -22.87 -8.88 33.40
CA ALA B 286 -23.89 -9.94 33.36
C ALA B 286 -24.75 -9.92 34.64
N ALA B 287 -24.08 -9.76 35.78
CA ALA B 287 -24.72 -9.94 37.10
C ALA B 287 -25.51 -8.71 37.62
N ALA B 288 -25.10 -7.51 37.24
CA ALA B 288 -25.71 -6.27 37.76
C ALA B 288 -26.21 -5.37 36.62
N PRO B 289 -27.25 -5.81 35.88
CA PRO B 289 -27.76 -5.05 34.75
C PRO B 289 -28.31 -3.66 35.10
N ASN B 290 -28.59 -3.39 36.39
CA ASN B 290 -29.23 -2.13 36.85
C ASN B 290 -28.23 -1.11 37.25
N ILE B 291 -26.95 -1.53 37.36
CA ILE B 291 -25.88 -0.57 37.73
C ILE B 291 -25.46 0.10 36.41
N ASP B 292 -25.48 1.44 36.37
CA ASP B 292 -25.30 2.18 35.12
C ASP B 292 -23.89 2.14 34.50
N LEU B 293 -22.88 2.24 35.38
CA LEU B 293 -21.48 2.15 34.95
C LEU B 293 -20.55 1.64 36.08
N ILE B 294 -19.41 1.08 35.69
CA ILE B 294 -18.32 0.67 36.58
C ILE B 294 -17.20 1.73 36.37
N ALA B 295 -16.84 2.43 37.43
CA ALA B 295 -15.88 3.57 37.40
C ALA B 295 -14.51 3.21 38.00
N PRO B 296 -13.46 3.46 37.23
CA PRO B 296 -12.12 3.26 37.81
C PRO B 296 -11.73 4.32 38.80
N ASP B 297 -11.08 3.92 39.89
CA ASP B 297 -10.40 4.80 40.87
C ASP B 297 -8.89 4.74 40.58
N ILE B 298 -8.30 5.87 40.18
CA ILE B 298 -6.99 5.84 39.56
C ILE B 298 -5.95 6.48 40.47
N TYR B 299 -5.09 5.66 41.05
CA TYR B 299 -4.01 6.22 41.84
C TYR B 299 -2.68 5.92 41.20
N PHE B 300 -2.68 5.25 40.02
CA PHE B 300 -1.42 5.10 39.22
C PHE B 300 -1.08 6.46 38.69
N ARG B 301 0.21 6.79 38.70
CA ARG B 301 0.72 8.13 38.31
CA ARG B 301 0.72 8.13 38.30
C ARG B 301 1.16 8.24 36.84
N ASP B 302 1.57 7.12 36.31
CA ASP B 302 2.37 7.01 35.11
C ASP B 302 1.48 6.88 33.93
N TYR B 303 1.79 7.67 32.94
CA TYR B 303 0.99 7.77 31.70
C TYR B 303 0.60 6.43 31.10
N LYS B 304 1.53 5.46 30.99
CA LYS B 304 1.19 4.22 30.28
C LYS B 304 0.06 3.45 31.02
N THR B 305 0.25 3.33 32.33
CA THR B 305 -0.69 2.54 33.18
C THR B 305 -2.04 3.25 33.22
N VAL B 306 -2.04 4.59 33.38
CA VAL B 306 -3.29 5.34 33.42
C VAL B 306 -3.96 5.22 32.08
N SER B 307 -3.22 5.41 30.97
CA SER B 307 -3.76 5.23 29.66
C SER B 307 -4.46 3.84 29.50
N LYS B 308 -3.86 2.80 30.03
CA LYS B 308 -4.35 1.44 29.83
C LYS B 308 -5.68 1.28 30.61
N VAL B 309 -5.72 1.85 31.80
CA VAL B 309 -6.93 1.81 32.65
C VAL B 309 -8.06 2.50 31.88
N LEU B 310 -7.83 3.71 31.34
CA LEU B 310 -8.88 4.41 30.64
C LEU B 310 -9.36 3.58 29.44
N GLU B 311 -8.43 2.95 28.69
CA GLU B 311 -8.78 2.01 27.59
C GLU B 311 -9.73 0.88 28.08
N LEU B 312 -9.34 0.20 29.13
CA LEU B 312 -10.10 -0.95 29.66
C LEU B 312 -11.51 -0.61 30.15
N TYR B 313 -11.68 0.60 30.76
CA TYR B 313 -12.98 1.02 31.32
C TYR B 313 -13.91 1.79 30.37
N THR B 314 -13.40 2.29 29.25
CA THR B 314 -14.22 2.83 28.19
C THR B 314 -14.62 1.75 27.22
N ARG B 315 -15.92 1.42 27.21
CA ARG B 315 -16.44 0.32 26.44
C ARG B 315 -17.76 0.78 25.90
N PRO B 316 -18.23 0.21 24.79
CA PRO B 316 -19.60 0.44 24.34
C PRO B 316 -20.70 0.22 25.43
N ASP B 317 -20.45 -0.71 26.40
CA ASP B 317 -21.38 -1.01 27.45
C ASP B 317 -21.01 -0.29 28.78
N ASN B 318 -19.94 0.50 28.76
CA ASN B 318 -19.52 1.15 29.98
C ASN B 318 -19.06 2.59 29.75
N ALA B 319 -19.90 3.56 30.07
CA ALA B 319 -19.50 5.01 30.13
C ALA B 319 -18.33 5.17 31.04
N LEU B 320 -17.38 6.05 30.67
CA LEU B 320 -16.23 6.32 31.47
C LEU B 320 -16.48 7.45 32.47
N PHE B 321 -16.22 7.12 33.72
CA PHE B 321 -16.24 8.09 34.79
C PHE B 321 -15.05 7.83 35.68
N VAL B 322 -14.13 8.81 35.77
CA VAL B 322 -13.02 8.68 36.69
C VAL B 322 -13.45 9.14 38.08
N ALA B 323 -13.99 8.20 38.84
CA ALA B 323 -14.72 8.49 40.10
C ALA B 323 -13.80 8.91 41.29
N GLU B 324 -12.50 8.65 41.17
CA GLU B 324 -11.46 8.99 42.11
C GLU B 324 -10.13 9.08 41.35
N ILE B 325 -9.35 10.15 41.56
CA ILE B 325 -7.99 10.21 41.02
C ILE B 325 -7.17 11.03 41.98
N GLY B 326 -5.87 10.84 41.99
CA GLY B 326 -5.05 11.54 42.94
C GLY B 326 -5.13 13.01 42.70
N ASN B 327 -4.75 13.73 43.75
CA ASN B 327 -4.75 15.21 43.70
C ASN B 327 -3.35 15.82 43.53
N ASP B 328 -2.34 14.98 43.43
CA ASP B 328 -0.99 15.46 43.15
C ASP B 328 -0.94 15.98 41.69
N GLN B 329 0.02 16.88 41.47
CA GLN B 329 0.18 17.56 40.17
C GLN B 329 0.17 16.68 38.92
N PRO B 330 0.83 15.52 38.88
CA PRO B 330 0.86 14.69 37.63
C PRO B 330 -0.52 14.22 37.17
N PHE B 331 -1.48 14.24 38.07
CA PHE B 331 -2.79 13.70 37.80
C PHE B 331 -3.73 14.59 37.01
N ALA B 332 -3.56 15.91 37.18
CA ALA B 332 -4.50 16.87 36.54
C ALA B 332 -4.59 16.67 35.03
N ARG B 333 -3.45 16.46 34.32
CA ARG B 333 -3.48 16.30 32.88
C ARG B 333 -4.31 15.11 32.36
N TYR B 334 -4.58 14.08 33.23
CA TYR B 334 -5.42 12.96 32.84
C TYR B 334 -6.92 13.32 32.56
N LEU B 335 -7.34 14.57 32.90
CA LEU B 335 -8.63 15.10 32.41
C LEU B 335 -8.78 15.02 30.91
N PHE B 336 -7.68 15.41 30.21
CA PHE B 336 -7.73 15.51 28.80
C PHE B 336 -8.04 14.18 28.07
N PRO B 337 -7.32 13.09 28.35
CA PRO B 337 -7.71 11.81 27.65
C PRO B 337 -9.03 11.23 28.18
N THR B 338 -9.30 11.47 29.46
CA THR B 338 -10.64 11.13 30.03
C THR B 338 -11.76 11.69 29.20
N LEU B 339 -11.68 12.99 28.91
CA LEU B 339 -12.66 13.66 28.06
C LEU B 339 -12.58 13.23 26.62
N GLY B 340 -11.36 13.02 26.09
CA GLY B 340 -11.14 12.51 24.76
C GLY B 340 -11.84 11.20 24.48
N LYS B 341 -11.94 10.38 25.52
CA LYS B 341 -12.50 9.03 25.37
C LYS B 341 -14.05 9.09 25.52
N GLY B 342 -14.60 10.30 25.56
CA GLY B 342 -16.00 10.53 25.82
C GLY B 342 -16.42 10.41 27.29
N GLY B 343 -15.44 10.50 28.20
CA GLY B 343 -15.72 10.49 29.63
C GLY B 343 -16.76 11.51 30.08
N ILE B 344 -17.67 11.06 30.95
CA ILE B 344 -18.70 11.89 31.56
C ILE B 344 -18.20 12.70 32.73
N GLY B 345 -17.03 12.36 33.30
CA GLY B 345 -16.53 13.07 34.41
C GLY B 345 -15.23 12.63 35.02
N PHE B 346 -14.79 13.41 36.02
CA PHE B 346 -13.44 13.34 36.57
C PHE B 346 -13.47 13.94 37.95
N SER B 347 -13.02 13.17 38.93
CA SER B 347 -13.19 13.53 40.33
C SER B 347 -11.92 13.31 41.19
N PRO B 348 -10.99 14.31 41.25
CA PRO B 348 -9.85 14.30 42.14
C PRO B 348 -10.24 14.20 43.62
N PHE B 349 -9.51 13.37 44.32
CA PHE B 349 -9.77 12.97 45.67
C PHE B 349 -9.02 13.85 46.70
N GLY B 350 -9.64 14.08 47.87
CA GLY B 350 -8.96 14.77 48.91
C GLY B 350 -8.95 16.32 48.80
N MET B 351 -9.95 16.85 48.14
CA MET B 351 -10.03 18.25 47.84
C MET B 351 -10.76 19.03 48.98
N ASP B 352 -10.23 18.98 50.22
CA ASP B 352 -10.70 19.82 51.31
C ASP B 352 -9.59 20.13 52.32
N ASP B 353 -9.86 21.09 53.20
CA ASP B 353 -8.94 21.53 54.20
C ASP B 353 -9.18 20.94 55.56
N THR B 354 -9.38 19.66 55.58
CA THR B 354 -9.69 18.97 56.82
C THR B 354 -8.53 18.35 57.50
N ASP B 355 -7.31 18.71 57.12
CA ASP B 355 -6.11 18.35 57.86
C ASP B 355 -5.82 16.86 57.66
N TYR B 356 -5.88 16.45 56.40
CA TYR B 356 -5.44 15.09 56.02
C TYR B 356 -4.87 15.06 54.59
N THR B 357 -3.76 14.37 54.44
CA THR B 357 -3.26 14.06 53.10
C THR B 357 -2.90 12.58 53.01
N ASN B 358 -3.31 11.94 51.90
CA ASN B 358 -3.03 10.52 51.68
C ASN B 358 -1.70 10.28 51.02
N TYR B 359 -0.88 11.34 50.91
CA TYR B 359 0.52 11.17 50.49
C TYR B 359 1.13 9.93 51.17
N PRO B 360 1.83 9.07 50.40
CA PRO B 360 2.38 9.29 49.07
C PRO B 360 1.45 9.03 47.87
N LEU B 361 0.18 8.78 48.13
CA LEU B 361 -0.78 8.55 47.05
C LEU B 361 -1.12 9.88 46.37
N GLY B 362 -1.61 10.85 47.15
CA GLY B 362 -1.90 12.20 46.64
C GLY B 362 -0.84 13.20 47.04
N ALA B 363 -1.19 14.49 47.05
CA ALA B 363 -0.19 15.57 47.20
C ALA B 363 0.36 15.60 48.61
N LYS B 364 1.65 15.89 48.77
CA LYS B 364 2.25 15.97 50.10
C LYS B 364 1.72 17.13 50.94
N VAL B 365 1.49 18.27 50.28
CA VAL B 365 1.04 19.51 50.91
C VAL B 365 -0.23 19.91 50.15
N TYR B 366 -1.30 20.11 50.89
CA TYR B 366 -2.55 20.58 50.32
C TYR B 366 -2.61 22.05 50.56
N ASN B 367 -2.46 22.79 49.46
CA ASN B 367 -2.57 24.23 49.49
C ASN B 367 -3.13 24.78 48.16
N ASP B 368 -3.18 26.09 48.05
CA ASP B 368 -3.75 26.73 46.85
C ASP B 368 -3.02 26.24 45.56
N GLU B 369 -1.70 26.06 45.61
CA GLU B 369 -0.94 25.60 44.47
C GLU B 369 -1.44 24.23 43.99
N THR B 370 -1.73 23.37 44.97
CA THR B 370 -2.28 22.04 44.73
C THR B 370 -3.58 22.14 43.94
N ILE B 371 -4.49 22.96 44.48
CA ILE B 371 -5.82 23.18 43.93
C ILE B 371 -5.71 23.77 42.53
N GLU B 372 -4.72 24.66 42.35
CA GLU B 372 -4.52 25.41 41.11
C GLU B 372 -4.18 24.53 39.88
N GLN B 373 -3.49 23.42 40.15
CA GLN B 373 -3.13 22.47 39.06
C GLN B 373 -4.40 21.94 38.40
N PHE B 374 -5.47 21.69 39.22
CA PHE B 374 -6.76 21.29 38.65
C PHE B 374 -7.60 22.45 38.14
N ALA B 375 -7.56 23.59 38.85
CA ALA B 375 -8.28 24.77 38.42
C ALA B 375 -7.94 25.16 37.00
N GLN B 376 -6.65 25.09 36.70
CA GLN B 376 -6.14 25.49 35.38
C GLN B 376 -6.65 24.66 34.22
N VAL B 377 -6.88 23.38 34.44
CA VAL B 377 -7.43 22.59 33.39
C VAL B 377 -8.97 22.70 33.37
N TYR B 378 -9.55 22.80 34.54
CA TYR B 378 -11.04 22.93 34.61
C TYR B 378 -11.45 24.22 33.90
N ARG B 379 -10.65 25.29 34.00
CA ARG B 379 -10.92 26.54 33.22
C ARG B 379 -10.91 26.39 31.68
N LEU B 380 -10.32 25.31 31.15
CA LEU B 380 -10.45 25.03 29.73
C LEU B 380 -11.82 24.54 29.38
N VAL B 381 -12.41 23.75 30.31
CA VAL B 381 -13.63 23.04 30.02
C VAL B 381 -14.93 23.73 30.45
N ASN B 382 -14.91 24.42 31.56
CA ASN B 382 -16.10 25.11 32.11
C ASN B 382 -16.79 26.02 31.07
N PRO B 383 -15.99 26.84 30.38
CA PRO B 383 -16.61 27.76 29.42
C PRO B 383 -17.38 27.14 28.26
N MET B 384 -17.15 25.84 27.99
CA MET B 384 -17.76 25.11 26.86
C MET B 384 -18.36 23.83 27.39
N MET B 385 -18.72 23.79 28.66
CA MET B 385 -19.04 22.44 29.26
C MET B 385 -20.20 21.73 28.53
N ARG B 386 -21.25 22.50 28.32
CA ARG B 386 -22.45 21.93 27.64
C ARG B 386 -22.21 21.60 26.20
N GLU B 387 -21.42 22.45 25.51
CA GLU B 387 -21.17 22.24 24.12
C GLU B 387 -20.25 21.03 23.92
N TRP B 388 -19.20 20.94 24.74
CA TRP B 388 -18.31 19.78 24.77
C TRP B 388 -19.11 18.53 25.02
N ALA B 389 -19.96 18.59 26.04
CA ALA B 389 -20.67 17.38 26.46
C ALA B 389 -21.49 16.84 25.32
N ARG B 390 -22.14 17.76 24.59
CA ARG B 390 -22.95 17.36 23.45
C ARG B 390 -22.08 16.80 22.34
N LEU B 391 -20.99 17.48 21.99
CA LEU B 391 -20.14 16.98 20.95
C LEU B 391 -19.55 15.62 21.30
N SER B 392 -19.24 15.42 22.59
CA SER B 392 -18.73 14.13 23.09
C SER B 392 -19.74 13.03 22.74
N TYR B 393 -21.02 13.26 23.05
CA TYR B 393 -22.05 12.25 22.92
C TYR B 393 -22.41 11.96 21.47
N GLN B 394 -22.59 13.03 20.70
CA GLN B 394 -23.14 12.98 19.31
C GLN B 394 -22.07 12.91 18.26
N GLY B 395 -20.91 13.48 18.56
CA GLY B 395 -19.91 13.78 17.54
C GLY B 395 -18.58 13.12 17.77
N GLN B 396 -17.54 13.80 17.29
CA GLN B 396 -16.22 13.32 17.39
C GLN B 396 -15.48 14.30 18.28
N VAL B 397 -14.85 13.71 19.28
CA VAL B 397 -13.96 14.44 20.17
C VAL B 397 -12.65 13.62 20.24
N TRP B 398 -11.55 14.31 20.59
CA TRP B 398 -10.28 13.73 20.85
C TRP B 398 -9.72 14.43 22.09
N GLY B 399 -8.82 13.78 22.79
CA GLY B 399 -8.18 14.38 23.93
C GLY B 399 -6.88 13.61 24.21
N VAL B 400 -5.82 14.36 24.49
CA VAL B 400 -4.47 13.80 24.71
C VAL B 400 -3.77 14.49 25.87
N ALA B 401 -2.96 13.73 26.65
CA ALA B 401 -2.15 14.25 27.69
C ALA B 401 -0.69 14.08 27.31
N GLU B 402 0.15 14.85 27.96
CA GLU B 402 1.65 14.71 27.77
C GLU B 402 2.07 13.29 28.13
N PRO B 403 2.69 12.55 27.17
CA PRO B 403 2.88 11.12 27.29
C PRO B 403 4.16 10.64 27.90
N LEU B 404 5.07 11.51 28.28
CA LEU B 404 6.15 11.14 29.13
C LEU B 404 5.92 11.71 30.50
N ASP B 405 6.19 10.92 31.52
CA ASP B 405 6.15 11.39 32.86
C ASP B 405 7.38 12.23 33.16
N SER B 406 7.31 13.02 34.23
CA SER B 406 8.41 13.89 34.63
C SER B 406 9.68 13.08 34.76
N THR B 407 10.80 13.71 34.40
CA THR B 407 12.10 13.08 34.48
C THR B 407 12.49 12.88 35.96
N THR B 408 13.08 11.72 36.19
CA THR B 408 13.52 11.26 37.51
C THR B 408 14.89 11.81 37.96
N PRO B 420 28.47 11.49 24.24
CA PRO B 420 27.89 12.74 23.78
C PRO B 420 26.83 12.53 22.68
N GLU B 421 27.05 11.54 21.82
CA GLU B 421 26.06 11.13 20.82
C GLU B 421 24.85 10.43 21.46
N GLU B 422 25.10 9.69 22.54
CA GLU B 422 24.03 9.02 23.29
C GLU B 422 23.04 10.00 23.93
N LYS B 423 23.53 11.17 24.33
CA LYS B 423 22.69 12.24 24.88
C LYS B 423 21.90 12.95 23.77
N GLU B 424 22.52 13.11 22.61
CA GLU B 424 21.85 13.68 21.43
C GLU B 424 20.70 12.83 20.91
N GLN B 425 20.85 11.50 20.96
CA GLN B 425 19.83 10.54 20.49
C GLN B 425 18.66 10.40 21.46
N HIS B 426 18.94 10.59 22.75
CA HIS B 426 17.88 10.65 23.77
C HIS B 426 16.93 11.81 23.49
N LYS B 427 17.49 12.98 23.14
N LYS B 427 17.48 12.97 23.13
CA LYS B 427 16.67 14.15 22.81
CA LYS B 427 16.66 14.15 22.80
C LYS B 427 15.75 13.86 21.63
C LYS B 427 15.74 13.86 21.64
N LYS B 428 16.30 13.27 20.58
CA LYS B 428 15.53 12.81 19.44
C LYS B 428 14.41 11.83 19.78
N ASP B 429 14.71 10.87 20.67
CA ASP B 429 13.73 9.87 21.13
C ASP B 429 12.61 10.52 21.97
N ARG B 430 12.98 11.41 22.89
CA ARG B 430 11.99 12.14 23.71
C ARG B 430 11.15 13.09 22.86
N ALA B 431 11.78 13.71 21.87
CA ALA B 431 10.99 14.45 20.86
C ALA B 431 9.90 13.64 20.14
N SER B 432 10.20 12.47 19.55
CA SER B 432 9.19 11.74 18.81
C SER B 432 8.12 11.21 19.78
N ALA B 433 8.53 10.89 20.99
CA ALA B 433 7.63 10.48 22.11
C ALA B 433 6.68 11.63 22.52
N LEU B 434 7.16 12.87 22.49
CA LEU B 434 6.32 14.05 22.87
C LEU B 434 5.56 14.68 21.70
N THR B 435 5.35 13.87 20.68
CA THR B 435 4.67 14.23 19.45
C THR B 435 3.57 13.20 19.26
N GLN B 436 2.32 13.64 19.25
CA GLN B 436 1.18 12.75 19.10
C GLN B 436 0.46 13.14 17.83
N GLN B 437 0.07 12.17 17.04
CA GLN B 437 -0.80 12.36 15.87
C GLN B 437 -2.25 11.97 16.17
N LEU B 438 -3.18 12.78 15.66
CA LEU B 438 -4.66 12.57 15.78
C LEU B 438 -5.30 12.68 14.40
N ASP B 439 -6.07 11.67 14.00
CA ASP B 439 -6.68 11.60 12.68
C ASP B 439 -8.06 12.21 12.79
N LEU B 440 -8.24 13.43 12.30
CA LEU B 440 -9.52 14.16 12.43
C LEU B 440 -10.41 14.14 11.20
N GLY B 441 -10.28 13.12 10.34
CA GLY B 441 -11.03 13.08 9.09
C GLY B 441 -10.18 13.56 7.92
N LEU B 442 -10.51 14.73 7.39
CA LEU B 442 -9.75 15.33 6.30
C LEU B 442 -8.44 15.95 6.70
N TRP B 443 -8.28 16.17 8.01
CA TRP B 443 -7.17 16.85 8.59
C TRP B 443 -6.66 16.05 9.76
N ASP B 444 -5.38 16.20 10.02
CA ASP B 444 -4.75 15.64 11.20
C ASP B 444 -4.31 16.77 12.06
N ALA B 445 -4.18 16.49 13.35
CA ALA B 445 -3.46 17.38 14.23
C ALA B 445 -2.23 16.72 14.82
N GLU B 446 -1.17 17.52 14.94
CA GLU B 446 0.00 17.12 15.68
C GLU B 446 0.11 17.92 16.98
N VAL B 447 0.11 17.20 18.09
CA VAL B 447 0.28 17.82 19.42
C VAL B 447 1.68 17.55 19.95
N THR B 448 2.39 18.62 20.29
CA THR B 448 3.72 18.57 20.85
C THR B 448 3.82 19.35 22.14
N TYR B 449 4.77 18.99 23.01
CA TYR B 449 4.82 19.51 24.33
C TYR B 449 6.16 20.07 24.71
N GLY B 450 6.18 21.29 25.25
CA GLY B 450 7.38 21.82 25.91
C GLY B 450 8.29 22.38 24.83
N ARG B 451 7.79 23.40 24.17
CA ARG B 451 8.54 24.16 23.17
C ARG B 451 8.16 25.64 23.19
N PRO B 452 8.99 26.52 22.53
CA PRO B 452 8.49 27.88 22.44
C PRO B 452 7.24 28.07 21.57
N MET B 453 6.77 29.31 21.58
CA MET B 453 5.54 29.69 20.87
C MET B 453 5.87 30.27 19.50
N PHE B 454 7.16 30.20 19.14
CA PHE B 454 7.67 30.79 17.93
C PHE B 454 8.80 29.86 17.41
N TRP B 455 8.89 29.70 16.08
CA TRP B 455 9.86 28.80 15.40
C TRP B 455 9.55 27.28 15.71
N VAL B 456 10.46 26.36 15.36
CA VAL B 456 10.20 24.90 15.31
C VAL B 456 11.28 24.07 16.05
N THR B 457 11.97 24.65 17.02
CA THR B 457 12.91 23.88 17.89
C THR B 457 12.11 22.71 18.48
N PRO B 458 12.63 21.47 18.38
CA PRO B 458 11.82 20.30 18.80
C PRO B 458 11.33 20.33 20.27
N PRO B 459 10.17 19.68 20.55
CA PRO B 459 9.62 19.61 21.90
C PRO B 459 10.54 18.87 22.83
N GLU B 460 10.60 19.41 24.04
CA GLU B 460 11.42 18.89 25.14
C GLU B 460 10.62 18.50 26.40
N GLY B 461 9.30 18.66 26.36
CA GLY B 461 8.47 18.37 27.53
C GLY B 461 8.40 19.50 28.51
N ASN B 462 7.28 19.55 29.25
CA ASN B 462 7.12 20.42 30.34
C ASN B 462 7.77 19.84 31.55
N THR B 463 8.21 20.71 32.47
CA THR B 463 8.74 20.33 33.77
C THR B 463 7.93 21.01 34.85
N PRO B 464 7.07 20.26 35.56
CA PRO B 464 6.83 18.84 35.37
C PRO B 464 5.90 18.57 34.21
N ALA B 465 5.77 17.32 33.81
CA ALA B 465 4.81 16.92 32.81
C ALA B 465 3.43 17.45 33.22
N ALA B 466 2.76 18.08 32.28
CA ALA B 466 1.52 18.77 32.59
C ALA B 466 0.57 19.04 31.38
N GLY B 467 1.02 18.93 30.13
CA GLY B 467 0.25 19.46 29.03
C GLY B 467 -0.85 18.51 28.54
N GLY B 468 -1.74 19.03 27.70
CA GLY B 468 -2.74 18.23 27.06
C GLY B 468 -3.52 19.03 26.07
N ALA B 469 -4.45 18.40 25.37
CA ALA B 469 -5.28 19.12 24.39
C ALA B 469 -6.60 18.42 24.25
N LEU B 470 -7.60 19.22 23.97
CA LEU B 470 -8.90 18.72 23.54
C LEU B 470 -9.28 19.25 22.18
N ILE B 471 -9.90 18.41 21.37
CA ILE B 471 -10.39 18.72 20.04
C ILE B 471 -11.78 18.15 19.81
N ALA B 472 -12.70 18.98 19.32
CA ALA B 472 -14.03 18.52 18.85
C ALA B 472 -14.26 18.96 17.44
N GLN B 473 -14.88 18.09 16.61
CA GLN B 473 -15.07 18.40 15.20
C GLN B 473 -16.44 19.00 15.06
N LEU B 474 -16.52 20.17 14.43
CA LEU B 474 -17.77 20.91 14.24
C LEU B 474 -18.33 20.67 12.85
N ASP B 475 -17.42 20.42 11.91
CA ASP B 475 -17.74 20.19 10.51
C ASP B 475 -16.52 19.58 9.83
N ASP B 476 -16.67 19.14 8.58
CA ASP B 476 -15.58 18.49 7.81
C ASP B 476 -14.24 19.17 7.95
N ASN B 477 -14.26 20.52 7.98
CA ASN B 477 -13.01 21.32 8.03
C ASN B 477 -12.93 22.26 9.21
N GLU B 478 -13.75 22.07 10.25
CA GLU B 478 -13.85 23.04 11.34
C GLU B 478 -13.80 22.30 12.70
N TYR B 479 -13.00 22.81 13.65
CA TYR B 479 -12.71 22.15 14.91
C TYR B 479 -12.70 23.14 16.07
N LEU B 480 -13.23 22.75 17.22
CA LEU B 480 -13.11 23.50 18.44
C LEU B 480 -11.89 22.92 19.10
N VAL B 481 -10.96 23.79 19.48
CA VAL B 481 -9.71 23.39 20.05
C VAL B 481 -9.38 24.15 21.31
N THR B 482 -8.95 23.45 22.34
CA THR B 482 -8.34 24.11 23.50
C THR B 482 -7.27 23.25 24.09
N ALA B 483 -6.14 23.82 24.46
CA ALA B 483 -5.03 23.04 24.98
C ALA B 483 -4.26 23.78 26.04
N TYR B 484 -3.22 23.15 26.54
CA TYR B 484 -2.57 23.53 27.76
C TYR B 484 -1.11 23.07 27.70
N LYS B 485 -0.20 24.03 27.77
CA LYS B 485 1.22 23.78 27.73
C LYS B 485 1.59 22.83 26.61
N ALA B 486 1.21 23.25 25.41
CA ALA B 486 1.27 22.36 24.28
C ALA B 486 1.14 23.21 23.01
N ARG B 487 1.58 22.58 21.93
CA ARG B 487 1.39 23.20 20.57
C ARG B 487 0.50 22.23 19.82
N VAL B 488 -0.47 22.75 19.05
CA VAL B 488 -1.30 21.96 18.15
C VAL B 488 -1.14 22.42 16.75
N GLU B 489 -0.79 21.55 15.81
CA GLU B 489 -0.62 22.00 14.43
C GLU B 489 -1.48 21.12 13.56
N PHE B 490 -2.11 21.73 12.57
CA PHE B 490 -3.03 21.02 11.67
C PHE B 490 -2.34 20.74 10.34
N LYS B 491 -2.64 19.59 9.74
CA LYS B 491 -2.26 19.31 8.37
C LYS B 491 -3.30 18.39 7.64
N PRO B 492 -3.21 18.30 6.29
CA PRO B 492 -4.11 17.40 5.56
C PRO B 492 -3.87 15.97 5.98
N SER B 493 -4.96 15.21 6.15
CA SER B 493 -4.84 13.84 6.58
C SER B 493 -4.47 12.93 5.42
N GLN B 494 -4.77 13.35 4.21
CA GLN B 494 -4.52 12.56 3.00
C GLN B 494 -3.74 13.43 2.04
N GLU B 495 -2.90 12.81 1.20
CA GLU B 495 -2.17 13.53 0.16
C GLU B 495 -3.17 14.37 -0.65
N LEU B 496 -2.86 15.65 -0.78
CA LEU B 496 -3.66 16.52 -1.59
C LEU B 496 -3.15 16.29 -2.99
N ALA B 497 -4.08 16.26 -3.93
CA ALA B 497 -3.80 15.82 -5.30
C ALA B 497 -3.49 17.07 -6.11
N GLY B 498 -2.34 17.66 -5.82
CA GLY B 498 -1.88 18.92 -6.46
C GLY B 498 -2.20 20.23 -5.74
N LYS B 499 -3.10 20.20 -4.76
CA LYS B 499 -3.53 21.41 -4.06
C LYS B 499 -2.54 21.80 -2.97
N LYS B 500 -2.71 23.01 -2.49
CA LYS B 500 -2.05 23.46 -1.24
C LYS B 500 -3.09 23.56 -0.11
N PHE B 501 -2.64 23.88 1.10
CA PHE B 501 -3.56 24.07 2.22
C PHE B 501 -3.09 25.13 3.15
N MET B 502 -4.05 25.69 3.87
CA MET B 502 -3.73 26.58 4.99
CA MET B 502 -3.79 26.64 4.93
C MET B 502 -4.83 26.56 6.05
N ILE B 503 -4.53 27.25 7.14
CA ILE B 503 -5.50 27.66 8.08
C ILE B 503 -6.33 28.67 7.31
N GLU B 504 -7.65 28.48 7.28
CA GLU B 504 -8.51 29.53 6.70
C GLU B 504 -8.71 30.63 7.73
N ARG B 505 -9.12 30.23 8.93
CA ARG B 505 -9.43 31.15 10.03
C ARG B 505 -9.29 30.48 11.39
N VAL B 506 -8.70 31.18 12.35
CA VAL B 506 -8.73 30.78 13.78
C VAL B 506 -9.40 31.88 14.58
N GLU B 507 -10.52 31.57 15.24
CA GLU B 507 -11.25 32.50 16.13
C GLU B 507 -11.12 32.09 17.58
N GLU B 508 -10.74 33.03 18.47
CA GLU B 508 -10.80 32.81 19.89
C GLU B 508 -12.17 33.37 20.32
N GLY B 509 -12.88 32.60 21.16
CA GLY B 509 -14.21 33.00 21.58
C GLY B 509 -14.78 32.21 22.74
N ARG B 510 -16.10 32.36 22.83
CA ARG B 510 -16.90 31.75 23.90
C ARG B 510 -18.30 31.46 23.40
N PHE B 511 -18.98 30.60 24.15
CA PHE B 511 -20.37 30.30 23.90
C PHE B 511 -21.18 31.14 24.85
N GLU B 512 -22.11 31.91 24.30
CA GLU B 512 -22.95 32.84 25.07
C GLU B 512 -24.40 32.47 24.73
N LYS B 513 -24.99 31.62 25.56
CA LYS B 513 -26.35 31.06 25.32
C LYS B 513 -26.34 30.03 24.19
N GLY B 514 -25.35 29.13 24.19
CA GLY B 514 -25.16 28.18 23.10
C GLY B 514 -24.72 28.73 21.75
N LYS B 515 -24.45 30.04 21.68
CA LYS B 515 -24.09 30.74 20.44
C LYS B 515 -22.65 31.18 20.58
N TRP B 516 -21.87 31.01 19.52
CA TRP B 516 -20.46 31.36 19.52
C TRP B 516 -20.28 32.88 19.41
N VAL B 517 -19.46 33.46 20.27
CA VAL B 517 -19.17 34.89 20.28
C VAL B 517 -17.67 34.97 20.05
N MET B 518 -17.30 35.60 18.95
CA MET B 518 -15.90 35.78 18.61
C MET B 518 -15.38 36.96 19.44
N GLU B 519 -14.20 36.75 20.06
CA GLU B 519 -13.41 37.76 20.81
C GLU B 519 -12.32 38.36 19.89
N ARG B 520 -11.63 37.50 19.14
CA ARG B 520 -10.52 37.97 18.29
C ARG B 520 -10.16 36.83 17.35
N VAL B 521 -9.54 37.16 16.25
CA VAL B 521 -8.88 36.28 15.34
C VAL B 521 -7.42 36.05 15.70
N TRP B 522 -7.00 34.77 15.76
CA TRP B 522 -5.62 34.45 15.84
C TRP B 522 -5.07 34.38 14.46
N ASN B 523 -4.00 35.13 14.23
CA ASN B 523 -3.35 35.15 12.93
C ASN B 523 -1.89 35.51 13.10
N GLY B 524 -1.16 35.53 11.95
CA GLY B 524 0.27 35.97 11.91
C GLY B 524 1.11 35.09 12.84
N ASP B 525 1.87 35.67 13.77
CA ASP B 525 2.71 34.88 14.70
C ASP B 525 1.94 33.80 15.43
N GLN B 526 0.67 34.13 15.71
CA GLN B 526 -0.12 33.23 16.56
C GLN B 526 -0.56 31.96 15.83
N THR B 527 -0.56 31.94 14.53
CA THR B 527 -0.86 30.72 13.74
C THR B 527 0.27 30.24 12.80
N ASP B 528 1.41 30.92 12.78
CA ASP B 528 2.53 30.52 11.92
C ASP B 528 3.25 29.22 12.35
N TRP B 529 3.28 29.02 13.67
CA TRP B 529 4.07 28.03 14.38
C TRP B 529 3.14 27.11 15.20
N GLY B 530 2.07 26.65 14.52
CA GLY B 530 0.96 25.92 15.17
C GLY B 530 0.19 26.82 16.12
N LEU B 531 -0.62 26.18 16.96
CA LEU B 531 -1.45 26.85 17.94
C LEU B 531 -0.84 26.60 19.32
N ASN B 532 -0.29 27.61 19.99
CA ASN B 532 0.50 27.47 21.15
C ASN B 532 -0.22 27.94 22.37
N PHE B 533 -0.25 27.08 23.38
CA PHE B 533 -1.02 27.32 24.61
C PHE B 533 -0.11 27.26 25.81
N THR B 534 -0.29 28.17 26.77
CA THR B 534 0.49 28.18 27.99
C THR B 534 -0.41 27.60 29.04
N ASP B 535 -0.51 28.29 30.17
CA ASP B 535 -1.38 27.82 31.29
C ASP B 535 -2.71 28.56 31.28
N ARG B 536 -2.90 29.56 30.40
CA ARG B 536 -4.14 30.32 30.40
C ARG B 536 -5.13 29.75 29.44
N PRO B 537 -6.43 29.98 29.68
CA PRO B 537 -7.46 29.35 28.89
C PRO B 537 -7.74 30.09 27.58
N HIS B 538 -7.87 29.40 26.45
CA HIS B 538 -8.33 29.97 25.19
C HIS B 538 -9.11 28.91 24.47
N LEU B 539 -10.31 29.28 24.03
CA LEU B 539 -11.14 28.38 23.30
C LEU B 539 -11.11 28.81 21.88
N LEU B 540 -10.58 27.96 20.96
CA LEU B 540 -10.46 28.35 19.54
C LEU B 540 -11.41 27.56 18.62
N ARG B 541 -11.94 28.25 17.62
CA ARG B 541 -12.57 27.62 16.48
C ARG B 541 -11.61 27.73 15.32
N VAL B 542 -11.23 26.55 14.81
CA VAL B 542 -10.19 26.42 13.78
C VAL B 542 -10.81 25.95 12.47
N LYS B 543 -10.74 26.77 11.41
CA LYS B 543 -11.19 26.38 10.07
C LYS B 543 -10.02 26.20 9.09
N MET B 544 -9.88 25.00 8.54
CA MET B 544 -8.86 24.68 7.57
C MET B 544 -9.45 24.74 6.15
N ALA B 545 -8.58 24.94 5.17
CA ALA B 545 -8.96 24.78 3.79
C ALA B 545 -7.80 24.31 2.89
N SER B 546 -8.15 23.48 1.91
CA SER B 546 -7.22 23.19 0.82
C SER B 546 -7.66 24.11 -0.32
N TYR B 547 -6.71 24.55 -1.16
CA TYR B 547 -7.05 25.46 -2.27
C TYR B 547 -6.27 25.06 -3.49
N SER B 548 -6.77 25.44 -4.67
CA SER B 548 -6.10 25.09 -5.92
C SER B 548 -5.04 26.12 -6.27
N VAL B 549 -3.97 25.68 -6.93
CA VAL B 549 -2.96 26.61 -7.48
C VAL B 549 -2.73 26.30 -8.97
N GLN B 550 -3.62 25.49 -9.54
CA GLN B 550 -3.45 24.82 -10.82
C GLN B 550 -4.58 25.20 -11.73
N ALA C 12 21.11 25.91 8.85
CA ALA C 12 21.91 24.71 8.41
C ALA C 12 22.87 24.17 9.49
N PRO C 13 22.86 22.84 9.72
CA PRO C 13 23.76 22.25 10.68
C PRO C 13 25.17 22.33 10.13
N LEU C 14 26.14 22.33 11.06
CA LEU C 14 27.55 22.23 10.79
C LEU C 14 27.91 21.04 9.94
N PRO C 15 28.80 21.25 8.98
CA PRO C 15 29.48 20.06 8.46
C PRO C 15 30.16 19.14 9.51
N GLU C 16 30.16 17.82 9.29
CA GLU C 16 30.84 16.93 10.22
C GLU C 16 31.26 15.69 9.54
N LEU C 17 32.40 15.14 9.97
CA LEU C 17 32.84 13.85 9.42
C LEU C 17 32.25 12.80 10.32
N LEU C 18 31.31 12.02 9.78
CA LEU C 18 30.73 10.85 10.48
C LEU C 18 31.54 9.57 10.19
N SER C 19 31.78 8.75 11.21
CA SER C 19 32.37 7.41 11.03
C SER C 19 31.55 6.36 11.77
N ASN C 20 31.20 5.29 11.07
CA ASN C 20 30.44 4.20 11.67
C ASN C 20 30.54 2.89 10.86
N ASN C 21 30.84 1.80 11.57
CA ASN C 21 30.79 0.44 11.02
C ASN C 21 31.79 0.26 9.85
N GLY C 22 32.99 0.80 10.02
CA GLY C 22 34.04 0.77 8.96
C GLY C 22 33.90 1.74 7.80
N LYS C 23 32.94 2.64 7.87
CA LYS C 23 32.53 3.48 6.78
C LYS C 23 32.41 4.91 7.28
N HIS C 24 32.21 5.83 6.35
CA HIS C 24 32.46 7.26 6.64
C HIS C 24 31.61 8.16 5.76
N ALA C 25 31.35 9.38 6.20
CA ALA C 25 30.72 10.36 5.33
C ALA C 25 31.08 11.77 5.77
N LEU C 26 31.38 12.65 4.79
CA LEU C 26 31.39 14.09 5.03
C LEU C 26 29.95 14.60 4.97
N MET C 27 29.39 14.97 6.13
CA MET C 27 28.08 15.60 6.09
C MET C 27 28.22 17.08 5.77
N VAL C 28 27.47 17.52 4.77
CA VAL C 28 27.29 18.96 4.45
C VAL C 28 25.75 19.25 4.39
N ASP C 29 25.28 20.20 5.24
CA ASP C 29 23.90 20.65 5.19
C ASP C 29 23.04 19.45 5.52
N GLY C 30 23.53 18.64 6.44
CA GLY C 30 22.75 17.53 6.97
C GLY C 30 22.68 16.25 6.17
N ALA C 31 23.54 16.07 5.16
CA ALA C 31 23.57 14.80 4.41
C ALA C 31 24.93 14.51 3.83
N PRO C 32 25.22 13.21 3.53
CA PRO C 32 26.53 12.97 2.88
C PRO C 32 26.80 13.85 1.65
N TYR C 33 28.09 14.13 1.43
CA TYR C 33 28.50 15.03 0.39
C TYR C 33 29.80 14.46 -0.16
N ILE C 34 30.01 14.65 -1.47
CA ILE C 34 31.32 14.34 -2.06
C ILE C 34 31.98 15.60 -2.55
N ILE C 35 33.28 15.78 -2.19
CA ILE C 35 34.08 16.90 -2.72
C ILE C 35 34.62 16.55 -4.13
N LEU C 36 34.01 17.16 -5.12
CA LEU C 36 34.52 17.06 -6.49
C LEU C 36 35.29 18.39 -6.66
N GLY C 37 36.56 18.36 -6.32
CA GLY C 37 37.22 19.59 -5.98
C GLY C 37 38.15 20.14 -7.06
N SER C 38 38.59 21.38 -6.84
CA SER C 38 39.73 21.98 -7.61
C SER C 38 40.58 22.61 -6.51
N GLN C 39 41.88 22.53 -6.64
CA GLN C 39 42.76 23.23 -5.78
C GLN C 39 43.57 24.25 -6.58
N THR C 40 43.76 25.42 -5.98
CA THR C 40 44.55 26.45 -6.67
C THR C 40 46.05 26.16 -6.65
N ASN C 41 46.86 26.79 -7.54
CA ASN C 41 48.32 27.01 -7.24
C ASN C 41 48.54 27.77 -5.93
N ASN C 42 49.77 27.68 -5.42
CA ASN C 42 50.11 28.17 -4.07
C ASN C 42 50.11 29.69 -3.91
N SER C 43 50.04 30.41 -5.02
CA SER C 43 50.15 31.88 -4.91
C SER C 43 48.88 32.63 -5.37
N SER C 44 47.75 31.94 -5.23
CA SER C 44 46.42 32.35 -5.75
C SER C 44 45.52 32.92 -4.69
N ASN C 45 46.05 33.01 -3.45
CA ASN C 45 45.32 33.34 -2.20
C ASN C 45 45.26 34.85 -2.01
N TYR C 46 44.92 35.58 -3.10
CA TYR C 46 44.79 37.06 -3.00
C TYR C 46 43.60 37.43 -3.86
N PRO C 47 42.96 38.55 -3.55
CA PRO C 47 41.77 39.04 -4.27
C PRO C 47 41.93 39.16 -5.77
N ASP C 48 43.07 39.69 -6.23
CA ASP C 48 43.41 39.84 -7.59
C ASP C 48 43.55 38.56 -8.40
N ALA C 49 43.88 37.48 -7.69
CA ALA C 49 44.14 36.22 -8.34
C ALA C 49 42.84 35.43 -8.51
N LEU C 50 41.77 35.78 -7.77
CA LEU C 50 40.54 34.98 -7.91
C LEU C 50 39.95 34.96 -9.34
N LYS C 51 40.11 36.02 -10.12
N LYS C 51 40.08 36.00 -10.14
CA LYS C 51 39.57 36.07 -11.50
CA LYS C 51 39.46 35.96 -11.50
C LYS C 51 40.18 34.99 -12.39
C LYS C 51 40.18 34.98 -12.42
N ASP C 52 41.40 34.57 -12.04
CA ASP C 52 42.10 33.46 -12.68
C ASP C 52 41.84 32.05 -12.12
N VAL C 53 41.03 32.02 -11.06
CA VAL C 53 40.60 30.74 -10.42
C VAL C 53 39.21 30.26 -10.84
N TRP C 54 38.22 31.16 -10.81
CA TRP C 54 36.83 30.78 -10.95
C TRP C 54 36.52 30.18 -12.32
N PRO C 55 37.02 30.76 -13.44
CA PRO C 55 36.66 30.17 -14.74
C PRO C 55 37.05 28.68 -14.84
N SER C 56 38.22 28.32 -14.32
CA SER C 56 38.57 26.85 -14.31
C SER C 56 37.62 26.02 -13.52
N MET C 57 37.21 26.50 -12.39
CA MET C 57 36.32 25.73 -11.54
C MET C 57 35.00 25.51 -12.31
N GLU C 58 34.57 26.53 -13.04
CA GLU C 58 33.31 26.42 -13.79
C GLU C 58 33.50 25.44 -14.94
N LYS C 59 34.60 25.55 -15.70
CA LYS C 59 34.86 24.59 -16.77
C LYS C 59 34.98 23.14 -16.26
N MET C 60 35.54 23.00 -15.06
CA MET C 60 35.72 21.68 -14.46
C MET C 60 34.44 21.10 -13.89
N GLY C 61 33.47 21.94 -13.53
CA GLY C 61 32.25 21.48 -12.79
C GLY C 61 32.57 21.07 -11.40
N ALA C 62 33.60 21.65 -10.76
CA ALA C 62 33.89 21.33 -9.36
C ALA C 62 32.86 21.98 -8.39
N ASN C 63 32.51 21.30 -7.31
CA ASN C 63 31.59 21.85 -6.31
C ASN C 63 32.29 22.53 -5.15
N THR C 64 33.62 22.38 -5.05
CA THR C 64 34.41 22.71 -3.86
C THR C 64 35.80 23.20 -4.27
N LEU C 65 36.17 24.39 -3.78
CA LEU C 65 37.51 24.89 -4.01
C LEU C 65 38.36 24.77 -2.77
N SER C 66 39.56 24.24 -2.95
CA SER C 66 40.59 24.24 -1.90
C SER C 66 41.58 25.36 -2.23
N ILE C 67 41.79 26.25 -1.25
CA ILE C 67 42.59 27.45 -1.50
C ILE C 67 43.30 27.84 -0.22
N PRO C 68 44.58 28.29 -0.29
CA PRO C 68 45.26 28.65 0.98
C PRO C 68 44.66 29.89 1.65
N VAL C 69 44.77 29.87 2.95
CA VAL C 69 44.79 31.07 3.77
C VAL C 69 46.05 30.99 4.57
N ALA C 70 46.90 31.98 4.35
CA ALA C 70 48.27 32.04 4.90
C ALA C 70 48.36 32.84 6.18
N TRP C 71 49.06 32.30 7.16
CA TRP C 71 49.32 33.03 8.42
C TRP C 71 49.92 34.41 8.09
N GLU C 72 50.87 34.51 7.15
CA GLU C 72 51.51 35.79 6.83
C GLU C 72 50.51 36.78 6.40
N GLN C 73 49.50 36.38 5.66
CA GLN C 73 48.50 37.35 5.17
C GLN C 73 47.49 37.82 6.21
N ILE C 74 47.05 36.93 7.08
CA ILE C 74 46.03 37.32 8.11
C ILE C 74 46.69 38.03 9.32
N GLU C 75 47.98 37.81 9.62
CA GLU C 75 48.68 38.42 10.80
C GLU C 75 50.07 38.92 10.42
N PRO C 76 50.08 39.89 9.48
CA PRO C 76 51.34 40.38 8.88
C PRO C 76 52.25 41.07 9.92
N VAL C 77 51.65 41.75 10.87
CA VAL C 77 52.29 42.21 12.06
C VAL C 77 51.57 41.60 13.25
N GLU C 78 52.35 41.33 14.29
CA GLU C 78 51.81 40.58 15.43
C GLU C 78 50.63 41.34 16.09
N GLY C 79 49.52 40.61 16.24
CA GLY C 79 48.27 41.10 16.75
C GLY C 79 47.41 41.98 15.87
N GLN C 80 47.86 42.22 14.63
CA GLN C 80 47.21 43.12 13.69
C GLN C 80 46.61 42.23 12.60
N PHE C 81 45.36 41.82 12.76
CA PHE C 81 44.81 40.83 11.84
C PHE C 81 44.13 41.45 10.63
N ASP C 82 44.07 40.69 9.54
CA ASP C 82 43.61 41.17 8.25
C ASP C 82 42.82 40.07 7.59
N PHE C 83 41.49 40.13 7.58
CA PHE C 83 40.75 39.08 6.87
C PHE C 83 40.19 39.58 5.57
N SER C 84 40.81 40.60 4.96
CA SER C 84 40.26 41.10 3.73
C SER C 84 40.18 40.05 2.59
N PHE C 85 41.17 39.16 2.51
CA PHE C 85 41.15 38.02 1.49
C PHE C 85 39.99 37.10 1.82
N VAL C 86 39.84 36.71 3.08
CA VAL C 86 38.75 35.78 3.45
C VAL C 86 37.36 36.33 3.17
N ASP C 87 37.13 37.61 3.48
CA ASP C 87 35.91 38.33 3.07
C ASP C 87 35.59 38.15 1.58
N VAL C 88 36.55 38.53 0.72
CA VAL C 88 36.31 38.52 -0.72
C VAL C 88 36.10 37.07 -1.18
N LEU C 89 36.91 36.17 -0.66
CA LEU C 89 36.83 34.75 -1.07
C LEU C 89 35.45 34.19 -0.76
N LEU C 90 34.93 34.49 0.44
CA LEU C 90 33.60 34.00 0.87
C LEU C 90 32.52 34.51 -0.07
N LYS C 91 32.51 35.83 -0.30
CA LYS C 91 31.49 36.44 -1.13
C LYS C 91 31.49 35.86 -2.52
N GLU C 92 32.68 35.71 -3.09
CA GLU C 92 32.80 35.33 -4.48
C GLU C 92 32.49 33.86 -4.65
N ALA C 93 32.81 33.02 -3.63
CA ALA C 93 32.45 31.59 -3.65
C ALA C 93 30.91 31.52 -3.70
N ARG C 94 30.31 32.31 -2.82
CA ARG C 94 28.85 32.33 -2.66
C ARG C 94 28.16 32.77 -3.92
N GLN C 95 28.71 33.77 -4.63
CA GLN C 95 28.17 34.18 -5.96
C GLN C 95 28.12 32.99 -6.94
N ARG C 96 29.17 32.18 -6.91
CA ARG C 96 29.26 31.02 -7.81
C ARG C 96 28.65 29.74 -7.26
N LYS C 97 28.04 29.80 -6.08
CA LYS C 97 27.40 28.64 -5.47
C LYS C 97 28.35 27.42 -5.44
N VAL C 98 29.56 27.66 -4.92
CA VAL C 98 30.53 26.60 -4.61
C VAL C 98 30.95 26.69 -3.14
N ARG C 99 31.46 25.58 -2.64
CA ARG C 99 31.97 25.51 -1.32
C ARG C 99 33.45 25.60 -1.29
N LEU C 100 33.92 25.79 -0.06
CA LEU C 100 35.42 25.95 0.21
C LEU C 100 35.99 25.03 1.23
N VAL C 101 37.21 24.56 0.99
CA VAL C 101 38.15 24.03 1.92
C VAL C 101 39.31 25.01 2.07
N LEU C 102 39.45 25.61 3.26
CA LEU C 102 40.55 26.54 3.45
C LEU C 102 41.79 25.75 3.90
N LEU C 103 42.94 26.10 3.30
CA LEU C 103 44.19 25.48 3.68
C LEU C 103 45.08 26.35 4.54
N TRP C 104 45.28 26.03 5.79
CA TRP C 104 45.90 26.90 6.78
C TRP C 104 47.40 26.70 6.60
N PHE C 105 48.04 27.63 5.89
CA PHE C 105 49.49 27.57 5.63
C PHE C 105 50.17 28.38 6.74
N ALA C 106 50.86 27.73 7.65
CA ALA C 106 51.30 28.33 8.87
C ALA C 106 52.64 27.87 9.33
N THR C 107 52.75 27.07 10.41
CA THR C 107 53.98 26.54 10.91
C THR C 107 54.72 25.69 9.88
N TRP C 108 54.02 24.82 9.19
CA TRP C 108 54.55 24.01 8.05
C TRP C 108 53.67 24.19 6.79
N LYS C 109 54.35 24.49 5.69
CA LYS C 109 53.86 24.36 4.37
C LYS C 109 54.99 23.57 3.61
N ASN C 110 54.81 22.26 3.23
CA ASN C 110 55.84 21.47 2.65
C ASN C 110 57.14 21.59 3.48
N ASN C 111 57.01 21.31 4.78
CA ASN C 111 58.06 21.16 5.78
C ASN C 111 58.60 22.50 6.35
N ALA C 112 58.27 23.57 5.66
CA ALA C 112 58.87 24.91 5.88
C ALA C 112 57.94 25.95 6.39
N PRO C 113 58.54 27.04 6.97
CA PRO C 113 57.82 28.12 7.54
C PRO C 113 57.62 29.29 6.56
N HIS C 114 57.73 29.13 5.25
CA HIS C 114 57.66 30.30 4.32
C HIS C 114 56.39 31.15 4.37
N TYR C 115 55.28 30.51 4.75
CA TYR C 115 54.01 31.20 4.85
C TYR C 115 53.74 31.73 6.27
N ALA C 116 54.66 31.52 7.22
CA ALA C 116 54.54 32.19 8.53
C ALA C 116 54.90 33.67 8.32
N PRO C 117 54.33 34.60 9.15
CA PRO C 117 54.68 36.03 9.00
C PRO C 117 56.22 36.21 9.18
N ALA C 118 56.79 37.34 8.66
CA ALA C 118 58.21 37.60 8.85
C ALA C 118 58.64 37.62 10.31
N TRP C 119 57.77 38.17 11.16
CA TRP C 119 58.08 38.23 12.61
C TRP C 119 58.14 36.83 13.28
N VAL C 120 57.62 35.83 12.59
CA VAL C 120 57.82 34.43 13.00
C VAL C 120 59.01 33.82 12.32
N LYS C 121 59.02 33.76 10.97
CA LYS C 121 60.11 32.97 10.25
C LYS C 121 61.51 33.51 10.33
N LEU C 122 61.60 34.82 10.69
CA LEU C 122 62.94 35.44 10.81
C LEU C 122 63.42 35.49 12.27
N ASP C 123 62.65 34.96 13.23
CA ASP C 123 63.06 35.00 14.66
C ASP C 123 63.25 33.57 15.19
N ASN C 124 64.39 32.99 14.89
CA ASN C 124 64.70 31.65 15.35
C ASN C 124 64.79 31.50 16.84
N ALA C 125 65.29 32.51 17.54
CA ALA C 125 65.35 32.44 18.99
C ALA C 125 64.00 32.11 19.64
N ARG C 126 63.00 32.84 19.19
CA ARG C 126 61.64 32.76 19.68
C ARG C 126 60.91 31.57 19.08
N PHE C 127 61.10 31.32 17.79
CA PHE C 127 60.38 30.31 17.02
C PHE C 127 61.45 29.39 16.44
N PRO C 128 61.89 28.41 17.20
CA PRO C 128 63.06 27.63 16.77
C PRO C 128 62.92 26.53 15.69
N ARG C 129 63.98 26.34 14.87
CA ARG C 129 64.06 25.29 13.88
C ARG C 129 64.63 23.98 14.40
N VAL C 130 64.30 22.95 13.62
CA VAL C 130 64.90 21.66 13.70
C VAL C 130 66.42 21.74 13.57
N VAL C 131 67.12 21.22 14.59
CA VAL C 131 68.59 21.05 14.49
C VAL C 131 68.92 19.61 14.15
N LYS C 132 69.80 19.41 13.17
CA LYS C 132 70.28 18.05 12.74
C LYS C 132 71.20 17.45 13.78
N GLU C 133 71.42 16.14 13.69
CA GLU C 133 72.34 15.48 14.60
C GLU C 133 73.75 16.10 14.59
N ASP C 134 74.18 16.55 13.39
CA ASP C 134 75.51 17.20 13.17
C ASP C 134 75.62 18.65 13.66
N GLY C 135 74.54 19.18 14.16
CA GLY C 135 74.46 20.55 14.66
C GLY C 135 74.10 21.63 13.66
N ASP C 136 73.99 21.31 12.36
CA ASP C 136 73.49 22.30 11.36
C ASP C 136 71.96 22.43 11.53
N THR C 137 71.43 23.53 10.97
CA THR C 137 70.01 23.88 11.17
C THR C 137 69.28 23.75 9.87
N LEU C 138 68.07 23.20 9.93
CA LEU C 138 67.20 23.05 8.76
C LEU C 138 66.09 24.10 8.81
N ASN C 139 65.56 24.49 7.66
CA ASN C 139 64.53 25.55 7.67
C ASN C 139 63.17 24.81 7.78
N SER C 140 63.03 24.15 8.95
CA SER C 140 61.81 23.45 9.27
C SER C 140 61.57 23.71 10.77
N LEU C 141 60.39 24.25 11.19
CA LEU C 141 60.21 24.67 12.61
C LEU C 141 59.98 23.49 13.52
N SER C 142 60.62 23.52 14.66
CA SER C 142 60.49 22.38 15.59
C SER C 142 59.09 22.34 16.19
N PRO C 143 58.47 21.11 16.23
CA PRO C 143 57.23 20.86 16.90
C PRO C 143 57.28 21.03 18.43
N LEU C 144 58.47 21.04 18.99
CA LEU C 144 58.68 21.36 20.40
C LEU C 144 58.93 22.84 20.74
N GLY C 145 58.79 23.76 19.77
CA GLY C 145 58.79 25.18 20.07
C GLY C 145 57.43 25.59 20.60
N GLN C 146 57.37 25.82 21.92
CA GLN C 146 56.11 26.20 22.58
C GLN C 146 55.59 27.62 22.18
N ASN C 147 56.50 28.56 21.87
CA ASN C 147 56.08 29.89 21.41
C ASN C 147 55.41 29.78 20.04
N THR C 148 55.97 28.89 19.21
CA THR C 148 55.49 28.67 17.83
C THR C 148 54.06 28.13 17.84
N LEU C 149 53.91 27.09 18.64
CA LEU C 149 52.59 26.49 18.88
C LEU C 149 51.60 27.51 19.41
N ALA C 150 51.99 28.29 20.41
CA ALA C 150 51.10 29.33 20.89
C ALA C 150 50.70 30.37 19.85
N ALA C 151 51.71 30.80 19.07
CA ALA C 151 51.44 31.82 18.08
C ALA C 151 50.51 31.32 16.93
N ASP C 152 50.78 30.09 16.48
CA ASP C 152 50.00 29.52 15.38
C ASP C 152 48.56 29.35 15.87
N LYS C 153 48.45 28.72 17.04
CA LYS C 153 47.15 28.58 17.67
C LYS C 153 46.37 29.89 17.71
N LYS C 154 46.99 30.92 18.23
CA LYS C 154 46.28 32.16 18.38
C LYS C 154 45.74 32.71 17.04
N ALA C 155 46.57 32.68 15.99
CA ALA C 155 46.08 33.13 14.69
C ALA C 155 44.99 32.25 14.08
N PHE C 156 45.17 30.96 14.24
CA PHE C 156 44.16 29.99 13.79
C PHE C 156 42.82 30.26 14.45
N VAL C 157 42.87 30.61 15.73
CA VAL C 157 41.64 30.90 16.50
C VAL C 157 40.96 32.14 15.89
N GLU C 158 41.73 33.19 15.57
CA GLU C 158 41.15 34.39 14.93
C GLU C 158 40.52 34.10 13.58
N LEU C 159 41.13 33.22 12.78
CA LEU C 159 40.56 32.79 11.56
C LEU C 159 39.23 32.10 11.81
N MET C 160 39.19 31.17 12.75
CA MET C 160 37.95 30.49 13.04
C MET C 160 36.89 31.41 13.62
N LYS C 161 37.33 32.43 14.36
CA LYS C 161 36.40 33.45 14.85
C LYS C 161 35.77 34.21 13.67
N TYR C 162 36.58 34.54 12.66
CA TYR C 162 36.07 35.17 11.47
C TYR C 162 35.03 34.31 10.84
N LEU C 163 35.31 33.02 10.66
CA LEU C 163 34.30 32.09 10.15
C LEU C 163 33.01 32.01 11.00
N ALA C 164 33.14 32.04 12.31
CA ALA C 164 31.94 31.92 13.19
C ALA C 164 31.08 33.15 13.00
N LYS C 165 31.72 34.29 12.83
CA LYS C 165 31.01 35.57 12.69
C LYS C 165 30.44 35.84 11.30
N ARG C 166 31.14 35.39 10.26
N ARG C 166 31.15 35.43 10.26
CA ARG C 166 30.88 35.80 8.90
CA ARG C 166 30.86 35.82 8.89
C ARG C 166 30.52 34.66 7.94
C ARG C 166 30.53 34.65 7.94
N ASP C 167 30.31 33.46 8.46
CA ASP C 167 30.05 32.28 7.59
C ASP C 167 29.04 31.34 8.24
N LYS C 168 27.90 31.94 8.57
CA LYS C 168 26.75 31.23 9.17
C LYS C 168 26.25 30.01 8.38
N ASP C 169 26.29 30.11 7.06
CA ASP C 169 25.83 29.05 6.16
C ASP C 169 26.95 28.08 5.78
N HIS C 170 28.15 28.22 6.36
CA HIS C 170 29.26 27.25 6.20
C HIS C 170 29.62 27.08 4.74
N THR C 171 29.76 28.21 4.08
CA THR C 171 30.44 28.16 2.80
C THR C 171 31.75 27.37 2.92
N VAL C 172 32.55 27.63 3.98
CA VAL C 172 33.69 26.82 4.31
C VAL C 172 33.25 25.58 4.99
N ILE C 173 33.43 24.43 4.32
CA ILE C 173 32.96 23.14 4.88
C ILE C 173 34.03 22.42 5.71
N MET C 174 35.32 22.69 5.46
CA MET C 174 36.40 21.94 6.10
C MET C 174 37.68 22.77 6.07
N VAL C 175 38.56 22.58 7.04
CA VAL C 175 39.86 23.25 7.08
C VAL C 175 41.02 22.26 7.24
N GLN C 176 42.03 22.42 6.41
CA GLN C 176 43.31 21.72 6.50
C GLN C 176 44.21 22.47 7.40
N VAL C 177 44.71 21.80 8.36
CA VAL C 177 45.54 22.39 9.41
C VAL C 177 46.98 22.11 9.02
N GLN C 178 47.71 23.18 8.65
CA GLN C 178 49.08 23.11 8.00
C GLN C 178 48.94 22.47 6.62
N ASN C 179 50.05 22.44 5.89
CA ASN C 179 50.09 21.80 4.64
C ASN C 179 51.34 20.94 4.56
N GLU C 180 51.24 19.63 4.38
CA GLU C 180 52.41 18.78 4.30
C GLU C 180 53.50 19.05 5.36
N VAL C 181 53.15 18.74 6.58
CA VAL C 181 54.02 18.79 7.72
C VAL C 181 55.19 17.79 7.64
N GLY C 182 56.18 18.03 8.47
CA GLY C 182 57.40 17.22 8.55
C GLY C 182 58.67 17.93 8.26
N THR C 183 59.72 17.14 8.11
CA THR C 183 61.03 17.61 7.90
C THR C 183 61.80 16.84 6.86
N TYR C 184 62.32 17.54 5.85
CA TYR C 184 63.25 16.93 4.88
C TYR C 184 64.67 17.15 5.38
N GLY C 185 65.53 16.14 5.24
CA GLY C 185 66.94 16.34 5.62
C GLY C 185 67.39 15.92 6.99
N ALA C 186 66.44 15.50 7.83
CA ALA C 186 66.70 14.94 9.15
C ALA C 186 65.42 14.18 9.60
N VAL C 187 65.59 13.27 10.54
CA VAL C 187 64.48 12.48 11.01
C VAL C 187 63.61 13.20 12.03
N ARG C 188 64.25 14.02 12.92
CA ARG C 188 63.61 14.70 13.96
C ARG C 188 64.42 15.95 14.34
N ASP C 189 63.95 16.65 15.38
CA ASP C 189 64.72 17.73 16.04
C ASP C 189 65.75 17.07 16.99
N TYR C 190 67.03 17.40 16.76
CA TYR C 190 68.14 16.98 17.66
C TYR C 190 68.66 18.10 18.55
N SER C 191 67.92 19.20 18.60
CA SER C 191 68.20 20.32 19.55
C SER C 191 68.29 19.85 20.99
N PRO C 192 69.13 20.51 21.80
CA PRO C 192 69.04 20.24 23.23
C PRO C 192 67.61 20.17 23.87
N MET C 193 66.73 21.08 23.49
CA MET C 193 65.34 21.12 23.86
C MET C 193 64.64 19.83 23.46
N ALA C 194 64.74 19.44 22.18
CA ALA C 194 64.12 18.19 21.71
C ALA C 194 64.71 16.98 22.36
N GLN C 195 66.03 16.96 22.50
CA GLN C 195 66.74 15.79 23.07
C GLN C 195 66.28 15.53 24.53
N ALA C 196 66.00 16.60 25.28
CA ALA C 196 65.45 16.47 26.64
C ALA C 196 64.13 15.73 26.68
N VAL C 197 63.29 15.97 25.69
CA VAL C 197 62.03 15.23 25.60
C VAL C 197 62.24 13.76 25.09
N PHE C 198 63.14 13.57 24.16
CA PHE C 198 63.45 12.26 23.60
C PHE C 198 64.03 11.28 24.64
N ASN C 199 64.91 11.82 25.46
CA ASN C 199 65.50 11.07 26.60
C ASN C 199 64.53 10.74 27.75
N ALA C 200 63.39 11.43 27.81
CA ALA C 200 62.35 11.32 28.86
C ALA C 200 61.33 10.22 28.52
N ALA C 201 60.48 9.88 29.47
CA ALA C 201 59.55 8.77 29.26
C ALA C 201 58.54 9.15 28.18
N VAL C 202 58.11 8.15 27.42
CA VAL C 202 57.04 8.36 26.45
C VAL C 202 55.79 8.69 27.22
N PRO C 203 55.02 9.73 26.80
CA PRO C 203 53.72 9.99 27.42
C PRO C 203 52.90 8.71 27.64
N ASP C 204 52.33 8.56 28.83
CA ASP C 204 51.48 7.44 29.21
C ASP C 204 50.34 7.25 28.23
N ASP C 205 49.75 8.36 27.77
CA ASP C 205 48.62 8.31 26.87
C ASP C 205 48.95 7.47 25.65
N LEU C 206 50.10 7.73 25.03
CA LEU C 206 50.50 6.97 23.82
C LEU C 206 50.80 5.49 24.16
N ILE C 207 51.50 5.26 25.28
CA ILE C 207 51.80 3.91 25.77
C ILE C 207 50.53 3.08 25.92
N GLN C 208 49.53 3.67 26.57
CA GLN C 208 48.25 2.97 26.84
C GLN C 208 47.45 2.73 25.56
N LYS C 209 47.39 3.72 24.66
CA LYS C 209 46.71 3.52 23.38
C LYS C 209 47.29 2.41 22.50
N LEU C 210 48.62 2.41 22.40
CA LEU C 210 49.38 1.41 21.65
C LEU C 210 49.60 0.14 22.43
N GLN C 211 49.31 0.15 23.73
CA GLN C 211 49.42 -1.03 24.60
C GLN C 211 50.85 -1.56 24.58
N LEU C 212 51.80 -0.68 24.91
CA LEU C 212 53.23 -0.96 24.91
C LEU C 212 53.72 -0.94 26.34
N LYS C 213 54.99 -1.30 26.56
CA LYS C 213 55.61 -1.21 27.88
C LYS C 213 56.19 0.19 28.07
N PRO C 214 55.96 0.80 29.26
CA PRO C 214 56.53 2.14 29.40
C PRO C 214 58.05 2.15 29.35
N GLY C 215 58.58 3.30 28.95
CA GLY C 215 60.01 3.46 28.84
C GLY C 215 60.25 4.77 28.12
N THR C 216 61.51 5.07 27.84
CA THR C 216 61.89 6.27 27.13
C THR C 216 61.75 6.01 25.67
N TRP C 217 61.72 7.08 24.88
CA TRP C 217 61.50 6.90 23.42
C TRP C 217 62.31 5.78 22.80
N SER C 218 63.64 5.78 23.02
CA SER C 218 64.55 4.76 22.50
C SER C 218 64.24 3.40 23.11
N GLN C 219 64.01 3.33 24.41
CA GLN C 219 63.56 2.04 25.02
C GLN C 219 62.30 1.41 24.38
N VAL C 220 61.29 2.25 24.12
CA VAL C 220 59.99 1.78 23.59
C VAL C 220 60.03 1.43 22.10
N PHE C 221 60.70 2.26 21.28
CA PHE C 221 60.59 2.12 19.81
C PHE C 221 61.86 1.73 19.00
N GLY C 222 63.03 1.74 19.65
CA GLY C 222 64.28 1.23 19.06
C GLY C 222 64.66 1.95 17.77
N ARG C 223 64.93 1.16 16.73
CA ARG C 223 65.12 1.64 15.35
C ARG C 223 64.14 2.73 14.90
N ASP C 224 62.93 2.80 15.44
CA ASP C 224 61.89 3.78 14.97
C ASP C 224 61.72 4.97 15.92
N ALA C 225 62.52 5.05 16.98
CA ALA C 225 62.29 6.06 17.98
C ALA C 225 62.39 7.49 17.42
N ASP C 226 63.35 7.75 16.56
CA ASP C 226 63.56 9.14 16.10
C ASP C 226 62.37 9.58 15.22
N GLU C 227 61.95 8.72 14.32
CA GLU C 227 60.87 9.08 13.39
C GLU C 227 59.52 9.12 14.10
N PHE C 228 59.25 8.14 14.97
CA PHE C 228 57.98 8.12 15.73
C PHE C 228 57.87 9.31 16.68
N PHE C 229 59.03 9.74 17.20
CA PHE C 229 59.10 10.92 18.06
C PHE C 229 58.66 12.21 17.29
N HIS C 230 59.27 12.41 16.13
CA HIS C 230 58.93 13.52 15.31
C HIS C 230 57.46 13.50 14.90
N ALA C 231 56.94 12.33 14.46
CA ALA C 231 55.51 12.20 14.15
C ALA C 231 54.64 12.53 15.36
N TYR C 232 55.03 12.01 16.55
CA TYR C 232 54.23 12.24 17.73
C TYR C 232 54.18 13.70 18.08
N GLN C 233 55.34 14.37 18.01
CA GLN C 233 55.40 15.80 18.38
C GLN C 233 54.65 16.71 17.38
N ILE C 234 54.80 16.40 16.08
CA ILE C 234 54.06 17.09 15.03
C ILE C 234 52.54 16.87 15.19
N ALA C 235 52.11 15.60 15.42
CA ALA C 235 50.72 15.28 15.59
C ALA C 235 50.10 16.01 16.77
N ARG C 236 50.77 15.96 17.92
CA ARG C 236 50.38 16.76 19.07
C ARG C 236 50.12 18.23 18.78
N TYR C 237 51.05 18.81 18.07
CA TYR C 237 50.98 20.25 17.71
C TYR C 237 49.81 20.57 16.85
N CYS C 238 49.63 19.80 15.78
CA CYS C 238 48.49 19.89 14.89
C CYS C 238 47.17 19.65 15.63
N ASP C 239 47.18 18.69 16.58
CA ASP C 239 46.00 18.42 17.43
C ASP C 239 45.63 19.61 18.29
N GLU C 240 46.61 20.18 19.01
CA GLU C 240 46.34 21.36 19.81
C GLU C 240 45.79 22.53 18.96
N VAL C 241 46.35 22.72 17.77
CA VAL C 241 45.88 23.81 16.88
C VAL C 241 44.42 23.55 16.50
N THR C 242 44.15 22.32 16.11
CA THR C 242 42.81 21.87 15.75
C THR C 242 41.79 22.04 16.87
N VAL C 243 42.13 21.58 18.06
CA VAL C 243 41.24 21.71 19.22
C VAL C 243 40.83 23.15 19.46
N ALA C 244 41.83 24.05 19.43
CA ALA C 244 41.63 25.47 19.65
C ALA C 244 40.69 26.08 18.64
N GLY C 245 40.89 25.76 17.34
CA GLY C 245 40.01 26.29 16.31
C GLY C 245 38.60 25.71 16.41
N LYS C 246 38.51 24.41 16.75
CA LYS C 246 37.20 23.75 16.75
C LYS C 246 36.38 24.23 17.95
N ALA C 247 37.07 24.63 19.02
CA ALA C 247 36.35 25.25 20.13
C ALA C 247 35.59 26.52 19.68
N ILE C 248 36.06 27.19 18.65
CA ILE C 248 35.37 28.36 18.15
C ILE C 248 34.25 27.96 17.17
N LYS C 249 34.60 27.09 16.22
CA LYS C 249 33.64 26.61 15.23
C LYS C 249 34.06 25.23 14.85
N ASN C 250 33.20 24.27 15.12
CA ASN C 250 33.58 22.84 15.08
C ASN C 250 33.48 22.21 13.69
N LEU C 251 34.17 22.82 12.70
CA LEU C 251 34.25 22.26 11.37
C LEU C 251 35.18 21.05 11.40
N PRO C 252 34.97 20.09 10.46
CA PRO C 252 35.95 19.08 10.15
C PRO C 252 37.27 19.64 9.75
N MET C 253 38.30 19.06 10.34
CA MET C 253 39.68 19.44 10.06
C MET C 253 40.54 18.25 9.79
N TYR C 254 41.53 18.44 8.92
CA TYR C 254 42.34 17.28 8.47
C TYR C 254 43.78 17.76 8.19
N VAL C 255 44.61 16.77 7.97
CA VAL C 255 46.02 16.96 7.62
C VAL C 255 46.29 16.23 6.33
N ASN C 256 47.20 16.76 5.50
CA ASN C 256 47.52 16.21 4.19
C ASN C 256 49.02 15.78 4.10
N VAL C 257 49.28 14.60 3.60
CA VAL C 257 50.54 13.97 3.77
C VAL C 257 51.41 13.97 2.48
N ALA C 258 52.66 14.43 2.65
CA ALA C 258 53.69 14.34 1.62
C ALA C 258 54.03 12.85 1.70
N LEU C 259 53.49 12.11 0.77
CA LEU C 259 53.65 10.65 0.91
C LEU C 259 55.06 10.13 0.68
N ARG C 260 55.43 9.05 1.40
CA ARG C 260 56.55 8.22 0.97
C ARG C 260 56.04 7.14 -0.04
N ASN C 261 56.93 6.68 -0.91
CA ASN C 261 56.61 5.58 -1.83
C ASN C 261 56.29 4.38 -0.98
N PRO C 262 55.14 3.71 -1.18
CA PRO C 262 54.79 2.66 -0.27
C PRO C 262 55.58 1.36 -0.51
N PHE C 263 56.15 1.23 -1.69
CA PHE C 263 56.92 0.02 -2.15
C PHE C 263 58.43 0.19 -1.93
N ASN C 264 58.90 1.44 -1.79
CA ASN C 264 60.33 1.71 -1.82
C ASN C 264 60.57 3.09 -1.18
N PRO C 265 60.23 3.22 0.11
CA PRO C 265 60.10 4.58 0.72
C PRO C 265 61.42 5.34 0.83
N GLY C 266 62.53 4.62 0.94
CA GLY C 266 63.73 5.15 1.47
C GLY C 266 63.59 5.54 2.93
N LEU C 267 64.49 6.42 3.38
CA LEU C 267 64.64 6.76 4.75
C LEU C 267 63.84 8.02 5.08
N PRO C 268 63.34 8.12 6.33
CA PRO C 268 62.74 9.37 6.78
C PRO C 268 63.81 10.46 6.69
N GLY C 269 63.36 11.63 6.25
CA GLY C 269 64.25 12.69 5.86
C GLY C 269 64.58 12.77 4.37
N GLN C 270 64.63 11.63 3.66
CA GLN C 270 64.43 11.64 2.20
C GLN C 270 63.01 11.99 1.82
N TYR C 271 62.10 11.24 2.42
CA TYR C 271 60.74 11.70 2.47
C TYR C 271 60.58 12.63 3.69
N SER C 272 59.39 13.19 3.80
CA SER C 272 59.13 14.20 4.80
C SER C 272 58.87 13.49 6.14
N SER C 273 59.88 13.45 6.99
CA SER C 273 59.77 12.76 8.30
C SER C 273 58.76 13.43 9.20
N GLY C 274 57.92 12.64 9.84
CA GLY C 274 56.96 13.13 10.86
C GLY C 274 55.56 13.34 10.36
N GLY C 275 55.40 13.45 9.04
CA GLY C 275 54.08 13.55 8.45
C GLY C 275 53.32 12.24 8.64
N GLY C 276 52.04 12.20 8.25
CA GLY C 276 51.31 10.94 8.39
C GLY C 276 51.59 9.86 7.38
N THR C 277 52.83 9.39 7.27
CA THR C 277 53.20 8.40 6.25
C THR C 277 52.70 7.09 6.75
N ASP C 278 52.68 6.10 5.86
CA ASP C 278 51.88 4.87 6.13
C ASP C 278 52.40 4.19 7.35
N ASN C 279 53.70 4.30 7.62
CA ASN C 279 54.29 3.67 8.79
C ASN C 279 54.00 4.30 10.18
N VAL C 280 53.49 5.54 10.21
CA VAL C 280 53.27 6.31 11.43
C VAL C 280 51.78 6.66 11.64
N LEU C 281 50.87 6.11 10.83
CA LEU C 281 49.45 6.35 10.98
C LEU C 281 48.98 5.98 12.36
N HIS C 282 49.53 4.92 12.92
CA HIS C 282 49.16 4.52 14.26
C HIS C 282 49.55 5.52 15.32
N ILE C 283 50.71 6.11 15.15
CA ILE C 283 51.16 7.21 16.03
C ILE C 283 50.22 8.42 15.90
N TRP C 284 50.01 8.87 14.65
CA TRP C 284 49.16 10.02 14.39
C TRP C 284 47.71 9.84 14.93
N LYS C 285 47.11 8.64 14.79
CA LYS C 285 45.74 8.43 15.27
C LYS C 285 45.64 8.42 16.82
N ALA C 286 46.67 7.85 17.43
CA ALA C 286 46.84 7.87 18.88
C ALA C 286 47.05 9.28 19.46
N ALA C 287 47.93 10.05 18.84
CA ALA C 287 48.31 11.35 19.33
C ALA C 287 47.32 12.49 19.04
N ALA C 288 46.55 12.40 17.96
CA ALA C 288 45.78 13.54 17.49
C ALA C 288 44.33 13.05 17.27
N PRO C 289 43.66 12.68 18.39
CA PRO C 289 42.29 12.23 18.24
C PRO C 289 41.29 13.27 17.75
N ASN C 290 41.67 14.57 17.69
CA ASN C 290 40.75 15.60 17.26
C ASN C 290 40.84 15.93 15.78
N ILE C 291 41.88 15.38 15.12
CA ILE C 291 42.05 15.57 13.68
C ILE C 291 41.11 14.52 13.06
N ASP C 292 40.24 14.95 12.16
CA ASP C 292 39.19 14.07 11.62
C ASP C 292 39.72 13.01 10.67
N LEU C 293 40.73 13.31 9.86
CA LEU C 293 41.32 12.30 8.94
C LEU C 293 42.67 12.76 8.47
N ILE C 294 43.37 11.81 7.91
CA ILE C 294 44.73 12.02 7.36
C ILE C 294 44.65 11.70 5.89
N ALA C 295 44.99 12.70 5.02
CA ALA C 295 44.69 12.66 3.59
C ALA C 295 45.95 12.46 2.78
N PRO C 296 45.88 11.57 1.82
CA PRO C 296 47.09 11.41 1.00
C PRO C 296 47.15 12.46 -0.11
N ASP C 297 48.36 13.00 -0.36
CA ASP C 297 48.63 13.86 -1.51
C ASP C 297 49.27 12.98 -2.58
N ILE C 298 48.62 12.77 -3.69
CA ILE C 298 49.00 11.77 -4.67
C ILE C 298 49.65 12.38 -5.94
N TYR C 299 50.97 12.22 -6.07
CA TYR C 299 51.63 12.55 -7.30
C TYR C 299 52.27 11.38 -8.05
N PHE C 300 52.16 10.15 -7.48
CA PHE C 300 52.43 9.00 -8.29
C PHE C 300 51.42 8.90 -9.42
N ARG C 301 51.86 8.52 -10.62
CA ARG C 301 51.01 8.45 -11.85
CA ARG C 301 50.98 8.43 -11.80
C ARG C 301 50.56 7.01 -12.13
N ASP C 302 51.36 6.06 -11.65
CA ASP C 302 51.21 4.60 -12.04
C ASP C 302 50.11 3.93 -11.21
N TYR C 303 49.25 3.22 -11.90
CA TYR C 303 48.08 2.59 -11.26
C TYR C 303 48.44 1.71 -10.04
N LYS C 304 49.50 0.91 -10.12
CA LYS C 304 49.90 0.04 -8.99
C LYS C 304 50.21 0.84 -7.69
N THR C 305 50.93 1.97 -7.80
CA THR C 305 51.37 2.70 -6.64
C THR C 305 50.15 3.48 -6.13
N VAL C 306 49.41 4.13 -7.04
CA VAL C 306 48.21 4.90 -6.62
C VAL C 306 47.27 3.98 -5.87
N SER C 307 47.01 2.81 -6.48
CA SER C 307 46.08 1.86 -5.85
C SER C 307 46.54 1.48 -4.45
N LYS C 308 47.84 1.25 -4.28
CA LYS C 308 48.39 0.89 -2.96
C LYS C 308 48.13 2.01 -1.94
N VAL C 309 48.39 3.25 -2.34
CA VAL C 309 48.14 4.41 -1.51
C VAL C 309 46.67 4.49 -1.08
N LEU C 310 45.75 4.35 -2.04
CA LEU C 310 44.34 4.39 -1.67
C LEU C 310 44.06 3.30 -0.63
N GLU C 311 44.67 2.16 -0.79
CA GLU C 311 44.44 1.01 0.15
C GLU C 311 44.94 1.31 1.55
N LEU C 312 46.17 1.79 1.67
CA LEU C 312 46.73 2.19 2.94
C LEU C 312 45.95 3.31 3.71
N TYR C 313 45.37 4.27 2.98
CA TYR C 313 44.73 5.43 3.64
C TYR C 313 43.23 5.24 3.84
N THR C 314 42.66 4.15 3.30
CA THR C 314 41.28 3.78 3.56
C THR C 314 41.26 2.74 4.70
N ARG C 315 40.79 3.21 5.86
CA ARG C 315 40.83 2.44 7.13
C ARG C 315 39.49 2.66 7.85
N PRO C 316 39.10 1.68 8.71
CA PRO C 316 37.97 1.89 9.59
C PRO C 316 38.10 3.16 10.39
N ASP C 317 39.33 3.52 10.76
CA ASP C 317 39.57 4.81 11.46
C ASP C 317 39.97 6.02 10.60
N ASN C 318 39.85 5.87 9.28
CA ASN C 318 40.34 6.96 8.38
C ASN C 318 39.56 7.05 7.10
N ALA C 319 38.74 8.08 7.03
CA ALA C 319 37.99 8.39 5.85
C ALA C 319 39.01 8.74 4.77
N LEU C 320 38.70 8.39 3.55
CA LEU C 320 39.56 8.68 2.37
C LEU C 320 39.19 10.02 1.73
N PHE C 321 40.19 10.92 1.69
CA PHE C 321 40.06 12.18 1.00
C PHE C 321 41.35 12.38 0.22
N VAL C 322 41.24 12.35 -1.09
CA VAL C 322 42.44 12.70 -1.95
C VAL C 322 42.59 14.23 -2.00
N ALA C 323 43.37 14.74 -1.07
CA ALA C 323 43.43 16.17 -0.82
C ALA C 323 44.22 16.90 -1.89
N GLU C 324 45.04 16.15 -2.59
CA GLU C 324 45.90 16.68 -3.68
C GLU C 324 46.11 15.56 -4.66
N ILE C 325 45.96 15.81 -5.92
CA ILE C 325 46.46 14.86 -6.91
C ILE C 325 46.86 15.64 -8.12
N GLY C 326 47.72 15.05 -8.92
CA GLY C 326 48.16 15.76 -10.14
C GLY C 326 47.06 16.07 -11.11
N ASN C 327 47.23 17.12 -11.92
CA ASN C 327 46.23 17.52 -12.91
C ASN C 327 46.55 17.12 -14.38
N ASP C 328 47.59 16.30 -14.58
CA ASP C 328 47.77 15.64 -15.87
C ASP C 328 46.76 14.52 -16.14
N GLN C 329 46.55 14.25 -17.42
CA GLN C 329 45.50 13.36 -17.91
C GLN C 329 45.41 11.99 -17.13
N PRO C 330 46.56 11.42 -16.86
CA PRO C 330 46.47 10.04 -16.25
C PRO C 330 45.77 9.99 -14.90
N PHE C 331 45.83 11.08 -14.17
CA PHE C 331 45.31 11.17 -12.85
C PHE C 331 43.79 11.20 -12.79
N ALA C 332 43.08 11.63 -13.86
CA ALA C 332 41.58 11.88 -13.80
C ALA C 332 40.82 10.58 -13.41
N ARG C 333 41.28 9.49 -13.98
CA ARG C 333 40.55 8.21 -13.70
C ARG C 333 40.66 7.73 -12.33
N TYR C 334 41.60 8.19 -11.52
CA TYR C 334 41.66 7.73 -10.12
C TYR C 334 40.48 8.30 -9.22
N LEU C 335 39.65 9.15 -9.82
CA LEU C 335 38.35 9.47 -9.22
C LEU C 335 37.57 8.19 -8.91
N PHE C 336 37.61 7.28 -9.86
CA PHE C 336 36.70 6.12 -9.72
C PHE C 336 37.04 5.22 -8.52
N PRO C 337 38.28 4.73 -8.42
CA PRO C 337 38.61 3.96 -7.22
C PRO C 337 38.53 4.79 -5.91
N THR C 338 38.84 6.06 -5.96
CA THR C 338 38.61 6.90 -4.84
C THR C 338 37.17 6.79 -4.31
N LEU C 339 36.24 7.05 -5.21
CA LEU C 339 34.79 7.00 -4.84
C LEU C 339 34.40 5.55 -4.47
N GLY C 340 34.97 4.57 -5.16
CA GLY C 340 34.67 3.15 -4.90
C GLY C 340 35.11 2.70 -3.55
N LYS C 341 36.17 3.31 -3.00
CA LYS C 341 36.65 3.00 -1.66
C LYS C 341 35.82 3.68 -0.57
N GLY C 342 34.76 4.42 -0.92
CA GLY C 342 33.98 5.23 -0.02
C GLY C 342 34.61 6.58 0.26
N GLY C 343 35.55 6.98 -0.60
CA GLY C 343 36.16 8.31 -0.35
C GLY C 343 35.19 9.47 -0.38
N ILE C 344 35.53 10.55 0.32
CA ILE C 344 34.67 11.67 0.50
C ILE C 344 35.01 12.80 -0.47
N GLY C 345 36.11 12.63 -1.19
CA GLY C 345 36.50 13.67 -2.14
C GLY C 345 37.81 13.51 -2.79
N PHE C 346 38.04 14.43 -3.71
CA PHE C 346 39.15 14.32 -4.71
C PHE C 346 39.48 15.76 -5.19
N SER C 347 40.75 16.16 -5.09
CA SER C 347 41.09 17.58 -5.27
C SER C 347 42.33 17.73 -6.17
N PRO C 348 42.11 17.79 -7.52
CA PRO C 348 43.31 18.01 -8.41
C PRO C 348 43.96 19.36 -8.10
N PHE C 349 45.27 19.40 -8.23
CA PHE C 349 46.05 20.58 -7.85
C PHE C 349 46.40 21.40 -9.07
N GLY C 350 46.41 22.70 -8.85
CA GLY C 350 46.89 23.63 -9.85
C GLY C 350 45.89 24.01 -10.92
N MET C 351 44.62 24.07 -10.56
CA MET C 351 43.59 24.31 -11.51
C MET C 351 43.31 25.78 -11.54
N ASP C 352 44.29 26.55 -11.97
CA ASP C 352 44.01 27.99 -12.21
C ASP C 352 44.92 28.45 -13.34
N ASP C 353 44.67 29.70 -13.77
CA ASP C 353 45.37 30.32 -14.92
C ASP C 353 46.38 31.38 -14.51
N THR C 354 47.01 31.17 -13.36
CA THR C 354 47.94 32.14 -12.77
C THR C 354 49.38 31.94 -13.32
N ASP C 355 49.53 31.25 -14.41
CA ASP C 355 50.79 31.15 -15.14
C ASP C 355 51.87 30.37 -14.39
N TYR C 356 51.49 29.16 -13.94
CA TYR C 356 52.39 28.32 -13.28
C TYR C 356 51.95 26.89 -13.60
N THR C 357 52.94 26.05 -13.92
N THR C 357 52.93 26.04 -13.87
CA THR C 357 52.70 24.60 -14.03
CA THR C 357 52.65 24.61 -13.95
C THR C 357 53.79 23.88 -13.24
C THR C 357 53.77 23.89 -13.23
N ASN C 358 53.44 22.89 -12.39
CA ASN C 358 54.42 22.14 -11.65
C ASN C 358 54.97 20.85 -12.42
N TYR C 359 54.62 20.72 -13.68
CA TYR C 359 55.29 19.76 -14.60
C TYR C 359 56.77 19.70 -14.24
N PRO C 360 57.38 18.54 -14.04
CA PRO C 360 56.90 17.22 -14.46
C PRO C 360 55.86 16.52 -13.58
N LEU C 361 55.44 17.13 -12.48
CA LEU C 361 54.41 16.58 -11.61
C LEU C 361 53.04 16.63 -12.27
N GLY C 362 52.59 17.82 -12.72
CA GLY C 362 51.27 17.96 -13.34
C GLY C 362 51.38 18.22 -14.79
N ALA C 363 50.32 18.75 -15.35
CA ALA C 363 50.26 18.94 -16.78
C ALA C 363 51.32 19.92 -17.33
N LYS C 364 51.88 19.55 -18.46
CA LYS C 364 52.78 20.40 -19.25
C LYS C 364 52.17 21.76 -19.62
N VAL C 365 50.98 21.71 -20.22
CA VAL C 365 50.22 22.92 -20.66
C VAL C 365 48.89 22.91 -19.94
N TYR C 366 48.59 23.99 -19.28
CA TYR C 366 47.33 24.18 -18.62
C TYR C 366 46.39 24.91 -19.58
N ASN C 367 45.51 24.15 -20.19
CA ASN C 367 44.52 24.73 -21.10
C ASN C 367 43.16 24.07 -20.91
N ASP C 368 42.18 24.42 -21.72
CA ASP C 368 40.80 23.86 -21.59
C ASP C 368 40.81 22.33 -21.69
N GLU C 369 41.71 21.78 -22.50
CA GLU C 369 41.87 20.30 -22.65
C GLU C 369 42.29 19.68 -21.34
N THR C 370 43.21 20.32 -20.60
CA THR C 370 43.71 19.81 -19.31
C THR C 370 42.49 19.71 -18.39
N ILE C 371 41.76 20.80 -18.31
CA ILE C 371 40.55 20.85 -17.44
C ILE C 371 39.50 19.85 -17.86
N GLU C 372 39.40 19.66 -19.16
CA GLU C 372 38.27 18.86 -19.77
C GLU C 372 38.44 17.38 -19.35
N GLN C 373 39.69 16.93 -19.14
CA GLN C 373 39.88 15.50 -18.69
C GLN C 373 39.18 15.28 -17.33
N PHE C 374 39.20 16.27 -16.46
CA PHE C 374 38.54 16.14 -15.15
C PHE C 374 37.06 16.43 -15.32
N ALA C 375 36.74 17.49 -16.07
CA ALA C 375 35.29 17.79 -16.32
C ALA C 375 34.47 16.53 -16.73
N GLN C 376 35.03 15.73 -17.61
CA GLN C 376 34.40 14.54 -18.14
C GLN C 376 34.07 13.53 -17.06
N VAL C 377 35.00 13.29 -16.15
CA VAL C 377 34.68 12.33 -15.09
C VAL C 377 33.75 13.00 -14.06
N TYR C 378 33.99 14.25 -13.72
CA TYR C 378 33.08 14.94 -12.77
C TYR C 378 31.63 14.94 -13.26
N ARG C 379 31.39 14.97 -14.54
CA ARG C 379 30.03 15.03 -15.08
C ARG C 379 29.29 13.71 -14.87
N LEU C 380 30.04 12.66 -14.67
CA LEU C 380 29.44 11.37 -14.23
C LEU C 380 28.88 11.42 -12.83
N VAL C 381 29.46 12.24 -11.95
CA VAL C 381 29.11 12.15 -10.52
C VAL C 381 28.21 13.28 -10.12
N ASN C 382 28.51 14.46 -10.60
CA ASN C 382 27.64 15.59 -10.21
C ASN C 382 26.12 15.38 -10.29
N PRO C 383 25.60 14.79 -11.39
CA PRO C 383 24.11 14.62 -11.46
C PRO C 383 23.50 13.68 -10.39
N MET C 384 24.32 12.88 -9.71
CA MET C 384 23.88 12.00 -8.61
C MET C 384 24.66 12.21 -7.33
N MET C 385 25.31 13.36 -7.13
CA MET C 385 26.30 13.46 -6.06
C MET C 385 25.74 13.07 -4.67
N ARG C 386 24.58 13.65 -4.30
CA ARG C 386 24.03 13.34 -2.99
C ARG C 386 23.62 11.85 -2.89
N GLU C 387 23.06 11.35 -3.98
CA GLU C 387 22.63 9.94 -3.93
C GLU C 387 23.77 8.97 -3.78
N TRP C 388 24.78 9.14 -4.65
CA TRP C 388 26.04 8.47 -4.50
C TRP C 388 26.62 8.59 -3.10
N ALA C 389 26.68 9.79 -2.56
CA ALA C 389 27.27 10.04 -1.25
C ALA C 389 26.57 9.20 -0.17
N ARG C 390 25.23 9.18 -0.26
CA ARG C 390 24.41 8.36 0.64
C ARG C 390 24.70 6.85 0.53
N LEU C 391 24.65 6.36 -0.68
CA LEU C 391 24.96 4.95 -0.96
C LEU C 391 26.33 4.54 -0.46
N SER C 392 27.30 5.43 -0.64
CA SER C 392 28.64 5.06 -0.24
C SER C 392 28.76 4.93 1.30
N TYR C 393 28.16 5.85 2.04
CA TYR C 393 28.18 5.76 3.51
C TYR C 393 27.34 4.57 4.05
N GLN C 394 26.13 4.43 3.52
CA GLN C 394 25.08 3.55 4.09
C GLN C 394 24.94 2.22 3.40
N GLY C 395 25.51 2.10 2.20
CA GLY C 395 25.41 0.87 1.43
C GLY C 395 26.69 0.35 0.78
N GLN C 396 26.49 -0.31 -0.36
CA GLN C 396 27.58 -0.96 -1.04
C GLN C 396 27.83 -0.10 -2.35
N VAL C 397 29.07 0.33 -2.44
CA VAL C 397 29.61 0.86 -3.66
C VAL C 397 30.92 0.20 -4.08
N TRP C 398 31.21 0.39 -5.36
CA TRP C 398 32.43 -0.12 -6.00
C TRP C 398 32.90 0.92 -7.00
N GLY C 399 34.21 0.84 -7.26
CA GLY C 399 34.75 1.66 -8.34
C GLY C 399 36.13 1.26 -8.77
N VAL C 400 36.40 1.33 -10.08
CA VAL C 400 37.64 0.88 -10.66
C VAL C 400 38.10 1.83 -11.69
N ALA C 401 39.41 1.82 -11.93
CA ALA C 401 39.99 2.57 -13.07
C ALA C 401 40.78 1.60 -13.94
N GLU C 402 41.09 2.06 -15.12
CA GLU C 402 41.77 1.27 -16.10
C GLU C 402 43.12 0.88 -15.55
N PRO C 403 43.39 -0.43 -15.40
CA PRO C 403 44.53 -0.85 -14.62
C PRO C 403 45.90 -0.95 -15.30
N LEU C 404 46.01 -0.59 -16.58
CA LEU C 404 47.31 -0.51 -17.29
C LEU C 404 47.51 0.94 -17.60
N ASP C 405 48.70 1.43 -17.27
CA ASP C 405 49.06 2.77 -17.66
C ASP C 405 49.34 2.81 -19.18
N SER C 406 49.39 4.02 -19.67
CA SER C 406 49.52 4.17 -21.13
C SER C 406 50.83 3.52 -21.58
N THR C 407 50.79 2.91 -22.75
CA THR C 407 51.97 2.24 -23.33
C THR C 407 53.11 3.24 -23.53
N THR C 408 54.28 2.90 -23.02
CA THR C 408 55.49 3.74 -23.15
C THR C 408 56.11 3.58 -24.53
N GLU C 409 57.04 4.47 -24.84
CA GLU C 409 57.84 4.40 -26.09
C GLU C 409 58.84 3.23 -26.05
N THR C 410 59.39 3.00 -24.85
CA THR C 410 60.16 1.79 -24.55
C THR C 410 59.34 0.54 -24.91
N GLN C 411 58.08 0.51 -24.50
CA GLN C 411 57.17 -0.59 -24.83
C GLN C 411 56.74 -0.64 -26.30
N LYS C 412 56.51 0.52 -26.94
CA LYS C 412 56.13 0.57 -28.36
C LYS C 412 57.23 0.01 -29.27
N ILE C 413 58.49 0.31 -28.92
CA ILE C 413 59.67 -0.13 -29.68
C ILE C 413 59.78 -1.64 -29.76
N TRP C 414 59.46 -2.33 -28.65
CA TRP C 414 59.38 -3.80 -28.61
C TRP C 414 57.94 -4.26 -28.76
N ASN C 415 57.34 -3.92 -29.90
CA ASN C 415 55.97 -4.31 -30.26
C ASN C 415 55.91 -4.64 -31.74
N THR C 419 58.26 -10.71 -32.35
CA THR C 419 57.78 -11.98 -32.90
C THR C 419 56.25 -12.02 -32.96
N PRO C 420 55.71 -12.75 -33.95
CA PRO C 420 54.30 -12.94 -34.28
C PRO C 420 53.56 -13.76 -33.22
N GLU C 421 54.22 -14.78 -32.66
CA GLU C 421 53.74 -15.47 -31.46
C GLU C 421 53.89 -14.63 -30.17
N GLU C 422 54.92 -13.79 -30.12
CA GLU C 422 55.12 -12.87 -28.98
C GLU C 422 54.06 -11.77 -28.94
N LYS C 423 53.75 -11.18 -30.09
CA LYS C 423 52.69 -10.15 -30.19
C LYS C 423 51.36 -10.69 -29.70
N GLU C 424 50.99 -11.87 -30.20
CA GLU C 424 49.79 -12.54 -29.77
C GLU C 424 49.75 -12.76 -28.26
N GLN C 425 50.85 -13.21 -27.65
CA GLN C 425 50.84 -13.55 -26.23
C GLN C 425 50.62 -12.27 -25.42
N HIS C 426 51.29 -11.21 -25.82
CA HIS C 426 51.23 -9.92 -25.13
C HIS C 426 49.83 -9.27 -25.20
N LYS C 427 49.20 -9.32 -26.36
CA LYS C 427 47.81 -8.86 -26.51
C LYS C 427 46.85 -9.63 -25.59
N LYS C 428 47.02 -10.94 -25.55
CA LYS C 428 46.29 -11.81 -24.60
C LYS C 428 46.51 -11.45 -23.13
N ASP C 429 47.77 -11.27 -22.75
CA ASP C 429 48.19 -10.85 -21.42
C ASP C 429 47.50 -9.53 -21.08
N ARG C 430 47.53 -8.61 -22.03
N ARG C 430 47.55 -8.61 -22.03
CA ARG C 430 46.96 -7.28 -21.82
CA ARG C 430 46.98 -7.28 -21.82
C ARG C 430 45.46 -7.27 -21.69
C ARG C 430 45.47 -7.33 -21.64
N ALA C 431 44.77 -8.08 -22.50
CA ALA C 431 43.31 -8.20 -22.40
C ALA C 431 42.89 -8.74 -21.02
N SER C 432 43.65 -9.71 -20.48
CA SER C 432 43.41 -10.26 -19.16
C SER C 432 43.60 -9.19 -18.06
N ALA C 433 44.72 -8.46 -18.16
CA ALA C 433 45.02 -7.35 -17.24
C ALA C 433 43.90 -6.25 -17.28
N LEU C 434 43.30 -6.05 -18.46
CA LEU C 434 42.28 -5.01 -18.71
C LEU C 434 40.82 -5.49 -18.50
N THR C 435 40.71 -6.64 -17.81
CA THR C 435 39.46 -7.20 -17.36
C THR C 435 39.41 -7.29 -15.87
N GLN C 436 38.45 -6.62 -15.26
CA GLN C 436 38.32 -6.58 -13.83
C GLN C 436 37.01 -7.22 -13.39
N GLN C 437 37.07 -7.97 -12.29
CA GLN C 437 35.87 -8.64 -11.68
C GLN C 437 35.46 -8.04 -10.38
N LEU C 438 34.17 -7.80 -10.19
CA LEU C 438 33.64 -7.15 -8.99
C LEU C 438 32.52 -8.07 -8.49
N ASP C 439 32.63 -8.48 -7.24
CA ASP C 439 31.66 -9.37 -6.57
C ASP C 439 30.61 -8.50 -5.98
N LEU C 440 29.45 -8.46 -6.62
CA LEU C 440 28.31 -7.64 -6.24
C LEU C 440 27.23 -8.36 -5.48
N GLY C 441 27.57 -9.53 -4.96
CA GLY C 441 26.65 -10.26 -4.12
C GLY C 441 26.10 -11.41 -4.89
N LEU C 442 24.82 -11.37 -5.34
CA LEU C 442 24.32 -12.40 -6.22
C LEU C 442 24.86 -12.30 -7.64
N TRP C 443 25.33 -11.11 -8.05
CA TRP C 443 25.77 -10.82 -9.41
C TRP C 443 27.21 -10.32 -9.34
N ASP C 444 27.97 -10.56 -10.41
CA ASP C 444 29.27 -9.92 -10.59
C ASP C 444 29.18 -8.99 -11.77
N ALA C 445 30.12 -8.04 -11.80
CA ALA C 445 30.34 -7.20 -13.00
C ALA C 445 31.72 -7.57 -13.50
N GLU C 446 31.87 -7.48 -14.80
CA GLU C 446 33.16 -7.60 -15.44
C GLU C 446 33.34 -6.29 -16.20
N VAL C 447 34.40 -5.57 -15.84
CA VAL C 447 34.72 -4.25 -16.47
C VAL C 447 35.91 -4.43 -17.37
N THR C 448 35.78 -3.92 -18.56
CA THR C 448 36.81 -4.09 -19.60
C THR C 448 37.02 -2.72 -20.28
N TYR C 449 38.23 -2.53 -20.82
CA TYR C 449 38.62 -1.21 -21.32
C TYR C 449 39.18 -1.24 -22.73
N GLY C 450 38.51 -0.48 -23.60
CA GLY C 450 39.11 -0.12 -24.87
C GLY C 450 38.77 -1.22 -25.86
N ARG C 451 37.51 -1.26 -26.19
CA ARG C 451 36.95 -2.17 -27.18
C ARG C 451 35.69 -1.51 -27.83
N PRO C 452 35.22 -2.03 -28.98
CA PRO C 452 34.03 -1.57 -29.63
C PRO C 452 32.79 -1.72 -28.72
N MET C 453 31.75 -1.09 -29.18
CA MET C 453 30.43 -1.02 -28.46
C MET C 453 29.57 -2.25 -28.87
N PHE C 454 30.13 -3.11 -29.72
CA PHE C 454 29.46 -4.18 -30.45
C PHE C 454 30.40 -5.43 -30.53
N TRP C 455 29.83 -6.62 -30.44
CA TRP C 455 30.64 -7.84 -30.46
C TRP C 455 31.62 -7.98 -29.30
N VAL C 456 32.42 -9.06 -29.31
CA VAL C 456 33.25 -9.44 -28.17
C VAL C 456 34.78 -9.46 -28.49
N THR C 457 35.24 -8.63 -29.40
CA THR C 457 36.68 -8.52 -29.57
C THR C 457 37.31 -8.16 -28.22
N PRO C 458 38.44 -8.83 -27.87
CA PRO C 458 39.07 -8.53 -26.60
C PRO C 458 39.47 -7.03 -26.40
N PRO C 459 39.42 -6.62 -25.15
CA PRO C 459 39.87 -5.24 -24.85
C PRO C 459 41.35 -5.05 -25.10
N GLU C 460 41.71 -3.84 -25.57
CA GLU C 460 43.12 -3.50 -25.82
C GLU C 460 43.58 -2.21 -25.12
N GLY C 461 42.71 -1.64 -24.32
CA GLY C 461 43.01 -0.43 -23.57
C GLY C 461 42.72 0.83 -24.35
N ASN C 462 42.36 1.89 -23.62
CA ASN C 462 42.27 3.23 -24.20
C ASN C 462 43.66 3.85 -24.36
N THR C 463 43.78 4.70 -25.37
CA THR C 463 45.03 5.45 -25.55
C THR C 463 44.67 6.94 -25.48
N PRO C 464 45.15 7.64 -24.42
CA PRO C 464 45.83 7.14 -23.21
C PRO C 464 44.90 6.37 -22.29
N ALA C 465 45.44 5.69 -21.30
CA ALA C 465 44.63 4.98 -20.30
C ALA C 465 43.73 6.02 -19.66
N ALA C 466 42.45 5.70 -19.48
CA ALA C 466 41.48 6.76 -19.12
C ALA C 466 40.18 6.27 -18.42
N GLY C 467 39.86 4.98 -18.59
CA GLY C 467 38.53 4.58 -18.18
C GLY C 467 38.37 4.15 -16.75
N GLY C 468 37.10 3.97 -16.45
CA GLY C 468 36.68 3.53 -15.13
C GLY C 468 35.21 3.34 -15.05
N ALA C 469 34.82 2.87 -13.86
CA ALA C 469 33.37 2.69 -13.55
C ALA C 469 33.02 2.87 -12.14
N LEU C 470 31.73 3.25 -11.94
CA LEU C 470 31.12 3.31 -10.63
C LEU C 470 29.94 2.39 -10.63
N ILE C 471 29.79 1.63 -9.49
CA ILE C 471 28.60 0.75 -9.26
C ILE C 471 28.11 0.93 -7.84
N ALA C 472 26.80 1.06 -7.64
CA ALA C 472 26.22 1.11 -6.29
C ALA C 472 25.09 0.09 -6.26
N GLN C 473 24.98 -0.66 -5.18
CA GLN C 473 23.92 -1.65 -5.03
C GLN C 473 22.68 -0.97 -4.48
N LEU C 474 21.59 -1.05 -5.22
CA LEU C 474 20.27 -0.57 -4.75
C LEU C 474 19.43 -1.65 -4.05
N ASP C 475 19.53 -2.87 -4.56
CA ASP C 475 18.82 -4.02 -3.94
C ASP C 475 19.53 -5.29 -4.37
N ASP C 476 18.95 -6.44 -4.02
CA ASP C 476 19.65 -7.65 -4.26
C ASP C 476 20.04 -7.92 -5.71
N ASN C 477 19.18 -7.45 -6.63
CA ASN C 477 19.32 -7.66 -8.04
C ASN C 477 19.36 -6.33 -8.81
N GLU C 478 19.62 -5.21 -8.13
CA GLU C 478 19.44 -3.91 -8.83
C GLU C 478 20.62 -3.02 -8.45
N TYR C 479 21.14 -2.34 -9.47
CA TYR C 479 22.41 -1.57 -9.30
C TYR C 479 22.32 -0.25 -10.09
N LEU C 480 22.99 0.75 -9.53
CA LEU C 480 23.25 2.00 -10.24
C LEU C 480 24.62 1.79 -10.86
N VAL C 481 24.74 2.19 -12.09
CA VAL C 481 26.03 2.08 -12.79
C VAL C 481 26.24 3.31 -13.68
N THR C 482 27.49 3.81 -13.67
CA THR C 482 27.85 4.78 -14.70
C THR C 482 29.31 4.52 -14.89
N ALA C 483 29.77 4.71 -16.13
CA ALA C 483 31.18 4.41 -16.44
C ALA C 483 31.68 5.24 -17.59
N TYR C 484 32.92 5.01 -17.94
CA TYR C 484 33.67 6.00 -18.76
C TYR C 484 34.69 5.18 -19.57
N LYS C 485 34.53 5.16 -20.88
CA LYS C 485 35.45 4.55 -21.86
C LYS C 485 35.72 3.12 -21.43
N ALA C 486 34.63 2.41 -21.25
CA ALA C 486 34.67 1.04 -20.72
C ALA C 486 33.39 0.30 -21.00
N ARG C 487 33.45 -1.01 -20.79
CA ARG C 487 32.30 -1.90 -20.94
C ARG C 487 32.08 -2.54 -19.59
N VAL C 488 30.82 -2.55 -19.17
CA VAL C 488 30.45 -3.24 -17.91
C VAL C 488 29.48 -4.35 -18.27
N GLU C 489 29.82 -5.59 -17.85
CA GLU C 489 28.98 -6.72 -18.13
C GLU C 489 28.60 -7.41 -16.82
N PHE C 490 27.33 -7.81 -16.75
CA PHE C 490 26.81 -8.49 -15.55
C PHE C 490 26.62 -9.96 -15.78
N LYS C 491 26.79 -10.73 -14.70
CA LYS C 491 26.68 -12.20 -14.75
C LYS C 491 26.37 -12.68 -13.35
N PRO C 492 25.79 -13.90 -13.20
CA PRO C 492 25.68 -14.44 -11.87
C PRO C 492 26.98 -14.56 -11.09
N SER C 493 26.93 -14.36 -9.78
CA SER C 493 28.13 -14.50 -8.93
C SER C 493 28.36 -15.96 -8.51
N GLN C 494 27.32 -16.76 -8.67
CA GLN C 494 27.36 -18.15 -8.28
C GLN C 494 26.55 -18.99 -9.24
N GLU C 495 26.79 -20.31 -9.19
CA GLU C 495 26.05 -21.26 -10.00
C GLU C 495 24.54 -21.08 -9.68
N LEU C 496 23.74 -21.10 -10.75
CA LEU C 496 22.28 -20.92 -10.75
C LEU C 496 21.47 -22.17 -10.54
N ALA C 497 22.17 -23.29 -10.42
CA ALA C 497 21.55 -24.63 -10.22
C ALA C 497 20.41 -24.87 -11.20
N GLY C 498 20.66 -24.56 -12.48
CA GLY C 498 19.67 -24.89 -13.57
C GLY C 498 18.83 -23.75 -14.11
N LYS C 499 18.86 -22.59 -13.45
CA LYS C 499 18.17 -21.43 -13.99
C LYS C 499 19.07 -20.78 -15.01
N LYS C 500 18.46 -19.96 -15.84
CA LYS C 500 19.16 -19.05 -16.74
CA LYS C 500 19.17 -19.07 -16.75
C LYS C 500 19.14 -17.67 -16.13
N PHE C 501 19.80 -16.74 -16.79
CA PHE C 501 19.72 -15.34 -16.34
C PHE C 501 19.73 -14.42 -17.55
N MET C 502 19.24 -13.24 -17.26
CA MET C 502 19.38 -12.10 -18.20
CA MET C 502 19.25 -12.10 -18.21
C MET C 502 19.26 -10.76 -17.47
N ILE C 503 19.53 -9.74 -18.25
CA ILE C 503 19.18 -8.36 -17.86
C ILE C 503 17.66 -8.31 -17.83
N GLU C 504 17.04 -7.92 -16.73
CA GLU C 504 15.64 -7.66 -16.76
C GLU C 504 15.33 -6.31 -17.40
N ARG C 505 16.10 -5.31 -17.00
N ARG C 505 15.99 -5.27 -16.93
CA ARG C 505 15.80 -3.97 -17.40
CA ARG C 505 15.75 -3.93 -17.44
C ARG C 505 16.97 -3.06 -17.11
C ARG C 505 16.93 -3.05 -17.11
N VAL C 506 17.34 -2.26 -18.11
CA VAL C 506 18.37 -1.21 -17.88
C VAL C 506 17.72 0.08 -18.25
N GLU C 507 17.64 0.96 -17.25
CA GLU C 507 17.08 2.34 -17.48
C GLU C 507 18.15 3.41 -17.39
N GLU C 508 18.19 4.29 -18.38
CA GLU C 508 19.01 5.52 -18.18
C GLU C 508 18.13 6.65 -17.63
N GLY C 509 18.67 7.43 -16.71
CA GLY C 509 17.83 8.43 -16.06
C GLY C 509 18.61 9.37 -15.20
N ARG C 510 17.90 10.02 -14.29
CA ARG C 510 18.57 10.98 -13.42
C ARG C 510 17.73 11.12 -12.17
N PHE C 511 18.33 11.70 -11.13
CA PHE C 511 17.55 12.05 -9.89
C PHE C 511 17.08 13.47 -9.94
N GLU C 512 15.78 13.68 -9.67
CA GLU C 512 15.22 15.01 -9.50
C GLU C 512 14.49 15.04 -8.14
N LYS C 513 14.92 15.96 -7.26
CA LYS C 513 14.44 15.98 -5.87
C LYS C 513 14.59 14.58 -5.22
N GLY C 514 15.72 13.92 -5.45
CA GLY C 514 15.93 12.58 -4.92
C GLY C 514 15.10 11.38 -5.45
N LYS C 515 14.31 11.59 -6.50
CA LYS C 515 13.46 10.59 -7.14
C LYS C 515 14.05 10.31 -8.53
N TRP C 516 14.10 9.03 -8.88
CA TRP C 516 14.57 8.53 -10.13
C TRP C 516 13.58 8.93 -11.21
N VAL C 517 14.12 9.56 -12.23
CA VAL C 517 13.39 9.94 -13.42
C VAL C 517 14.01 9.17 -14.60
N MET C 518 13.23 8.27 -15.24
CA MET C 518 13.68 7.47 -16.40
C MET C 518 13.59 8.34 -17.64
N GLU C 519 14.67 8.31 -18.42
CA GLU C 519 14.73 8.96 -19.69
C GLU C 519 14.47 7.96 -20.78
N ARG C 520 15.12 6.82 -20.69
CA ARG C 520 14.95 5.80 -21.73
C ARG C 520 15.37 4.46 -21.22
N VAL C 521 14.94 3.39 -21.89
CA VAL C 521 15.38 2.03 -21.59
C VAL C 521 16.50 1.64 -22.57
N TRP C 522 17.67 1.27 -22.03
CA TRP C 522 18.68 0.60 -22.86
C TRP C 522 18.33 -0.85 -23.19
N ASN C 523 18.41 -1.25 -24.45
CA ASN C 523 18.00 -2.65 -24.80
C ASN C 523 18.60 -2.96 -26.17
N GLY C 524 18.43 -4.18 -26.64
CA GLY C 524 18.89 -4.54 -27.95
C GLY C 524 20.41 -4.40 -28.02
N ASP C 525 20.90 -3.73 -29.09
CA ASP C 525 22.35 -3.54 -29.29
C ASP C 525 22.95 -2.95 -28.08
N GLN C 526 22.21 -2.03 -27.40
CA GLN C 526 22.77 -1.30 -26.22
C GLN C 526 23.08 -2.22 -24.98
N THR C 527 22.48 -3.41 -24.94
CA THR C 527 22.66 -4.33 -23.81
C THR C 527 23.18 -5.71 -24.24
N ASP C 528 23.23 -6.00 -25.54
CA ASP C 528 23.69 -7.32 -26.05
C ASP C 528 25.12 -7.59 -25.75
N TRP C 529 25.91 -6.51 -25.67
CA TRP C 529 27.37 -6.58 -25.69
C TRP C 529 27.92 -5.87 -24.42
N GLY C 530 27.45 -6.22 -23.24
CA GLY C 530 27.68 -5.41 -22.07
C GLY C 530 27.06 -3.99 -22.18
N LEU C 531 27.39 -3.15 -21.21
CA LEU C 531 26.93 -1.76 -21.14
C LEU C 531 28.16 -0.95 -21.53
N ASN C 532 28.08 -0.29 -22.64
CA ASN C 532 29.29 0.35 -23.22
C ASN C 532 29.18 1.86 -23.10
N PHE C 533 30.23 2.43 -22.55
CA PHE C 533 30.31 3.84 -22.21
C PHE C 533 31.48 4.46 -22.95
N THR C 534 31.26 5.67 -23.47
CA THR C 534 32.28 6.46 -24.10
C THR C 534 32.73 7.56 -23.15
N ASP C 535 32.87 8.78 -23.71
CA ASP C 535 33.23 9.94 -22.85
C ASP C 535 32.04 10.69 -22.31
N ARG C 536 30.83 10.37 -22.75
CA ARG C 536 29.69 11.09 -22.33
C ARG C 536 29.00 10.48 -21.11
N PRO C 537 28.21 11.29 -20.39
CA PRO C 537 27.63 10.80 -19.14
C PRO C 537 26.31 10.04 -19.35
N HIS C 538 26.19 8.84 -18.77
CA HIS C 538 24.92 8.12 -18.69
C HIS C 538 24.83 7.44 -17.34
N LEU C 539 23.71 7.64 -16.67
CA LEU C 539 23.52 7.01 -15.37
C LEU C 539 22.43 5.94 -15.56
N LEU C 540 22.77 4.70 -15.19
CA LEU C 540 21.89 3.54 -15.45
C LEU C 540 21.43 2.91 -14.17
N ARG C 541 20.19 2.44 -14.18
CA ARG C 541 19.69 1.49 -13.16
C ARG C 541 19.57 0.16 -13.91
N VAL C 542 20.18 -0.89 -13.34
CA VAL C 542 20.36 -2.16 -13.95
C VAL C 542 19.78 -3.20 -13.03
N LYS C 543 18.76 -3.86 -13.57
CA LYS C 543 18.06 -4.91 -12.83
C LYS C 543 18.33 -6.23 -13.53
N MET C 544 18.80 -7.24 -12.77
CA MET C 544 19.22 -8.57 -13.28
C MET C 544 18.17 -9.51 -12.76
N ALA C 545 18.00 -10.61 -13.52
CA ALA C 545 17.08 -11.68 -13.06
C ALA C 545 17.60 -13.05 -13.42
N SER C 546 17.44 -13.98 -12.49
CA SER C 546 17.47 -15.39 -12.88
C SER C 546 16.05 -15.90 -13.08
N TYR C 547 15.94 -16.86 -13.99
CA TYR C 547 14.62 -17.41 -14.37
C TYR C 547 14.71 -18.88 -14.69
N SER C 548 13.65 -19.59 -14.35
CA SER C 548 13.56 -21.02 -14.63
C SER C 548 13.22 -21.30 -16.07
N VAL C 549 13.84 -22.35 -16.61
CA VAL C 549 13.41 -22.94 -17.89
C VAL C 549 12.93 -24.36 -17.72
N GLN C 550 12.59 -24.77 -16.48
CA GLN C 550 12.18 -26.18 -16.26
C GLN C 550 10.85 -26.48 -16.94
N ALA D 12 -22.06 -23.61 -8.87
CA ALA D 12 -20.57 -23.64 -8.72
C ALA D 12 -19.88 -24.04 -10.04
N PRO D 13 -18.58 -23.72 -10.19
CA PRO D 13 -17.95 -24.11 -11.45
C PRO D 13 -17.80 -25.64 -11.51
N LEU D 14 -18.05 -26.20 -12.69
CA LEU D 14 -17.88 -27.64 -12.93
C LEU D 14 -16.46 -28.10 -12.52
N PRO D 15 -16.38 -29.24 -11.80
CA PRO D 15 -15.06 -29.83 -11.67
C PRO D 15 -14.40 -30.12 -13.04
N GLU D 16 -13.07 -30.10 -13.15
CA GLU D 16 -12.38 -30.31 -14.41
C GLU D 16 -10.96 -30.86 -14.24
N LEU D 17 -10.54 -31.74 -15.15
CA LEU D 17 -9.11 -32.15 -15.10
C LEU D 17 -8.39 -31.13 -15.99
N LEU D 18 -7.42 -30.42 -15.41
CA LEU D 18 -6.57 -29.50 -16.20
C LEU D 18 -5.22 -30.15 -16.43
N SER D 19 -4.62 -29.90 -17.59
CA SER D 19 -3.26 -30.42 -17.90
C SER D 19 -2.41 -29.39 -18.63
N ASN D 20 -1.27 -29.05 -18.03
CA ASN D 20 -0.43 -27.99 -18.59
C ASN D 20 1.04 -28.11 -18.16
N ASN D 21 1.95 -27.75 -19.07
CA ASN D 21 3.40 -27.90 -18.85
C ASN D 21 3.79 -29.30 -18.35
N GLY D 22 3.09 -30.34 -18.82
CA GLY D 22 3.32 -31.73 -18.35
C GLY D 22 2.87 -32.02 -16.92
N LYS D 23 1.99 -31.18 -16.39
CA LYS D 23 1.45 -31.35 -15.04
C LYS D 23 -0.06 -31.26 -15.08
N HIS D 24 -0.69 -31.74 -14.02
CA HIS D 24 -2.14 -31.89 -13.93
C HIS D 24 -2.77 -31.41 -12.62
N ALA D 25 -4.01 -30.96 -12.73
CA ALA D 25 -4.79 -30.57 -11.56
C ALA D 25 -6.27 -31.00 -11.72
N LEU D 26 -6.80 -31.64 -10.68
CA LEU D 26 -8.23 -31.80 -10.55
C LEU D 26 -8.82 -30.54 -9.93
N MET D 27 -9.49 -29.76 -10.75
CA MET D 27 -10.15 -28.61 -10.23
C MET D 27 -11.47 -28.96 -9.60
N VAL D 28 -11.69 -28.46 -8.40
CA VAL D 28 -12.93 -28.66 -7.68
C VAL D 28 -13.29 -27.30 -7.08
N ASP D 29 -14.41 -26.75 -7.51
CA ASP D 29 -14.90 -25.45 -7.03
C ASP D 29 -13.91 -24.35 -7.33
N GLY D 30 -13.26 -24.45 -8.50
CA GLY D 30 -12.46 -23.38 -9.01
C GLY D 30 -10.98 -23.43 -8.71
N ALA D 31 -10.53 -24.49 -8.01
CA ALA D 31 -9.12 -24.59 -7.65
C ALA D 31 -8.68 -26.05 -7.53
N PRO D 32 -7.36 -26.29 -7.64
CA PRO D 32 -6.83 -27.65 -7.46
C PRO D 32 -7.24 -28.32 -6.13
N TYR D 33 -7.45 -29.64 -6.29
CA TYR D 33 -7.99 -30.51 -5.25
C TYR D 33 -7.32 -31.83 -5.25
N ILE D 34 -7.13 -32.35 -4.02
CA ILE D 34 -6.52 -33.68 -3.82
C ILE D 34 -7.61 -34.56 -3.18
N ILE D 35 -7.90 -35.64 -3.93
CA ILE D 35 -8.69 -36.73 -3.39
C ILE D 35 -7.90 -37.55 -2.35
N LEU D 36 -8.26 -37.34 -1.09
CA LEU D 36 -7.77 -38.11 0.05
C LEU D 36 -8.98 -39.03 0.31
N GLY D 37 -8.96 -40.15 -0.36
CA GLY D 37 -10.17 -40.91 -0.62
C GLY D 37 -10.37 -42.09 0.27
N SER D 38 -11.59 -42.57 0.23
CA SER D 38 -11.97 -43.91 0.86
C SER D 38 -12.77 -44.54 -0.25
N GLN D 39 -12.64 -45.86 -0.45
CA GLN D 39 -13.53 -46.55 -1.38
C GLN D 39 -14.19 -47.70 -0.62
N THR D 40 -15.48 -47.92 -0.94
CA THR D 40 -16.26 -48.98 -0.23
C THR D 40 -15.92 -50.32 -0.82
N ASN D 41 -16.20 -51.40 -0.03
CA ASN D 41 -16.36 -52.74 -0.63
C ASN D 41 -17.46 -52.68 -1.68
N ASN D 42 -17.47 -53.73 -2.50
CA ASN D 42 -18.33 -53.84 -3.72
C ASN D 42 -19.83 -53.99 -3.53
N SER D 43 -20.25 -54.33 -2.33
CA SER D 43 -21.69 -54.57 -2.01
C SER D 43 -22.23 -53.55 -0.99
N SER D 44 -21.64 -52.35 -1.01
CA SER D 44 -22.03 -51.27 -0.06
C SER D 44 -22.89 -50.16 -0.74
N ASN D 45 -23.27 -50.42 -2.01
CA ASN D 45 -24.02 -49.46 -2.87
C ASN D 45 -25.57 -49.48 -2.65
N TYR D 46 -25.96 -49.53 -1.37
CA TYR D 46 -27.38 -49.55 -0.95
C TYR D 46 -27.61 -48.67 0.24
N PRO D 47 -28.81 -48.03 0.27
CA PRO D 47 -29.10 -47.11 1.39
C PRO D 47 -28.75 -47.75 2.78
N ASP D 48 -29.11 -49.01 2.99
CA ASP D 48 -28.92 -49.66 4.27
C ASP D 48 -27.42 -49.80 4.68
N ALA D 49 -26.52 -49.84 3.68
CA ALA D 49 -25.07 -50.12 3.88
C ALA D 49 -24.30 -48.87 4.26
N LEU D 50 -24.84 -47.71 3.92
CA LEU D 50 -24.15 -46.45 4.20
C LEU D 50 -23.82 -46.22 5.65
N LYS D 51 -24.69 -46.66 6.57
CA LYS D 51 -24.35 -46.52 8.02
C LYS D 51 -23.00 -47.21 8.36
N ASP D 52 -22.59 -48.19 7.56
CA ASP D 52 -21.34 -48.93 7.74
C ASP D 52 -20.16 -48.42 6.94
N VAL D 53 -20.36 -47.33 6.23
CA VAL D 53 -19.39 -46.64 5.39
C VAL D 53 -18.93 -45.34 6.10
N TRP D 54 -19.88 -44.47 6.43
CA TRP D 54 -19.53 -43.15 6.95
C TRP D 54 -18.60 -43.14 8.17
N PRO D 55 -18.83 -43.98 9.16
CA PRO D 55 -17.91 -43.96 10.33
C PRO D 55 -16.42 -44.11 9.93
N SER D 56 -16.13 -45.09 9.11
CA SER D 56 -14.77 -45.34 8.59
C SER D 56 -14.21 -44.07 7.94
N MET D 57 -15.05 -43.43 7.12
CA MET D 57 -14.64 -42.30 6.33
C MET D 57 -14.27 -41.13 7.28
N GLU D 58 -15.06 -40.94 8.32
CA GLU D 58 -14.83 -39.91 9.33
C GLU D 58 -13.49 -40.23 10.03
N LYS D 59 -13.33 -41.46 10.47
CA LYS D 59 -12.11 -41.88 11.23
C LYS D 59 -10.85 -41.71 10.36
N MET D 60 -10.97 -41.96 9.05
CA MET D 60 -9.88 -41.88 8.13
C MET D 60 -9.55 -40.40 7.87
N GLY D 61 -10.49 -39.50 8.09
CA GLY D 61 -10.32 -38.11 7.61
C GLY D 61 -10.35 -37.96 6.10
N ALA D 62 -11.04 -38.86 5.37
CA ALA D 62 -11.14 -38.77 3.95
C ALA D 62 -12.08 -37.66 3.49
N ASN D 63 -11.73 -37.02 2.37
CA ASN D 63 -12.57 -36.00 1.86
C ASN D 63 -13.44 -36.40 0.69
N THR D 64 -13.25 -37.61 0.12
CA THR D 64 -14.00 -38.03 -1.03
C THR D 64 -14.25 -39.53 -0.89
N LEU D 65 -15.47 -39.95 -1.18
CA LEU D 65 -15.88 -41.42 -1.11
C LEU D 65 -16.01 -41.87 -2.53
N SER D 66 -15.28 -42.90 -2.93
CA SER D 66 -15.59 -43.68 -4.15
C SER D 66 -16.57 -44.83 -3.80
N ILE D 67 -17.69 -44.88 -4.54
CA ILE D 67 -18.73 -45.90 -4.25
C ILE D 67 -19.38 -46.31 -5.57
N PRO D 68 -19.73 -47.61 -5.70
CA PRO D 68 -20.40 -47.93 -6.92
C PRO D 68 -21.83 -47.42 -7.11
N VAL D 69 -22.15 -47.12 -8.39
CA VAL D 69 -23.51 -47.06 -8.88
C VAL D 69 -23.61 -48.13 -9.98
N ALA D 70 -24.42 -49.16 -9.71
CA ALA D 70 -24.58 -50.31 -10.59
C ALA D 70 -25.65 -50.11 -11.63
N TRP D 71 -25.36 -50.57 -12.84
CA TRP D 71 -26.42 -50.59 -13.88
C TRP D 71 -27.61 -51.43 -13.43
N GLU D 72 -27.30 -52.54 -12.79
CA GLU D 72 -28.40 -53.39 -12.29
C GLU D 72 -29.37 -52.69 -11.36
N GLN D 73 -28.88 -51.75 -10.55
CA GLN D 73 -29.71 -51.04 -9.59
C GLN D 73 -30.49 -49.89 -10.19
N ILE D 74 -29.93 -49.22 -11.19
CA ILE D 74 -30.61 -48.06 -11.77
C ILE D 74 -31.57 -48.37 -12.90
N GLU D 75 -31.41 -49.50 -13.54
CA GLU D 75 -32.32 -49.95 -14.59
C GLU D 75 -32.56 -51.46 -14.37
N PRO D 76 -33.21 -51.84 -13.24
CA PRO D 76 -33.46 -53.26 -12.99
C PRO D 76 -34.41 -53.91 -14.05
N VAL D 77 -35.26 -53.08 -14.62
CA VAL D 77 -36.14 -53.46 -15.73
C VAL D 77 -35.90 -52.45 -16.83
N GLU D 78 -35.88 -52.91 -18.07
CA GLU D 78 -35.42 -52.03 -19.18
C GLU D 78 -36.38 -50.90 -19.32
N GLY D 79 -35.82 -49.69 -19.26
CA GLY D 79 -36.51 -48.48 -19.42
C GLY D 79 -37.19 -47.97 -18.18
N GLN D 80 -37.03 -48.66 -17.01
CA GLN D 80 -37.68 -48.28 -15.74
C GLN D 80 -36.59 -47.95 -14.71
N PHE D 81 -36.20 -46.68 -14.71
CA PHE D 81 -35.07 -46.23 -13.91
C PHE D 81 -35.37 -46.03 -12.44
N ASP D 82 -34.34 -46.26 -11.65
CA ASP D 82 -34.44 -46.13 -10.22
C ASP D 82 -33.16 -45.45 -9.68
N PHE D 83 -33.31 -44.17 -9.25
CA PHE D 83 -32.18 -43.40 -8.69
C PHE D 83 -32.34 -43.18 -7.18
N SER D 84 -33.08 -44.11 -6.54
CA SER D 84 -33.37 -44.03 -5.10
C SER D 84 -32.08 -44.10 -4.23
N PHE D 85 -31.15 -44.94 -4.61
CA PHE D 85 -29.86 -45.02 -3.93
C PHE D 85 -29.06 -43.73 -4.17
N VAL D 86 -29.07 -43.24 -5.39
CA VAL D 86 -28.28 -42.03 -5.69
C VAL D 86 -28.80 -40.87 -4.88
N ASP D 87 -30.12 -40.78 -4.74
CA ASP D 87 -30.75 -39.74 -3.87
C ASP D 87 -30.26 -39.79 -2.43
N VAL D 88 -30.33 -40.96 -1.80
CA VAL D 88 -29.89 -41.08 -0.41
C VAL D 88 -28.40 -40.78 -0.30
N LEU D 89 -27.64 -41.29 -1.25
CA LEU D 89 -26.19 -41.12 -1.27
C LEU D 89 -25.79 -39.66 -1.31
N LEU D 90 -26.36 -38.94 -2.25
CA LEU D 90 -26.10 -37.47 -2.38
C LEU D 90 -26.45 -36.75 -1.11
N LYS D 91 -27.63 -37.07 -0.54
CA LYS D 91 -28.08 -36.37 0.65
C LYS D 91 -27.11 -36.59 1.83
N GLU D 92 -26.73 -37.84 2.05
CA GLU D 92 -25.89 -38.15 3.19
C GLU D 92 -24.47 -37.62 2.98
N ALA D 93 -23.97 -37.62 1.76
CA ALA D 93 -22.61 -37.09 1.45
C ALA D 93 -22.62 -35.57 1.84
N ARG D 94 -23.67 -34.88 1.37
CA ARG D 94 -23.80 -33.44 1.63
C ARG D 94 -23.89 -33.12 3.12
N GLN D 95 -24.59 -33.96 3.89
CA GLN D 95 -24.75 -33.78 5.33
C GLN D 95 -23.39 -33.85 6.01
N ARG D 96 -22.52 -34.71 5.48
CA ARG D 96 -21.16 -34.87 5.98
C ARG D 96 -20.11 -33.95 5.36
N LYS D 97 -20.51 -33.12 4.39
CA LYS D 97 -19.60 -32.22 3.63
C LYS D 97 -18.39 -32.95 3.06
N VAL D 98 -18.67 -34.09 2.39
CA VAL D 98 -17.66 -34.75 1.56
C VAL D 98 -18.10 -34.86 0.10
N ARG D 99 -17.14 -35.16 -0.78
CA ARG D 99 -17.41 -35.31 -2.20
C ARG D 99 -17.48 -36.79 -2.54
N LEU D 100 -17.95 -37.03 -3.75
CA LEU D 100 -18.11 -38.39 -4.26
C LEU D 100 -17.43 -38.64 -5.58
N VAL D 101 -16.97 -39.88 -5.79
CA VAL D 101 -16.62 -40.34 -7.09
C VAL D 101 -17.49 -41.57 -7.30
N LEU D 102 -18.35 -41.50 -8.28
CA LEU D 102 -19.24 -42.62 -8.62
C LEU D 102 -18.56 -43.58 -9.51
N LEU D 103 -18.70 -44.89 -9.20
CA LEU D 103 -18.07 -45.91 -10.05
C LEU D 103 -19.17 -46.60 -10.83
N TRP D 104 -19.17 -46.45 -12.13
CA TRP D 104 -20.21 -47.00 -13.01
C TRP D 104 -19.91 -48.44 -13.29
N PHE D 105 -20.63 -49.33 -12.58
CA PHE D 105 -20.42 -50.76 -12.75
C PHE D 105 -21.49 -51.23 -13.73
N ALA D 106 -21.06 -51.70 -14.88
CA ALA D 106 -21.96 -51.83 -16.02
C ALA D 106 -21.56 -52.96 -16.93
N THR D 107 -21.12 -52.70 -18.15
CA THR D 107 -20.66 -53.73 -19.07
C THR D 107 -19.46 -54.55 -18.56
N TRP D 108 -18.49 -53.89 -17.85
CA TRP D 108 -17.40 -54.59 -17.17
C TRP D 108 -17.26 -54.10 -15.73
N LYS D 109 -17.20 -55.10 -14.88
CA LYS D 109 -16.73 -54.97 -13.54
C LYS D 109 -15.77 -56.16 -13.35
N ASN D 110 -14.46 -55.89 -13.28
CA ASN D 110 -13.43 -56.93 -13.19
C ASN D 110 -13.60 -57.92 -14.35
N ASN D 111 -13.71 -57.39 -15.57
CA ASN D 111 -13.90 -58.21 -16.82
C ASN D 111 -15.27 -58.74 -17.11
N ALA D 112 -16.18 -58.69 -16.12
CA ALA D 112 -17.45 -59.43 -16.19
C ALA D 112 -18.67 -58.59 -16.09
N PRO D 113 -19.84 -59.18 -16.47
CA PRO D 113 -21.10 -58.46 -16.46
C PRO D 113 -21.99 -58.68 -15.27
N HIS D 114 -21.40 -58.97 -14.09
CA HIS D 114 -22.22 -59.32 -12.93
C HIS D 114 -23.13 -58.19 -12.44
N TYR D 115 -22.71 -56.92 -12.69
CA TYR D 115 -23.46 -55.76 -12.31
C TYR D 115 -24.37 -55.13 -13.42
N ALA D 116 -24.34 -55.73 -14.61
CA ALA D 116 -25.37 -55.44 -15.62
C ALA D 116 -26.71 -55.98 -15.21
N PRO D 117 -27.85 -55.38 -15.62
CA PRO D 117 -29.18 -55.94 -15.17
C PRO D 117 -29.46 -57.36 -15.66
N ALA D 118 -30.34 -58.10 -14.97
CA ALA D 118 -30.64 -59.46 -15.46
C ALA D 118 -31.03 -59.57 -16.96
N TRP D 119 -31.79 -58.60 -17.41
CA TRP D 119 -32.22 -58.56 -18.82
C TRP D 119 -31.02 -58.35 -19.79
N VAL D 120 -29.91 -57.83 -19.28
CA VAL D 120 -28.67 -57.75 -20.04
C VAL D 120 -27.88 -59.03 -19.89
N LYS D 121 -27.47 -59.40 -18.66
CA LYS D 121 -26.42 -60.40 -18.49
C LYS D 121 -26.86 -61.86 -18.82
N LEU D 122 -28.15 -62.08 -18.77
CA LEU D 122 -28.72 -63.40 -19.13
C LEU D 122 -29.15 -63.53 -20.58
N ASP D 123 -28.95 -62.48 -21.40
CA ASP D 123 -29.46 -62.44 -22.77
C ASP D 123 -28.25 -62.31 -23.69
N ASN D 124 -27.55 -63.42 -23.86
CA ASN D 124 -26.30 -63.45 -24.67
C ASN D 124 -26.51 -63.23 -26.17
N ALA D 125 -27.64 -63.69 -26.68
CA ALA D 125 -28.06 -63.35 -28.06
C ALA D 125 -27.97 -61.84 -28.41
N ARG D 126 -28.46 -61.02 -27.48
CA ARG D 126 -28.67 -59.60 -27.63
C ARG D 126 -27.39 -58.89 -27.27
N PHE D 127 -26.78 -59.34 -26.17
CA PHE D 127 -25.59 -58.73 -25.61
C PHE D 127 -24.52 -59.81 -25.53
N PRO D 128 -23.73 -59.98 -26.57
CA PRO D 128 -22.86 -61.14 -26.85
C PRO D 128 -21.62 -61.16 -25.99
N ARG D 129 -21.24 -62.33 -25.46
CA ARG D 129 -19.97 -62.55 -24.83
C ARG D 129 -18.79 -62.75 -25.78
N VAL D 130 -17.61 -62.53 -25.22
CA VAL D 130 -16.35 -62.91 -25.83
C VAL D 130 -16.32 -64.42 -26.06
N VAL D 131 -15.96 -64.81 -27.29
CA VAL D 131 -15.81 -66.22 -27.68
C VAL D 131 -14.32 -66.40 -27.88
N LYS D 132 -13.78 -67.43 -27.24
CA LYS D 132 -12.37 -67.85 -27.34
C LYS D 132 -12.09 -68.43 -28.72
N GLU D 133 -10.80 -68.57 -29.04
CA GLU D 133 -10.33 -69.14 -30.31
C GLU D 133 -10.79 -70.58 -30.47
N ASP D 134 -10.90 -71.29 -29.36
CA ASP D 134 -11.32 -72.68 -29.40
C ASP D 134 -12.86 -72.93 -29.44
N GLY D 135 -13.65 -71.86 -29.48
CA GLY D 135 -15.11 -71.94 -29.53
C GLY D 135 -15.89 -71.80 -28.22
N ASP D 136 -15.21 -71.93 -27.07
CA ASP D 136 -15.91 -71.82 -25.76
C ASP D 136 -16.07 -70.35 -25.44
N THR D 137 -17.13 -70.02 -24.69
CA THR D 137 -17.44 -68.60 -24.42
C THR D 137 -16.97 -68.24 -23.02
N LEU D 138 -16.49 -67.00 -22.84
CA LEU D 138 -16.15 -66.47 -21.51
C LEU D 138 -17.19 -65.50 -21.00
N ASN D 139 -17.26 -65.35 -19.66
CA ASN D 139 -18.26 -64.47 -19.05
C ASN D 139 -17.68 -63.08 -18.99
N SER D 140 -17.54 -62.52 -20.18
CA SER D 140 -16.88 -61.26 -20.46
C SER D 140 -17.58 -60.66 -21.65
N LEU D 141 -18.21 -59.49 -21.54
CA LEU D 141 -19.00 -58.98 -22.68
C LEU D 141 -18.09 -58.43 -23.79
N SER D 142 -18.43 -58.77 -25.04
CA SER D 142 -17.64 -58.26 -26.18
C SER D 142 -17.82 -56.79 -26.45
N PRO D 143 -16.70 -56.05 -26.59
CA PRO D 143 -16.84 -54.62 -26.91
C PRO D 143 -17.37 -54.34 -28.32
N LEU D 144 -17.61 -55.37 -29.12
CA LEU D 144 -18.25 -55.20 -30.44
C LEU D 144 -19.77 -55.41 -30.48
N GLY D 145 -20.36 -55.72 -29.32
CA GLY D 145 -21.80 -55.85 -29.24
C GLY D 145 -22.36 -54.47 -29.30
N GLN D 146 -22.94 -54.07 -30.42
CA GLN D 146 -23.47 -52.72 -30.55
C GLN D 146 -24.71 -52.51 -29.67
N ASN D 147 -25.50 -53.58 -29.44
CA ASN D 147 -26.68 -53.42 -28.61
C ASN D 147 -26.21 -53.14 -27.18
N THR D 148 -25.11 -53.78 -26.83
CA THR D 148 -24.59 -53.71 -25.46
C THR D 148 -24.16 -52.28 -25.23
N LEU D 149 -23.31 -51.80 -26.14
CA LEU D 149 -22.84 -50.35 -26.11
C LEU D 149 -24.02 -49.37 -26.08
N ALA D 150 -25.02 -49.52 -26.98
CA ALA D 150 -26.23 -48.66 -26.90
C ALA D 150 -26.93 -48.65 -25.54
N ALA D 151 -27.09 -49.85 -24.98
CA ALA D 151 -27.80 -50.06 -23.70
C ALA D 151 -27.07 -49.46 -22.49
N ASP D 152 -25.77 -49.68 -22.44
CA ASP D 152 -24.92 -49.12 -21.35
C ASP D 152 -24.96 -47.56 -21.45
N LYS D 153 -24.71 -47.06 -22.64
CA LYS D 153 -24.74 -45.61 -22.94
C LYS D 153 -26.08 -44.96 -22.54
N LYS D 154 -27.20 -45.54 -22.97
CA LYS D 154 -28.49 -45.08 -22.54
C LYS D 154 -28.65 -44.94 -21.01
N ALA D 155 -28.26 -45.96 -20.23
CA ALA D 155 -28.40 -45.91 -18.77
C ALA D 155 -27.44 -44.88 -18.17
N PHE D 156 -26.21 -44.85 -18.69
CA PHE D 156 -25.16 -43.88 -18.25
C PHE D 156 -25.63 -42.49 -18.46
N VAL D 157 -26.32 -42.29 -19.58
CA VAL D 157 -26.83 -41.00 -19.96
C VAL D 157 -27.90 -40.57 -18.99
N GLU D 158 -28.75 -41.53 -18.57
CA GLU D 158 -29.82 -41.27 -17.54
C GLU D 158 -29.22 -40.90 -16.17
N LEU D 159 -28.11 -41.55 -15.84
CA LEU D 159 -27.42 -41.26 -14.57
C LEU D 159 -26.87 -39.86 -14.61
N MET D 160 -26.21 -39.52 -15.69
CA MET D 160 -25.70 -38.17 -15.86
C MET D 160 -26.83 -37.17 -15.95
N LYS D 161 -27.97 -37.45 -16.60
CA LYS D 161 -29.13 -36.51 -16.49
C LYS D 161 -29.59 -36.35 -15.05
N TYR D 162 -29.55 -37.43 -14.27
CA TYR D 162 -29.90 -37.30 -12.87
C TYR D 162 -28.98 -36.37 -12.13
N LEU D 163 -27.67 -36.49 -12.40
CA LEU D 163 -26.70 -35.57 -11.79
C LEU D 163 -26.81 -34.13 -12.26
N ALA D 164 -27.20 -33.97 -13.53
CA ALA D 164 -27.33 -32.63 -14.07
C ALA D 164 -28.46 -31.90 -13.38
N LYS D 165 -29.55 -32.62 -13.13
CA LYS D 165 -30.79 -32.06 -12.60
C LYS D 165 -30.74 -31.92 -11.08
N ARG D 166 -30.08 -32.86 -10.39
CA ARG D 166 -30.17 -32.98 -8.92
C ARG D 166 -28.86 -32.74 -8.13
N ASP D 167 -27.78 -32.43 -8.83
CA ASP D 167 -26.44 -32.17 -8.20
C ASP D 167 -25.73 -30.92 -8.80
N LYS D 168 -26.46 -29.79 -8.88
CA LYS D 168 -25.94 -28.50 -9.42
C LYS D 168 -24.70 -27.94 -8.71
N ASP D 169 -24.49 -28.30 -7.46
CA ASP D 169 -23.24 -27.96 -6.70
C ASP D 169 -22.07 -28.95 -6.85
N HIS D 170 -22.28 -30.08 -7.55
CA HIS D 170 -21.23 -31.04 -7.88
C HIS D 170 -20.70 -31.78 -6.67
N THR D 171 -21.58 -32.27 -5.82
CA THR D 171 -21.17 -33.22 -4.78
C THR D 171 -20.36 -34.35 -5.40
N VAL D 172 -20.86 -34.87 -6.53
CA VAL D 172 -20.16 -35.81 -7.34
C VAL D 172 -19.14 -35.06 -8.18
N ILE D 173 -17.84 -35.27 -7.93
CA ILE D 173 -16.74 -34.58 -8.74
C ILE D 173 -16.11 -35.33 -9.92
N MET D 174 -16.25 -36.67 -10.03
CA MET D 174 -15.69 -37.44 -11.05
C MET D 174 -16.47 -38.73 -11.17
N VAL D 175 -16.48 -39.32 -12.35
CA VAL D 175 -17.15 -40.65 -12.58
C VAL D 175 -16.20 -41.59 -13.20
N GLN D 176 -16.09 -42.78 -12.63
CA GLN D 176 -15.37 -43.86 -13.18
C GLN D 176 -16.31 -44.61 -14.15
N VAL D 177 -15.89 -44.69 -15.40
CA VAL D 177 -16.62 -45.43 -16.49
C VAL D 177 -16.17 -46.89 -16.51
N GLN D 178 -17.07 -47.81 -16.14
CA GLN D 178 -16.76 -49.22 -15.90
C GLN D 178 -15.82 -49.41 -14.73
N ASN D 179 -15.49 -50.68 -14.41
CA ASN D 179 -14.56 -50.97 -13.35
C ASN D 179 -13.68 -52.09 -13.85
N GLU D 180 -12.38 -51.87 -14.02
CA GLU D 180 -11.43 -52.91 -14.45
C GLU D 180 -11.96 -53.73 -15.65
N VAL D 181 -12.05 -53.01 -16.73
CA VAL D 181 -12.40 -53.63 -18.02
C VAL D 181 -11.33 -54.59 -18.48
N GLY D 182 -11.72 -55.42 -19.46
CA GLY D 182 -10.80 -56.36 -20.09
C GLY D 182 -11.43 -57.75 -20.02
N THR D 183 -10.62 -58.72 -20.35
CA THR D 183 -11.02 -60.15 -20.34
C THR D 183 -9.92 -61.02 -19.75
N TYR D 184 -10.28 -61.93 -18.83
CA TYR D 184 -9.38 -62.95 -18.31
C TYR D 184 -9.68 -64.22 -19.10
N GLY D 185 -8.64 -64.93 -19.49
CA GLY D 185 -8.81 -66.22 -20.16
C GLY D 185 -8.79 -66.26 -21.67
N ALA D 186 -8.97 -65.10 -22.33
CA ALA D 186 -8.66 -64.96 -23.75
C ALA D 186 -8.07 -63.58 -24.03
N VAL D 187 -7.32 -63.46 -25.15
CA VAL D 187 -6.73 -62.15 -25.51
C VAL D 187 -7.73 -61.14 -26.10
N ARG D 188 -8.69 -61.61 -26.90
CA ARG D 188 -9.73 -60.80 -27.48
C ARG D 188 -10.96 -61.66 -27.79
N ASP D 189 -11.92 -61.04 -28.44
CA ASP D 189 -13.09 -61.73 -28.97
C ASP D 189 -12.70 -62.39 -30.27
N TYR D 190 -12.91 -63.70 -30.37
CA TYR D 190 -12.68 -64.46 -31.60
C TYR D 190 -13.95 -64.86 -32.32
N SER D 191 -15.11 -64.38 -31.85
CA SER D 191 -16.36 -64.60 -32.52
C SER D 191 -16.35 -64.15 -34.00
N PRO D 192 -17.02 -64.91 -34.86
CA PRO D 192 -17.16 -64.47 -36.22
C PRO D 192 -17.44 -62.97 -36.41
N MET D 193 -18.32 -62.36 -35.59
CA MET D 193 -18.47 -60.89 -35.59
C MET D 193 -17.15 -60.14 -35.35
N ALA D 194 -16.38 -60.53 -34.32
CA ALA D 194 -15.10 -59.82 -34.05
C ALA D 194 -14.06 -60.09 -35.12
N GLN D 195 -13.99 -61.35 -35.56
CA GLN D 195 -13.15 -61.80 -36.67
C GLN D 195 -13.27 -60.89 -37.90
N ALA D 196 -14.50 -60.48 -38.23
CA ALA D 196 -14.75 -59.65 -39.44
C ALA D 196 -14.12 -58.28 -39.31
N VAL D 197 -14.23 -57.71 -38.11
CA VAL D 197 -13.63 -56.39 -37.85
C VAL D 197 -12.10 -56.54 -37.80
N PHE D 198 -11.60 -57.61 -37.21
CA PHE D 198 -10.15 -57.89 -37.07
C PHE D 198 -9.48 -58.07 -38.40
N ASN D 199 -10.14 -58.84 -39.26
CA ASN D 199 -9.69 -59.03 -40.63
C ASN D 199 -9.55 -57.72 -41.40
N ALA D 200 -10.47 -56.78 -41.14
CA ALA D 200 -10.53 -55.52 -41.86
C ALA D 200 -9.39 -54.60 -41.49
N ALA D 201 -9.27 -53.54 -42.28
CA ALA D 201 -8.33 -52.47 -42.01
C ALA D 201 -8.53 -51.85 -40.63
N VAL D 202 -7.39 -51.60 -39.97
CA VAL D 202 -7.31 -50.76 -38.77
C VAL D 202 -7.82 -49.37 -39.14
N PRO D 203 -8.62 -48.74 -38.26
CA PRO D 203 -9.15 -47.42 -38.56
C PRO D 203 -8.09 -46.38 -38.82
N ASP D 204 -8.37 -45.50 -39.79
CA ASP D 204 -7.42 -44.50 -40.25
C ASP D 204 -6.92 -43.58 -39.13
N ASP D 205 -7.79 -43.26 -38.18
CA ASP D 205 -7.42 -42.30 -37.15
C ASP D 205 -6.40 -42.85 -36.15
N LEU D 206 -6.46 -44.16 -35.86
CA LEU D 206 -5.45 -44.82 -35.05
C LEU D 206 -4.11 -44.82 -35.80
N ILE D 207 -4.16 -45.26 -37.06
CA ILE D 207 -2.99 -45.34 -37.93
C ILE D 207 -2.24 -43.99 -38.03
N GLN D 208 -2.98 -42.89 -38.11
CA GLN D 208 -2.40 -41.53 -38.18
C GLN D 208 -1.81 -41.08 -36.83
N LYS D 209 -2.65 -41.02 -35.80
CA LYS D 209 -2.18 -40.66 -34.43
C LYS D 209 -0.89 -41.40 -34.04
N LEU D 210 -0.81 -42.69 -34.35
CA LEU D 210 0.40 -43.50 -34.10
C LEU D 210 1.53 -43.42 -35.15
N GLN D 211 1.37 -42.60 -36.19
CA GLN D 211 2.40 -42.45 -37.25
C GLN D 211 2.76 -43.79 -37.91
N LEU D 212 1.75 -44.57 -38.25
CA LEU D 212 1.95 -45.92 -38.81
C LEU D 212 1.54 -46.00 -40.27
N LYS D 213 1.90 -47.10 -40.91
CA LYS D 213 1.53 -47.38 -42.29
C LYS D 213 0.23 -48.19 -42.30
N PRO D 214 -0.67 -47.94 -43.28
CA PRO D 214 -1.97 -48.62 -43.37
C PRO D 214 -1.87 -50.14 -43.46
N GLY D 215 -2.92 -50.82 -43.03
CA GLY D 215 -3.02 -52.28 -43.18
C GLY D 215 -4.14 -52.83 -42.31
N THR D 216 -4.26 -54.16 -42.31
CA THR D 216 -5.20 -54.89 -41.40
C THR D 216 -4.56 -55.03 -40.02
N TRP D 217 -5.37 -55.42 -39.03
CA TRP D 217 -4.86 -55.54 -37.65
C TRP D 217 -3.58 -56.41 -37.56
N SER D 218 -3.58 -57.60 -38.17
CA SER D 218 -2.35 -58.46 -38.18
C SER D 218 -1.14 -57.91 -38.98
N GLN D 219 -1.40 -57.13 -40.03
CA GLN D 219 -0.32 -56.52 -40.85
C GLN D 219 0.36 -55.36 -40.11
N VAL D 220 -0.44 -54.57 -39.42
CA VAL D 220 0.04 -53.40 -38.71
C VAL D 220 0.77 -53.82 -37.43
N PHE D 221 0.11 -54.63 -36.61
CA PHE D 221 0.60 -54.87 -35.26
C PHE D 221 1.30 -56.19 -34.99
N GLY D 222 1.28 -57.12 -35.97
CA GLY D 222 2.00 -58.39 -35.89
C GLY D 222 1.66 -59.17 -34.61
N ARG D 223 2.68 -59.35 -33.78
CA ARG D 223 2.61 -60.14 -32.54
C ARG D 223 1.59 -59.58 -31.54
N ASP D 224 1.41 -58.26 -31.57
CA ASP D 224 0.48 -57.57 -30.67
C ASP D 224 -0.96 -57.43 -31.17
N ALA D 225 -1.28 -58.02 -32.33
CA ALA D 225 -2.51 -57.77 -33.01
C ALA D 225 -3.72 -58.03 -32.14
N ASP D 226 -3.74 -59.22 -31.57
CA ASP D 226 -4.90 -59.65 -30.79
C ASP D 226 -5.13 -58.72 -29.62
N GLU D 227 -4.06 -58.49 -28.83
CA GLU D 227 -4.08 -57.60 -27.63
C GLU D 227 -4.46 -56.14 -27.95
N PHE D 228 -3.73 -55.55 -28.88
CA PHE D 228 -4.09 -54.21 -29.32
C PHE D 228 -5.51 -54.03 -29.86
N PHE D 229 -6.06 -55.05 -30.52
CA PHE D 229 -7.42 -55.02 -31.06
C PHE D 229 -8.41 -54.97 -29.90
N HIS D 230 -8.22 -55.83 -28.89
CA HIS D 230 -9.12 -55.81 -27.72
C HIS D 230 -9.12 -54.45 -26.97
N ALA D 231 -7.92 -53.94 -26.73
CA ALA D 231 -7.73 -52.63 -26.11
C ALA D 231 -8.36 -51.48 -26.89
N TYR D 232 -8.14 -51.47 -28.20
CA TYR D 232 -8.82 -50.50 -29.04
C TYR D 232 -10.38 -50.58 -28.99
N GLN D 233 -10.94 -51.79 -29.19
CA GLN D 233 -12.38 -51.96 -29.18
C GLN D 233 -12.98 -51.55 -27.81
N ILE D 234 -12.30 -51.94 -26.71
CA ILE D 234 -12.73 -51.55 -25.36
C ILE D 234 -12.58 -50.06 -25.11
N ALA D 235 -11.47 -49.50 -25.52
CA ALA D 235 -11.29 -48.05 -25.40
C ALA D 235 -12.34 -47.23 -26.18
N ARG D 236 -12.64 -47.66 -27.39
CA ARG D 236 -13.68 -47.04 -28.16
C ARG D 236 -15.06 -47.10 -27.49
N TYR D 237 -15.42 -48.28 -26.97
CA TYR D 237 -16.67 -48.46 -26.27
C TYR D 237 -16.78 -47.50 -25.09
N CYS D 238 -15.74 -47.47 -24.29
CA CYS D 238 -15.64 -46.66 -23.10
C CYS D 238 -15.64 -45.16 -23.42
N ASP D 239 -14.94 -44.79 -24.49
CA ASP D 239 -14.99 -43.40 -24.99
C ASP D 239 -16.40 -42.91 -25.43
N GLU D 240 -17.17 -43.77 -26.09
CA GLU D 240 -18.51 -43.41 -26.52
C GLU D 240 -19.49 -43.27 -25.33
N VAL D 241 -19.39 -44.17 -24.35
CA VAL D 241 -20.21 -44.03 -23.17
C VAL D 241 -19.85 -42.67 -22.50
N THR D 242 -18.53 -42.47 -22.38
CA THR D 242 -18.00 -41.27 -21.79
C THR D 242 -18.55 -40.04 -22.48
N VAL D 243 -18.34 -39.94 -23.80
CA VAL D 243 -18.78 -38.75 -24.61
C VAL D 243 -20.28 -38.46 -24.44
N ALA D 244 -21.07 -39.55 -24.47
CA ALA D 244 -22.53 -39.51 -24.32
C ALA D 244 -22.84 -38.93 -22.98
N GLY D 245 -22.18 -39.47 -21.92
CA GLY D 245 -22.34 -38.96 -20.57
C GLY D 245 -21.94 -37.50 -20.40
N LYS D 246 -20.81 -37.13 -21.00
CA LYS D 246 -20.25 -35.75 -20.86
C LYS D 246 -21.12 -34.70 -21.55
N ALA D 247 -21.80 -35.12 -22.59
CA ALA D 247 -22.75 -34.26 -23.34
C ALA D 247 -23.87 -33.74 -22.39
N ILE D 248 -24.28 -34.57 -21.40
CA ILE D 248 -25.25 -34.22 -20.41
C ILE D 248 -24.65 -33.35 -19.33
N LYS D 249 -23.57 -33.85 -18.73
CA LYS D 249 -22.83 -33.08 -17.73
C LYS D 249 -21.34 -33.41 -17.90
N ASN D 250 -20.53 -32.40 -18.14
CA ASN D 250 -19.14 -32.58 -18.50
C ASN D 250 -18.25 -32.75 -17.24
N LEU D 251 -18.47 -33.82 -16.45
CA LEU D 251 -17.59 -34.08 -15.32
C LEU D 251 -16.36 -34.78 -15.89
N PRO D 252 -15.24 -34.72 -15.14
CA PRO D 252 -14.09 -35.58 -15.38
C PRO D 252 -14.56 -36.99 -15.23
N MET D 253 -14.05 -37.79 -16.14
CA MET D 253 -14.29 -39.23 -16.14
C MET D 253 -13.04 -40.01 -16.42
N TYR D 254 -12.95 -41.22 -15.88
CA TYR D 254 -11.72 -41.95 -15.99
C TYR D 254 -12.01 -43.46 -16.00
N VAL D 255 -11.00 -44.23 -16.32
CA VAL D 255 -11.04 -45.70 -16.20
C VAL D 255 -9.92 -46.20 -15.27
N ASN D 256 -10.16 -47.35 -14.64
CA ASN D 256 -9.25 -47.91 -13.68
C ASN D 256 -8.75 -49.26 -14.09
N VAL D 257 -7.47 -49.49 -13.97
CA VAL D 257 -6.80 -50.56 -14.66
C VAL D 257 -6.45 -51.69 -13.70
N ALA D 258 -6.85 -52.91 -14.15
CA ALA D 258 -6.45 -54.14 -13.49
C ALA D 258 -5.04 -54.35 -13.97
N LEU D 259 -4.07 -54.04 -13.18
CA LEU D 259 -2.67 -53.96 -13.69
C LEU D 259 -2.13 -55.29 -14.04
N ARG D 260 -1.23 -55.30 -15.02
CA ARG D 260 -0.26 -56.37 -15.17
C ARG D 260 1.00 -55.99 -14.35
N ASN D 261 1.72 -57.00 -13.86
CA ASN D 261 3.02 -56.75 -13.22
C ASN D 261 3.93 -56.04 -14.20
N PRO D 262 4.37 -54.81 -13.84
CA PRO D 262 5.15 -53.98 -14.74
C PRO D 262 6.48 -54.59 -15.17
N PHE D 263 7.11 -55.41 -14.30
CA PHE D 263 8.41 -56.12 -14.59
C PHE D 263 8.22 -57.54 -15.18
N ASN D 264 7.15 -58.24 -14.76
CA ASN D 264 7.00 -59.66 -15.07
C ASN D 264 5.52 -59.92 -15.39
N PRO D 265 5.05 -59.39 -16.53
CA PRO D 265 3.60 -59.38 -16.85
C PRO D 265 2.99 -60.76 -17.05
N GLY D 266 3.73 -61.70 -17.58
CA GLY D 266 3.15 -62.87 -18.18
C GLY D 266 2.30 -62.49 -19.38
N LEU D 267 1.38 -63.39 -19.80
CA LEU D 267 0.65 -63.19 -21.07
C LEU D 267 -0.74 -62.53 -20.91
N PRO D 268 -1.21 -61.77 -21.94
CA PRO D 268 -2.57 -61.23 -21.85
C PRO D 268 -3.62 -62.34 -21.81
N GLY D 269 -4.63 -62.14 -20.95
CA GLY D 269 -5.61 -63.21 -20.64
C GLY D 269 -5.30 -63.86 -19.30
N GLN D 270 -4.02 -63.89 -18.93
CA GLN D 270 -3.57 -64.15 -17.52
C GLN D 270 -3.84 -62.92 -16.68
N TYR D 271 -3.25 -61.81 -17.13
CA TYR D 271 -3.81 -60.49 -16.76
C TYR D 271 -5.00 -60.18 -17.65
N SER D 272 -5.75 -59.14 -17.28
CA SER D 272 -6.98 -58.75 -17.86
C SER D 272 -6.70 -58.02 -19.20
N SER D 273 -6.77 -58.76 -20.28
CA SER D 273 -6.43 -58.25 -21.59
C SER D 273 -7.36 -57.12 -22.02
N GLY D 274 -6.82 -56.03 -22.60
CA GLY D 274 -7.70 -55.03 -23.20
C GLY D 274 -7.84 -53.79 -22.32
N GLY D 275 -7.58 -53.95 -21.01
CA GLY D 275 -7.55 -52.83 -20.14
C GLY D 275 -6.35 -51.93 -20.38
N GLY D 276 -6.30 -50.77 -19.75
CA GLY D 276 -5.11 -49.88 -19.92
C GLY D 276 -3.82 -50.24 -19.23
N THR D 277 -3.29 -51.44 -19.54
CA THR D 277 -2.05 -51.96 -19.01
C THR D 277 -0.94 -51.12 -19.70
N ASP D 278 0.26 -51.15 -19.14
CA ASP D 278 1.35 -50.20 -19.51
C ASP D 278 1.72 -50.33 -20.99
N ASN D 279 1.54 -51.52 -21.54
CA ASN D 279 1.83 -51.80 -22.96
C ASN D 279 0.87 -51.19 -23.99
N VAL D 280 -0.35 -50.83 -23.59
CA VAL D 280 -1.38 -50.30 -24.49
C VAL D 280 -1.90 -48.91 -24.12
N LEU D 281 -1.23 -48.21 -23.23
CA LEU D 281 -1.63 -46.88 -22.87
C LEU D 281 -1.71 -46.00 -24.13
N HIS D 282 -0.75 -46.15 -25.05
CA HIS D 282 -0.76 -45.46 -26.35
C HIS D 282 -2.00 -45.78 -27.24
N ILE D 283 -2.43 -47.03 -27.25
CA ILE D 283 -3.63 -47.40 -27.96
C ILE D 283 -4.81 -46.73 -27.24
N TRP D 284 -4.83 -46.81 -25.88
CA TRP D 284 -5.89 -46.19 -25.12
C TRP D 284 -5.95 -44.67 -25.26
N LYS D 285 -4.81 -43.97 -25.23
CA LYS D 285 -4.85 -42.53 -25.41
C LYS D 285 -5.26 -42.07 -26.84
N ALA D 286 -4.84 -42.83 -27.84
CA ALA D 286 -5.23 -42.58 -29.24
C ALA D 286 -6.71 -42.87 -29.46
N ALA D 287 -7.19 -43.97 -28.85
CA ALA D 287 -8.56 -44.45 -29.14
C ALA D 287 -9.63 -43.72 -28.37
N ALA D 288 -9.27 -43.12 -27.23
CA ALA D 288 -10.24 -42.63 -26.27
C ALA D 288 -9.79 -41.26 -25.78
N PRO D 289 -9.82 -40.22 -26.66
CA PRO D 289 -9.49 -38.84 -26.22
C PRO D 289 -10.46 -38.11 -25.28
N ASN D 290 -11.61 -38.70 -25.03
CA ASN D 290 -12.63 -38.09 -24.19
C ASN D 290 -12.51 -38.59 -22.73
N ILE D 291 -11.75 -39.69 -22.54
CA ILE D 291 -11.54 -40.18 -21.20
C ILE D 291 -10.38 -39.35 -20.60
N ASP D 292 -10.61 -38.73 -19.45
CA ASP D 292 -9.62 -37.75 -18.89
C ASP D 292 -8.29 -38.31 -18.41
N LEU D 293 -8.30 -39.54 -17.86
CA LEU D 293 -7.10 -40.22 -17.41
C LEU D 293 -7.37 -41.72 -17.17
N ILE D 294 -6.25 -42.42 -17.12
CA ILE D 294 -6.20 -43.89 -16.93
C ILE D 294 -5.53 -44.08 -15.58
N ALA D 295 -6.25 -44.74 -14.63
CA ALA D 295 -5.82 -44.82 -13.22
C ALA D 295 -5.34 -46.24 -12.83
N PRO D 296 -4.16 -46.37 -12.22
CA PRO D 296 -3.69 -47.69 -11.77
C PRO D 296 -4.50 -48.11 -10.53
N ASP D 297 -4.87 -49.41 -10.47
CA ASP D 297 -5.30 -50.05 -9.29
C ASP D 297 -4.21 -50.88 -8.71
N ILE D 298 -3.72 -50.50 -7.58
CA ILE D 298 -2.47 -51.02 -7.07
C ILE D 298 -2.63 -51.99 -5.87
N TYR D 299 -2.50 -53.28 -6.12
CA TYR D 299 -2.38 -54.25 -5.06
C TYR D 299 -0.99 -54.89 -4.78
N PHE D 300 0.05 -54.45 -5.53
CA PHE D 300 1.39 -54.83 -5.24
C PHE D 300 1.75 -54.11 -3.93
N ARG D 301 2.45 -54.84 -3.04
CA ARG D 301 2.87 -54.38 -1.70
CA ARG D 301 2.84 -54.34 -1.73
C ARG D 301 4.25 -53.77 -1.73
N ASP D 302 5.08 -54.23 -2.69
CA ASP D 302 6.52 -54.02 -2.62
C ASP D 302 6.90 -52.70 -3.31
N TYR D 303 7.76 -51.97 -2.60
CA TYR D 303 8.18 -50.63 -2.99
C TYR D 303 8.65 -50.53 -4.43
N LYS D 304 9.50 -51.48 -4.87
CA LYS D 304 10.02 -51.45 -6.24
C LYS D 304 8.90 -51.53 -7.28
N THR D 305 7.96 -52.44 -7.12
CA THR D 305 6.90 -52.59 -8.09
C THR D 305 5.90 -51.41 -8.03
N VAL D 306 5.51 -51.00 -6.83
CA VAL D 306 4.63 -49.83 -6.73
C VAL D 306 5.26 -48.59 -7.35
N SER D 307 6.51 -48.37 -7.01
CA SER D 307 7.25 -47.24 -7.60
C SER D 307 7.23 -47.29 -9.12
N LYS D 308 7.43 -48.48 -9.69
CA LYS D 308 7.45 -48.68 -11.12
C LYS D 308 6.09 -48.33 -11.70
N VAL D 309 5.02 -48.77 -11.02
CA VAL D 309 3.69 -48.45 -11.54
C VAL D 309 3.44 -46.95 -11.51
N LEU D 310 3.85 -46.29 -10.43
CA LEU D 310 3.69 -44.84 -10.35
C LEU D 310 4.45 -44.14 -11.50
N GLU D 311 5.62 -44.67 -11.81
CA GLU D 311 6.41 -44.11 -12.92
C GLU D 311 5.63 -44.20 -14.21
N LEU D 312 5.17 -45.41 -14.54
CA LEU D 312 4.52 -45.71 -15.78
C LEU D 312 3.25 -44.91 -16.03
N TYR D 313 2.47 -44.68 -14.97
CA TYR D 313 1.14 -44.07 -15.11
C TYR D 313 1.14 -42.55 -14.93
N THR D 314 2.31 -41.97 -14.56
CA THR D 314 2.45 -40.54 -14.42
C THR D 314 3.06 -40.14 -15.74
N ARG D 315 2.31 -39.44 -16.56
CA ARG D 315 2.79 -39.06 -17.90
C ARG D 315 2.36 -37.62 -18.26
N PRO D 316 3.07 -36.99 -19.22
CA PRO D 316 2.58 -35.70 -19.65
C PRO D 316 1.14 -35.71 -20.13
N ASP D 317 0.73 -36.85 -20.74
CA ASP D 317 -0.63 -37.09 -21.23
C ASP D 317 -1.53 -37.90 -20.26
N ASN D 318 -1.09 -38.09 -19.01
CA ASN D 318 -1.92 -38.82 -18.02
C ASN D 318 -1.73 -38.33 -16.59
N ALA D 319 -2.78 -37.73 -15.96
CA ALA D 319 -2.74 -37.37 -14.56
C ALA D 319 -2.69 -38.67 -13.73
N LEU D 320 -1.98 -38.64 -12.61
CA LEU D 320 -1.85 -39.81 -11.69
C LEU D 320 -2.97 -39.77 -10.70
N PHE D 321 -3.77 -40.84 -10.69
CA PHE D 321 -4.80 -41.00 -9.69
C PHE D 321 -4.81 -42.48 -9.30
N VAL D 322 -4.46 -42.70 -8.04
CA VAL D 322 -4.47 -44.06 -7.49
C VAL D 322 -5.90 -44.41 -7.07
N ALA D 323 -6.61 -45.02 -8.00
CA ALA D 323 -8.03 -45.19 -7.93
C ALA D 323 -8.43 -46.27 -6.97
N GLU D 324 -7.49 -47.17 -6.77
CA GLU D 324 -7.63 -48.29 -5.80
C GLU D 324 -6.25 -48.62 -5.28
N ILE D 325 -6.13 -48.91 -3.98
CA ILE D 325 -4.93 -49.43 -3.38
C ILE D 325 -5.37 -50.28 -2.18
N GLY D 326 -4.53 -51.23 -1.84
CA GLY D 326 -4.74 -52.06 -0.63
C GLY D 326 -4.90 -51.25 0.63
N ASN D 327 -5.59 -51.80 1.62
CA ASN D 327 -5.82 -51.10 2.91
C ASN D 327 -5.00 -51.70 4.10
N ASP D 328 -4.17 -52.68 3.83
CA ASP D 328 -3.19 -53.12 4.81
C ASP D 328 -2.10 -52.08 5.06
N GLN D 329 -1.47 -52.20 6.23
CA GLN D 329 -0.51 -51.21 6.72
C GLN D 329 0.56 -50.75 5.68
N PRO D 330 1.10 -51.67 4.89
CA PRO D 330 2.28 -51.31 4.00
C PRO D 330 1.88 -50.28 2.93
N PHE D 331 0.60 -50.23 2.54
CA PHE D 331 0.12 -49.33 1.48
C PHE D 331 0.08 -47.88 1.83
N ALA D 332 -0.03 -47.57 3.10
CA ALA D 332 -0.39 -46.17 3.51
C ALA D 332 0.74 -45.19 3.08
N ARG D 333 1.97 -45.64 3.24
CA ARG D 333 3.11 -44.74 2.87
C ARG D 333 3.18 -44.41 1.41
N TYR D 334 2.53 -45.16 0.54
CA TYR D 334 2.54 -44.82 -0.90
C TYR D 334 1.80 -43.56 -1.24
N LEU D 335 1.01 -42.99 -0.30
CA LEU D 335 0.44 -41.65 -0.48
C LEU D 335 1.55 -40.64 -0.84
N PHE D 336 2.68 -40.75 -0.14
CA PHE D 336 3.72 -39.71 -0.26
C PHE D 336 4.30 -39.66 -1.68
N PRO D 337 4.79 -40.80 -2.28
CA PRO D 337 5.25 -40.71 -3.66
C PRO D 337 4.13 -40.41 -4.66
N THR D 338 2.88 -40.81 -4.37
CA THR D 338 1.73 -40.46 -5.19
C THR D 338 1.64 -38.96 -5.33
N LEU D 339 1.61 -38.27 -4.19
CA LEU D 339 1.53 -36.78 -4.20
C LEU D 339 2.83 -36.18 -4.76
N GLY D 340 3.98 -36.75 -4.43
CA GLY D 340 5.31 -36.27 -4.98
C GLY D 340 5.38 -36.22 -6.49
N LYS D 341 4.76 -37.19 -7.17
CA LYS D 341 4.56 -37.20 -8.63
C LYS D 341 3.50 -36.23 -9.19
N GLY D 342 2.88 -35.45 -8.33
CA GLY D 342 1.79 -34.61 -8.71
C GLY D 342 0.45 -35.29 -8.80
N GLY D 343 0.40 -36.48 -8.24
CA GLY D 343 -0.92 -37.16 -8.17
C GLY D 343 -2.06 -36.30 -7.68
N ILE D 344 -3.23 -36.56 -8.25
CA ILE D 344 -4.46 -35.87 -7.89
C ILE D 344 -5.27 -36.58 -6.79
N GLY D 345 -4.85 -37.79 -6.47
CA GLY D 345 -5.59 -38.51 -5.43
C GLY D 345 -5.16 -39.92 -5.18
N PHE D 346 -5.82 -40.54 -4.19
CA PHE D 346 -5.39 -41.79 -3.56
C PHE D 346 -6.59 -42.37 -2.81
N SER D 347 -6.93 -43.62 -3.12
CA SER D 347 -8.23 -44.13 -2.68
C SER D 347 -8.07 -45.61 -2.26
N PRO D 348 -7.70 -45.75 -1.00
CA PRO D 348 -7.72 -47.07 -0.38
C PRO D 348 -9.05 -47.78 -0.47
N PHE D 349 -8.95 -49.09 -0.70
CA PHE D 349 -10.16 -49.90 -0.99
C PHE D 349 -10.56 -50.68 0.27
N GLY D 350 -11.86 -50.84 0.39
CA GLY D 350 -12.43 -51.67 1.42
C GLY D 350 -12.61 -50.99 2.79
N MET D 351 -12.86 -49.68 2.77
CA MET D 351 -12.90 -48.87 3.98
C MET D 351 -14.33 -48.80 4.48
N ASP D 352 -14.87 -49.98 4.81
CA ASP D 352 -16.17 -49.98 5.42
C ASP D 352 -16.32 -51.19 6.36
N ASP D 353 -17.37 -51.18 7.16
CA ASP D 353 -17.61 -52.24 8.18
C ASP D 353 -18.76 -53.09 7.78
N THR D 354 -18.76 -53.50 6.51
CA THR D 354 -19.83 -54.37 5.98
C THR D 354 -19.47 -55.89 6.08
N ASP D 355 -18.50 -56.22 6.94
CA ASP D 355 -18.10 -57.58 7.25
C ASP D 355 -17.50 -58.29 6.04
N TYR D 356 -16.50 -57.65 5.44
CA TYR D 356 -15.73 -58.26 4.41
C TYR D 356 -14.29 -57.77 4.41
N THR D 357 -13.38 -58.69 4.16
CA THR D 357 -11.99 -58.30 3.82
C THR D 357 -11.52 -59.11 2.64
N ASN D 358 -10.79 -58.47 1.70
CA ASN D 358 -10.13 -59.17 0.59
C ASN D 358 -8.71 -59.66 0.93
N TYR D 359 -8.30 -59.67 2.20
CA TYR D 359 -7.09 -60.42 2.58
C TYR D 359 -7.12 -61.77 1.84
N PRO D 360 -5.99 -62.22 1.26
CA PRO D 360 -4.62 -61.66 1.32
C PRO D 360 -4.27 -60.32 0.62
N LEU D 361 -5.20 -59.76 -0.15
CA LEU D 361 -4.95 -58.44 -0.79
C LEU D 361 -4.89 -57.35 0.24
N GLY D 362 -5.97 -57.14 0.99
CA GLY D 362 -6.02 -56.16 2.06
C GLY D 362 -5.74 -56.66 3.46
N ALA D 363 -6.10 -55.83 4.41
CA ALA D 363 -5.80 -56.09 5.80
C ALA D 363 -6.56 -57.37 6.25
N LYS D 364 -5.89 -58.22 7.01
CA LYS D 364 -6.53 -59.40 7.67
C LYS D 364 -7.71 -59.04 8.54
N VAL D 365 -7.53 -57.99 9.36
CA VAL D 365 -8.54 -57.51 10.31
C VAL D 365 -8.89 -56.04 10.02
N TYR D 366 -10.16 -55.78 9.78
CA TYR D 366 -10.59 -54.38 9.55
C TYR D 366 -11.05 -53.82 10.87
N ASN D 367 -10.31 -52.87 11.46
CA ASN D 367 -10.64 -52.28 12.74
C ASN D 367 -10.07 -50.90 12.84
N ASP D 368 -10.14 -50.23 13.98
CA ASP D 368 -9.72 -48.82 14.07
C ASP D 368 -8.24 -48.70 13.72
N GLU D 369 -7.46 -49.71 14.07
CA GLU D 369 -5.96 -49.68 13.78
C GLU D 369 -5.74 -49.64 12.28
N THR D 370 -6.50 -50.42 11.53
CA THR D 370 -6.40 -50.48 10.11
C THR D 370 -6.63 -49.09 9.56
N ILE D 371 -7.69 -48.47 10.03
CA ILE D 371 -8.05 -47.13 9.53
C ILE D 371 -6.99 -46.13 9.91
N GLU D 372 -6.46 -46.30 11.12
CA GLU D 372 -5.61 -45.24 11.72
C GLU D 372 -4.30 -45.11 10.91
N GLN D 373 -3.88 -46.18 10.22
CA GLN D 373 -2.62 -46.12 9.43
C GLN D 373 -2.83 -45.11 8.29
N PHE D 374 -4.02 -45.01 7.74
CA PHE D 374 -4.30 -43.98 6.74
C PHE D 374 -4.63 -42.62 7.32
N ALA D 375 -5.36 -42.62 8.42
CA ALA D 375 -5.67 -41.38 9.12
C ALA D 375 -4.41 -40.60 9.42
N GLN D 376 -3.38 -41.30 9.86
CA GLN D 376 -2.12 -40.65 10.24
C GLN D 376 -1.43 -40.00 9.09
N VAL D 377 -1.49 -40.55 7.89
CA VAL D 377 -0.83 -39.88 6.76
C VAL D 377 -1.82 -38.89 6.17
N TYR D 378 -3.12 -39.09 6.21
CA TYR D 378 -4.06 -38.05 5.70
C TYR D 378 -4.03 -36.75 6.53
N ARG D 379 -3.75 -36.90 7.81
CA ARG D 379 -3.59 -35.77 8.79
C ARG D 379 -2.43 -34.84 8.36
N LEU D 380 -1.49 -35.37 7.62
CA LEU D 380 -0.35 -34.48 7.18
C LEU D 380 -0.84 -33.59 6.07
N VAL D 381 -1.76 -34.06 5.29
CA VAL D 381 -2.11 -33.36 4.04
C VAL D 381 -3.36 -32.49 4.16
N ASN D 382 -4.40 -32.98 4.83
CA ASN D 382 -5.65 -32.23 5.05
C ASN D 382 -5.46 -30.76 5.48
N PRO D 383 -4.63 -30.51 6.49
CA PRO D 383 -4.40 -29.08 6.87
C PRO D 383 -3.95 -28.12 5.81
N MET D 384 -3.24 -28.64 4.78
CA MET D 384 -2.73 -27.84 3.65
C MET D 384 -3.33 -28.29 2.29
N MET D 385 -4.47 -28.99 2.29
CA MET D 385 -4.89 -29.68 1.08
C MET D 385 -4.89 -28.76 -0.17
N ARG D 386 -5.55 -27.61 -0.06
CA ARG D 386 -5.68 -26.74 -1.22
C ARG D 386 -4.29 -26.14 -1.59
N GLU D 387 -3.56 -25.78 -0.51
CA GLU D 387 -2.25 -25.16 -0.75
C GLU D 387 -1.31 -26.10 -1.48
N TRP D 388 -1.26 -27.37 -1.02
CA TRP D 388 -0.56 -28.41 -1.69
C TRP D 388 -1.01 -28.63 -3.12
N ALA D 389 -2.30 -28.72 -3.34
CA ALA D 389 -2.85 -28.99 -4.67
C ALA D 389 -2.39 -27.94 -5.69
N ARG D 390 -2.29 -26.70 -5.23
CA ARG D 390 -1.91 -25.60 -6.09
C ARG D 390 -0.42 -25.74 -6.38
N LEU D 391 0.39 -26.00 -5.34
CA LEU D 391 1.84 -26.14 -5.58
C LEU D 391 2.25 -27.31 -6.48
N SER D 392 1.51 -28.40 -6.32
CA SER D 392 1.68 -29.54 -7.15
C SER D 392 1.50 -29.22 -8.67
N TYR D 393 0.53 -28.36 -8.99
CA TYR D 393 0.14 -28.11 -10.37
C TYR D 393 1.00 -27.03 -10.94
N GLN D 394 1.09 -25.95 -10.18
CA GLN D 394 1.73 -24.72 -10.65
C GLN D 394 3.17 -24.61 -10.20
N GLY D 395 3.61 -25.47 -9.29
CA GLY D 395 4.94 -25.34 -8.71
C GLY D 395 5.71 -26.64 -8.65
N GLN D 396 6.53 -26.74 -7.61
CA GLN D 396 7.45 -27.83 -7.52
C GLN D 396 7.29 -28.58 -6.25
N VAL D 397 7.05 -29.87 -6.44
CA VAL D 397 6.84 -30.78 -5.32
C VAL D 397 7.65 -32.05 -5.45
N TRP D 398 7.85 -32.72 -4.29
CA TRP D 398 8.56 -33.98 -4.17
C TRP D 398 7.91 -34.82 -3.08
N GLY D 399 7.98 -36.13 -3.23
CA GLY D 399 7.43 -36.95 -2.15
C GLY D 399 8.07 -38.31 -2.25
N VAL D 400 8.44 -38.87 -1.12
CA VAL D 400 9.05 -40.18 -1.05
C VAL D 400 8.50 -41.06 0.07
N ALA D 401 8.59 -42.37 -0.13
CA ALA D 401 8.26 -43.33 0.89
C ALA D 401 9.47 -44.18 1.24
N GLU D 402 9.40 -44.77 2.42
CA GLU D 402 10.46 -45.61 2.97
C GLU D 402 10.76 -46.82 2.03
N PRO D 403 11.99 -46.93 1.46
CA PRO D 403 12.12 -47.75 0.30
C PRO D 403 12.43 -49.19 0.48
N LEU D 404 12.62 -49.64 1.72
CA LEU D 404 12.74 -51.08 2.04
C LEU D 404 11.43 -51.54 2.62
N ASP D 405 10.92 -52.67 2.13
CA ASP D 405 9.75 -53.27 2.74
C ASP D 405 10.10 -53.85 4.10
N SER D 406 9.11 -54.27 4.89
CA SER D 406 9.39 -54.75 6.23
C SER D 406 10.24 -56.02 6.13
N THR D 407 11.21 -56.18 7.02
CA THR D 407 12.06 -57.39 7.05
C THR D 407 11.25 -58.69 7.22
N THR D 408 11.56 -59.67 6.36
CA THR D 408 10.90 -60.98 6.32
C THR D 408 11.10 -61.80 7.58
N GLN D 411 14.31 -63.35 6.18
CA GLN D 411 15.49 -62.50 6.28
C GLN D 411 16.06 -62.39 7.70
N LYS D 412 15.22 -62.54 8.71
CA LYS D 412 15.65 -62.41 10.10
C LYS D 412 16.54 -63.59 10.53
N ILE D 413 16.21 -64.79 10.04
CA ILE D 413 17.02 -65.99 10.28
C ILE D 413 18.49 -65.78 9.90
N TRP D 414 18.72 -65.19 8.72
CA TRP D 414 20.07 -64.86 8.24
C TRP D 414 20.82 -63.86 9.12
N ASN D 415 20.20 -62.72 9.40
CA ASN D 415 20.82 -61.62 10.17
C ASN D 415 21.26 -62.02 11.57
N GLU D 421 31.36 -59.64 11.03
CA GLU D 421 31.64 -58.63 10.01
C GLU D 421 30.47 -58.46 9.03
N GLU D 422 29.86 -59.57 8.63
CA GLU D 422 28.70 -59.58 7.69
C GLU D 422 27.51 -58.76 8.20
N LYS D 423 27.15 -58.99 9.47
CA LYS D 423 26.05 -58.22 10.11
C LYS D 423 26.37 -56.72 10.02
N GLU D 424 27.63 -56.36 10.29
CA GLU D 424 28.07 -54.96 10.17
C GLU D 424 27.84 -54.44 8.76
N GLN D 425 28.23 -55.23 7.76
CA GLN D 425 28.09 -54.86 6.35
C GLN D 425 26.63 -54.81 5.95
N HIS D 426 25.83 -55.72 6.50
CA HIS D 426 24.38 -55.69 6.27
C HIS D 426 23.78 -54.34 6.68
N LYS D 427 24.06 -53.93 7.92
CA LYS D 427 23.53 -52.68 8.52
C LYS D 427 23.98 -51.45 7.75
N LYS D 428 25.26 -51.36 7.38
CA LYS D 428 25.76 -50.35 6.42
C LYS D 428 24.99 -50.30 5.08
N ASP D 429 24.83 -51.44 4.44
CA ASP D 429 24.09 -51.52 3.19
C ASP D 429 22.61 -51.07 3.36
N ARG D 430 21.97 -51.48 4.44
CA ARG D 430 20.59 -51.07 4.70
C ARG D 430 20.50 -49.57 4.98
N ALA D 431 21.42 -49.05 5.81
CA ALA D 431 21.45 -47.60 6.08
C ALA D 431 21.51 -46.80 4.75
N SER D 432 22.38 -47.20 3.81
CA SER D 432 22.52 -46.56 2.49
C SER D 432 21.22 -46.60 1.70
N ALA D 433 20.59 -47.78 1.71
CA ALA D 433 19.31 -47.95 0.97
C ALA D 433 18.23 -47.06 1.59
N LEU D 434 18.29 -46.91 2.92
CA LEU D 434 17.32 -46.13 3.70
C LEU D 434 17.63 -44.61 3.74
N THR D 435 18.51 -44.13 2.82
CA THR D 435 18.85 -42.73 2.66
C THR D 435 18.50 -42.37 1.20
N GLN D 436 17.63 -41.39 1.04
CA GLN D 436 17.12 -40.93 -0.23
C GLN D 436 17.55 -39.47 -0.46
N GLN D 437 18.04 -39.19 -1.65
CA GLN D 437 18.39 -37.83 -2.01
C GLN D 437 17.37 -37.16 -2.89
N LEU D 438 17.12 -35.88 -2.66
CA LEU D 438 16.24 -35.02 -3.46
C LEU D 438 16.98 -33.76 -3.85
N ASP D 439 17.03 -33.49 -5.15
CA ASP D 439 17.61 -32.25 -5.67
C ASP D 439 16.55 -31.21 -5.71
N LEU D 440 16.64 -30.22 -4.84
CA LEU D 440 15.59 -29.20 -4.66
C LEU D 440 16.07 -27.86 -5.25
N GLY D 441 17.08 -27.95 -6.11
CA GLY D 441 17.55 -26.76 -6.85
C GLY D 441 18.83 -26.30 -6.20
N LEU D 442 18.81 -25.15 -5.47
CA LEU D 442 20.03 -24.75 -4.75
C LEU D 442 20.35 -25.66 -3.53
N TRP D 443 19.30 -26.33 -2.98
CA TRP D 443 19.37 -27.14 -1.73
C TRP D 443 18.99 -28.59 -2.14
N ASP D 444 19.61 -29.53 -1.45
CA ASP D 444 19.16 -30.94 -1.50
C ASP D 444 18.56 -31.29 -0.17
N ALA D 445 17.64 -32.27 -0.16
CA ALA D 445 17.19 -32.86 1.12
C ALA D 445 17.64 -34.29 1.10
N GLU D 446 17.97 -34.79 2.28
CA GLU D 446 18.31 -36.18 2.55
C GLU D 446 17.26 -36.71 3.55
N VAL D 447 16.59 -37.78 3.14
CA VAL D 447 15.50 -38.36 3.91
C VAL D 447 16.03 -39.68 4.32
N THR D 448 15.94 -39.92 5.62
CA THR D 448 16.32 -41.15 6.29
C THR D 448 15.21 -41.67 7.20
N TYR D 449 15.27 -43.00 7.43
CA TYR D 449 14.14 -43.71 8.10
C TYR D 449 14.56 -44.60 9.27
N GLY D 450 13.92 -44.41 10.41
CA GLY D 450 14.11 -45.24 11.58
C GLY D 450 15.42 -45.00 12.26
N ARG D 451 15.44 -43.85 12.87
CA ARG D 451 16.60 -43.40 13.69
C ARG D 451 16.14 -42.49 14.78
N PRO D 452 17.01 -42.26 15.78
CA PRO D 452 16.66 -41.38 16.88
C PRO D 452 16.45 -39.98 16.36
N MET D 453 15.87 -39.16 17.22
CA MET D 453 15.67 -37.68 16.86
C MET D 453 16.86 -36.84 17.29
N PHE D 454 17.84 -37.47 17.92
CA PHE D 454 19.10 -36.88 18.37
C PHE D 454 20.35 -37.65 17.85
N TRP D 455 21.38 -36.89 17.51
CA TRP D 455 22.67 -37.39 16.98
C TRP D 455 22.57 -38.05 15.59
N VAL D 456 23.57 -38.86 15.17
CA VAL D 456 23.69 -39.33 13.78
C VAL D 456 23.78 -40.87 13.68
N THR D 457 23.25 -41.62 14.64
CA THR D 457 23.28 -43.09 14.49
C THR D 457 22.57 -43.37 13.16
N PRO D 458 23.17 -44.26 12.30
CA PRO D 458 22.60 -44.54 10.99
C PRO D 458 21.16 -45.06 11.07
N PRO D 459 20.35 -44.71 10.07
CA PRO D 459 18.99 -45.26 9.96
C PRO D 459 18.97 -46.80 9.90
N GLU D 460 17.97 -47.38 10.54
CA GLU D 460 17.70 -48.86 10.53
C GLU D 460 16.32 -49.27 10.02
N GLY D 461 15.54 -48.27 9.60
CA GLY D 461 14.15 -48.39 9.19
C GLY D 461 13.15 -48.52 10.31
N ASN D 462 11.89 -48.24 9.97
CA ASN D 462 10.80 -48.43 10.88
C ASN D 462 10.36 -49.87 10.74
N THR D 463 9.82 -50.43 11.86
CA THR D 463 9.20 -51.72 11.84
C THR D 463 7.71 -51.56 12.31
N PRO D 464 6.75 -51.66 11.39
CA PRO D 464 6.93 -51.99 9.99
C PRO D 464 7.40 -50.77 9.15
N ALA D 465 7.82 -51.02 7.93
CA ALA D 465 8.14 -49.94 6.98
C ALA D 465 6.89 -49.03 6.91
N ALA D 466 7.05 -47.70 7.05
CA ALA D 466 5.88 -46.82 7.15
C ALA D 466 6.20 -45.34 6.77
N GLY D 467 7.47 -44.99 6.71
CA GLY D 467 7.77 -43.56 6.65
C GLY D 467 7.63 -42.93 5.27
N GLY D 468 7.63 -41.60 5.35
CA GLY D 468 7.65 -40.84 4.14
C GLY D 468 7.84 -39.35 4.28
N ALA D 469 7.95 -38.65 3.15
CA ALA D 469 8.08 -37.18 3.26
C ALA D 469 7.51 -36.44 2.07
N LEU D 470 7.01 -35.25 2.30
CA LEU D 470 6.56 -34.36 1.23
C LEU D 470 7.34 -33.05 1.37
N ILE D 471 7.70 -32.50 0.21
CA ILE D 471 8.37 -31.18 0.14
C ILE D 471 7.77 -30.41 -1.07
N ALA D 472 7.56 -29.14 -0.84
CA ALA D 472 7.16 -28.22 -1.94
C ALA D 472 8.07 -27.06 -1.86
N GLN D 473 8.46 -26.60 -3.02
CA GLN D 473 9.38 -25.47 -3.07
C GLN D 473 8.54 -24.15 -3.11
N LEU D 474 8.79 -23.25 -2.18
CA LEU D 474 8.14 -21.93 -2.10
C LEU D 474 8.95 -20.84 -2.79
N ASP D 475 10.28 -20.92 -2.73
CA ASP D 475 11.14 -19.88 -3.33
C ASP D 475 12.52 -20.51 -3.43
N ASP D 476 13.51 -19.78 -3.93
CA ASP D 476 14.80 -20.33 -4.12
C ASP D 476 15.46 -21.08 -2.89
N ASN D 477 15.14 -20.59 -1.70
CA ASN D 477 15.78 -21.01 -0.48
C ASN D 477 14.72 -21.41 0.57
N GLU D 478 13.43 -21.52 0.18
CA GLU D 478 12.35 -21.83 1.15
C GLU D 478 11.46 -22.93 0.64
N TYR D 479 11.26 -23.87 1.55
CA TYR D 479 10.43 -25.03 1.32
C TYR D 479 9.36 -25.26 2.38
N LEU D 480 8.29 -25.90 1.96
CA LEU D 480 7.26 -26.47 2.85
C LEU D 480 7.58 -27.97 3.00
N VAL D 481 7.58 -28.47 4.22
CA VAL D 481 8.07 -29.81 4.51
C VAL D 481 7.12 -30.42 5.52
N THR D 482 6.63 -31.63 5.23
CA THR D 482 5.97 -32.44 6.31
C THR D 482 6.35 -33.88 6.04
N ALA D 483 6.62 -34.66 7.14
CA ALA D 483 7.12 -35.99 6.94
C ALA D 483 6.62 -36.91 8.11
N TYR D 484 6.89 -38.20 8.03
CA TYR D 484 6.25 -39.20 8.88
C TYR D 484 7.31 -40.26 9.18
N LYS D 485 7.70 -40.40 10.44
CA LYS D 485 8.60 -41.48 10.94
C LYS D 485 9.88 -41.44 10.14
N ALA D 486 10.49 -40.23 10.08
CA ALA D 486 11.59 -39.95 9.15
C ALA D 486 12.35 -38.75 9.65
N ARG D 487 13.60 -38.70 9.19
CA ARG D 487 14.38 -37.45 9.30
C ARG D 487 14.59 -36.84 7.93
N VAL D 488 14.44 -35.49 7.87
CA VAL D 488 14.72 -34.71 6.65
C VAL D 488 15.87 -33.75 7.00
N GLU D 489 16.95 -33.87 6.21
CA GLU D 489 18.13 -32.97 6.35
C GLU D 489 18.35 -32.17 5.07
N PHE D 490 18.55 -30.87 5.24
CA PHE D 490 18.88 -30.01 4.13
C PHE D 490 20.39 -29.72 4.05
N LYS D 491 20.88 -29.66 2.82
CA LYS D 491 22.30 -29.33 2.54
C LYS D 491 22.39 -28.56 1.21
N PRO D 492 23.54 -27.89 0.91
CA PRO D 492 23.71 -27.27 -0.41
C PRO D 492 23.68 -28.35 -1.51
N SER D 493 23.06 -28.03 -2.65
CA SER D 493 23.08 -28.87 -3.83
C SER D 493 24.38 -28.85 -4.64
N GLN D 494 25.16 -27.81 -4.42
CA GLN D 494 26.40 -27.57 -5.13
C GLN D 494 27.40 -26.93 -4.19
N GLU D 495 28.66 -26.92 -4.63
CA GLU D 495 29.72 -26.37 -3.81
C GLU D 495 29.50 -24.89 -3.66
N LEU D 496 29.80 -24.38 -2.48
CA LEU D 496 29.50 -23.00 -2.17
C LEU D 496 30.63 -22.05 -2.29
N ALA D 497 31.71 -22.46 -2.96
CA ALA D 497 32.76 -21.48 -3.34
C ALA D 497 33.31 -20.66 -2.16
N GLY D 498 33.48 -21.30 -1.00
CA GLY D 498 33.96 -20.62 0.22
C GLY D 498 32.93 -20.10 1.24
N LYS D 499 31.64 -20.12 0.91
CA LYS D 499 30.60 -19.72 1.89
C LYS D 499 30.25 -20.89 2.83
N LYS D 500 29.68 -20.56 3.95
CA LYS D 500 29.08 -21.60 4.83
C LYS D 500 27.59 -21.59 4.66
N PHE D 501 26.89 -22.57 5.26
CA PHE D 501 25.44 -22.56 5.10
C PHE D 501 24.88 -23.00 6.46
N MET D 502 23.61 -22.64 6.64
CA MET D 502 22.86 -23.03 7.84
C MET D 502 21.39 -22.96 7.48
N ILE D 503 20.60 -23.55 8.37
CA ILE D 503 19.20 -23.25 8.42
C ILE D 503 19.02 -21.80 8.86
N GLU D 504 18.33 -20.99 8.11
CA GLU D 504 18.02 -19.64 8.57
C GLU D 504 16.86 -19.74 9.60
N ARG D 505 15.81 -20.47 9.26
CA ARG D 505 14.61 -20.44 10.07
C ARG D 505 13.71 -21.62 9.69
N VAL D 506 13.24 -22.33 10.72
CA VAL D 506 12.22 -23.36 10.54
C VAL D 506 11.03 -22.90 11.41
N GLU D 507 9.92 -22.78 10.76
CA GLU D 507 8.60 -22.48 11.45
C GLU D 507 7.61 -23.61 11.25
N GLU D 508 6.93 -24.01 12.34
CA GLU D 508 5.81 -24.94 12.26
C GLU D 508 4.55 -24.05 12.31
N GLY D 509 3.57 -24.33 11.45
CA GLY D 509 2.40 -23.49 11.32
C GLY D 509 1.33 -24.18 10.53
N ARG D 510 0.43 -23.36 10.07
CA ARG D 510 -0.75 -23.77 9.34
C ARG D 510 -1.20 -22.66 8.47
N PHE D 511 -2.03 -22.99 7.49
CA PHE D 511 -2.78 -22.01 6.68
C PHE D 511 -4.13 -21.73 7.22
N GLU D 512 -4.47 -20.46 7.38
CA GLU D 512 -5.86 -20.02 7.64
C GLU D 512 -6.21 -18.97 6.60
N LYS D 513 -7.34 -19.15 5.92
CA LYS D 513 -7.74 -18.26 4.83
C LYS D 513 -6.68 -18.14 3.71
N GLY D 514 -5.96 -19.24 3.44
CA GLY D 514 -4.83 -19.22 2.52
C GLY D 514 -3.54 -18.52 2.93
N LYS D 515 -3.48 -17.99 4.17
CA LYS D 515 -2.28 -17.33 4.68
C LYS D 515 -1.57 -18.17 5.77
N TRP D 516 -0.27 -18.10 5.76
CA TRP D 516 0.55 -18.83 6.78
C TRP D 516 0.44 -18.23 8.16
N VAL D 517 0.08 -19.07 9.14
CA VAL D 517 0.05 -18.72 10.56
C VAL D 517 1.17 -19.49 11.28
N MET D 518 2.13 -18.77 11.85
CA MET D 518 3.19 -19.45 12.58
C MET D 518 2.72 -19.83 13.99
N GLU D 519 3.06 -21.05 14.41
CA GLU D 519 2.77 -21.57 15.74
C GLU D 519 4.01 -21.58 16.62
N ARG D 520 5.16 -21.97 16.09
CA ARG D 520 6.42 -21.92 16.86
C ARG D 520 7.56 -21.99 15.86
N VAL D 521 8.74 -21.67 16.37
CA VAL D 521 9.96 -21.90 15.59
C VAL D 521 10.68 -23.14 16.10
N TRP D 522 11.02 -24.03 15.18
CA TRP D 522 11.90 -25.17 15.50
C TRP D 522 13.32 -24.70 15.51
N ASN D 523 14.02 -24.95 16.60
CA ASN D 523 15.42 -24.60 16.69
C ASN D 523 16.14 -25.52 17.69
N GLY D 524 17.44 -25.28 17.89
CA GLY D 524 18.24 -26.01 18.83
C GLY D 524 18.17 -27.53 18.56
N ASP D 525 17.92 -28.36 19.60
CA ASP D 525 17.82 -29.75 19.36
C ASP D 525 16.87 -30.10 18.22
N GLN D 526 15.78 -29.29 18.02
CA GLN D 526 14.77 -29.69 17.00
C GLN D 526 15.33 -29.52 15.52
N THR D 527 16.47 -28.80 15.32
CA THR D 527 17.07 -28.61 13.99
C THR D 527 18.56 -28.95 13.92
N ASP D 528 19.16 -29.39 15.03
CA ASP D 528 20.58 -29.79 15.02
C ASP D 528 20.86 -31.08 14.26
N TRP D 529 19.87 -31.97 14.27
CA TRP D 529 20.00 -33.37 13.83
C TRP D 529 18.99 -33.61 12.72
N GLY D 530 18.90 -32.68 11.76
CA GLY D 530 17.82 -32.72 10.76
C GLY D 530 16.45 -32.41 11.36
N LEU D 531 15.40 -32.53 10.58
CA LEU D 531 14.07 -32.35 11.02
C LEU D 531 13.39 -33.72 11.24
N ASN D 532 13.10 -34.08 12.47
CA ASN D 532 12.76 -35.48 12.83
C ASN D 532 11.24 -35.51 13.09
N PHE D 533 10.54 -36.45 12.46
CA PHE D 533 9.07 -36.56 12.51
C PHE D 533 8.75 -37.95 13.05
N THR D 534 7.71 -38.03 13.86
CA THR D 534 7.23 -39.31 14.39
C THR D 534 5.87 -39.57 13.65
N ASP D 535 4.83 -40.05 14.39
CA ASP D 535 3.51 -40.30 13.80
C ASP D 535 2.60 -39.11 13.82
N ARG D 536 3.06 -38.00 14.42
CA ARG D 536 2.21 -36.81 14.59
C ARG D 536 2.45 -35.76 13.51
N PRO D 537 1.41 -34.99 13.24
CA PRO D 537 1.52 -34.04 12.17
C PRO D 537 2.17 -32.71 12.53
N HIS D 538 3.18 -32.34 11.73
CA HIS D 538 3.81 -30.99 11.77
C HIS D 538 4.07 -30.48 10.38
N LEU D 539 3.58 -29.28 10.06
CA LEU D 539 3.84 -28.62 8.78
C LEU D 539 4.88 -27.53 9.02
N LEU D 540 5.98 -27.62 8.27
CA LEU D 540 7.13 -26.72 8.49
C LEU D 540 7.41 -25.88 7.24
N ARG D 541 7.80 -24.64 7.50
CA ARG D 541 8.31 -23.74 6.45
C ARG D 541 9.80 -23.62 6.80
N VAL D 542 10.68 -24.02 5.90
CA VAL D 542 12.10 -24.15 6.07
C VAL D 542 12.76 -23.16 5.14
N LYS D 543 13.57 -22.28 5.70
CA LYS D 543 14.32 -21.29 4.86
C LYS D 543 15.78 -21.61 5.12
N MET D 544 16.55 -21.84 4.07
CA MET D 544 18.00 -22.09 4.14
C MET D 544 18.78 -20.82 3.71
N ALA D 545 20.00 -20.65 4.25
CA ALA D 545 20.91 -19.54 3.77
C ALA D 545 22.35 -20.06 3.61
N SER D 546 23.04 -19.58 2.57
CA SER D 546 24.48 -19.60 2.47
C SER D 546 24.95 -18.22 2.95
N TYR D 547 26.12 -18.17 3.59
CA TYR D 547 26.59 -16.89 4.15
C TYR D 547 28.11 -16.78 4.08
N SER D 548 28.56 -15.53 3.93
N SER D 548 28.58 -15.56 3.87
CA SER D 548 29.98 -15.22 3.81
CA SER D 548 29.99 -15.35 3.72
C SER D 548 30.71 -15.39 5.13
C SER D 548 30.71 -15.40 5.07
N VAL D 549 31.95 -15.90 5.04
CA VAL D 549 32.83 -15.88 6.22
C VAL D 549 34.18 -15.25 5.94
N GLN D 550 34.37 -14.79 4.69
CA GLN D 550 35.44 -13.84 4.30
C GLN D 550 36.17 -13.19 5.47
N ALA E 12 -6.68 11.02 -46.26
CA ALA E 12 -6.01 10.56 -47.51
C ALA E 12 -6.14 9.05 -47.58
N PRO E 13 -5.92 8.44 -48.76
CA PRO E 13 -6.06 6.98 -48.82
C PRO E 13 -4.98 6.23 -48.05
N LEU E 14 -5.29 5.00 -47.70
CA LEU E 14 -4.39 4.19 -46.92
C LEU E 14 -3.16 3.85 -47.76
N PRO E 15 -1.97 3.98 -47.15
CA PRO E 15 -0.85 3.35 -47.81
C PRO E 15 -1.02 1.86 -48.16
N GLU E 16 -0.48 1.46 -49.30
CA GLU E 16 -0.57 0.08 -49.79
C GLU E 16 0.58 -0.30 -50.72
N LEU E 17 0.96 -1.57 -50.66
CA LEU E 17 1.95 -2.11 -51.55
C LEU E 17 1.20 -2.78 -52.72
N LEU E 18 1.44 -2.28 -53.93
CA LEU E 18 0.96 -2.84 -55.21
C LEU E 18 2.05 -3.63 -55.88
N SER E 19 1.65 -4.72 -56.55
CA SER E 19 2.52 -5.60 -57.28
C SER E 19 1.74 -6.00 -58.50
N ASN E 20 2.20 -5.62 -59.68
CA ASN E 20 1.60 -6.11 -60.93
C ASN E 20 2.67 -6.22 -61.98
N ASN E 21 2.56 -7.25 -62.83
CA ASN E 21 3.50 -7.46 -63.97
C ASN E 21 5.00 -7.52 -63.57
N GLY E 22 5.30 -8.14 -62.45
CA GLY E 22 6.67 -8.25 -61.97
C GLY E 22 7.21 -7.02 -61.26
N LYS E 23 6.41 -5.97 -61.13
CA LYS E 23 6.82 -4.67 -60.56
C LYS E 23 6.07 -4.33 -59.28
N HIS E 24 6.63 -3.43 -58.48
CA HIS E 24 6.02 -3.08 -57.21
C HIS E 24 6.08 -1.63 -56.96
N ALA E 25 5.12 -1.17 -56.20
CA ALA E 25 5.20 0.16 -55.66
C ALA E 25 4.54 0.35 -54.27
N LEU E 26 5.20 1.12 -53.42
CA LEU E 26 4.58 1.54 -52.17
C LEU E 26 3.81 2.82 -52.45
N MET E 27 2.47 2.73 -52.39
CA MET E 27 1.59 3.85 -52.53
C MET E 27 1.48 4.57 -51.20
N VAL E 28 1.75 5.87 -51.20
CA VAL E 28 1.51 6.72 -50.04
C VAL E 28 0.72 7.92 -50.57
N ASP E 29 -0.38 8.26 -49.88
CA ASP E 29 -1.27 9.30 -50.32
C ASP E 29 -1.68 9.14 -51.78
N GLY E 30 -1.81 7.88 -52.26
CA GLY E 30 -2.43 7.57 -53.52
C GLY E 30 -1.48 7.63 -54.70
N ALA E 31 -0.18 7.69 -54.44
CA ALA E 31 0.81 7.65 -55.53
C ALA E 31 2.06 6.92 -55.02
N PRO E 32 2.82 6.27 -55.92
CA PRO E 32 4.12 5.69 -55.54
C PRO E 32 5.07 6.64 -54.76
N TYR E 33 5.85 6.05 -53.87
CA TYR E 33 6.61 6.74 -52.84
C TYR E 33 7.87 5.90 -52.64
N ILE E 34 8.97 6.60 -52.45
CA ILE E 34 10.25 5.97 -52.07
C ILE E 34 10.60 6.43 -50.69
N ILE E 35 10.88 5.40 -49.88
CA ILE E 35 11.43 5.59 -48.57
C ILE E 35 12.93 5.94 -48.69
N LEU E 36 13.24 7.23 -48.52
CA LEU E 36 14.61 7.68 -48.30
C LEU E 36 14.78 7.80 -46.78
N GLY E 37 15.11 6.70 -46.17
CA GLY E 37 14.99 6.53 -44.77
C GLY E 37 16.10 6.86 -43.86
N SER E 38 15.78 6.93 -42.62
CA SER E 38 16.75 6.90 -41.51
C SER E 38 16.19 5.92 -40.49
N GLN E 39 17.06 5.13 -39.86
CA GLN E 39 16.62 4.27 -38.76
C GLN E 39 17.44 4.64 -37.50
N THR E 40 16.80 4.70 -36.35
CA THR E 40 17.41 5.00 -35.07
C THR E 40 18.20 3.75 -34.57
N ASN E 41 19.10 4.00 -33.63
CA ASN E 41 19.71 2.93 -32.83
C ASN E 41 18.57 2.36 -31.99
N ASN E 42 18.89 1.27 -31.33
CA ASN E 42 17.79 0.44 -30.67
C ASN E 42 17.20 1.01 -29.40
N SER E 43 17.80 2.03 -28.78
CA SER E 43 17.37 2.56 -27.47
C SER E 43 16.88 3.98 -27.53
N SER E 44 16.39 4.35 -28.73
CA SER E 44 15.93 5.71 -29.00
C SER E 44 14.42 5.84 -29.02
N ASN E 45 13.74 4.74 -28.66
CA ASN E 45 12.30 4.71 -28.71
C ASN E 45 11.63 5.28 -27.47
N TYR E 46 12.09 6.47 -27.05
CA TYR E 46 11.51 7.14 -25.90
C TYR E 46 11.43 8.62 -26.19
N PRO E 47 10.45 9.33 -25.58
CA PRO E 47 10.29 10.81 -25.77
C PRO E 47 11.61 11.56 -25.68
N ASP E 48 12.40 11.27 -24.66
CA ASP E 48 13.54 12.06 -24.27
C ASP E 48 14.61 11.84 -25.32
N ALA E 49 14.58 10.75 -26.06
CA ALA E 49 15.65 10.55 -27.06
C ALA E 49 15.41 11.20 -28.41
N LEU E 50 14.17 11.55 -28.71
CA LEU E 50 13.79 12.05 -30.01
C LEU E 50 14.57 13.32 -30.36
N LYS E 51 14.87 14.18 -29.39
CA LYS E 51 15.77 15.36 -29.70
C LYS E 51 17.12 14.96 -30.28
N ASP E 52 17.56 13.70 -30.08
CA ASP E 52 18.85 13.20 -30.65
C ASP E 52 18.74 12.41 -31.95
N VAL E 53 17.50 12.35 -32.47
CA VAL E 53 17.12 11.69 -33.69
C VAL E 53 16.82 12.69 -34.79
N TRP E 54 15.89 13.65 -34.53
CA TRP E 54 15.42 14.58 -35.56
C TRP E 54 16.52 15.37 -36.29
N PRO E 55 17.51 15.90 -35.56
CA PRO E 55 18.56 16.69 -36.30
C PRO E 55 19.27 15.86 -37.36
N SER E 56 19.62 14.61 -37.07
CA SER E 56 20.33 13.77 -38.08
C SER E 56 19.41 13.54 -39.24
N MET E 57 18.11 13.34 -38.96
CA MET E 57 17.20 13.12 -40.04
C MET E 57 17.14 14.32 -41.03
N GLU E 58 17.22 15.49 -40.45
CA GLU E 58 17.13 16.73 -41.19
C GLU E 58 18.45 16.97 -42.00
N LYS E 59 19.56 16.75 -41.35
CA LYS E 59 20.83 16.79 -42.08
C LYS E 59 20.90 15.77 -43.20
N MET E 60 20.33 14.56 -42.99
CA MET E 60 20.31 13.55 -44.06
C MET E 60 19.38 13.82 -45.26
N GLY E 61 18.35 14.67 -45.02
CA GLY E 61 17.24 14.78 -45.95
C GLY E 61 16.32 13.60 -46.07
N ALA E 62 16.25 12.77 -45.01
CA ALA E 62 15.33 11.60 -45.06
C ALA E 62 13.87 12.06 -44.99
N ASN E 63 13.01 11.30 -45.70
CA ASN E 63 11.53 11.48 -45.72
C ASN E 63 10.77 10.54 -44.75
N THR E 64 11.47 9.57 -44.14
CA THR E 64 10.79 8.49 -43.37
C THR E 64 11.72 8.04 -42.28
N LEU E 65 11.20 7.94 -41.08
CA LEU E 65 11.94 7.52 -39.89
C LEU E 65 11.47 6.10 -39.51
N SER E 66 12.40 5.17 -39.38
CA SER E 66 12.07 3.77 -38.86
C SER E 66 12.56 3.81 -37.45
N ILE E 67 11.67 3.51 -36.48
CA ILE E 67 11.99 3.58 -35.09
C ILE E 67 11.22 2.44 -34.35
N PRO E 68 11.79 1.92 -33.28
CA PRO E 68 11.03 0.83 -32.58
C PRO E 68 9.83 1.31 -31.87
N VAL E 69 8.83 0.39 -31.76
CA VAL E 69 7.83 0.48 -30.71
C VAL E 69 7.88 -0.86 -30.05
N ALA E 70 8.26 -0.88 -28.79
CA ALA E 70 8.56 -2.13 -28.03
C ALA E 70 7.30 -2.62 -27.27
N TRP E 71 7.12 -3.93 -27.33
CA TRP E 71 6.10 -4.58 -26.55
C TRP E 71 6.27 -4.21 -25.07
N GLU E 72 7.47 -4.26 -24.53
CA GLU E 72 7.67 -3.86 -23.16
C GLU E 72 7.21 -2.43 -22.76
N GLN E 73 7.26 -1.51 -23.69
CA GLN E 73 6.84 -0.16 -23.40
C GLN E 73 5.35 0.08 -23.48
N ILE E 74 4.68 -0.62 -24.40
CA ILE E 74 3.22 -0.44 -24.61
C ILE E 74 2.38 -1.27 -23.64
N GLU E 75 2.93 -2.38 -23.12
CA GLU E 75 2.19 -3.29 -22.19
C GLU E 75 3.08 -3.73 -21.04
N PRO E 76 3.61 -2.77 -20.24
CA PRO E 76 4.56 -3.08 -19.16
C PRO E 76 4.02 -4.01 -18.09
N VAL E 77 2.72 -3.90 -17.89
CA VAL E 77 1.97 -4.82 -16.99
C VAL E 77 0.84 -5.32 -17.84
N GLU E 78 0.56 -6.62 -17.72
CA GLU E 78 -0.35 -7.25 -18.61
C GLU E 78 -1.72 -6.57 -18.62
N GLY E 79 -2.20 -6.25 -19.79
CA GLY E 79 -3.43 -5.49 -19.97
C GLY E 79 -3.53 -3.99 -19.63
N GLN E 80 -2.42 -3.38 -19.21
CA GLN E 80 -2.31 -1.95 -18.87
C GLN E 80 -1.50 -1.25 -19.93
N PHE E 81 -2.16 -0.82 -20.99
CA PHE E 81 -1.46 -0.31 -22.18
C PHE E 81 -1.00 1.12 -22.04
N ASP E 82 0.12 1.44 -22.68
CA ASP E 82 0.75 2.77 -22.55
C ASP E 82 1.29 3.16 -23.94
N PHE E 83 0.57 4.09 -24.57
CA PHE E 83 0.96 4.63 -25.89
C PHE E 83 1.54 6.02 -25.78
N SER E 84 2.03 6.38 -24.60
CA SER E 84 2.59 7.72 -24.41
C SER E 84 3.74 8.06 -25.41
N PHE E 85 4.59 7.09 -25.69
CA PHE E 85 5.66 7.30 -26.71
C PHE E 85 5.08 7.52 -28.09
N VAL E 86 4.19 6.64 -28.51
CA VAL E 86 3.60 6.75 -29.85
C VAL E 86 2.95 8.10 -30.09
N ASP E 87 2.19 8.55 -29.10
CA ASP E 87 1.65 9.91 -29.04
C ASP E 87 2.70 10.97 -29.41
N VAL E 88 3.73 11.09 -28.60
CA VAL E 88 4.80 12.08 -28.82
C VAL E 88 5.44 11.92 -30.20
N LEU E 89 5.66 10.67 -30.58
CA LEU E 89 6.34 10.36 -31.83
C LEU E 89 5.55 10.84 -33.05
N LEU E 90 4.27 10.53 -33.02
CA LEU E 90 3.37 10.99 -34.04
C LEU E 90 3.33 12.51 -34.17
N LYS E 91 3.14 13.20 -33.05
CA LYS E 91 3.06 14.72 -33.06
C LYS E 91 4.39 15.35 -33.55
N GLU E 92 5.50 14.83 -33.06
CA GLU E 92 6.82 15.39 -33.45
C GLU E 92 7.14 15.12 -34.91
N ALA E 93 6.79 13.93 -35.42
CA ALA E 93 6.99 13.63 -36.83
C ALA E 93 6.17 14.57 -37.76
N ARG E 94 4.93 14.88 -37.35
CA ARG E 94 4.03 15.66 -38.13
C ARG E 94 4.50 17.10 -38.15
N GLN E 95 5.07 17.54 -37.05
CA GLN E 95 5.60 18.90 -36.99
C GLN E 95 6.77 19.02 -38.00
N ARG E 96 7.52 17.93 -38.10
CA ARG E 96 8.69 17.91 -39.01
C ARG E 96 8.38 17.49 -40.46
N LYS E 97 7.10 17.22 -40.75
CA LYS E 97 6.59 16.82 -42.02
C LYS E 97 7.26 15.60 -42.62
N VAL E 98 7.51 14.60 -41.77
CA VAL E 98 8.07 13.32 -42.24
C VAL E 98 7.12 12.15 -41.92
N ARG E 99 7.41 11.01 -42.55
CA ARG E 99 6.62 9.77 -42.34
C ARG E 99 7.38 8.81 -41.42
N LEU E 100 6.66 7.80 -40.97
CA LEU E 100 7.15 6.81 -39.99
C LEU E 100 6.99 5.38 -40.44
N VAL E 101 7.99 4.58 -40.11
CA VAL E 101 7.86 3.13 -40.20
C VAL E 101 8.08 2.70 -38.78
N LEU E 102 7.04 2.12 -38.17
CA LEU E 102 7.22 1.51 -36.83
C LEU E 102 7.67 0.05 -36.81
N LEU E 103 8.63 -0.17 -35.98
CA LEU E 103 9.27 -1.49 -35.89
C LEU E 103 8.84 -2.19 -34.62
N TRP E 104 7.96 -3.19 -34.76
CA TRP E 104 7.36 -3.91 -33.64
C TRP E 104 8.33 -4.90 -33.03
N PHE E 105 8.93 -4.55 -31.90
CA PHE E 105 9.92 -5.32 -31.22
C PHE E 105 9.17 -6.11 -30.17
N ALA E 106 8.98 -7.39 -30.39
CA ALA E 106 8.07 -8.14 -29.50
C ALA E 106 8.61 -9.55 -29.19
N THR E 107 8.05 -10.59 -29.83
CA THR E 107 8.48 -11.96 -29.60
C THR E 107 9.91 -12.20 -30.04
N TRP E 108 10.32 -11.57 -31.12
CA TRP E 108 11.75 -11.65 -31.56
C TRP E 108 12.22 -10.21 -31.86
N LYS E 109 13.30 -9.86 -31.22
CA LYS E 109 14.22 -8.77 -31.72
C LYS E 109 15.58 -9.54 -31.76
N ASN E 110 16.09 -9.72 -32.96
CA ASN E 110 17.41 -10.38 -33.25
C ASN E 110 17.46 -11.73 -32.56
N ASN E 111 16.44 -12.52 -32.84
CA ASN E 111 16.27 -13.85 -32.21
C ASN E 111 15.69 -14.00 -30.81
N ALA E 112 15.68 -12.96 -29.96
CA ALA E 112 15.51 -12.95 -28.55
C ALA E 112 14.33 -12.11 -28.07
N PRO E 113 13.84 -12.44 -26.90
CA PRO E 113 12.70 -11.73 -26.34
C PRO E 113 12.96 -10.55 -25.44
N HIS E 114 14.13 -9.90 -25.57
CA HIS E 114 14.48 -8.84 -24.65
C HIS E 114 13.51 -7.64 -24.57
N TYR E 115 12.79 -7.36 -25.67
CA TYR E 115 11.84 -6.25 -25.77
C TYR E 115 10.44 -6.68 -25.39
N ALA E 116 10.31 -7.97 -25.09
CA ALA E 116 9.02 -8.36 -24.52
C ALA E 116 8.93 -7.91 -23.08
N PRO E 117 7.68 -7.74 -22.55
CA PRO E 117 7.59 -7.23 -21.18
C PRO E 117 8.11 -8.27 -20.16
N ALA E 118 8.48 -7.83 -18.96
CA ALA E 118 9.03 -8.73 -17.90
C ALA E 118 8.14 -9.95 -17.63
N TRP E 119 6.83 -9.71 -17.68
CA TRP E 119 5.85 -10.77 -17.45
C TRP E 119 5.76 -11.80 -18.56
N VAL E 120 6.39 -11.53 -19.71
CA VAL E 120 6.51 -12.43 -20.79
C VAL E 120 7.87 -13.09 -20.69
N LYS E 121 8.96 -12.32 -20.84
CA LYS E 121 10.31 -12.86 -20.95
C LYS E 121 10.87 -13.60 -19.72
N LEU E 122 10.23 -13.39 -18.57
CA LEU E 122 10.71 -13.98 -17.32
C LEU E 122 9.78 -15.16 -17.00
N ASP E 123 8.80 -15.49 -17.85
CA ASP E 123 7.80 -16.58 -17.57
C ASP E 123 7.86 -17.67 -18.61
N ASN E 124 8.89 -18.48 -18.51
CA ASN E 124 9.14 -19.54 -19.49
C ASN E 124 8.09 -20.69 -19.48
N ALA E 125 7.51 -20.95 -18.30
CA ALA E 125 6.36 -21.88 -18.21
C ALA E 125 5.25 -21.47 -19.20
N ARG E 126 4.87 -20.18 -19.17
CA ARG E 126 3.83 -19.66 -19.98
C ARG E 126 4.21 -19.42 -21.44
N PHE E 127 5.42 -18.87 -21.60
CA PHE E 127 5.89 -18.38 -22.88
C PHE E 127 7.22 -19.09 -23.21
N PRO E 128 7.13 -20.27 -23.79
CA PRO E 128 8.31 -21.11 -23.82
C PRO E 128 9.37 -20.84 -24.90
N ARG E 129 10.60 -21.04 -24.46
CA ARG E 129 11.80 -20.99 -25.27
C ARG E 129 12.04 -22.22 -26.13
N VAL E 130 12.77 -22.01 -27.22
CA VAL E 130 13.43 -23.06 -28.05
C VAL E 130 14.35 -23.91 -27.17
N VAL E 131 14.15 -25.25 -27.27
CA VAL E 131 14.97 -26.27 -26.62
C VAL E 131 15.84 -26.99 -27.65
N LYS E 132 17.14 -27.06 -27.38
CA LYS E 132 18.10 -27.64 -28.30
C LYS E 132 17.95 -29.19 -28.33
N GLU E 133 18.61 -29.84 -29.30
CA GLU E 133 18.56 -31.29 -29.43
C GLU E 133 19.06 -31.98 -28.15
N ASP E 134 20.01 -31.35 -27.45
CA ASP E 134 20.60 -31.85 -26.18
C ASP E 134 19.87 -31.43 -24.90
N GLY E 135 18.68 -30.85 -25.06
CA GLY E 135 17.90 -30.41 -23.93
C GLY E 135 18.31 -29.14 -23.21
N ASP E 136 19.40 -28.47 -23.59
CA ASP E 136 19.69 -27.12 -23.10
C ASP E 136 18.74 -26.11 -23.78
N THR E 137 18.46 -25.03 -23.07
CA THR E 137 17.45 -24.04 -23.52
C THR E 137 18.14 -22.78 -24.07
N LEU E 138 17.65 -22.26 -25.18
CA LEU E 138 18.18 -20.99 -25.74
C LEU E 138 17.19 -19.86 -25.46
N ASN E 139 17.70 -18.62 -25.38
CA ASN E 139 16.84 -17.50 -25.11
C ASN E 139 16.26 -17.01 -26.42
N SER E 140 15.34 -17.83 -26.94
CA SER E 140 14.71 -17.60 -28.21
C SER E 140 13.34 -18.22 -28.08
N LEU E 141 12.34 -17.39 -28.23
CA LEU E 141 10.99 -17.89 -27.94
C LEU E 141 10.54 -18.81 -29.07
N SER E 142 9.94 -19.96 -28.70
CA SER E 142 9.48 -20.90 -29.66
C SER E 142 8.25 -20.38 -30.37
N PRO E 143 8.19 -20.53 -31.72
CA PRO E 143 7.02 -20.15 -32.50
C PRO E 143 5.84 -21.10 -32.28
N LEU E 144 6.06 -22.18 -31.54
CA LEU E 144 4.97 -23.09 -31.21
C LEU E 144 4.25 -22.78 -29.87
N GLY E 145 4.78 -21.78 -29.15
CA GLY E 145 4.17 -21.24 -27.97
C GLY E 145 2.87 -20.52 -28.27
N GLN E 146 1.73 -21.21 -28.06
CA GLN E 146 0.45 -20.58 -28.37
C GLN E 146 0.05 -19.42 -27.45
N ASN E 147 0.56 -19.40 -26.21
CA ASN E 147 0.27 -18.30 -25.27
C ASN E 147 1.04 -17.07 -25.72
N THR E 148 2.25 -17.32 -26.17
CA THR E 148 3.12 -16.24 -26.70
C THR E 148 2.44 -15.57 -27.89
N LEU E 149 1.97 -16.35 -28.84
CA LEU E 149 1.35 -15.85 -30.06
C LEU E 149 0.11 -15.05 -29.67
N ALA E 150 -0.80 -15.59 -28.87
CA ALA E 150 -1.92 -14.81 -28.46
C ALA E 150 -1.60 -13.46 -27.80
N ALA E 151 -0.52 -13.39 -27.03
CA ALA E 151 -0.19 -12.26 -26.19
C ALA E 151 0.43 -11.19 -27.14
N ASP E 152 1.27 -11.67 -28.02
CA ASP E 152 1.91 -10.76 -29.01
C ASP E 152 0.82 -10.09 -29.85
N LYS E 153 -0.05 -10.94 -30.38
CA LYS E 153 -1.18 -10.54 -31.21
C LYS E 153 -2.03 -9.51 -30.48
N LYS E 154 -2.41 -9.76 -29.24
CA LYS E 154 -3.27 -8.85 -28.51
C LYS E 154 -2.63 -7.44 -28.38
N ALA E 155 -1.34 -7.37 -28.02
CA ALA E 155 -0.67 -6.08 -27.86
C ALA E 155 -0.54 -5.40 -29.24
N PHE E 156 -0.17 -6.17 -30.26
CA PHE E 156 -0.04 -5.63 -31.67
C PHE E 156 -1.36 -4.99 -32.15
N VAL E 157 -2.43 -5.74 -31.91
CA VAL E 157 -3.79 -5.30 -32.20
C VAL E 157 -4.05 -3.97 -31.46
N GLU E 158 -3.67 -3.87 -30.18
CA GLU E 158 -3.76 -2.61 -29.43
C GLU E 158 -2.97 -1.45 -30.05
N LEU E 159 -1.74 -1.73 -30.46
CA LEU E 159 -0.98 -0.69 -31.22
C LEU E 159 -1.77 -0.26 -32.48
N MET E 160 -2.29 -1.18 -33.26
CA MET E 160 -2.89 -0.85 -34.49
C MET E 160 -4.20 -0.10 -34.22
N LYS E 161 -4.87 -0.47 -33.11
CA LYS E 161 -6.02 0.27 -32.64
C LYS E 161 -5.67 1.72 -32.36
N TYR E 162 -4.52 1.94 -31.72
CA TYR E 162 -4.06 3.29 -31.44
C TYR E 162 -3.86 4.02 -32.78
N LEU E 163 -3.22 3.39 -33.75
CA LEU E 163 -3.07 4.08 -35.04
C LEU E 163 -4.36 4.38 -35.79
N ALA E 164 -5.31 3.44 -35.70
CA ALA E 164 -6.56 3.64 -36.39
C ALA E 164 -7.34 4.85 -35.82
N LYS E 165 -7.21 5.08 -34.51
CA LYS E 165 -7.97 6.12 -33.81
C LYS E 165 -7.22 7.46 -33.87
N ARG E 166 -5.89 7.39 -33.87
CA ARG E 166 -5.04 8.55 -33.65
C ARG E 166 -4.11 8.92 -34.79
N ASP E 167 -4.22 8.25 -35.93
CA ASP E 167 -3.34 8.50 -37.09
C ASP E 167 -4.09 8.43 -38.41
N LYS E 168 -5.21 9.16 -38.50
CA LYS E 168 -6.10 9.16 -39.67
C LYS E 168 -5.51 9.65 -40.98
N ASP E 169 -4.45 10.45 -40.87
CA ASP E 169 -3.65 10.94 -42.01
C ASP E 169 -2.44 10.03 -42.32
N HIS E 170 -2.32 8.91 -41.62
CA HIS E 170 -1.32 7.91 -41.94
C HIS E 170 0.09 8.48 -41.93
N THR E 171 0.44 9.16 -40.87
CA THR E 171 1.87 9.46 -40.61
C THR E 171 2.74 8.19 -40.73
N VAL E 172 2.25 7.12 -40.11
CA VAL E 172 2.87 5.83 -40.14
C VAL E 172 2.33 5.19 -41.40
N ILE E 173 3.28 4.89 -42.30
CA ILE E 173 2.97 4.35 -43.57
C ILE E 173 3.17 2.81 -43.66
N MET E 174 3.99 2.23 -42.76
CA MET E 174 4.28 0.78 -42.78
C MET E 174 4.74 0.33 -41.40
N VAL E 175 4.46 -0.94 -41.10
CA VAL E 175 4.85 -1.54 -39.85
C VAL E 175 5.66 -2.83 -40.06
N GLN E 176 6.77 -2.90 -39.36
CA GLN E 176 7.61 -4.07 -39.36
C GLN E 176 7.14 -4.96 -38.22
N VAL E 177 6.82 -6.20 -38.54
CA VAL E 177 6.31 -7.15 -37.51
C VAL E 177 7.49 -8.02 -36.99
N GLN E 178 7.92 -7.82 -35.74
CA GLN E 178 9.13 -8.40 -35.14
C GLN E 178 10.33 -7.73 -35.75
N ASN E 179 11.50 -8.07 -35.31
CA ASN E 179 12.74 -7.54 -35.87
C ASN E 179 13.72 -8.74 -35.93
N GLU E 180 14.15 -9.15 -37.14
CA GLU E 180 15.12 -10.25 -37.32
C GLU E 180 14.68 -11.49 -36.46
N VAL E 181 13.61 -12.10 -36.92
CA VAL E 181 13.17 -13.37 -36.31
C VAL E 181 14.16 -14.50 -36.54
N GLY E 182 13.96 -15.58 -35.75
CA GLY E 182 14.69 -16.84 -35.90
C GLY E 182 15.45 -17.22 -34.62
N THR E 183 16.39 -18.17 -34.79
CA THR E 183 17.15 -18.68 -33.65
C THR E 183 18.66 -18.87 -33.98
N TYR E 184 19.56 -18.45 -33.08
CA TYR E 184 20.99 -18.72 -33.22
C TYR E 184 21.24 -19.83 -32.25
N GLY E 185 22.06 -20.80 -32.63
CA GLY E 185 22.46 -21.86 -31.74
C GLY E 185 21.74 -23.18 -31.92
N ALA E 186 20.68 -23.19 -32.71
CA ALA E 186 19.90 -24.42 -33.01
C ALA E 186 19.11 -24.15 -34.29
N VAL E 187 18.78 -25.20 -35.02
CA VAL E 187 18.05 -25.07 -36.25
C VAL E 187 16.53 -24.88 -36.00
N ARG E 188 16.03 -25.55 -34.97
CA ARG E 188 14.62 -25.41 -34.56
C ARG E 188 14.38 -25.67 -33.04
N ASP E 189 13.12 -25.65 -32.62
CA ASP E 189 12.79 -26.06 -31.28
C ASP E 189 12.68 -27.60 -31.32
N TYR E 190 13.35 -28.28 -30.39
CA TYR E 190 13.30 -29.78 -30.22
C TYR E 190 12.58 -30.17 -28.93
N SER E 191 11.88 -29.23 -28.29
CA SER E 191 10.96 -29.53 -27.17
C SER E 191 9.94 -30.58 -27.56
N PRO E 192 9.48 -31.33 -26.55
CA PRO E 192 8.50 -32.36 -26.89
C PRO E 192 7.27 -31.79 -27.58
N MET E 193 6.83 -30.59 -27.17
CA MET E 193 5.76 -29.86 -27.84
C MET E 193 6.06 -29.63 -29.33
N ALA E 194 7.29 -29.20 -29.63
CA ALA E 194 7.69 -28.98 -31.04
C ALA E 194 7.84 -30.29 -31.83
N GLN E 195 8.49 -31.26 -31.20
CA GLN E 195 8.66 -32.61 -31.74
C GLN E 195 7.33 -33.29 -32.10
N ALA E 196 6.30 -33.07 -31.28
CA ALA E 196 4.93 -33.60 -31.57
C ALA E 196 4.38 -33.05 -32.89
N VAL E 197 4.67 -31.79 -33.17
CA VAL E 197 4.27 -31.20 -34.42
C VAL E 197 5.18 -31.64 -35.58
N PHE E 198 6.49 -31.74 -35.35
CA PHE E 198 7.43 -32.14 -36.37
C PHE E 198 7.15 -33.58 -36.86
N ASN E 199 6.89 -34.46 -35.91
CA ASN E 199 6.52 -35.84 -36.27
C ASN E 199 5.23 -35.90 -37.07
N ALA E 200 4.32 -34.98 -36.80
CA ALA E 200 3.02 -34.93 -37.48
C ALA E 200 3.07 -34.50 -38.96
N ALA E 201 1.98 -34.77 -39.67
CA ALA E 201 1.76 -34.39 -41.06
C ALA E 201 2.11 -32.92 -41.32
N VAL E 202 2.81 -32.66 -42.42
CA VAL E 202 3.01 -31.28 -42.89
C VAL E 202 1.64 -30.77 -43.31
N PRO E 203 1.30 -29.50 -42.98
CA PRO E 203 -0.01 -28.95 -43.33
C PRO E 203 -0.28 -28.96 -44.83
N ASP E 204 -1.47 -29.45 -45.20
CA ASP E 204 -1.80 -29.62 -46.61
C ASP E 204 -1.64 -28.33 -47.43
N ASP E 205 -2.01 -27.18 -46.85
CA ASP E 205 -1.86 -25.88 -47.51
C ASP E 205 -0.44 -25.68 -48.05
N LEU E 206 0.56 -25.99 -47.21
CA LEU E 206 1.96 -25.93 -47.66
C LEU E 206 2.23 -26.98 -48.72
N ILE E 207 1.83 -28.23 -48.52
CA ILE E 207 2.00 -29.30 -49.51
C ILE E 207 1.47 -28.86 -50.90
N GLN E 208 0.25 -28.31 -50.94
CA GLN E 208 -0.36 -27.91 -52.21
C GLN E 208 0.29 -26.71 -52.85
N LYS E 209 0.64 -25.67 -52.06
CA LYS E 209 1.36 -24.52 -52.61
C LYS E 209 2.73 -24.88 -53.18
N LEU E 210 3.42 -25.85 -52.57
CA LEU E 210 4.76 -26.27 -53.06
C LEU E 210 4.73 -27.45 -54.03
N GLN E 211 3.54 -27.90 -54.40
CA GLN E 211 3.33 -29.06 -55.28
C GLN E 211 4.08 -30.32 -54.83
N LEU E 212 4.11 -30.59 -53.54
CA LEU E 212 4.83 -31.72 -52.98
C LEU E 212 3.90 -32.92 -52.65
N LYS E 213 4.50 -34.08 -52.41
CA LYS E 213 3.75 -35.27 -51.97
C LYS E 213 3.46 -35.06 -50.48
N PRO E 214 2.23 -35.40 -50.02
CA PRO E 214 1.94 -35.27 -48.59
C PRO E 214 2.77 -36.24 -47.74
N GLY E 215 2.95 -35.91 -46.47
CA GLY E 215 3.78 -36.69 -45.54
C GLY E 215 4.29 -35.83 -44.39
N THR E 216 5.03 -36.45 -43.48
CA THR E 216 5.57 -35.76 -42.27
C THR E 216 6.76 -34.88 -42.67
N TRP E 217 7.22 -34.07 -41.71
CA TRP E 217 8.26 -33.09 -42.02
C TRP E 217 9.51 -33.75 -42.57
N SER E 218 10.02 -34.77 -41.88
CA SER E 218 11.25 -35.43 -42.34
C SER E 218 11.02 -36.18 -43.66
N GLN E 219 9.84 -36.78 -43.81
CA GLN E 219 9.48 -37.49 -45.02
C GLN E 219 9.51 -36.57 -46.25
N VAL E 220 8.91 -35.40 -46.10
CA VAL E 220 8.73 -34.46 -47.22
C VAL E 220 10.01 -33.69 -47.52
N PHE E 221 10.66 -33.15 -46.48
CA PHE E 221 11.79 -32.24 -46.72
C PHE E 221 13.19 -32.79 -46.47
N GLY E 222 13.29 -34.00 -45.91
CA GLY E 222 14.54 -34.67 -45.68
C GLY E 222 15.51 -33.76 -44.92
N ARG E 223 16.63 -33.46 -45.57
CA ARG E 223 17.76 -32.79 -44.89
C ARG E 223 17.41 -31.36 -44.49
N ASP E 224 16.46 -30.76 -45.20
CA ASP E 224 15.92 -29.43 -44.92
C ASP E 224 14.73 -29.40 -43.91
N ALA E 225 14.27 -30.54 -43.40
CA ALA E 225 13.11 -30.57 -42.51
C ALA E 225 13.22 -29.64 -41.31
N ASP E 226 14.36 -29.70 -40.62
CA ASP E 226 14.52 -28.98 -39.36
C ASP E 226 14.39 -27.49 -39.62
N GLU E 227 15.16 -26.99 -40.55
CA GLU E 227 15.15 -25.53 -40.86
C GLU E 227 13.84 -25.08 -41.47
N PHE E 228 13.29 -25.88 -42.39
CA PHE E 228 12.05 -25.56 -43.06
C PHE E 228 10.88 -25.53 -42.08
N PHE E 229 10.91 -26.47 -41.12
CA PHE E 229 9.96 -26.50 -40.01
C PHE E 229 10.02 -25.19 -39.22
N HIS E 230 11.22 -24.76 -38.80
CA HIS E 230 11.33 -23.54 -37.99
C HIS E 230 10.87 -22.33 -38.87
N ALA E 231 11.34 -22.24 -40.12
CA ALA E 231 10.96 -21.18 -41.02
C ALA E 231 9.42 -21.12 -41.19
N TYR E 232 8.80 -22.30 -41.43
CA TYR E 232 7.33 -22.33 -41.51
C TYR E 232 6.63 -21.85 -40.24
N GLN E 233 7.09 -22.35 -39.08
CA GLN E 233 6.42 -22.10 -37.80
C GLN E 233 6.53 -20.63 -37.42
N ILE E 234 7.71 -20.01 -37.73
CA ILE E 234 7.87 -18.55 -37.50
C ILE E 234 7.09 -17.73 -38.49
N ALA E 235 7.13 -18.09 -39.77
CA ALA E 235 6.26 -17.49 -40.77
C ALA E 235 4.74 -17.45 -40.40
N ARG E 236 4.19 -18.63 -40.02
CA ARG E 236 2.81 -18.65 -39.54
C ARG E 236 2.51 -17.74 -38.36
N TYR E 237 3.42 -17.69 -37.41
CA TYR E 237 3.29 -16.88 -36.21
C TYR E 237 3.24 -15.44 -36.68
N CYS E 238 4.22 -15.07 -37.49
CA CYS E 238 4.25 -13.68 -37.98
C CYS E 238 3.02 -13.26 -38.83
N ASP E 239 2.53 -14.20 -39.63
CA ASP E 239 1.40 -13.97 -40.53
C ASP E 239 0.17 -13.79 -39.69
N GLU E 240 0.04 -14.64 -38.64
CA GLU E 240 -1.06 -14.43 -37.69
C GLU E 240 -1.11 -13.09 -37.00
N VAL E 241 0.05 -12.63 -36.52
CA VAL E 241 0.07 -11.29 -35.92
C VAL E 241 -0.30 -10.20 -36.95
N THR E 242 0.27 -10.28 -38.13
CA THR E 242 -0.01 -9.38 -39.23
C THR E 242 -1.50 -9.30 -39.59
N VAL E 243 -2.14 -10.48 -39.73
CA VAL E 243 -3.54 -10.56 -40.16
C VAL E 243 -4.37 -9.81 -39.13
N ALA E 244 -4.08 -10.07 -37.85
CA ALA E 244 -4.85 -9.50 -36.76
C ALA E 244 -4.74 -7.99 -36.71
N GLY E 245 -3.51 -7.51 -36.89
CA GLY E 245 -3.32 -6.07 -36.92
C GLY E 245 -3.89 -5.36 -38.15
N LYS E 246 -3.80 -5.99 -39.31
CA LYS E 246 -4.40 -5.46 -40.52
C LYS E 246 -5.93 -5.42 -40.43
N ALA E 247 -6.54 -6.37 -39.70
CA ALA E 247 -8.01 -6.29 -39.49
C ALA E 247 -8.45 -4.95 -38.91
N ILE E 248 -7.58 -4.32 -38.12
CA ILE E 248 -7.81 -3.08 -37.45
C ILE E 248 -7.50 -1.92 -38.39
N LYS E 249 -6.26 -1.90 -38.90
CA LYS E 249 -5.92 -0.92 -39.92
C LYS E 249 -4.97 -1.59 -40.88
N ASN E 250 -5.36 -1.61 -42.13
CA ASN E 250 -4.69 -2.40 -43.18
C ASN E 250 -3.47 -1.68 -43.78
N LEU E 251 -2.50 -1.39 -42.93
CA LEU E 251 -1.29 -0.78 -43.42
C LEU E 251 -0.43 -1.85 -44.02
N PRO E 252 0.51 -1.47 -44.90
CA PRO E 252 1.53 -2.43 -45.27
C PRO E 252 2.34 -2.89 -44.11
N MET E 253 2.61 -4.18 -44.09
CA MET E 253 3.48 -4.83 -43.10
C MET E 253 4.54 -5.75 -43.69
N TYR E 254 5.72 -5.78 -43.06
CA TYR E 254 6.85 -6.54 -43.59
C TYR E 254 7.69 -7.13 -42.46
N VAL E 255 8.56 -8.06 -42.84
CA VAL E 255 9.55 -8.60 -41.97
C VAL E 255 10.96 -8.37 -42.56
N ASN E 256 11.90 -8.17 -41.65
CA ASN E 256 13.31 -7.89 -41.98
C ASN E 256 14.22 -9.09 -41.59
N VAL E 257 15.12 -9.41 -42.51
CA VAL E 257 15.92 -10.66 -42.41
C VAL E 257 17.36 -10.46 -41.99
N ALA E 258 17.79 -11.11 -40.90
CA ALA E 258 19.19 -11.25 -40.57
C ALA E 258 19.71 -12.19 -41.61
N LEU E 259 20.37 -11.65 -42.61
CA LEU E 259 20.80 -12.47 -43.78
C LEU E 259 21.86 -13.49 -43.39
N ARG E 260 21.82 -14.63 -44.10
CA ARG E 260 23.02 -15.48 -44.28
C ARG E 260 23.81 -14.97 -45.47
N ASN E 261 25.09 -15.31 -45.49
CA ASN E 261 25.93 -14.94 -46.63
C ASN E 261 25.48 -15.77 -47.82
N PRO E 262 25.02 -15.16 -48.92
CA PRO E 262 24.50 -15.90 -50.06
C PRO E 262 25.55 -16.78 -50.73
N PHE E 263 26.81 -16.40 -50.63
CA PHE E 263 27.90 -17.16 -51.32
C PHE E 263 28.54 -18.23 -50.44
N ASN E 264 28.33 -18.17 -49.12
CA ASN E 264 29.05 -18.98 -48.14
C ASN E 264 28.27 -18.90 -46.79
N PRO E 265 27.06 -19.46 -46.77
CA PRO E 265 26.09 -19.23 -45.69
C PRO E 265 26.50 -19.84 -44.36
N GLY E 266 27.20 -20.97 -44.44
CA GLY E 266 27.40 -21.81 -43.29
C GLY E 266 26.08 -22.49 -43.03
N LEU E 267 25.93 -22.99 -41.80
CA LEU E 267 24.75 -23.81 -41.41
C LEU E 267 23.70 -23.03 -40.63
N PRO E 268 22.41 -23.39 -40.80
CA PRO E 268 21.38 -22.77 -39.93
C PRO E 268 21.67 -22.96 -38.45
N GLY E 269 21.50 -21.87 -37.72
CA GLY E 269 21.95 -21.76 -36.35
C GLY E 269 23.25 -21.03 -36.16
N GLN E 270 24.17 -21.16 -37.12
CA GLN E 270 25.31 -20.23 -37.22
C GLN E 270 24.73 -18.90 -37.66
N TYR E 271 24.01 -18.93 -38.75
CA TYR E 271 23.10 -17.84 -39.07
C TYR E 271 21.79 -18.05 -38.36
N SER E 272 20.94 -17.04 -38.34
CA SER E 272 19.64 -17.10 -37.62
C SER E 272 18.61 -17.96 -38.36
N SER E 273 18.43 -19.17 -37.86
CA SER E 273 17.61 -20.17 -38.56
C SER E 273 16.13 -19.77 -38.45
N GLY E 274 15.41 -19.86 -39.56
CA GLY E 274 13.95 -19.71 -39.59
C GLY E 274 13.54 -18.33 -40.00
N GLY E 275 14.50 -17.36 -39.97
CA GLY E 275 14.25 -16.09 -40.65
C GLY E 275 14.07 -16.28 -42.18
N GLY E 276 13.69 -15.22 -42.94
CA GLY E 276 13.47 -15.26 -44.36
C GLY E 276 14.75 -15.32 -45.21
N THR E 277 15.67 -16.25 -44.90
CA THR E 277 16.95 -16.34 -45.54
C THR E 277 16.72 -16.84 -46.97
N ASP E 278 17.66 -16.67 -47.91
CA ASP E 278 17.35 -16.90 -49.32
C ASP E 278 16.90 -18.33 -49.69
N ASN E 279 17.17 -19.29 -48.81
CA ASN E 279 16.87 -20.73 -49.04
C ASN E 279 15.52 -21.11 -48.54
N VAL E 280 14.89 -20.22 -47.76
CA VAL E 280 13.50 -20.43 -47.28
C VAL E 280 12.47 -19.39 -47.69
N LEU E 281 12.79 -18.56 -48.69
CA LEU E 281 11.83 -17.60 -49.17
C LEU E 281 10.55 -18.24 -49.72
N HIS E 282 10.73 -19.32 -50.45
CA HIS E 282 9.57 -20.13 -50.84
C HIS E 282 8.66 -20.64 -49.66
N ILE E 283 9.24 -21.08 -48.53
CA ILE E 283 8.46 -21.47 -47.38
C ILE E 283 7.73 -20.22 -46.84
N TRP E 284 8.48 -19.11 -46.65
CA TRP E 284 7.86 -17.92 -46.11
C TRP E 284 6.66 -17.35 -46.93
N LYS E 285 6.81 -17.43 -48.22
CA LYS E 285 5.81 -16.90 -49.16
C LYS E 285 4.56 -17.76 -49.16
N ALA E 286 4.75 -19.06 -48.98
CA ALA E 286 3.62 -19.99 -48.96
C ALA E 286 2.94 -19.92 -47.60
N ALA E 287 3.70 -19.75 -46.52
CA ALA E 287 3.13 -19.77 -45.18
C ALA E 287 2.55 -18.45 -44.71
N ALA E 288 3.03 -17.32 -45.28
CA ALA E 288 2.62 -16.01 -44.78
C ALA E 288 2.13 -15.11 -45.89
N PRO E 289 0.95 -15.43 -46.42
CA PRO E 289 0.49 -14.71 -47.60
C PRO E 289 0.06 -13.23 -47.37
N ASN E 290 -0.14 -12.87 -46.09
CA ASN E 290 -0.59 -11.56 -45.62
C ASN E 290 0.58 -10.58 -45.27
N ILE E 291 1.79 -11.11 -45.22
CA ILE E 291 2.98 -10.26 -45.05
C ILE E 291 3.31 -9.67 -46.44
N ASP E 292 3.44 -8.35 -46.57
CA ASP E 292 3.56 -7.74 -47.88
C ASP E 292 4.90 -8.02 -48.59
N LEU E 293 5.96 -7.93 -47.82
CA LEU E 293 7.30 -8.23 -48.34
C LEU E 293 8.25 -8.74 -47.25
N ILE E 294 9.32 -9.36 -47.71
CA ILE E 294 10.47 -9.81 -46.87
C ILE E 294 11.68 -8.94 -47.27
N ALA E 295 12.17 -8.17 -46.30
CA ALA E 295 13.17 -7.10 -46.56
C ALA E 295 14.55 -7.54 -46.04
N PRO E 296 15.57 -7.42 -46.89
CA PRO E 296 16.89 -7.74 -46.38
C PRO E 296 17.48 -6.65 -45.48
N ASP E 297 18.21 -7.12 -44.51
CA ASP E 297 19.05 -6.31 -43.64
C ASP E 297 20.51 -6.51 -44.09
N ILE E 298 21.11 -5.44 -44.55
CA ILE E 298 22.38 -5.59 -45.25
C ILE E 298 23.58 -4.97 -44.49
N TYR E 299 24.47 -5.80 -43.98
CA TYR E 299 25.72 -5.25 -43.37
C TYR E 299 27.00 -5.68 -44.09
N PHE E 300 26.80 -6.44 -45.20
CA PHE E 300 27.92 -6.87 -46.02
C PHE E 300 28.36 -5.62 -46.69
N ARG E 301 29.66 -5.39 -46.77
CA ARG E 301 30.23 -4.13 -47.33
CA ARG E 301 30.12 -4.11 -47.37
C ARG E 301 30.51 -4.24 -48.81
N ASP E 302 30.87 -5.46 -49.19
CA ASP E 302 31.45 -5.74 -50.48
C ASP E 302 30.41 -5.78 -51.57
N TYR E 303 30.69 -5.04 -52.62
CA TYR E 303 29.80 -4.95 -53.81
C TYR E 303 29.28 -6.27 -54.33
N LYS E 304 30.13 -7.29 -54.47
CA LYS E 304 29.65 -8.59 -55.00
C LYS E 304 28.54 -9.21 -54.17
N THR E 305 28.72 -9.22 -52.86
CA THR E 305 27.74 -9.82 -51.93
C THR E 305 26.50 -8.96 -51.83
N VAL E 306 26.63 -7.64 -51.75
CA VAL E 306 25.42 -6.79 -51.63
C VAL E 306 24.60 -6.96 -52.89
N SER E 307 25.27 -6.88 -54.07
CA SER E 307 24.63 -7.07 -55.35
C SER E 307 23.83 -8.42 -55.40
N LYS E 308 24.41 -9.47 -54.85
CA LYS E 308 23.83 -10.79 -54.80
C LYS E 308 22.56 -10.74 -53.93
N VAL E 309 22.68 -10.08 -52.79
CA VAL E 309 21.51 -9.94 -51.90
C VAL E 309 20.36 -9.20 -52.59
N LEU E 310 20.69 -8.08 -53.23
CA LEU E 310 19.69 -7.32 -53.94
C LEU E 310 19.02 -8.15 -55.03
N GLU E 311 19.80 -8.95 -55.77
CA GLU E 311 19.30 -9.89 -56.78
C GLU E 311 18.31 -10.94 -56.16
N LEU E 312 18.69 -11.55 -55.04
CA LEU E 312 17.89 -12.61 -54.40
C LEU E 312 16.55 -12.12 -53.83
N TYR E 313 16.49 -10.89 -53.30
CA TYR E 313 15.30 -10.38 -52.64
C TYR E 313 14.34 -9.61 -53.58
N THR E 314 14.82 -9.25 -54.78
CA THR E 314 13.97 -8.61 -55.76
C THR E 314 13.42 -9.71 -56.64
N ARG E 315 12.11 -9.93 -56.50
CA ARG E 315 11.42 -11.03 -57.16
C ARG E 315 10.08 -10.54 -57.59
N PRO E 316 9.51 -11.22 -58.61
CA PRO E 316 8.12 -10.89 -58.94
C PRO E 316 7.12 -10.87 -57.78
N ASP E 317 7.29 -11.75 -56.79
CA ASP E 317 6.45 -11.84 -55.57
C ASP E 317 7.04 -11.05 -54.42
N ASN E 318 8.17 -10.31 -54.61
CA ASN E 318 8.78 -9.65 -53.44
C ASN E 318 9.34 -8.26 -53.84
N ALA E 319 8.70 -7.25 -53.31
CA ALA E 319 9.11 -5.86 -53.50
C ALA E 319 10.41 -5.71 -52.70
N LEU E 320 11.38 -5.02 -53.29
CA LEU E 320 12.68 -4.78 -52.58
C LEU E 320 12.58 -3.58 -51.67
N PHE E 321 12.91 -3.80 -50.40
CA PHE E 321 13.03 -2.78 -49.40
C PHE E 321 14.25 -3.07 -48.57
N VAL E 322 15.22 -2.18 -48.57
CA VAL E 322 16.41 -2.35 -47.86
C VAL E 322 16.12 -1.76 -46.51
N ALA E 323 15.63 -2.61 -45.63
CA ALA E 323 15.09 -2.21 -44.33
C ALA E 323 16.16 -1.84 -43.30
N GLU E 324 17.43 -2.21 -43.53
CA GLU E 324 18.49 -1.86 -42.68
C GLU E 324 19.73 -2.00 -43.54
N ILE E 325 20.56 -0.98 -43.44
CA ILE E 325 21.91 -1.02 -44.02
C ILE E 325 22.83 -0.22 -43.16
N GLY E 326 24.10 -0.54 -43.27
CA GLY E 326 25.07 0.12 -42.45
C GLY E 326 25.20 1.57 -42.81
N ASN E 327 25.70 2.39 -41.85
CA ASN E 327 25.83 3.85 -42.10
C ASN E 327 27.27 4.29 -42.35
N ASP E 328 28.17 3.35 -42.46
CA ASP E 328 29.49 3.69 -42.95
C ASP E 328 29.51 4.12 -44.44
N GLN E 329 30.52 4.86 -44.82
CA GLN E 329 30.56 5.45 -46.17
C GLN E 329 30.38 4.47 -47.32
N PRO E 330 31.01 3.28 -47.29
CA PRO E 330 30.80 2.37 -48.45
C PRO E 330 29.35 1.98 -48.79
N PHE E 331 28.47 2.08 -47.81
CA PHE E 331 27.08 1.68 -47.98
C PHE E 331 26.24 2.64 -48.79
N ALA E 332 26.55 3.92 -48.77
CA ALA E 332 25.67 4.91 -49.38
C ALA E 332 25.37 4.65 -50.82
N ARG E 333 26.40 4.29 -51.61
CA ARG E 333 26.17 4.09 -53.05
C ARG E 333 25.19 2.97 -53.38
N TYR E 334 24.97 2.03 -52.42
CA TYR E 334 24.02 0.96 -52.71
C TYR E 334 22.55 1.44 -52.88
N LEU E 335 22.27 2.70 -52.57
CA LEU E 335 20.99 3.36 -52.94
C LEU E 335 20.70 3.25 -54.42
N PHE E 336 21.73 3.42 -55.22
CA PHE E 336 21.57 3.37 -56.62
C PHE E 336 21.06 2.07 -57.19
N PRO E 337 21.71 0.92 -56.92
CA PRO E 337 21.19 -0.36 -57.46
C PRO E 337 19.89 -0.75 -56.76
N THR E 338 19.72 -0.37 -55.50
CA THR E 338 18.38 -0.59 -54.79
C THR E 338 17.23 0.04 -55.58
N LEU E 339 17.33 1.35 -55.85
CA LEU E 339 16.31 2.03 -56.73
C LEU E 339 16.26 1.48 -58.15
N GLY E 340 17.45 1.20 -58.73
CA GLY E 340 17.57 0.61 -60.06
C GLY E 340 16.73 -0.68 -60.20
N LYS E 341 16.58 -1.43 -59.08
CA LYS E 341 15.96 -2.74 -59.15
C LYS E 341 14.47 -2.60 -58.89
N GLY E 342 14.01 -1.38 -58.76
CA GLY E 342 12.60 -1.09 -58.51
C GLY E 342 12.33 -1.00 -56.99
N GLY E 343 13.39 -0.90 -56.18
CA GLY E 343 13.27 -0.73 -54.75
C GLY E 343 12.38 0.38 -54.30
N ILE E 344 11.58 0.13 -53.26
CA ILE E 344 10.69 1.07 -52.67
C ILE E 344 11.27 1.91 -51.59
N GLY E 345 12.47 1.54 -51.12
CA GLY E 345 13.18 2.34 -50.16
C GLY E 345 14.49 1.76 -49.65
N PHE E 346 15.06 2.53 -48.75
CA PHE E 346 16.47 2.33 -48.25
C PHE E 346 16.64 2.98 -46.90
N SER E 347 17.11 2.22 -45.89
CA SER E 347 17.06 2.68 -44.52
C SER E 347 18.35 2.46 -43.73
N PRO E 348 19.33 3.36 -43.87
CA PRO E 348 20.52 3.22 -43.09
C PRO E 348 20.28 3.24 -41.58
N PHE E 349 21.03 2.39 -40.91
CA PHE E 349 20.84 2.09 -39.50
C PHE E 349 21.74 2.97 -38.64
N GLY E 350 21.27 3.41 -37.45
CA GLY E 350 22.09 4.10 -36.51
C GLY E 350 22.21 5.63 -36.72
N MET E 351 21.19 6.22 -37.28
CA MET E 351 21.23 7.63 -37.64
C MET E 351 20.68 8.50 -36.49
N ASP E 352 21.34 8.39 -35.36
CA ASP E 352 21.09 9.30 -34.27
C ASP E 352 22.29 9.55 -33.39
N ASP E 353 22.13 10.57 -32.57
CA ASP E 353 23.22 11.10 -31.68
C ASP E 353 23.07 10.61 -30.26
N THR E 354 22.74 9.33 -30.11
CA THR E 354 22.53 8.80 -28.78
C THR E 354 23.70 8.08 -28.18
N ASP E 355 24.87 8.36 -28.73
CA ASP E 355 26.11 7.89 -28.18
C ASP E 355 26.23 6.37 -28.24
N TYR E 356 26.10 5.85 -29.46
CA TYR E 356 26.37 4.45 -29.72
C TYR E 356 26.74 4.30 -31.17
N THR E 357 27.80 3.51 -31.35
CA THR E 357 28.08 3.03 -32.68
C THR E 357 28.25 1.53 -32.71
N ASN E 358 27.69 0.88 -33.72
CA ASN E 358 27.89 -0.54 -33.86
C ASN E 358 29.15 -0.94 -34.65
N TYR E 359 30.00 0.03 -35.01
CA TYR E 359 31.35 -0.29 -35.48
C TYR E 359 31.90 -1.55 -34.77
N PRO E 360 32.40 -2.56 -35.49
CA PRO E 360 32.87 -2.50 -36.88
C PRO E 360 31.80 -2.69 -37.98
N LEU E 361 30.54 -2.81 -37.64
CA LEU E 361 29.50 -2.92 -38.66
C LEU E 361 29.26 -1.58 -39.36
N GLY E 362 28.97 -0.52 -38.59
CA GLY E 362 28.75 0.80 -39.18
C GLY E 362 29.94 1.69 -38.97
N ALA E 363 29.68 3.01 -38.99
CA ALA E 363 30.75 4.02 -38.92
C ALA E 363 31.45 4.06 -37.53
N LYS E 364 32.80 4.11 -37.51
CA LYS E 364 33.61 4.33 -36.32
C LYS E 364 33.18 5.56 -35.54
N VAL E 365 32.96 6.64 -36.30
CA VAL E 365 32.66 7.97 -35.70
C VAL E 365 31.35 8.49 -36.32
N TYR E 366 30.33 8.74 -35.49
CA TYR E 366 29.05 9.27 -36.00
C TYR E 366 29.16 10.78 -35.86
N ASN E 367 29.30 11.45 -37.00
CA ASN E 367 29.36 12.92 -37.09
C ASN E 367 28.70 13.46 -38.34
N ASP E 368 28.77 14.78 -38.56
CA ASP E 368 28.13 15.37 -39.75
C ASP E 368 28.65 14.75 -41.08
N GLU E 369 29.96 14.50 -41.16
CA GLU E 369 30.54 13.82 -42.30
C GLU E 369 29.87 12.44 -42.59
N THR E 370 29.58 11.65 -41.53
CA THR E 370 28.91 10.36 -41.65
C THR E 370 27.56 10.50 -42.35
N ILE E 371 26.82 11.45 -41.84
CA ILE E 371 25.46 11.74 -42.36
C ILE E 371 25.55 12.28 -43.81
N GLU E 372 26.56 13.13 -44.04
CA GLU E 372 26.64 13.79 -45.33
C GLU E 372 26.85 12.78 -46.47
N GLN E 373 27.44 11.63 -46.17
CA GLN E 373 27.64 10.65 -47.28
C GLN E 373 26.28 10.22 -47.87
N PHE E 374 25.30 10.03 -46.95
CA PHE E 374 23.94 9.72 -47.39
C PHE E 374 23.17 10.96 -47.88
N ALA E 375 23.39 12.13 -47.24
CA ALA E 375 22.66 13.30 -47.64
C ALA E 375 22.99 13.62 -49.10
N GLN E 376 24.22 13.44 -49.47
CA GLN E 376 24.64 13.66 -50.86
C GLN E 376 23.93 12.78 -51.91
N VAL E 377 23.68 11.54 -51.57
CA VAL E 377 22.97 10.73 -52.49
C VAL E 377 21.45 10.91 -52.41
N TYR E 378 20.92 11.17 -51.23
CA TYR E 378 19.48 11.48 -51.14
C TYR E 378 19.08 12.77 -51.91
N ARG E 379 20.00 13.71 -51.97
CA ARG E 379 19.80 14.94 -52.73
C ARG E 379 19.57 14.73 -54.20
N LEU E 380 20.01 13.58 -54.74
CA LEU E 380 19.78 13.29 -56.13
C LEU E 380 18.34 12.88 -56.36
N VAL E 381 17.74 12.23 -55.36
CA VAL E 381 16.46 11.58 -55.55
C VAL E 381 15.29 12.41 -54.98
N ASN E 382 15.47 13.12 -53.89
CA ASN E 382 14.41 13.97 -53.27
C ASN E 382 13.77 14.90 -54.32
N PRO E 383 14.59 15.63 -55.09
CA PRO E 383 13.92 16.54 -56.04
C PRO E 383 12.97 15.91 -57.04
N MET E 384 13.06 14.59 -57.25
CA MET E 384 12.25 13.88 -58.22
C MET E 384 11.57 12.64 -57.66
N MET E 385 11.28 12.68 -56.37
CA MET E 385 11.03 11.42 -55.65
C MET E 385 9.76 10.81 -56.19
N ARG E 386 8.76 11.64 -56.30
CA ARG E 386 7.44 11.14 -56.78
C ARG E 386 7.47 10.72 -58.25
N GLU E 387 8.19 11.51 -59.06
CA GLU E 387 8.35 11.15 -60.47
C GLU E 387 9.11 9.86 -60.72
N TRP E 388 10.21 9.71 -59.96
CA TRP E 388 11.04 8.49 -59.97
C TRP E 388 10.17 7.28 -59.51
N ALA E 389 9.37 7.53 -58.52
CA ALA E 389 8.58 6.43 -57.87
C ALA E 389 7.61 5.88 -58.90
N ARG E 390 6.92 6.79 -59.59
N ARG E 390 6.93 6.75 -59.62
CA ARG E 390 6.05 6.49 -60.73
CA ARG E 390 6.05 6.29 -60.73
C ARG E 390 6.76 5.72 -61.84
C ARG E 390 6.81 5.63 -61.84
N LEU E 391 7.87 6.27 -62.31
CA LEU E 391 8.68 5.64 -63.37
C LEU E 391 9.23 4.25 -62.98
N SER E 392 9.63 4.12 -61.73
CA SER E 392 10.00 2.80 -61.23
C SER E 392 8.85 1.76 -61.40
N TYR E 393 7.64 2.07 -60.94
CA TYR E 393 6.51 1.14 -61.00
C TYR E 393 5.97 0.88 -62.39
N GLN E 394 5.68 1.95 -63.10
N GLN E 394 5.74 1.99 -63.09
CA GLN E 394 4.97 1.90 -64.39
CA GLN E 394 5.05 2.08 -64.37
C GLN E 394 5.89 1.97 -65.61
C GLN E 394 5.91 1.74 -65.57
N GLY E 395 7.22 1.95 -65.41
CA GLY E 395 8.13 2.06 -66.54
C GLY E 395 9.46 1.38 -66.34
N GLN E 396 10.50 1.94 -66.99
CA GLN E 396 11.78 1.33 -67.04
C GLN E 396 12.80 2.25 -66.35
N VAL E 397 13.44 1.63 -65.39
CA VAL E 397 14.54 2.26 -64.63
C VAL E 397 15.74 1.36 -64.53
N TRP E 398 16.91 2.00 -64.32
CA TRP E 398 18.13 1.35 -64.11
C TRP E 398 18.91 2.03 -63.01
N GLY E 399 19.79 1.32 -62.30
CA GLY E 399 20.66 2.02 -61.31
C GLY E 399 21.88 1.16 -61.10
N VAL E 400 23.05 1.82 -61.01
CA VAL E 400 24.32 1.13 -60.81
C VAL E 400 25.14 1.87 -59.74
N ALA E 401 25.96 1.07 -59.05
CA ALA E 401 26.96 1.53 -58.08
C ALA E 401 28.35 1.21 -58.57
N GLU E 402 29.31 2.01 -58.13
CA GLU E 402 30.72 1.72 -58.40
C GLU E 402 31.13 0.31 -58.00
N PRO E 403 31.60 -0.53 -58.95
CA PRO E 403 31.65 -1.97 -58.66
C PRO E 403 32.98 -2.52 -58.11
N LEU E 404 33.96 -1.66 -57.87
CA LEU E 404 35.12 -2.06 -57.08
C LEU E 404 35.03 -1.41 -55.71
N ASP E 405 35.30 -2.22 -54.69
CA ASP E 405 35.40 -1.67 -53.35
C ASP E 405 36.74 -0.91 -53.18
N SER E 406 36.83 -0.08 -52.17
CA SER E 406 38.05 0.71 -51.96
C SER E 406 39.24 -0.23 -51.89
N THR E 407 40.30 0.12 -52.59
CA THR E 407 41.55 -0.65 -52.53
C THR E 407 42.02 -0.85 -51.10
N THR E 408 42.49 -2.06 -50.79
CA THR E 408 42.93 -2.40 -49.43
C THR E 408 44.34 -1.85 -49.14
N GLU E 409 44.74 -1.91 -47.88
CA GLU E 409 46.08 -1.46 -47.44
C GLU E 409 47.19 -2.40 -47.95
N THR E 410 46.86 -3.68 -48.09
CA THR E 410 47.79 -4.73 -48.58
C THR E 410 47.75 -4.94 -50.10
N GLN E 411 46.66 -4.54 -50.77
CA GLN E 411 46.68 -4.34 -52.23
C GLN E 411 47.44 -3.03 -52.55
N LYS E 412 47.31 -2.03 -51.68
CA LYS E 412 48.09 -0.81 -51.74
C LYS E 412 49.61 -1.09 -51.63
N ILE E 413 50.01 -1.77 -50.56
CA ILE E 413 51.42 -2.19 -50.38
C ILE E 413 51.83 -3.34 -51.34
N TRP E 414 50.86 -3.91 -52.05
CA TRP E 414 51.09 -4.61 -53.31
C TRP E 414 51.22 -3.59 -54.46
N ASN E 415 51.17 -4.06 -55.69
CA ASN E 415 51.49 -3.26 -56.91
C ASN E 415 53.00 -3.04 -57.01
N GLU E 422 53.35 -4.45 -65.69
CA GLU E 422 52.51 -5.01 -64.64
C GLU E 422 51.52 -3.97 -64.10
N LYS E 423 52.05 -2.81 -63.68
CA LYS E 423 51.22 -1.68 -63.24
C LYS E 423 50.24 -1.23 -64.33
N GLU E 424 50.69 -1.21 -65.58
CA GLU E 424 49.82 -0.89 -66.72
C GLU E 424 48.71 -1.93 -66.96
N GLN E 425 48.99 -3.19 -66.63
CA GLN E 425 48.00 -4.25 -66.74
C GLN E 425 46.92 -4.20 -65.66
N HIS E 426 47.33 -3.88 -64.43
CA HIS E 426 46.42 -3.72 -63.30
C HIS E 426 45.49 -2.52 -63.51
N LYS E 427 46.04 -1.42 -64.02
CA LYS E 427 45.26 -0.24 -64.41
C LYS E 427 44.26 -0.53 -65.53
N LYS E 428 44.66 -1.34 -66.51
CA LYS E 428 43.77 -1.74 -67.61
C LYS E 428 42.62 -2.64 -67.09
N ASP E 429 42.95 -3.53 -66.16
CA ASP E 429 41.95 -4.41 -65.57
C ASP E 429 40.93 -3.63 -64.72
N ARG E 430 41.42 -2.78 -63.80
CA ARG E 430 40.56 -1.89 -63.00
C ARG E 430 39.69 -0.99 -63.89
N ALA E 431 40.26 -0.50 -64.98
CA ALA E 431 39.44 0.28 -65.91
C ALA E 431 38.23 -0.52 -66.47
N SER E 432 38.46 -1.73 -66.97
CA SER E 432 37.41 -2.55 -67.55
C SER E 432 36.37 -2.83 -66.47
N ALA E 433 36.87 -3.11 -65.27
CA ALA E 433 36.04 -3.42 -64.13
C ALA E 433 35.13 -2.24 -63.71
N LEU E 434 35.64 -1.01 -63.88
CA LEU E 434 34.95 0.24 -63.50
C LEU E 434 34.12 0.80 -64.64
N THR E 435 33.80 -0.06 -65.62
CA THR E 435 33.00 0.30 -66.76
C THR E 435 31.81 -0.67 -66.83
N GLN E 436 30.62 -0.12 -66.75
CA GLN E 436 29.34 -0.81 -66.80
C GLN E 436 28.50 -0.44 -67.97
N GLN E 437 27.91 -1.48 -68.56
CA GLN E 437 27.00 -1.33 -69.67
C GLN E 437 25.55 -1.55 -69.24
N LEU E 438 24.69 -0.68 -69.76
CA LEU E 438 23.24 -0.73 -69.50
C LEU E 438 22.51 -0.67 -70.84
N ASP E 439 21.61 -1.66 -71.06
CA ASP E 439 20.81 -1.77 -72.28
C ASP E 439 19.47 -1.02 -72.10
N LEU E 440 19.34 0.13 -72.79
CA LEU E 440 18.25 1.02 -72.58
C LEU E 440 17.25 1.01 -73.72
N GLY E 441 17.28 -0.08 -74.49
CA GLY E 441 16.37 -0.22 -75.61
C GLY E 441 17.09 0.07 -76.89
N LEU E 442 16.79 1.23 -77.50
CA LEU E 442 17.49 1.63 -78.74
C LEU E 442 18.91 2.16 -78.47
N TRP E 443 19.19 2.52 -77.21
CA TRP E 443 20.38 3.16 -76.75
C TRP E 443 20.92 2.39 -75.57
N ASP E 444 22.23 2.45 -75.42
CA ASP E 444 22.91 1.91 -74.26
C ASP E 444 23.54 3.10 -73.55
N ALA E 445 23.84 2.84 -72.31
CA ALA E 445 24.68 3.74 -71.52
C ALA E 445 25.88 3.00 -70.99
N GLU E 446 26.99 3.72 -70.94
CA GLU E 446 28.22 3.21 -70.34
C GLU E 446 28.49 4.14 -69.19
N VAL E 447 28.60 3.57 -68.00
CA VAL E 447 28.89 4.29 -66.78
C VAL E 447 30.33 3.92 -66.31
N THR E 448 31.11 4.97 -66.07
CA THR E 448 32.46 4.88 -65.67
C THR E 448 32.73 5.76 -64.43
N TYR E 449 33.75 5.38 -63.65
CA TYR E 449 33.97 5.93 -62.34
C TYR E 449 35.39 6.40 -62.11
N GLY E 450 35.53 7.68 -61.75
CA GLY E 450 36.81 8.20 -61.26
C GLY E 450 37.69 8.56 -62.44
N ARG E 451 37.27 9.58 -63.18
CA ARG E 451 38.02 10.09 -64.34
C ARG E 451 37.74 11.63 -64.45
N PRO E 452 38.58 12.38 -65.15
CA PRO E 452 38.27 13.80 -65.35
C PRO E 452 36.93 14.06 -66.11
N MET E 453 36.52 15.32 -66.08
CA MET E 453 35.30 15.77 -66.75
C MET E 453 35.58 16.11 -68.22
N PHE E 454 36.79 15.82 -68.69
CA PHE E 454 37.29 16.21 -69.97
C PHE E 454 38.24 15.15 -70.48
N TRP E 455 38.20 14.91 -71.80
CA TRP E 455 39.01 13.87 -72.46
C TRP E 455 38.66 12.44 -72.05
N VAL E 456 39.48 11.47 -72.46
CA VAL E 456 39.14 10.04 -72.39
C VAL E 456 40.12 9.13 -71.62
N THR E 457 40.85 9.69 -70.67
N THR E 457 40.85 9.70 -70.68
CA THR E 457 41.77 8.89 -69.86
CA THR E 457 41.76 8.96 -69.80
C THR E 457 40.93 7.88 -69.11
C THR E 457 40.97 7.91 -69.05
N PRO E 458 41.40 6.63 -69.10
CA PRO E 458 40.60 5.58 -68.48
C PRO E 458 40.26 5.80 -67.00
N PRO E 459 39.05 5.36 -66.58
CA PRO E 459 38.68 5.39 -65.18
C PRO E 459 39.61 4.69 -64.21
N GLU E 460 39.84 5.34 -63.06
CA GLU E 460 40.66 4.76 -61.99
C GLU E 460 39.91 4.56 -60.65
N GLY E 461 38.62 4.86 -60.62
CA GLY E 461 37.83 4.67 -59.38
C GLY E 461 37.95 5.90 -58.54
N ASN E 462 36.87 6.19 -57.78
CA ASN E 462 36.87 7.15 -56.74
C ASN E 462 37.52 6.51 -55.51
N THR E 463 38.10 7.36 -54.68
CA THR E 463 38.71 6.99 -53.41
C THR E 463 38.09 7.85 -52.28
N PRO E 464 37.23 7.27 -51.40
CA PRO E 464 36.89 5.86 -51.46
C PRO E 464 35.84 5.55 -52.56
N ALA E 465 35.58 4.26 -52.80
CA ALA E 465 34.55 3.85 -53.79
C ALA E 465 33.23 4.56 -53.39
N ALA E 466 32.49 5.12 -54.33
CA ALA E 466 31.34 5.97 -53.96
C ALA E 466 30.32 6.33 -55.09
N GLY E 467 30.69 6.09 -56.35
CA GLY E 467 29.93 6.51 -57.53
C GLY E 467 28.63 5.76 -57.68
N GLY E 468 27.74 6.32 -58.45
CA GLY E 468 26.65 5.54 -59.05
C GLY E 468 25.83 6.38 -59.99
N ALA E 469 24.75 5.82 -60.48
CA ALA E 469 23.97 6.41 -61.55
C ALA E 469 22.56 5.88 -61.52
N LEU E 470 21.62 6.80 -61.79
CA LEU E 470 20.21 6.43 -62.01
C LEU E 470 19.78 6.86 -63.39
N ILE E 471 18.94 6.02 -63.98
CA ILE E 471 18.41 6.33 -65.30
C ILE E 471 16.98 5.87 -65.38
N ALA E 472 16.13 6.66 -65.99
CA ALA E 472 14.72 6.22 -66.23
C ALA E 472 14.38 6.52 -67.67
N GLN E 473 13.66 5.63 -68.34
CA GLN E 473 13.30 5.86 -69.71
C GLN E 473 12.04 6.65 -69.83
N LEU E 474 12.06 7.77 -70.50
CA LEU E 474 10.87 8.60 -70.68
C LEU E 474 10.09 8.37 -71.99
N ASP E 475 10.84 7.98 -73.00
CA ASP E 475 10.29 7.63 -74.34
C ASP E 475 11.40 6.88 -75.08
N ASP E 476 11.15 6.42 -76.31
CA ASP E 476 12.14 5.61 -77.01
C ASP E 476 13.58 6.14 -77.05
N ASN E 477 13.66 7.48 -77.14
CA ASN E 477 14.90 8.16 -77.30
C ASN E 477 15.19 9.13 -76.18
N GLU E 478 14.43 9.14 -75.08
CA GLU E 478 14.59 10.19 -74.08
C GLU E 478 14.76 9.50 -72.73
N TYR E 479 15.70 9.95 -71.88
CA TYR E 479 16.01 9.34 -70.59
C TYR E 479 16.15 10.46 -69.53
N LEU E 480 15.73 10.18 -68.29
CA LEU E 480 15.97 11.04 -67.17
C LEU E 480 17.27 10.43 -66.57
N VAL E 481 18.27 11.27 -66.27
CA VAL E 481 19.55 10.81 -65.79
C VAL E 481 20.05 11.62 -64.62
N THR E 482 20.57 10.96 -63.59
CA THR E 482 21.29 11.69 -62.55
C THR E 482 22.31 10.76 -61.99
N ALA E 483 23.50 11.27 -61.70
CA ALA E 483 24.60 10.38 -61.31
C ALA E 483 25.50 11.11 -60.30
N TYR E 484 26.50 10.40 -59.81
CA TYR E 484 27.30 10.81 -58.71
C TYR E 484 28.71 10.25 -58.84
N LYS E 485 29.69 11.18 -58.91
CA LYS E 485 31.07 10.83 -59.10
C LYS E 485 31.30 9.77 -60.14
N ALA E 486 30.71 10.03 -61.29
CA ALA E 486 30.72 9.11 -62.38
C ALA E 486 30.49 9.86 -63.70
N ARG E 487 30.82 9.17 -64.77
CA ARG E 487 30.54 9.61 -66.15
C ARG E 487 29.51 8.67 -66.77
N VAL E 488 28.53 9.26 -67.42
CA VAL E 488 27.52 8.48 -68.16
C VAL E 488 27.61 8.84 -69.62
N GLU E 489 27.83 7.82 -70.46
CA GLU E 489 27.90 8.00 -71.93
C GLU E 489 26.82 7.21 -72.62
N PHE E 490 26.22 7.80 -73.61
CA PHE E 490 25.16 7.15 -74.42
C PHE E 490 25.68 6.72 -75.80
N LYS E 491 25.18 5.59 -76.30
CA LYS E 491 25.54 5.10 -77.63
C LYS E 491 24.38 4.27 -78.13
N PRO E 492 24.34 3.99 -79.44
CA PRO E 492 23.34 3.07 -79.92
C PRO E 492 23.52 1.68 -79.34
N SER E 493 22.40 1.03 -79.14
CA SER E 493 22.38 -0.34 -78.60
C SER E 493 22.59 -1.39 -79.68
N GLN E 494 22.34 -1.01 -80.94
CA GLN E 494 22.35 -1.96 -82.08
C GLN E 494 22.94 -1.14 -83.24
N GLU E 495 23.40 -1.84 -84.26
CA GLU E 495 23.97 -1.18 -85.41
C GLU E 495 22.90 -0.32 -86.06
N LEU E 496 23.30 0.86 -86.59
CA LEU E 496 22.38 1.85 -87.17
C LEU E 496 22.21 1.82 -88.73
N ALA E 497 22.90 0.84 -89.37
CA ALA E 497 22.63 0.46 -90.77
C ALA E 497 22.86 1.68 -91.66
N GLY E 498 23.89 2.44 -91.30
CA GLY E 498 24.38 3.55 -92.11
C GLY E 498 24.09 4.91 -91.53
N LYS E 499 23.18 5.03 -90.55
CA LYS E 499 22.98 6.30 -89.84
C LYS E 499 24.10 6.59 -88.83
N LYS E 500 24.30 7.88 -88.58
CA LYS E 500 25.12 8.31 -87.43
C LYS E 500 24.23 8.60 -86.25
N PHE E 501 24.87 8.98 -85.13
CA PHE E 501 24.09 9.37 -83.95
C PHE E 501 24.74 10.51 -83.25
N MET E 502 23.89 11.16 -82.49
CA MET E 502 24.37 12.14 -81.54
CA MET E 502 24.26 12.30 -81.66
C MET E 502 23.33 12.42 -80.45
N ILE E 503 23.82 13.11 -79.45
CA ILE E 503 22.96 13.72 -78.51
C ILE E 503 22.14 14.78 -79.22
N GLU E 504 20.82 14.75 -79.11
CA GLU E 504 20.02 15.81 -79.66
C GLU E 504 20.05 16.98 -78.71
N ARG E 505 19.74 16.71 -77.43
CA ARG E 505 19.60 17.76 -76.46
C ARG E 505 19.72 17.16 -75.05
N VAL E 506 20.52 17.80 -74.17
CA VAL E 506 20.55 17.47 -72.76
C VAL E 506 20.08 18.72 -72.03
N GLU E 507 19.08 18.59 -71.19
CA GLU E 507 18.45 19.69 -70.39
C GLU E 507 18.67 19.38 -68.98
N GLU E 508 19.23 20.31 -68.23
CA GLU E 508 19.27 20.14 -66.77
C GLU E 508 18.06 20.86 -66.20
N GLY E 509 17.36 20.27 -65.23
CA GLY E 509 16.12 20.87 -64.70
C GLY E 509 15.57 20.20 -63.45
N ARG E 510 14.28 20.44 -63.22
CA ARG E 510 13.62 20.02 -61.99
C ARG E 510 12.14 19.87 -62.30
N PHE E 511 11.45 19.11 -61.47
CA PHE E 511 9.97 19.06 -61.56
C PHE E 511 9.29 20.05 -60.61
N GLU E 512 8.29 20.73 -61.11
CA GLU E 512 7.58 21.74 -60.35
C GLU E 512 6.15 21.35 -60.59
N LYS E 513 5.44 20.95 -59.55
CA LYS E 513 4.03 20.56 -59.70
C LYS E 513 3.87 19.43 -60.74
N GLY E 514 4.88 18.56 -60.84
CA GLY E 514 4.91 17.49 -61.87
C GLY E 514 5.32 17.86 -63.30
N LYS E 515 5.47 19.17 -63.56
CA LYS E 515 5.93 19.71 -64.82
C LYS E 515 7.44 19.78 -64.78
N TRP E 516 8.04 19.36 -65.87
CA TRP E 516 9.47 19.65 -66.10
C TRP E 516 9.75 21.14 -66.37
N VAL E 517 10.66 21.71 -65.59
CA VAL E 517 11.15 23.07 -65.75
C VAL E 517 12.61 23.03 -66.15
N MET E 518 12.89 23.60 -67.32
N MET E 518 12.92 23.53 -67.34
CA MET E 518 14.28 23.72 -67.81
CA MET E 518 14.32 23.52 -67.84
C MET E 518 15.04 24.79 -67.06
C MET E 518 15.11 24.71 -67.31
N GLU E 519 16.24 24.42 -66.65
CA GLU E 519 17.21 25.43 -66.10
C GLU E 519 18.22 25.87 -67.15
N ARG E 520 18.83 24.90 -67.82
CA ARG E 520 19.84 25.15 -68.82
C ARG E 520 20.02 23.94 -69.68
N VAL E 521 20.63 24.15 -70.83
CA VAL E 521 21.02 23.08 -71.70
C VAL E 521 22.49 22.70 -71.46
N TRP E 522 22.82 21.42 -71.17
CA TRP E 522 24.20 21.00 -71.25
C TRP E 522 24.59 20.83 -72.71
N ASN E 523 25.75 21.39 -73.09
CA ASN E 523 26.31 21.22 -74.44
C ASN E 523 27.82 21.45 -74.46
N GLY E 524 28.44 21.35 -75.64
CA GLY E 524 29.91 21.61 -75.79
C GLY E 524 30.70 20.71 -74.84
N ASP E 525 31.60 21.32 -74.06
CA ASP E 525 32.41 20.59 -73.11
C ASP E 525 31.59 19.63 -72.20
N GLN E 526 30.35 20.07 -71.82
CA GLN E 526 29.57 19.32 -70.83
C GLN E 526 28.99 18.05 -71.46
N THR E 527 29.04 17.88 -72.75
CA THR E 527 28.51 16.68 -73.41
C THR E 527 29.49 16.03 -74.38
N ASP E 528 30.64 16.66 -74.65
CA ASP E 528 31.65 16.01 -75.51
C ASP E 528 32.28 14.75 -74.97
N TRP E 529 32.33 14.68 -73.66
CA TRP E 529 33.05 13.66 -72.97
C TRP E 529 32.12 12.88 -72.05
N GLY E 530 30.96 12.50 -72.58
CA GLY E 530 29.91 11.97 -71.72
C GLY E 530 29.37 13.02 -70.79
N LEU E 531 28.58 12.60 -69.81
CA LEU E 531 27.87 13.39 -68.86
C LEU E 531 28.57 13.10 -67.55
N ASN E 532 29.30 14.11 -67.07
CA ASN E 532 30.20 13.99 -65.92
C ASN E 532 29.57 14.62 -64.69
N PHE E 533 29.50 13.81 -63.60
CA PHE E 533 28.94 14.18 -62.34
C PHE E 533 29.97 14.07 -61.22
N THR E 534 29.85 15.04 -60.32
CA THR E 534 30.68 15.17 -59.16
C THR E 534 29.82 14.84 -57.96
N ASP E 535 29.99 15.51 -56.85
CA ASP E 535 29.13 15.30 -55.65
C ASP E 535 27.88 16.12 -55.65
N ARG E 536 27.70 17.08 -56.60
CA ARG E 536 26.56 17.99 -56.60
C ARG E 536 25.40 17.40 -57.45
N PRO E 537 24.16 17.75 -57.07
CA PRO E 537 23.00 17.17 -57.78
C PRO E 537 22.72 17.83 -59.08
N HIS E 538 22.44 17.08 -60.13
CA HIS E 538 21.95 17.58 -61.34
C HIS E 538 21.04 16.56 -61.92
N LEU E 539 19.85 16.96 -62.34
CA LEU E 539 18.91 16.00 -62.94
C LEU E 539 18.81 16.31 -64.41
N LEU E 540 19.12 15.36 -65.30
CA LEU E 540 19.13 15.61 -66.74
C LEU E 540 18.05 14.89 -67.54
N ARG E 541 17.53 15.55 -68.57
CA ARG E 541 16.65 14.94 -69.60
C ARG E 541 17.57 14.85 -70.81
N VAL E 542 17.82 13.64 -71.28
CA VAL E 542 18.75 13.30 -72.33
C VAL E 542 17.95 12.75 -73.48
N LYS E 543 18.08 13.36 -74.63
CA LYS E 543 17.38 12.94 -75.86
C LYS E 543 18.43 12.64 -76.86
N MET E 544 18.41 11.43 -77.39
CA MET E 544 19.34 10.94 -78.39
C MET E 544 18.65 10.88 -79.75
N ALA E 545 19.48 10.95 -80.82
CA ALA E 545 18.96 10.78 -82.22
C ALA E 545 19.95 10.11 -83.13
N SER E 546 19.40 9.20 -83.97
CA SER E 546 20.09 8.77 -85.14
C SER E 546 19.66 9.65 -86.29
N TYR E 547 20.54 9.86 -87.25
CA TYR E 547 20.26 10.76 -88.36
C TYR E 547 20.98 10.27 -89.61
N SER E 548 20.32 10.48 -90.74
CA SER E 548 20.87 10.10 -92.04
C SER E 548 21.99 11.04 -92.51
N VAL E 549 23.01 10.46 -93.15
CA VAL E 549 24.02 11.21 -93.90
C VAL E 549 23.98 10.86 -95.39
N GLN E 550 22.84 10.31 -95.81
CA GLN E 550 22.49 10.06 -97.22
C GLN E 550 21.86 11.32 -97.78
N ALA F 12 -5.59 71.30 13.54
CA ALA F 12 -4.40 70.40 13.44
C ALA F 12 -3.87 70.26 11.98
N PRO F 13 -2.64 70.72 11.71
CA PRO F 13 -2.14 70.38 10.39
C PRO F 13 -1.92 68.88 10.31
N LEU F 14 -2.04 68.33 9.12
CA LEU F 14 -1.74 66.90 8.91
C LEU F 14 -0.30 66.59 9.32
N PRO F 15 -0.06 65.37 9.86
CA PRO F 15 1.31 64.88 10.02
C PRO F 15 2.05 64.79 8.66
N GLU F 16 3.37 65.00 8.65
CA GLU F 16 4.19 64.94 7.41
C GLU F 16 5.62 64.57 7.73
N LEU F 17 6.24 63.82 6.81
CA LEU F 17 7.70 63.61 6.91
C LEU F 17 8.44 64.68 6.12
N LEU F 18 9.24 65.48 6.83
CA LEU F 18 10.05 66.59 6.20
C LEU F 18 11.46 66.09 6.11
N SER F 19 12.09 66.33 4.95
CA SER F 19 13.51 66.02 4.73
C SER F 19 14.20 67.28 4.20
N ASN F 20 15.20 67.79 4.92
CA ASN F 20 15.95 68.97 4.48
C ASN F 20 17.39 68.88 5.03
N ASN F 21 18.37 69.23 4.21
CA ASN F 21 19.77 69.28 4.63
C ASN F 21 20.30 67.90 5.09
N GLY F 22 19.80 66.84 4.47
CA GLY F 22 20.15 65.46 4.85
C GLY F 22 19.60 64.98 6.19
N LYS F 23 18.69 65.76 6.78
CA LYS F 23 18.07 65.46 8.06
C LYS F 23 16.56 65.43 7.89
N HIS F 24 15.87 64.82 8.84
CA HIS F 24 14.45 64.51 8.63
C HIS F 24 13.69 64.81 9.91
N ALA F 25 12.40 65.04 9.81
CA ALA F 25 11.54 65.12 11.00
C ALA F 25 10.15 64.58 10.67
N LEU F 26 9.53 63.90 11.63
CA LEU F 26 8.10 63.62 11.58
C LEU F 26 7.38 64.74 12.26
N MET F 27 6.74 65.57 11.42
CA MET F 27 5.95 66.65 11.93
C MET F 27 4.65 66.06 12.43
N VAL F 28 4.37 66.34 13.67
CA VAL F 28 3.01 66.03 14.23
C VAL F 28 2.43 67.27 14.88
N ASP F 29 1.28 67.71 14.35
CA ASP F 29 0.60 68.91 14.86
C ASP F 29 1.51 70.11 14.63
N GLY F 30 2.22 70.08 13.51
CA GLY F 30 3.08 71.21 13.06
C GLY F 30 4.37 71.45 13.79
N ALA F 31 4.85 70.43 14.52
CA ALA F 31 6.17 70.45 15.15
C ALA F 31 6.79 69.06 15.09
N PRO F 32 8.12 68.97 15.04
CA PRO F 32 8.76 67.62 15.09
C PRO F 32 8.34 66.74 16.30
N TYR F 33 8.32 65.43 16.08
CA TYR F 33 7.81 64.45 17.03
C TYR F 33 8.65 63.17 16.96
N ILE F 34 8.88 62.58 18.14
CA ILE F 34 9.51 61.26 18.25
C ILE F 34 8.45 60.26 18.65
N ILE F 35 8.38 59.18 17.93
CA ILE F 35 7.54 58.02 18.34
C ILE F 35 8.35 57.21 19.38
N LEU F 36 7.92 57.35 20.62
CA LEU F 36 8.31 56.47 21.73
C LEU F 36 7.22 55.40 21.81
N GLY F 37 7.45 54.36 21.09
CA GLY F 37 6.41 53.50 20.57
C GLY F 37 6.23 52.19 21.28
N SER F 38 5.12 51.56 20.99
CA SER F 38 4.83 50.18 21.49
C SER F 38 4.05 49.55 20.38
N GLN F 39 4.32 48.25 20.11
CA GLN F 39 3.59 47.58 19.12
C GLN F 39 2.95 46.30 19.72
N THR F 40 1.76 46.00 19.26
CA THR F 40 1.06 44.87 19.88
C THR F 40 1.54 43.59 19.23
N ASN F 41 1.22 42.44 19.83
CA ASN F 41 1.35 41.19 19.12
C ASN F 41 0.35 41.14 17.98
N ASN F 42 0.49 40.15 17.09
CA ASN F 42 -0.21 40.15 15.81
C ASN F 42 -1.74 39.91 15.83
N SER F 43 -2.22 39.41 16.97
CA SER F 43 -3.62 39.02 17.14
C SER F 43 -4.33 39.86 18.20
N SER F 44 -3.92 41.12 18.33
CA SER F 44 -4.49 42.03 19.35
C SER F 44 -5.38 43.15 18.71
N ASN F 45 -5.69 43.01 17.43
CA ASN F 45 -6.38 44.00 16.57
C ASN F 45 -7.89 43.85 16.64
N TYR F 46 -8.41 43.61 17.85
CA TYR F 46 -9.87 43.45 18.04
C TYR F 46 -10.24 44.16 19.34
N PRO F 47 -11.49 44.68 19.39
CA PRO F 47 -11.95 45.42 20.56
C PRO F 47 -11.74 44.72 21.91
N ASP F 48 -12.04 43.43 22.01
CA ASP F 48 -11.86 42.73 23.24
C ASP F 48 -10.40 42.65 23.75
N ALA F 49 -9.46 42.72 22.78
CA ALA F 49 -8.02 42.59 23.10
C ALA F 49 -7.37 43.92 23.62
N LEU F 50 -8.01 45.04 23.31
CA LEU F 50 -7.45 46.34 23.74
C LEU F 50 -7.27 46.49 25.21
N LYS F 51 -8.15 45.92 26.06
CA LYS F 51 -7.88 45.95 27.50
C LYS F 51 -6.53 45.38 27.89
N ASP F 52 -5.99 44.49 27.05
CA ASP F 52 -4.73 43.78 27.34
C ASP F 52 -3.50 44.49 26.71
N VAL F 53 -3.77 45.60 26.03
CA VAL F 53 -2.75 46.45 25.40
C VAL F 53 -2.45 47.72 26.19
N TRP F 54 -3.51 48.42 26.59
CA TRP F 54 -3.37 49.75 27.16
C TRP F 54 -2.60 49.80 28.48
N PRO F 55 -2.75 48.84 29.40
CA PRO F 55 -1.96 48.90 30.62
C PRO F 55 -0.45 48.83 30.37
N SER F 56 -0.02 48.06 29.37
CA SER F 56 1.41 47.94 29.05
C SER F 56 1.90 49.30 28.53
N MET F 57 1.13 49.85 27.63
CA MET F 57 1.47 51.16 27.07
C MET F 57 1.62 52.21 28.18
N GLU F 58 0.76 52.20 29.21
CA GLU F 58 0.80 53.19 30.32
C GLU F 58 2.07 52.96 31.16
N LYS F 59 2.32 51.69 31.48
CA LYS F 59 3.53 51.34 32.22
C LYS F 59 4.79 51.73 31.41
N MET F 60 4.77 51.51 30.09
CA MET F 60 5.93 51.77 29.28
C MET F 60 6.17 53.31 29.10
N GLY F 61 5.17 54.14 29.32
CA GLY F 61 5.28 55.55 28.95
C GLY F 61 5.37 55.77 27.47
N ALA F 62 4.86 54.85 26.64
CA ALA F 62 4.84 55.07 25.20
C ALA F 62 3.85 56.12 24.79
N ASN F 63 4.27 56.94 23.81
CA ASN F 63 3.33 57.97 23.27
C ASN F 63 2.55 57.60 22.00
N THR F 64 2.89 56.46 21.38
CA THR F 64 2.34 56.01 20.15
C THR F 64 2.23 54.46 20.17
N LEU F 65 1.08 53.97 19.73
CA LEU F 65 0.74 52.54 19.57
C LEU F 65 0.72 52.17 18.08
N SER F 66 1.54 51.19 17.69
CA SER F 66 1.49 50.53 16.46
C SER F 66 0.63 49.26 16.63
N ILE F 67 -0.35 49.11 15.76
CA ILE F 67 -1.37 48.00 15.88
C ILE F 67 -1.89 47.70 14.52
N PRO F 68 -2.07 46.40 14.18
CA PRO F 68 -2.64 46.09 12.92
C PRO F 68 -4.07 46.49 12.66
N VAL F 69 -4.33 46.81 11.38
CA VAL F 69 -5.66 46.84 10.78
C VAL F 69 -5.61 45.89 9.60
N ALA F 70 -6.33 44.79 9.72
CA ALA F 70 -6.27 43.70 8.79
C ALA F 70 -7.33 43.84 7.70
N TRP F 71 -6.93 43.54 6.47
CA TRP F 71 -7.89 43.52 5.34
C TRP F 71 -9.08 42.55 5.58
N GLU F 72 -8.77 41.37 6.10
CA GLU F 72 -9.82 40.41 6.44
C GLU F 72 -10.86 41.02 7.39
N GLN F 73 -10.46 41.86 8.34
CA GLN F 73 -11.41 42.41 9.30
C GLN F 73 -12.29 43.58 8.78
N ILE F 74 -11.72 44.38 7.92
CA ILE F 74 -12.45 45.46 7.31
C ILE F 74 -13.23 45.10 6.09
N GLU F 75 -12.85 44.03 5.37
CA GLU F 75 -13.58 43.60 4.16
C GLU F 75 -13.75 42.06 4.17
N PRO F 76 -14.50 41.53 5.18
CA PRO F 76 -14.70 40.11 5.38
C PRO F 76 -15.48 39.47 4.24
N VAL F 77 -16.35 40.25 3.61
CA VAL F 77 -17.03 39.89 2.38
C VAL F 77 -16.82 41.02 1.40
N GLU F 78 -16.62 40.68 0.12
CA GLU F 78 -16.19 41.67 -0.84
C GLU F 78 -17.26 42.77 -0.92
N GLY F 79 -16.82 44.02 -0.73
CA GLY F 79 -17.64 45.20 -0.77
C GLY F 79 -18.43 45.51 0.49
N GLN F 80 -18.30 44.64 1.50
CA GLN F 80 -19.01 44.79 2.73
C GLN F 80 -17.98 45.18 3.76
N PHE F 81 -17.82 46.49 3.97
CA PHE F 81 -16.80 47.02 4.85
C PHE F 81 -17.21 47.11 6.33
N ASP F 82 -16.23 46.94 7.23
CA ASP F 82 -16.46 46.94 8.64
C ASP F 82 -15.35 47.66 9.35
N PHE F 83 -15.65 48.87 9.82
CA PHE F 83 -14.72 49.62 10.61
C PHE F 83 -14.99 49.70 12.11
N SER F 84 -15.78 48.78 12.64
CA SER F 84 -16.01 48.75 14.08
C SER F 84 -14.76 48.71 14.97
N PHE F 85 -13.75 47.97 14.56
CA PHE F 85 -12.51 47.93 15.30
C PHE F 85 -11.83 49.31 15.35
N VAL F 86 -11.75 49.96 14.18
CA VAL F 86 -11.03 51.26 14.07
C VAL F 86 -11.78 52.27 14.90
N ASP F 87 -13.12 52.26 14.82
CA ASP F 87 -14.00 53.08 15.69
C ASP F 87 -13.51 53.06 17.14
N VAL F 88 -13.47 51.84 17.72
CA VAL F 88 -13.15 51.61 19.11
C VAL F 88 -11.72 52.04 19.36
N LEU F 89 -10.82 51.65 18.48
CA LEU F 89 -9.40 51.92 18.69
C LEU F 89 -9.12 53.49 18.75
N LEU F 90 -9.60 54.21 17.78
CA LEU F 90 -9.57 55.67 17.85
C LEU F 90 -10.05 56.23 19.19
N LYS F 91 -11.28 55.89 19.57
CA LYS F 91 -11.88 56.38 20.79
C LYS F 91 -11.02 56.09 22.01
N GLU F 92 -10.60 54.82 22.16
CA GLU F 92 -9.75 54.43 23.21
C GLU F 92 -8.35 55.12 23.22
N ALA F 93 -7.74 55.29 22.05
CA ALA F 93 -6.44 55.92 21.96
C ALA F 93 -6.54 57.35 22.48
N ARG F 94 -7.64 57.99 22.10
CA ARG F 94 -7.90 59.40 22.48
C ARG F 94 -8.08 59.54 23.97
N GLN F 95 -8.86 58.64 24.55
CA GLN F 95 -9.04 58.76 26.01
C GLN F 95 -7.70 58.70 26.75
N ARG F 96 -6.80 57.83 26.26
CA ARG F 96 -5.50 57.62 26.86
C ARG F 96 -4.41 58.57 26.39
N LYS F 97 -4.79 59.52 25.53
CA LYS F 97 -3.95 60.62 25.12
C LYS F 97 -2.74 60.04 24.45
N VAL F 98 -2.98 59.11 23.55
CA VAL F 98 -1.87 58.50 22.81
C VAL F 98 -2.14 58.56 21.31
N ARG F 99 -1.07 58.49 20.47
CA ARG F 99 -1.25 58.44 19.02
C ARG F 99 -1.15 57.06 18.49
N LEU F 100 -1.52 56.90 17.25
CA LEU F 100 -1.53 55.57 16.59
C LEU F 100 -0.78 55.51 15.27
N VAL F 101 -0.17 54.35 15.02
CA VAL F 101 0.33 53.99 13.74
C VAL F 101 -0.43 52.75 13.33
N LEU F 102 -1.23 52.83 12.28
CA LEU F 102 -1.90 51.66 11.78
C LEU F 102 -1.07 50.86 10.85
N LEU F 103 -1.12 49.53 11.06
CA LEU F 103 -0.34 48.62 10.25
C LEU F 103 -1.23 47.83 9.30
N TRP F 104 -1.23 48.18 8.05
CA TRP F 104 -2.10 47.60 7.03
C TRP F 104 -1.64 46.23 6.62
N PHE F 105 -2.28 45.20 7.22
CA PHE F 105 -1.92 43.83 6.93
C PHE F 105 -2.82 43.32 5.83
N ALA F 106 -2.26 43.08 4.64
CA ALA F 106 -3.08 42.87 3.47
C ALA F 106 -2.47 41.87 2.47
N THR F 107 -1.92 42.33 1.35
CA THR F 107 -1.35 41.46 0.33
C THR F 107 -0.16 40.70 0.92
N TRP F 108 0.64 41.39 1.70
CA TRP F 108 1.70 40.73 2.52
C TRP F 108 1.70 41.04 3.96
N LYS F 109 1.82 39.98 4.76
CA LYS F 109 2.24 40.06 6.14
C LYS F 109 3.29 38.97 6.27
N ASN F 110 4.54 39.34 6.52
CA ASN F 110 5.64 38.41 6.63
C ASN F 110 5.60 37.45 5.40
N ASN F 111 5.52 38.07 4.23
CA ASN F 111 5.60 37.43 2.91
C ASN F 111 4.27 36.79 2.45
N ALA F 112 3.29 36.65 3.35
CA ALA F 112 2.15 35.78 3.09
C ALA F 112 0.86 36.52 3.10
N PRO F 113 -0.19 35.90 2.58
CA PRO F 113 -1.49 36.58 2.51
C PRO F 113 -2.46 36.22 3.64
N HIS F 114 -1.96 35.78 4.81
CA HIS F 114 -2.88 35.22 5.80
C HIS F 114 -3.95 36.21 6.32
N TYR F 115 -3.64 37.50 6.28
CA TYR F 115 -4.57 38.57 6.71
C TYR F 115 -5.41 39.18 5.58
N ALA F 116 -5.25 38.67 4.32
CA ALA F 116 -6.21 38.98 3.28
C ALA F 116 -7.48 38.23 3.59
N PRO F 117 -8.66 38.75 3.16
CA PRO F 117 -9.93 38.07 3.39
C PRO F 117 -9.91 36.69 2.73
N ALA F 118 -10.81 35.83 3.18
CA ALA F 118 -10.83 34.49 2.61
C ALA F 118 -11.10 34.45 1.11
N TRP F 119 -11.95 35.36 0.65
CA TRP F 119 -12.26 35.51 -0.77
C TRP F 119 -11.04 35.97 -1.64
N VAL F 120 -10.05 36.53 -0.98
CA VAL F 120 -8.75 36.72 -1.62
C VAL F 120 -7.82 35.51 -1.51
N LYS F 121 -7.51 35.07 -0.28
CA LYS F 121 -6.34 34.19 -0.09
C LYS F 121 -6.64 32.74 -0.53
N LEU F 122 -7.92 32.47 -0.76
CA LEU F 122 -8.34 31.17 -1.19
C LEU F 122 -8.68 31.15 -2.66
N ASP F 123 -8.48 32.27 -3.38
CA ASP F 123 -8.77 32.35 -4.85
C ASP F 123 -7.48 32.68 -5.66
N ASN F 124 -6.66 31.66 -5.87
CA ASN F 124 -5.41 31.76 -6.58
C ASN F 124 -5.57 32.18 -8.02
N ALA F 125 -6.67 31.78 -8.66
CA ALA F 125 -6.91 32.16 -10.05
C ALA F 125 -7.06 33.65 -10.21
N ARG F 126 -7.79 34.28 -9.29
CA ARG F 126 -8.03 35.71 -9.31
C ARG F 126 -6.80 36.47 -8.82
N PHE F 127 -6.17 35.90 -7.79
CA PHE F 127 -5.15 36.58 -6.97
C PHE F 127 -3.92 35.64 -6.85
N PRO F 128 -3.06 35.63 -7.86
CA PRO F 128 -2.05 34.60 -8.04
C PRO F 128 -0.82 34.68 -7.14
N ARG F 129 -0.39 33.51 -6.71
CA ARG F 129 0.85 33.39 -6.00
C ARG F 129 2.09 33.39 -6.90
N VAL F 130 3.21 33.73 -6.29
CA VAL F 130 4.55 33.50 -6.80
C VAL F 130 4.74 32.05 -7.24
N VAL F 131 5.29 31.87 -8.44
CA VAL F 131 5.67 30.55 -8.95
C VAL F 131 7.19 30.37 -8.92
N LYS F 132 7.68 29.26 -8.39
CA LYS F 132 9.11 29.01 -8.37
C LYS F 132 9.57 28.65 -9.77
N GLU F 133 10.86 28.78 -10.00
CA GLU F 133 11.45 28.29 -11.23
C GLU F 133 11.03 26.84 -11.49
N ASP F 134 11.07 25.98 -10.47
CA ASP F 134 10.77 24.54 -10.65
C ASP F 134 9.29 24.15 -10.88
N GLY F 135 8.40 25.14 -10.92
CA GLY F 135 6.96 24.92 -11.16
C GLY F 135 6.09 25.09 -9.94
N ASP F 136 6.64 24.81 -8.76
CA ASP F 136 5.89 24.75 -7.50
C ASP F 136 5.50 26.16 -7.08
N THR F 137 4.40 26.25 -6.34
CA THR F 137 3.83 27.53 -5.90
C THR F 137 4.18 27.77 -4.44
N LEU F 138 4.59 29.00 -4.12
CA LEU F 138 4.76 29.45 -2.73
C LEU F 138 3.50 30.24 -2.26
N ASN F 139 3.24 30.19 -0.95
CA ASN F 139 2.14 31.02 -0.39
C ASN F 139 2.56 32.48 -0.13
N SER F 140 2.80 33.18 -1.24
CA SER F 140 3.25 34.55 -1.26
C SER F 140 2.65 35.11 -2.52
N LEU F 141 1.78 36.12 -2.40
CA LEU F 141 1.12 36.72 -3.60
C LEU F 141 2.11 37.42 -4.55
N SER F 142 1.91 37.23 -5.86
CA SER F 142 2.74 37.89 -6.86
C SER F 142 2.45 39.39 -6.94
N PRO F 143 3.49 40.27 -6.88
CA PRO F 143 3.27 41.71 -7.13
C PRO F 143 2.77 42.04 -8.56
N LEU F 144 2.83 41.07 -9.48
CA LEU F 144 2.27 41.30 -10.83
C LEU F 144 0.80 40.91 -10.98
N GLY F 145 0.16 40.47 -9.90
CA GLY F 145 -1.27 40.17 -9.91
C GLY F 145 -2.05 41.45 -9.88
N GLN F 146 -2.70 41.79 -11.02
CA GLN F 146 -3.33 43.10 -11.19
C GLN F 146 -4.67 43.20 -10.43
N ASN F 147 -5.33 42.05 -10.28
CA ASN F 147 -6.57 41.99 -9.49
C ASN F 147 -6.28 42.25 -8.04
N THR F 148 -5.17 41.70 -7.56
CA THR F 148 -4.76 41.81 -6.17
C THR F 148 -4.47 43.24 -5.82
N LEU F 149 -3.59 43.87 -6.57
CA LEU F 149 -3.35 45.33 -6.42
C LEU F 149 -4.65 46.13 -6.42
N ALA F 150 -5.52 45.87 -7.37
CA ALA F 150 -6.82 46.56 -7.41
C ALA F 150 -7.63 46.40 -6.15
N ALA F 151 -7.76 45.16 -5.73
CA ALA F 151 -8.50 44.84 -4.49
C ALA F 151 -7.93 45.45 -3.20
N ASP F 152 -6.62 45.36 -3.02
CA ASP F 152 -5.92 45.90 -1.86
C ASP F 152 -6.12 47.43 -1.87
N LYS F 153 -5.85 48.06 -3.00
CA LYS F 153 -6.05 49.50 -3.18
C LYS F 153 -7.47 49.94 -2.81
N LYS F 154 -8.50 49.23 -3.30
CA LYS F 154 -9.90 49.60 -2.99
C LYS F 154 -10.19 49.55 -1.45
N ALA F 155 -9.69 48.52 -0.79
CA ALA F 155 -9.91 48.40 0.64
C ALA F 155 -9.07 49.45 1.43
N PHE F 156 -7.81 49.61 1.08
CA PHE F 156 -6.93 50.64 1.70
C PHE F 156 -7.52 52.04 1.51
N VAL F 157 -8.10 52.32 0.36
CA VAL F 157 -8.82 53.57 0.15
C VAL F 157 -10.04 53.73 1.12
N GLU F 158 -10.83 52.67 1.33
CA GLU F 158 -11.92 52.74 2.30
C GLU F 158 -11.44 53.03 3.72
N LEU F 159 -10.33 52.41 4.12
CA LEU F 159 -9.74 52.66 5.40
C LEU F 159 -9.35 54.11 5.51
N MET F 160 -8.72 54.65 4.45
CA MET F 160 -8.30 56.06 4.59
C MET F 160 -9.52 56.99 4.62
N LYS F 161 -10.54 56.61 3.87
CA LYS F 161 -11.81 57.34 3.86
C LYS F 161 -12.38 57.37 5.23
N TYR F 162 -12.27 56.26 5.96
CA TYR F 162 -12.77 56.27 7.33
C TYR F 162 -11.97 57.25 8.23
N LEU F 163 -10.63 57.26 8.10
CA LEU F 163 -9.82 58.22 8.85
C LEU F 163 -10.10 59.67 8.47
N ALA F 164 -10.37 59.91 7.18
CA ALA F 164 -10.69 61.27 6.74
C ALA F 164 -11.99 61.81 7.39
N LYS F 165 -12.98 60.93 7.54
CA LYS F 165 -14.30 61.27 8.09
C LYS F 165 -14.37 61.26 9.64
N ARG F 166 -13.60 60.38 10.29
CA ARG F 166 -13.70 60.23 11.74
C ARG F 166 -12.47 60.54 12.60
N ASP F 167 -11.39 61.04 11.98
CA ASP F 167 -10.14 61.29 12.73
C ASP F 167 -9.48 62.60 12.29
N LYS F 168 -10.32 63.63 12.24
CA LYS F 168 -9.94 64.95 11.84
C LYS F 168 -8.76 65.55 12.57
N ASP F 169 -8.48 65.11 13.80
CA ASP F 169 -7.38 65.58 14.64
C ASP F 169 -6.12 64.67 14.57
N HIS F 170 -6.19 63.69 13.65
CA HIS F 170 -5.05 62.86 13.24
C HIS F 170 -4.47 62.06 14.41
N THR F 171 -5.34 61.46 15.21
CA THR F 171 -4.91 60.47 16.20
C THR F 171 -3.96 59.45 15.56
N VAL F 172 -4.32 58.94 14.37
CA VAL F 172 -3.47 58.14 13.49
C VAL F 172 -2.52 59.09 12.81
N ILE F 173 -1.26 58.95 13.15
CA ILE F 173 -0.23 59.84 12.59
C ILE F 173 0.48 59.32 11.36
N MET F 174 0.41 58.02 11.10
CA MET F 174 1.21 57.38 10.06
C MET F 174 0.58 56.02 9.81
N VAL F 175 0.72 55.51 8.59
CA VAL F 175 0.23 54.18 8.18
C VAL F 175 1.35 53.36 7.57
N GLN F 176 1.54 52.14 8.10
CA GLN F 176 2.45 51.19 7.49
C GLN F 176 1.69 50.45 6.41
N VAL F 177 2.22 50.40 5.21
CA VAL F 177 1.57 49.75 4.05
C VAL F 177 2.15 48.36 3.86
N GLN F 178 1.31 47.33 4.09
CA GLN F 178 1.75 45.90 4.18
C GLN F 178 2.60 45.70 5.47
N ASN F 179 3.05 44.46 5.68
CA ASN F 179 3.97 44.19 6.71
C ASN F 179 5.05 43.21 6.26
N GLU F 180 6.33 43.64 6.14
CA GLU F 180 7.42 42.66 5.81
C GLU F 180 7.04 42.00 4.47
N VAL F 181 7.00 42.82 3.42
CA VAL F 181 6.80 42.29 2.08
C VAL F 181 7.98 41.39 1.67
N GLY F 182 7.79 40.62 0.59
CA GLY F 182 8.82 39.90 -0.06
C GLY F 182 8.36 38.49 -0.15
N THR F 183 9.31 37.62 -0.51
CA THR F 183 9.09 36.19 -0.59
C THR F 183 10.21 35.34 0.01
N TYR F 184 9.82 34.36 0.81
CA TYR F 184 10.68 33.25 1.27
C TYR F 184 10.60 32.03 0.33
N GLY F 185 11.72 31.40 0.00
CA GLY F 185 11.71 30.22 -0.85
C GLY F 185 11.95 30.46 -2.32
N ALA F 186 11.97 31.71 -2.77
CA ALA F 186 12.24 32.06 -4.15
C ALA F 186 12.73 33.51 -4.23
N VAL F 187 13.43 33.83 -5.32
CA VAL F 187 13.97 35.20 -5.50
C VAL F 187 12.88 36.14 -6.00
N ARG F 188 12.01 35.59 -6.85
CA ARG F 188 10.95 36.35 -7.53
C ARG F 188 9.88 35.36 -8.03
N ASP F 189 8.88 35.95 -8.67
CA ASP F 189 7.88 35.20 -9.43
C ASP F 189 8.52 34.87 -10.79
N TYR F 190 8.40 33.61 -11.15
CA TYR F 190 8.85 33.01 -12.42
C TYR F 190 7.67 32.41 -13.20
N SER F 191 6.44 32.79 -12.79
CA SER F 191 5.23 32.52 -13.58
C SER F 191 5.40 33.12 -15.01
N PRO F 192 4.70 32.56 -16.02
CA PRO F 192 4.69 33.18 -17.35
C PRO F 192 4.37 34.67 -17.38
N MET F 193 3.45 35.07 -16.53
CA MET F 193 3.03 36.45 -16.42
C MET F 193 4.22 37.27 -15.93
N ALA F 194 4.95 36.76 -14.93
CA ALA F 194 6.14 37.50 -14.44
C ALA F 194 7.25 37.46 -15.51
N GLN F 195 7.47 36.28 -16.07
CA GLN F 195 8.46 36.07 -17.13
C GLN F 195 8.37 37.10 -18.26
N ALA F 196 7.14 37.42 -18.71
CA ALA F 196 6.92 38.35 -19.85
C ALA F 196 7.33 39.78 -19.58
N VAL F 197 7.30 40.17 -18.30
CA VAL F 197 7.68 41.50 -17.87
C VAL F 197 9.18 41.51 -17.61
N PHE F 198 9.72 40.42 -17.07
CA PHE F 198 11.18 40.24 -16.82
C PHE F 198 12.04 40.28 -18.12
N ASN F 199 11.52 39.70 -19.20
CA ASN F 199 12.24 39.64 -20.46
C ASN F 199 12.16 40.94 -21.25
N ALA F 200 11.22 41.80 -20.86
CA ALA F 200 11.02 43.10 -21.50
C ALA F 200 11.99 44.19 -20.96
N ALA F 201 11.96 45.36 -21.61
CA ALA F 201 12.81 46.50 -21.22
C ALA F 201 12.48 46.97 -19.81
N VAL F 202 13.50 47.42 -19.10
CA VAL F 202 13.29 48.05 -17.82
C VAL F 202 12.52 49.35 -18.10
N PRO F 203 11.45 49.60 -17.30
CA PRO F 203 10.70 50.85 -17.43
C PRO F 203 11.60 52.09 -17.40
N ASP F 204 11.33 52.98 -18.36
CA ASP F 204 12.17 54.16 -18.65
C ASP F 204 12.37 54.97 -17.36
N ASP F 205 11.31 55.07 -16.58
CA ASP F 205 11.33 55.82 -15.33
C ASP F 205 12.47 55.38 -14.41
N LEU F 206 12.59 54.06 -14.18
CA LEU F 206 13.58 53.50 -13.27
C LEU F 206 14.97 53.73 -13.86
N ILE F 207 15.09 53.62 -15.18
CA ILE F 207 16.35 53.80 -15.89
C ILE F 207 16.80 55.23 -15.72
N GLN F 208 15.89 56.18 -15.86
CA GLN F 208 16.24 57.61 -15.72
C GLN F 208 16.45 58.10 -14.29
N LYS F 209 15.71 57.56 -13.31
CA LYS F 209 16.03 57.88 -11.89
C LYS F 209 17.33 57.24 -11.41
N LEU F 210 17.57 56.01 -11.85
CA LEU F 210 18.88 55.41 -11.65
C LEU F 210 19.70 56.05 -12.74
N GLN F 211 21.01 56.01 -12.62
CA GLN F 211 21.78 56.70 -13.65
C GLN F 211 22.23 55.64 -14.62
N LEU F 212 21.31 54.98 -15.35
CA LEU F 212 21.61 53.69 -16.01
C LEU F 212 21.30 53.65 -17.52
N LYS F 213 22.02 52.76 -18.19
CA LYS F 213 21.86 52.54 -19.62
C LYS F 213 20.65 51.63 -19.86
N PRO F 214 19.74 52.01 -20.78
CA PRO F 214 18.58 51.22 -21.18
C PRO F 214 18.87 49.74 -21.44
N GLY F 215 17.86 48.90 -21.22
CA GLY F 215 17.94 47.49 -21.54
C GLY F 215 16.94 46.68 -20.75
N THR F 216 16.96 45.37 -20.98
CA THR F 216 16.07 44.47 -20.27
C THR F 216 16.62 44.26 -18.89
N TRP F 217 15.78 43.67 -18.04
CA TRP F 217 16.20 43.38 -16.67
C TRP F 217 17.51 42.61 -16.65
N SER F 218 17.61 41.53 -17.41
CA SER F 218 18.88 40.75 -17.44
C SER F 218 20.09 41.56 -17.91
N GLN F 219 19.89 42.40 -18.91
CA GLN F 219 21.00 43.19 -19.43
C GLN F 219 21.38 44.31 -18.48
N VAL F 220 20.38 44.96 -17.87
CA VAL F 220 20.67 46.10 -16.98
C VAL F 220 21.31 45.68 -15.64
N PHE F 221 20.80 44.60 -15.04
CA PHE F 221 21.24 44.22 -13.68
C PHE F 221 22.00 42.89 -13.59
N GLY F 222 21.95 42.07 -14.65
CA GLY F 222 22.77 40.85 -14.69
C GLY F 222 22.44 39.87 -13.57
N ARG F 223 23.41 39.62 -12.71
CA ARG F 223 23.29 38.69 -11.60
C ARG F 223 22.29 39.19 -10.56
N ASP F 224 22.09 40.50 -10.43
CA ASP F 224 21.05 40.99 -9.48
C ASP F 224 19.66 41.15 -10.07
N ALA F 225 19.52 40.97 -11.40
CA ALA F 225 18.24 41.05 -12.08
C ALA F 225 16.99 40.42 -11.39
N ASP F 226 17.03 39.13 -11.04
CA ASP F 226 15.85 38.48 -10.41
C ASP F 226 15.40 39.15 -9.10
N GLU F 227 16.33 39.41 -8.19
CA GLU F 227 15.96 40.04 -6.89
C GLU F 227 15.56 41.52 -7.10
N PHE F 228 16.32 42.23 -7.95
CA PHE F 228 16.00 43.64 -8.28
C PHE F 228 14.59 43.82 -8.90
N PHE F 229 14.21 42.88 -9.75
CA PHE F 229 12.90 42.80 -10.35
C PHE F 229 11.78 42.63 -9.33
N HIS F 230 11.94 41.67 -8.44
CA HIS F 230 10.96 41.43 -7.35
C HIS F 230 10.82 42.65 -6.49
N ALA F 231 11.91 43.17 -5.97
CA ALA F 231 11.84 44.50 -5.29
C ALA F 231 11.15 45.62 -6.08
N TYR F 232 11.49 45.76 -7.36
CA TYR F 232 10.86 46.79 -8.19
C TYR F 232 9.37 46.55 -8.28
N GLN F 233 9.01 45.31 -8.60
CA GLN F 233 7.60 44.93 -8.73
C GLN F 233 6.81 45.17 -7.44
N ILE F 234 7.39 44.78 -6.29
CA ILE F 234 6.68 44.96 -4.98
C ILE F 234 6.63 46.45 -4.60
N ALA F 235 7.76 47.12 -4.83
CA ALA F 235 7.88 48.53 -4.58
C ALA F 235 6.79 49.31 -5.38
N ARG F 236 6.64 49.00 -6.66
CA ARG F 236 5.61 49.62 -7.52
C ARG F 236 4.17 49.37 -7.01
N TYR F 237 3.91 48.14 -6.59
CA TYR F 237 2.65 47.76 -5.92
C TYR F 237 2.37 48.53 -4.66
N CYS F 238 3.36 48.57 -3.78
CA CYS F 238 3.27 49.34 -2.56
C CYS F 238 3.11 50.85 -2.89
N ASP F 239 3.84 51.36 -3.87
CA ASP F 239 3.70 52.78 -4.20
C ASP F 239 2.27 53.11 -4.64
N GLU F 240 1.68 52.23 -5.44
CA GLU F 240 0.31 52.45 -5.97
C GLU F 240 -0.77 52.44 -4.85
N VAL F 241 -0.61 51.56 -3.89
CA VAL F 241 -1.56 51.52 -2.77
C VAL F 241 -1.41 52.84 -1.97
N THR F 242 -0.15 53.18 -1.72
CA THR F 242 0.20 54.40 -0.99
C THR F 242 -0.44 55.60 -1.65
N VAL F 243 -0.33 55.70 -2.97
CA VAL F 243 -0.78 56.89 -3.69
C VAL F 243 -2.30 57.05 -3.59
N ALA F 244 -2.98 55.91 -3.79
CA ALA F 244 -4.43 55.81 -3.71
C ALA F 244 -4.91 56.23 -2.34
N GLY F 245 -4.31 55.66 -1.27
CA GLY F 245 -4.62 56.07 0.05
C GLY F 245 -4.37 57.52 0.35
N LYS F 246 -3.21 58.03 -0.11
CA LYS F 246 -2.79 59.42 0.21
C LYS F 246 -3.73 60.45 -0.47
N ALA F 247 -4.34 60.02 -1.56
CA ALA F 247 -5.34 60.79 -2.28
C ALA F 247 -6.58 61.07 -1.45
N ILE F 248 -6.89 60.21 -0.49
CA ILE F 248 -8.00 60.43 0.42
C ILE F 248 -7.57 61.25 1.60
N LYS F 249 -6.45 60.83 2.25
CA LYS F 249 -5.87 61.56 3.37
C LYS F 249 -4.36 61.38 3.30
N ASN F 250 -3.63 62.48 3.17
CA ASN F 250 -2.23 62.45 2.83
C ASN F 250 -1.34 62.29 4.08
N LEU F 251 -1.59 61.24 4.86
CA LEU F 251 -0.73 60.97 5.99
C LEU F 251 0.62 60.38 5.50
N PRO F 252 1.67 60.49 6.33
CA PRO F 252 2.89 59.79 5.97
C PRO F 252 2.72 58.27 5.98
N MET F 253 3.38 57.60 5.06
CA MET F 253 3.26 56.14 4.91
C MET F 253 4.59 55.49 4.70
N TYR F 254 4.76 54.30 5.25
CA TYR F 254 6.03 53.71 5.15
C TYR F 254 5.92 52.22 5.00
N VAL F 255 7.04 51.57 4.73
CA VAL F 255 7.13 50.08 4.71
C VAL F 255 8.23 49.60 5.63
N ASN F 256 8.03 48.40 6.24
CA ASN F 256 8.89 47.84 7.25
C ASN F 256 9.57 46.61 6.72
N VAL F 257 10.88 46.52 6.90
CA VAL F 257 11.71 45.46 6.26
C VAL F 257 12.13 44.25 7.18
N ALA F 258 11.80 43.03 6.71
CA ALA F 258 12.42 41.80 7.18
C ALA F 258 13.89 41.83 6.76
N LEU F 259 14.79 42.18 7.68
CA LEU F 259 16.19 42.39 7.29
C LEU F 259 16.93 41.14 6.89
N ARG F 260 17.92 41.31 6.02
CA ARG F 260 18.97 40.33 5.81
C ARG F 260 20.09 40.75 6.76
N ASN F 261 20.86 39.80 7.24
CA ASN F 261 22.05 40.17 8.00
C ASN F 261 23.03 40.95 7.09
N PRO F 262 23.42 42.16 7.47
CA PRO F 262 24.16 43.03 6.54
C PRO F 262 25.57 42.52 6.29
N PHE F 263 26.13 41.74 7.25
CA PHE F 263 27.48 41.16 7.18
C PHE F 263 27.52 39.83 6.45
N ASN F 264 26.42 39.07 6.50
CA ASN F 264 26.42 37.66 6.09
C ASN F 264 24.95 37.30 5.76
N PRO F 265 24.43 37.89 4.64
CA PRO F 265 22.97 37.90 4.42
C PRO F 265 22.41 36.55 3.96
N GLY F 266 23.27 35.69 3.44
CA GLY F 266 22.81 34.50 2.73
C GLY F 266 22.15 34.93 1.42
N LEU F 267 21.35 34.03 0.86
CA LEU F 267 20.78 34.24 -0.46
C LEU F 267 19.35 34.78 -0.36
N PRO F 268 18.95 35.63 -1.33
CA PRO F 268 17.52 36.06 -1.39
C PRO F 268 16.59 34.87 -1.53
N GLY F 269 15.51 34.87 -0.75
CA GLY F 269 14.65 33.66 -0.49
C GLY F 269 14.98 32.91 0.80
N GLN F 270 16.21 32.97 1.28
CA GLN F 270 16.53 32.54 2.65
C GLN F 270 16.06 33.69 3.57
N TYR F 271 16.53 34.90 3.27
CA TYR F 271 15.82 36.11 3.69
C TYR F 271 14.65 36.42 2.72
N SER F 272 13.78 37.32 3.15
CA SER F 272 12.57 37.67 2.41
C SER F 272 12.93 38.54 1.17
N SER F 273 12.95 37.93 -0.01
CA SER F 273 13.45 38.60 -1.23
C SER F 273 12.44 39.61 -1.68
N GLY F 274 12.90 40.79 -2.14
CA GLY F 274 12.06 41.82 -2.71
C GLY F 274 11.62 42.90 -1.72
N GLY F 275 11.69 42.65 -0.41
CA GLY F 275 11.63 43.71 0.57
C GLY F 275 12.81 44.68 0.46
N GLY F 276 12.76 45.70 1.29
CA GLY F 276 13.70 46.83 1.28
C GLY F 276 14.96 46.56 1.98
N THR F 277 15.59 45.42 1.66
CA THR F 277 16.86 45.04 2.19
C THR F 277 17.96 45.95 1.66
N ASP F 278 19.10 45.92 2.34
CA ASP F 278 20.06 47.04 2.19
C ASP F 278 20.57 47.24 0.77
N ASN F 279 20.67 46.14 0.08
CA ASN F 279 21.13 46.07 -1.30
C ASN F 279 20.10 46.54 -2.34
N VAL F 280 18.82 46.52 -1.98
CA VAL F 280 17.80 47.03 -2.92
C VAL F 280 17.16 48.41 -2.49
N LEU F 281 17.76 49.17 -1.55
CA LEU F 281 17.24 50.46 -1.17
C LEU F 281 17.12 51.43 -2.34
N HIS F 282 18.16 51.52 -3.19
CA HIS F 282 18.14 52.37 -4.37
C HIS F 282 17.00 52.04 -5.34
N ILE F 283 16.68 50.76 -5.45
CA ILE F 283 15.54 50.31 -6.26
C ILE F 283 14.21 50.76 -5.63
N TRP F 284 14.03 50.52 -4.32
CA TRP F 284 12.84 50.99 -3.62
C TRP F 284 12.65 52.52 -3.70
N LYS F 285 13.76 53.25 -3.59
CA LYS F 285 13.66 54.71 -3.56
C LYS F 285 13.27 55.28 -4.93
N ALA F 286 13.80 54.67 -5.97
CA ALA F 286 13.49 55.03 -7.35
C ALA F 286 12.03 54.67 -7.70
N ALA F 287 11.65 53.47 -7.29
CA ALA F 287 10.41 52.84 -7.77
C ALA F 287 9.22 53.31 -6.97
N ALA F 288 9.42 53.74 -5.72
CA ALA F 288 8.34 54.12 -4.83
C ALA F 288 8.52 55.49 -4.17
N PRO F 289 8.48 56.52 -5.04
CA PRO F 289 8.66 57.89 -4.61
C PRO F 289 7.61 58.36 -3.59
N ASN F 290 6.43 57.72 -3.52
CA ASN F 290 5.36 58.27 -2.65
C ASN F 290 5.43 57.69 -1.24
N ILE F 291 6.28 56.69 -1.05
CA ILE F 291 6.47 56.01 0.28
C ILE F 291 7.50 56.83 1.02
N ASP F 292 7.10 57.32 2.19
CA ASP F 292 7.92 58.34 2.87
C ASP F 292 9.24 57.82 3.36
N LEU F 293 9.29 56.56 3.83
CA LEU F 293 10.57 55.97 4.31
C LEU F 293 10.49 54.45 4.34
N ILE F 294 11.65 53.83 4.43
CA ILE F 294 11.80 52.38 4.51
C ILE F 294 12.41 52.09 5.89
N ALA F 295 11.68 51.30 6.72
CA ALA F 295 11.96 51.12 8.13
C ALA F 295 12.55 49.75 8.44
N PRO F 296 13.64 49.69 9.19
CA PRO F 296 14.17 48.38 9.50
C PRO F 296 13.41 47.78 10.68
N ASP F 297 13.17 46.46 10.59
CA ASP F 297 12.71 45.65 11.73
C ASP F 297 13.86 44.90 12.32
N ILE F 298 14.23 45.19 13.56
CA ILE F 298 15.49 44.74 14.15
C ILE F 298 15.32 43.63 15.25
N TYR F 299 15.63 42.41 14.87
CA TYR F 299 15.73 41.29 15.87
C TYR F 299 17.13 40.79 16.16
N PHE F 300 18.11 41.39 15.49
CA PHE F 300 19.55 41.21 15.84
C PHE F 300 19.79 41.78 17.23
N ARG F 301 20.32 40.94 18.14
CA ARG F 301 20.61 41.34 19.55
CA ARG F 301 20.59 41.38 19.53
C ARG F 301 21.91 42.09 19.74
N ASP F 302 22.88 41.84 18.85
CA ASP F 302 24.30 42.23 19.06
C ASP F 302 24.62 43.64 18.53
N TYR F 303 25.37 44.41 19.34
CA TYR F 303 25.72 45.79 19.06
C TYR F 303 26.29 46.00 17.71
N LYS F 304 27.23 45.15 17.28
CA LYS F 304 27.88 45.38 16.00
C LYS F 304 26.89 45.34 14.79
N THR F 305 26.07 44.29 14.74
CA THR F 305 25.08 44.15 13.67
C THR F 305 23.93 45.18 13.72
N VAL F 306 23.45 45.47 14.91
CA VAL F 306 22.43 46.50 15.09
C VAL F 306 22.99 47.89 14.61
N SER F 307 24.18 48.24 15.06
CA SER F 307 24.83 49.49 14.63
C SER F 307 24.94 49.55 13.10
N LYS F 308 25.23 48.42 12.48
CA LYS F 308 25.42 48.46 11.04
C LYS F 308 24.06 48.65 10.37
N VAL F 309 23.03 47.96 10.87
CA VAL F 309 21.68 48.22 10.33
C VAL F 309 21.22 49.72 10.50
N LEU F 310 21.43 50.34 11.67
CA LEU F 310 21.11 51.76 11.81
C LEU F 310 21.86 52.63 10.83
N GLU F 311 23.16 52.37 10.65
CA GLU F 311 23.99 53.10 9.66
C GLU F 311 23.40 53.04 8.26
N LEU F 312 23.07 51.82 7.83
CA LEU F 312 22.57 51.56 6.51
C LEU F 312 21.18 52.14 6.22
N TYR F 313 20.29 52.18 7.23
CA TYR F 313 18.96 52.75 7.00
C TYR F 313 18.82 54.26 7.24
N THR F 314 19.90 54.87 7.81
CA THR F 314 19.92 56.31 7.98
C THR F 314 20.70 56.88 6.78
N ARG F 315 19.97 57.50 5.88
CA ARG F 315 20.47 58.09 4.63
C ARG F 315 19.84 59.48 4.41
N PRO F 316 20.47 60.29 3.55
CA PRO F 316 19.88 61.61 3.32
C PRO F 316 18.48 61.49 2.67
N ASP F 317 18.26 60.41 1.94
CA ASP F 317 16.96 60.03 1.34
C ASP F 317 16.12 59.01 2.16
N ASN F 318 16.47 58.82 3.41
CA ASN F 318 15.68 57.89 4.25
C ASN F 318 15.75 58.25 5.74
N ALA F 319 14.61 58.70 6.29
CA ALA F 319 14.48 58.93 7.70
C ALA F 319 14.64 57.55 8.40
N LEU F 320 15.28 57.54 9.57
CA LEU F 320 15.32 56.37 10.42
C LEU F 320 14.10 56.20 11.33
N PHE F 321 13.39 55.09 11.16
CA PHE F 321 12.32 54.70 12.09
C PHE F 321 12.49 53.23 12.35
N VAL F 322 12.68 52.91 13.61
CA VAL F 322 12.87 51.49 14.03
C VAL F 322 11.43 50.97 14.25
N ALA F 323 10.86 50.35 13.24
CA ALA F 323 9.40 50.07 13.24
C ALA F 323 9.05 48.85 14.05
N GLU F 324 10.05 48.07 14.28
CA GLU F 324 9.94 46.84 15.10
C GLU F 324 11.29 46.61 15.72
N ILE F 325 11.33 46.25 16.99
CA ILE F 325 12.54 45.81 17.64
C ILE F 325 12.12 44.85 18.74
N GLY F 326 13.04 43.94 19.05
CA GLY F 326 12.79 42.96 20.11
C GLY F 326 12.49 43.62 21.44
N ASN F 327 11.72 42.97 22.32
CA ASN F 327 11.34 43.53 23.64
C ASN F 327 12.12 42.87 24.79
N ASP F 328 13.08 42.02 24.48
CA ASP F 328 14.06 41.62 25.53
C ASP F 328 14.95 42.79 25.96
N GLN F 329 15.50 42.64 27.15
CA GLN F 329 16.27 43.68 27.84
C GLN F 329 17.41 44.26 27.00
N PRO F 330 18.14 43.45 26.22
CA PRO F 330 19.28 44.00 25.47
C PRO F 330 18.94 45.06 24.42
N PHE F 331 17.69 45.09 23.99
CA PHE F 331 17.26 45.94 22.89
C PHE F 331 17.00 47.36 23.34
N ALA F 332 16.67 47.54 24.60
CA ALA F 332 16.26 48.89 25.10
C ALA F 332 17.28 49.98 24.79
N ARG F 333 18.56 49.63 25.01
CA ARG F 333 19.62 50.63 24.84
C ARG F 333 19.74 51.12 23.43
N TYR F 334 19.29 50.33 22.44
CA TYR F 334 19.32 50.84 21.02
C TYR F 334 18.47 52.09 20.71
N LEU F 335 17.59 52.49 21.65
CA LEU F 335 16.88 53.74 21.56
C LEU F 335 17.90 54.88 21.40
N PHE F 336 18.99 54.78 22.11
CA PHE F 336 19.94 55.89 22.16
C PHE F 336 20.68 56.18 20.79
N PRO F 337 21.26 55.15 20.14
CA PRO F 337 21.81 55.41 18.79
C PRO F 337 20.72 55.73 17.75
N THR F 338 19.50 55.18 17.92
CA THR F 338 18.43 55.50 17.02
C THR F 338 18.16 56.98 17.02
N LEU F 339 18.04 57.54 18.24
CA LEU F 339 17.78 58.96 18.36
C LEU F 339 18.99 59.78 17.98
N GLY F 340 20.19 59.28 18.28
CA GLY F 340 21.45 59.96 17.89
C GLY F 340 21.68 60.16 16.40
N LYS F 341 21.25 59.18 15.62
CA LYS F 341 21.17 59.29 14.15
C LYS F 341 20.07 60.15 13.60
N GLY F 342 19.27 60.83 14.47
CA GLY F 342 18.15 61.66 14.10
C GLY F 342 16.88 60.86 13.82
N GLY F 343 16.83 59.63 14.33
CA GLY F 343 15.65 58.74 14.13
C GLY F 343 14.40 59.43 14.59
N ILE F 344 13.30 59.12 13.90
CA ILE F 344 12.00 59.64 14.22
C ILE F 344 11.20 58.78 15.17
N GLY F 345 11.68 57.56 15.48
CA GLY F 345 11.01 56.76 16.52
C GLY F 345 11.52 55.32 16.63
N PHE F 346 10.86 54.55 17.48
CA PHE F 346 11.45 53.30 17.98
C PHE F 346 10.23 52.56 18.53
N SER F 347 10.00 51.32 18.09
CA SER F 347 8.72 50.60 18.38
C SER F 347 8.94 49.09 18.80
N PRO F 348 9.14 48.87 20.09
CA PRO F 348 9.35 47.51 20.57
C PRO F 348 8.12 46.65 20.37
N PHE F 349 8.37 45.44 19.90
CA PHE F 349 7.30 44.54 19.48
C PHE F 349 6.81 43.66 20.60
N GLY F 350 5.50 43.41 20.61
CA GLY F 350 4.93 42.42 21.56
C GLY F 350 4.62 42.99 22.92
N MET F 351 4.31 44.28 23.03
CA MET F 351 4.05 44.95 24.28
C MET F 351 2.61 44.82 24.72
N ASP F 352 2.21 43.58 25.01
CA ASP F 352 0.82 43.37 25.48
C ASP F 352 0.76 42.08 26.23
N ASP F 353 -0.36 41.90 26.93
CA ASP F 353 -0.56 40.75 27.84
C ASP F 353 -1.65 39.83 27.30
N THR F 354 -1.60 39.58 25.99
CA THR F 354 -2.44 38.63 25.30
C THR F 354 -1.86 37.20 25.20
N ASP F 355 -0.98 36.86 26.11
CA ASP F 355 -0.52 35.45 26.32
C ASP F 355 0.22 34.91 25.09
N TYR F 356 1.24 35.67 24.69
CA TYR F 356 2.09 35.22 23.64
C TYR F 356 3.44 35.86 23.81
N THR F 357 4.50 35.08 23.66
CA THR F 357 5.84 35.64 23.44
C THR F 357 6.51 34.95 22.28
N ASN F 358 7.14 35.74 21.43
CA ASN F 358 7.97 35.23 20.39
C ASN F 358 9.39 34.81 20.77
N TYR F 359 9.68 34.71 22.05
CA TYR F 359 10.96 34.09 22.50
C TYR F 359 11.28 32.86 21.63
N PRO F 360 12.51 32.63 21.16
CA PRO F 360 13.72 33.32 21.58
C PRO F 360 13.98 34.66 20.92
N LEU F 361 13.02 35.13 20.12
CA LEU F 361 13.17 36.47 19.55
C LEU F 361 13.12 37.51 20.63
N GLY F 362 12.00 37.64 21.32
CA GLY F 362 11.82 38.58 22.40
C GLY F 362 12.01 38.00 23.76
N ALA F 363 11.38 38.64 24.76
CA ALA F 363 11.55 38.33 26.19
C ALA F 363 10.90 36.99 26.54
N LYS F 364 11.56 36.17 27.35
CA LYS F 364 11.03 34.85 27.69
C LYS F 364 9.72 34.93 28.47
N VAL F 365 9.64 35.89 29.39
CA VAL F 365 8.48 36.16 30.27
C VAL F 365 8.14 37.63 30.04
N TYR F 366 6.88 37.87 29.74
CA TYR F 366 6.36 39.21 29.67
C TYR F 366 5.79 39.62 31.00
N ASN F 367 6.45 40.55 31.66
CA ASN F 367 5.97 41.06 32.93
C ASN F 367 6.37 42.49 33.10
N ASP F 368 6.03 43.07 34.24
CA ASP F 368 6.43 44.45 34.55
C ASP F 368 7.92 44.72 34.39
N GLU F 369 8.77 43.78 34.78
CA GLU F 369 10.22 44.00 34.61
C GLU F 369 10.61 44.14 33.12
N THR F 370 10.07 43.26 32.28
CA THR F 370 10.20 43.42 30.79
C THR F 370 9.89 44.87 30.37
N ILE F 371 8.70 45.33 30.76
CA ILE F 371 8.21 46.65 30.36
C ILE F 371 9.10 47.73 30.95
N GLU F 372 9.54 47.55 32.20
CA GLU F 372 10.37 48.56 32.91
C GLU F 372 11.69 48.88 32.19
N GLN F 373 12.26 47.93 31.48
CA GLN F 373 13.55 48.17 30.79
C GLN F 373 13.34 49.29 29.76
N PHE F 374 12.19 49.22 29.10
CA PHE F 374 11.87 50.31 28.12
C PHE F 374 11.40 51.55 28.80
N ALA F 375 10.54 51.37 29.79
CA ALA F 375 10.05 52.57 30.52
C ALA F 375 11.17 53.47 31.01
N GLN F 376 12.23 52.87 31.53
CA GLN F 376 13.32 53.62 32.13
C GLN F 376 14.04 54.47 31.07
N VAL F 377 14.23 53.94 29.86
CA VAL F 377 14.83 54.77 28.78
C VAL F 377 13.84 55.79 28.19
N TYR F 378 12.56 55.44 28.05
CA TYR F 378 11.50 56.38 27.55
C TYR F 378 11.32 57.60 28.48
N ARG F 379 11.60 57.43 29.77
CA ARG F 379 11.54 58.49 30.79
C ARG F 379 12.63 59.54 30.61
N LEU F 380 13.68 59.16 29.87
CA LEU F 380 14.75 60.11 29.57
C LEU F 380 14.31 61.07 28.49
N VAL F 381 13.50 60.58 27.57
CA VAL F 381 13.10 61.35 26.37
C VAL F 381 11.72 62.02 26.55
N ASN F 382 10.76 61.34 27.13
CA ASN F 382 9.43 61.97 27.29
C ASN F 382 9.44 63.43 27.76
N PRO F 383 10.24 63.76 28.78
CA PRO F 383 10.16 65.14 29.28
C PRO F 383 10.78 66.18 28.36
N MET F 384 11.51 65.75 27.33
CA MET F 384 12.12 66.72 26.35
C MET F 384 11.76 66.33 24.90
N MET F 385 10.67 65.63 24.74
CA MET F 385 10.39 64.99 23.46
C MET F 385 10.33 65.99 22.30
N ARG F 386 9.55 67.05 22.48
CA ARG F 386 9.42 68.07 21.45
C ARG F 386 10.74 68.83 21.20
N GLU F 387 11.44 69.15 22.29
CA GLU F 387 12.72 69.90 22.21
C GLU F 387 13.78 69.11 21.54
N TRP F 388 13.93 67.85 21.97
CA TRP F 388 14.81 66.92 21.27
C TRP F 388 14.48 66.79 19.77
N ALA F 389 13.21 66.55 19.49
CA ALA F 389 12.74 66.34 18.13
C ALA F 389 13.13 67.52 17.20
N ARG F 390 12.94 68.72 17.73
CA ARG F 390 13.37 69.91 16.96
C ARG F 390 14.90 69.97 16.82
N LEU F 391 15.62 69.73 17.90
CA LEU F 391 17.10 69.77 17.82
C LEU F 391 17.65 68.70 16.86
N SER F 392 16.95 67.57 16.76
CA SER F 392 17.43 66.49 15.96
C SER F 392 17.35 66.81 14.45
N TYR F 393 16.37 67.61 14.09
CA TYR F 393 16.06 67.98 12.70
C TYR F 393 16.89 69.12 12.20
N GLN F 394 16.99 70.12 13.05
CA GLN F 394 17.62 71.39 12.73
C GLN F 394 19.07 71.41 13.13
N GLY F 395 19.29 71.04 14.40
CA GLY F 395 20.58 71.16 15.02
C GLY F 395 21.44 69.93 14.92
N GLN F 396 22.26 69.75 15.96
CA GLN F 396 23.27 68.69 16.03
C GLN F 396 22.95 67.81 17.27
N VAL F 397 22.83 66.50 17.03
CA VAL F 397 22.55 65.52 18.09
C VAL F 397 23.47 64.31 17.97
N TRP F 398 23.66 63.63 19.09
CA TRP F 398 24.44 62.45 19.16
C TRP F 398 23.71 61.53 20.14
N GLY F 399 23.99 60.26 19.95
CA GLY F 399 23.51 59.21 20.76
C GLY F 399 24.30 57.92 20.60
N VAL F 400 24.49 57.21 21.70
CA VAL F 400 25.37 56.03 21.76
C VAL F 400 24.78 55.06 22.78
N ALA F 401 25.01 53.79 22.55
CA ALA F 401 24.71 52.70 23.48
C ALA F 401 25.95 51.93 23.90
N GLU F 402 25.85 51.28 25.05
CA GLU F 402 26.94 50.42 25.57
C GLU F 402 27.33 49.42 24.49
N PRO F 403 28.62 49.48 24.02
CA PRO F 403 29.01 48.78 22.80
C PRO F 403 29.44 47.35 22.99
N LEU F 404 29.50 46.86 24.22
CA LEU F 404 29.73 45.47 24.42
C LEU F 404 28.45 44.81 24.87
N ASP F 405 28.22 43.63 24.33
CA ASP F 405 27.10 42.84 24.72
C ASP F 405 27.43 42.19 26.03
N SER F 406 26.39 41.73 26.73
CA SER F 406 26.58 41.07 28.01
C SER F 406 27.48 39.84 27.90
N THR F 407 28.19 39.54 28.98
CA THR F 407 29.08 38.39 29.01
C THR F 407 28.28 37.08 28.90
N THR F 408 28.66 36.22 27.95
CA THR F 408 28.08 34.87 27.85
C THR F 408 28.79 33.91 28.81
N GLU F 409 28.19 32.74 29.01
CA GLU F 409 28.78 31.70 29.85
C GLU F 409 29.98 31.07 29.17
N GLU F 424 44.08 38.34 32.38
CA GLU F 424 43.70 39.57 33.09
C GLU F 424 44.19 40.88 32.44
N GLN F 425 44.63 40.80 31.19
CA GLN F 425 44.92 41.95 30.32
C GLN F 425 43.63 42.30 29.53
N HIS F 426 42.71 41.34 29.52
CA HIS F 426 41.35 41.42 28.95
C HIS F 426 40.49 42.55 29.55
N LYS F 427 40.78 42.96 30.77
CA LYS F 427 40.06 44.04 31.43
C LYS F 427 40.41 45.41 30.82
N LYS F 428 41.68 45.60 30.49
CA LYS F 428 42.11 46.81 29.77
C LYS F 428 41.40 46.90 28.41
N ASP F 429 41.36 45.77 27.69
CA ASP F 429 40.65 45.69 26.41
C ASP F 429 39.19 46.08 26.50
N ARG F 430 38.52 45.58 27.53
CA ARG F 430 37.11 45.86 27.73
C ARG F 430 36.94 47.32 28.14
N ALA F 431 37.79 47.84 29.04
CA ALA F 431 37.80 49.29 29.37
C ALA F 431 37.91 50.18 28.11
N SER F 432 38.76 49.81 27.17
CA SER F 432 38.91 50.58 25.97
C SER F 432 37.63 50.54 25.07
N ALA F 433 37.08 49.34 24.89
CA ALA F 433 35.89 49.17 24.05
C ALA F 433 34.68 49.89 24.68
N LEU F 434 34.63 49.94 26.01
CA LEU F 434 33.55 50.64 26.77
C LEU F 434 33.78 52.13 27.01
N THR F 435 34.69 52.73 26.24
CA THR F 435 34.96 54.13 26.25
C THR F 435 34.74 54.66 24.83
N GLN F 436 33.77 55.55 24.68
CA GLN F 436 33.34 56.10 23.37
C GLN F 436 33.70 57.61 23.35
N GLN F 437 34.16 58.10 22.19
CA GLN F 437 34.56 59.50 22.03
C GLN F 437 33.64 60.10 20.99
N LEU F 438 33.10 61.30 21.29
CA LEU F 438 32.13 62.01 20.47
C LEU F 438 32.66 63.43 20.19
N ASP F 439 32.74 63.80 18.92
CA ASP F 439 33.31 65.11 18.54
C ASP F 439 32.17 66.11 18.51
N LEU F 440 32.14 67.00 19.51
CA LEU F 440 31.03 67.90 19.65
C LEU F 440 31.36 69.34 19.20
N GLY F 441 32.40 69.49 18.35
CA GLY F 441 32.81 70.81 17.84
C GLY F 441 34.01 71.28 18.62
N LEU F 442 33.78 72.26 19.48
CA LEU F 442 34.83 72.81 20.33
C LEU F 442 35.12 71.94 21.55
N TRP F 443 34.27 70.94 21.80
CA TRP F 443 34.38 70.09 22.95
C TRP F 443 34.13 68.70 22.47
N ASP F 444 34.67 67.73 23.21
CA ASP F 444 34.39 66.34 22.97
C ASP F 444 33.75 65.80 24.22
N ALA F 445 33.10 64.67 24.04
CA ALA F 445 32.51 63.93 25.15
C ALA F 445 33.12 62.55 25.14
N GLU F 446 33.48 62.08 26.31
CA GLU F 446 33.78 60.68 26.47
C GLU F 446 32.69 59.99 27.27
N VAL F 447 32.14 58.91 26.70
CA VAL F 447 31.13 58.08 27.41
C VAL F 447 31.76 56.73 27.82
N THR F 448 31.60 56.37 29.08
CA THR F 448 32.02 55.13 29.64
C THR F 448 30.87 54.44 30.42
N TYR F 449 30.97 53.12 30.61
CA TYR F 449 29.88 52.31 31.17
C TYR F 449 30.34 51.36 32.27
N GLY F 450 29.62 51.36 33.36
CA GLY F 450 29.85 50.37 34.42
C GLY F 450 30.98 50.82 35.31
N ARG F 451 30.85 52.00 35.90
CA ARG F 451 31.86 52.49 36.84
C ARG F 451 31.18 53.20 38.00
N PRO F 452 31.90 53.39 39.12
CA PRO F 452 31.30 54.13 40.22
C PRO F 452 31.01 55.59 39.83
N MET F 453 30.21 56.27 40.66
CA MET F 453 29.93 57.73 40.48
C MET F 453 30.99 58.64 41.07
N PHE F 454 32.02 58.04 41.67
CA PHE F 454 33.15 58.76 42.33
C PHE F 454 34.46 58.11 41.92
N TRP F 455 35.50 58.92 41.82
CA TRP F 455 36.83 58.44 41.39
C TRP F 455 36.93 58.07 39.88
N VAL F 456 38.05 57.47 39.47
CA VAL F 456 38.34 57.22 38.04
C VAL F 456 38.73 55.75 37.75
N THR F 457 38.23 54.82 38.54
CA THR F 457 38.48 53.38 38.28
C THR F 457 37.90 52.97 36.91
N PRO F 458 38.68 52.22 36.10
CA PRO F 458 38.28 51.91 34.73
C PRO F 458 36.88 51.31 34.61
N PRO F 459 36.17 51.60 33.50
CA PRO F 459 34.84 51.04 33.30
C PRO F 459 34.87 49.53 33.05
N GLU F 460 33.88 48.83 33.58
CA GLU F 460 33.77 47.38 33.45
C GLU F 460 32.51 46.93 32.81
N GLY F 461 31.67 47.88 32.39
CA GLY F 461 30.41 47.56 31.76
C GLY F 461 29.35 47.25 32.76
N ASN F 462 28.09 47.48 32.34
CA ASN F 462 26.95 47.08 33.13
C ASN F 462 26.64 45.65 32.86
N THR F 463 26.10 45.01 33.87
CA THR F 463 25.63 43.61 33.76
C THR F 463 24.10 43.50 34.11
N PRO F 464 23.21 43.29 33.11
CA PRO F 464 23.51 43.20 31.71
C PRO F 464 23.90 44.55 31.06
N ALA F 465 24.51 44.50 29.88
CA ALA F 465 24.78 45.73 29.09
C ALA F 465 23.45 46.43 28.91
N ALA F 466 23.46 47.74 29.17
CA ALA F 466 22.28 48.54 29.16
C ALA F 466 22.45 50.06 28.97
N GLY F 467 23.68 50.55 29.08
CA GLY F 467 23.88 51.99 29.12
C GLY F 467 23.73 52.71 27.79
N GLY F 468 23.72 54.03 27.92
CA GLY F 468 23.63 54.92 26.76
C GLY F 468 23.61 56.37 27.16
N ALA F 469 23.73 57.25 26.14
CA ALA F 469 23.68 58.66 26.37
C ALA F 469 23.15 59.34 25.14
N LEU F 470 22.43 60.43 25.36
CA LEU F 470 21.98 61.38 24.35
C LEU F 470 22.63 62.75 24.61
N ILE F 471 23.04 63.44 23.54
CA ILE F 471 23.55 64.83 23.66
C ILE F 471 22.96 65.65 22.47
N ALA F 472 22.55 66.90 22.75
CA ALA F 472 22.19 67.84 21.70
C ALA F 472 22.96 69.09 21.96
N GLN F 473 23.39 69.74 20.89
CA GLN F 473 24.11 70.98 21.01
C GLN F 473 23.14 72.12 21.03
N LEU F 474 23.27 72.98 22.05
CA LEU F 474 22.46 74.16 22.18
C LEU F 474 23.16 75.44 21.70
N ASP F 475 24.48 75.49 21.84
CA ASP F 475 25.30 76.63 21.40
C ASP F 475 26.75 76.14 21.27
N ASP F 476 27.73 76.97 20.90
CA ASP F 476 29.06 76.44 20.67
C ASP F 476 29.69 75.72 21.86
N ASN F 477 29.30 76.17 23.05
CA ASN F 477 29.85 75.73 24.32
C ASN F 477 28.77 75.16 25.24
N GLU F 478 27.53 75.01 24.75
CA GLU F 478 26.44 74.50 25.62
C GLU F 478 25.78 73.26 25.02
N TYR F 479 25.54 72.25 25.84
CA TYR F 479 24.88 71.01 25.37
C TYR F 479 23.76 70.59 26.33
N LEU F 480 22.78 69.91 25.78
CA LEU F 480 21.78 69.25 26.53
C LEU F 480 22.24 67.77 26.62
N VAL F 481 22.15 67.20 27.82
CA VAL F 481 22.66 65.86 28.08
C VAL F 481 21.76 65.03 28.96
N THR F 482 21.45 63.82 28.54
CA THR F 482 20.88 62.84 29.49
C THR F 482 21.43 61.47 29.15
N ALA F 483 21.64 60.62 30.15
CA ALA F 483 22.28 59.32 29.91
C ALA F 483 21.74 58.37 30.95
N TYR F 484 22.22 57.16 30.84
CA TYR F 484 21.60 56.06 31.51
C TYR F 484 22.71 55.08 31.78
N LYS F 485 22.96 54.80 33.07
CA LYS F 485 23.96 53.83 33.48
C LYS F 485 25.31 54.06 32.84
N ALA F 486 25.74 55.32 32.90
CA ALA F 486 26.96 55.72 32.18
C ALA F 486 27.50 56.96 32.81
N ARG F 487 28.73 57.25 32.43
CA ARG F 487 29.39 58.50 32.78
C ARG F 487 29.71 59.23 31.51
N VAL F 488 29.36 60.52 31.52
CA VAL F 488 29.66 61.48 30.43
C VAL F 488 30.68 62.51 30.93
N GLU F 489 31.84 62.58 30.28
CA GLU F 489 32.90 63.54 30.60
C GLU F 489 33.20 64.44 29.41
N PHE F 490 33.40 65.74 29.66
CA PHE F 490 33.67 66.72 28.61
C PHE F 490 35.14 67.11 28.63
N LYS F 491 35.67 67.45 27.46
N LYS F 491 35.69 67.47 27.48
CA LYS F 491 37.06 67.97 27.32
CA LYS F 491 37.01 68.14 27.45
C LYS F 491 37.15 68.82 26.05
C LYS F 491 37.17 68.82 26.09
N PRO F 492 38.21 69.67 25.92
CA PRO F 492 38.41 70.40 24.65
C PRO F 492 38.65 69.43 23.51
N SER F 493 38.09 69.77 22.36
CA SER F 493 38.20 68.93 21.18
C SER F 493 39.56 69.08 20.52
N GLN F 494 40.10 70.29 20.63
CA GLN F 494 41.40 70.65 20.04
C GLN F 494 42.31 71.15 21.16
N GLU F 495 43.61 70.96 20.99
CA GLU F 495 44.59 71.26 22.04
C GLU F 495 44.54 72.74 22.38
N LEU F 496 44.28 73.07 23.65
CA LEU F 496 44.22 74.46 24.08
C LEU F 496 45.63 75.02 24.20
N ALA F 497 45.84 76.19 23.58
CA ALA F 497 47.17 76.79 23.50
C ALA F 497 47.37 77.61 24.75
N GLY F 498 47.82 76.95 25.82
CA GLY F 498 48.11 77.63 27.10
C GLY F 498 46.93 77.95 28.01
N LYS F 499 45.71 77.90 27.48
CA LYS F 499 44.46 78.11 28.25
C LYS F 499 44.15 76.84 28.97
N LYS F 500 43.40 76.93 30.06
CA LYS F 500 42.82 75.74 30.73
C LYS F 500 41.31 75.66 30.47
N PHE F 501 40.67 74.56 30.88
CA PHE F 501 39.20 74.45 30.75
C PHE F 501 38.54 73.91 32.01
N MET F 502 37.24 74.18 32.10
CA MET F 502 36.42 73.52 33.09
CA MET F 502 36.40 73.68 33.17
C MET F 502 34.96 73.62 32.68
N ILE F 503 34.16 72.88 33.41
CA ILE F 503 32.76 73.05 33.34
C ILE F 503 32.44 74.44 33.90
N GLU F 504 31.64 75.21 33.18
CA GLU F 504 31.17 76.51 33.68
C GLU F 504 29.94 76.31 34.59
N ARG F 505 28.99 75.46 34.18
N ARG F 505 29.00 75.48 34.15
CA ARG F 505 27.73 75.36 34.92
CA ARG F 505 27.77 75.29 34.91
C ARG F 505 26.93 74.20 34.39
C ARG F 505 27.04 74.10 34.35
N VAL F 506 26.59 73.22 35.24
CA VAL F 506 25.66 72.13 34.83
C VAL F 506 24.35 72.38 35.59
N GLU F 507 23.23 72.49 34.86
CA GLU F 507 21.91 72.64 35.46
C GLU F 507 21.09 71.38 35.15
N GLU F 508 20.41 70.88 36.17
CA GLU F 508 19.41 69.84 35.94
C GLU F 508 18.07 70.56 35.86
N GLY F 509 17.22 70.15 34.94
CA GLY F 509 15.95 70.84 34.78
C GLY F 509 14.99 70.22 33.81
N ARG F 510 13.99 71.00 33.41
CA ARG F 510 12.97 70.57 32.46
C ARG F 510 12.48 71.69 31.58
N PHE F 511 11.81 71.30 30.51
CA PHE F 511 11.12 72.20 29.62
C PHE F 511 9.63 72.26 29.99
N GLU F 512 9.15 73.47 30.31
CA GLU F 512 7.69 73.76 30.50
C GLU F 512 7.27 74.85 29.52
N LYS F 513 6.44 74.51 28.53
CA LYS F 513 6.05 75.48 27.49
C LYS F 513 7.24 75.86 26.59
N GLY F 514 8.11 74.89 26.31
CA GLY F 514 9.30 75.12 25.49
C GLY F 514 10.43 75.93 26.09
N LYS F 515 10.30 76.29 27.37
CA LYS F 515 11.25 77.16 28.10
C LYS F 515 11.98 76.33 29.16
N TRP F 516 13.29 76.50 29.27
CA TRP F 516 14.08 75.80 30.31
C TRP F 516 13.80 76.29 31.73
N VAL F 517 13.55 75.35 32.66
CA VAL F 517 13.20 75.68 34.02
C VAL F 517 14.20 74.93 34.89
N MET F 518 14.99 75.66 35.64
CA MET F 518 16.04 75.03 36.45
C MET F 518 15.49 74.49 37.76
N GLU F 519 15.97 73.28 38.12
CA GLU F 519 15.69 72.60 39.37
C GLU F 519 16.86 72.70 40.35
N ARG F 520 18.03 72.39 39.84
CA ARG F 520 19.20 72.49 40.64
C ARG F 520 20.43 72.64 39.71
N VAL F 521 21.54 72.98 40.35
CA VAL F 521 22.86 72.96 39.73
C VAL F 521 23.65 71.71 40.22
N TRP F 522 24.14 70.90 39.30
CA TRP F 522 25.14 69.88 39.60
C TRP F 522 26.47 70.53 39.77
N ASN F 523 27.14 70.21 40.85
CA ASN F 523 28.45 70.75 41.11
C ASN F 523 29.20 69.84 42.07
N GLY F 524 30.47 70.15 42.31
CA GLY F 524 31.31 69.45 43.29
C GLY F 524 31.42 67.99 42.95
N ASP F 525 31.01 67.12 43.89
CA ASP F 525 31.10 65.65 43.64
C ASP F 525 30.37 65.25 42.38
N GLN F 526 29.25 65.90 42.11
CA GLN F 526 28.40 65.52 40.99
C GLN F 526 29.04 65.90 39.64
N THR F 527 30.02 66.81 39.66
CA THR F 527 30.75 67.14 38.42
C THR F 527 32.27 66.96 38.43
N ASP F 528 32.80 66.49 39.52
CA ASP F 528 34.27 66.22 39.62
C ASP F 528 34.73 65.03 38.79
N TRP F 529 33.85 64.04 38.64
CA TRP F 529 34.16 62.73 38.09
C TRP F 529 33.25 62.44 36.89
N GLY F 530 33.21 63.38 35.95
CA GLY F 530 32.20 63.39 34.86
C GLY F 530 30.79 63.49 35.43
N LEU F 531 29.80 63.36 34.56
CA LEU F 531 28.39 63.43 34.90
C LEU F 531 27.86 61.97 34.97
N ASN F 532 27.51 61.51 36.19
CA ASN F 532 27.15 60.03 36.37
C ASN F 532 25.67 59.80 36.45
N PHE F 533 25.23 58.89 35.60
CA PHE F 533 23.80 58.53 35.51
C PHE F 533 23.53 57.09 35.91
N THR F 534 22.46 56.90 36.64
CA THR F 534 22.08 55.57 37.05
C THR F 534 20.88 55.19 36.15
N ASP F 535 19.85 54.58 36.76
CA ASP F 535 18.60 54.31 36.04
C ASP F 535 17.52 55.39 36.13
N ARG F 536 17.78 56.45 36.88
CA ARG F 536 16.81 57.49 37.04
C ARG F 536 17.03 58.60 36.04
N PRO F 537 16.00 59.32 35.67
CA PRO F 537 16.10 60.35 34.63
C PRO F 537 16.58 61.67 35.14
N HIS F 538 17.54 62.30 34.41
CA HIS F 538 18.02 63.66 34.72
C HIS F 538 18.33 64.30 33.37
N LEU F 539 17.81 65.50 33.16
CA LEU F 539 18.06 66.25 31.93
C LEU F 539 18.96 67.44 32.28
N LEU F 540 20.13 67.52 31.64
CA LEU F 540 21.19 68.47 32.03
C LEU F 540 21.45 69.45 30.90
N ARG F 541 21.69 70.68 31.26
CA ARG F 541 22.32 71.64 30.31
C ARG F 541 23.72 71.80 30.83
N VAL F 542 24.72 71.55 29.97
CA VAL F 542 26.12 71.55 30.27
C VAL F 542 26.80 72.73 29.53
N LYS F 543 27.29 73.70 30.28
CA LYS F 543 28.03 74.80 29.66
C LYS F 543 29.52 74.64 30.00
N MET F 544 30.35 74.60 28.96
CA MET F 544 31.84 74.43 29.09
C MET F 544 32.52 75.77 28.86
N ALA F 545 33.70 75.96 29.45
CA ALA F 545 34.52 77.15 29.20
C ALA F 545 36.02 76.89 29.20
N SER F 546 36.70 77.53 28.25
CA SER F 546 38.15 77.67 28.33
C SER F 546 38.44 79.05 28.92
N TYR F 547 39.53 79.12 29.67
CA TYR F 547 39.95 80.35 30.32
C TYR F 547 41.48 80.53 30.38
N SER F 548 41.91 81.79 30.42
CA SER F 548 43.31 82.12 30.36
C SER F 548 43.91 82.03 31.75
N VAL F 549 45.11 81.47 31.85
CA VAL F 549 45.89 81.55 33.10
C VAL F 549 47.23 82.25 32.82
N GLN F 550 47.26 83.13 31.79
CA GLN F 550 48.42 83.99 31.47
C GLN F 550 48.94 84.73 32.71
N ALA G 12 -40.99 41.30 -18.63
CA ALA G 12 -40.16 40.09 -18.38
C ALA G 12 -38.69 40.45 -18.44
N PRO G 13 -37.87 39.94 -17.50
CA PRO G 13 -36.47 40.30 -17.57
C PRO G 13 -35.76 39.72 -18.78
N LEU G 14 -34.76 40.44 -19.30
CA LEU G 14 -34.01 39.93 -20.43
C LEU G 14 -33.34 38.61 -20.11
N PRO G 15 -33.36 37.65 -21.06
CA PRO G 15 -32.47 36.50 -21.02
C PRO G 15 -31.03 36.91 -20.74
N GLU G 16 -30.33 36.15 -19.90
CA GLU G 16 -28.94 36.44 -19.58
C GLU G 16 -28.13 35.19 -19.18
N LEU G 17 -26.85 35.15 -19.60
CA LEU G 17 -25.93 34.11 -19.14
C LEU G 17 -25.16 34.59 -17.93
N LEU G 18 -25.37 33.86 -16.82
CA LEU G 18 -24.67 34.08 -15.57
C LEU G 18 -23.62 33.04 -15.39
N SER G 19 -22.47 33.48 -14.86
CA SER G 19 -21.35 32.61 -14.54
C SER G 19 -20.86 33.01 -13.13
N ASN G 20 -20.70 32.02 -12.24
CA ASN G 20 -20.22 32.26 -10.90
C ASN G 20 -19.85 30.94 -10.27
N ASN G 21 -18.80 30.94 -9.44
CA ASN G 21 -18.24 29.74 -8.79
C ASN G 21 -17.83 28.68 -9.82
N GLY G 22 -17.32 29.11 -10.98
CA GLY G 22 -17.04 28.21 -12.11
C GLY G 22 -18.22 27.55 -12.80
N LYS G 23 -19.44 27.85 -12.36
CA LYS G 23 -20.67 27.30 -12.94
C LYS G 23 -21.44 28.35 -13.76
N HIS G 24 -22.44 27.90 -14.50
CA HIS G 24 -23.11 28.81 -15.46
C HIS G 24 -24.59 28.61 -15.45
N ALA G 25 -25.33 29.62 -15.83
CA ALA G 25 -26.75 29.43 -16.07
C ALA G 25 -27.26 30.35 -17.16
N LEU G 26 -28.06 29.80 -18.07
CA LEU G 26 -28.85 30.62 -18.98
C LEU G 26 -30.12 31.01 -18.25
N MET G 27 -30.29 32.29 -17.94
CA MET G 27 -31.49 32.75 -17.26
C MET G 27 -32.51 33.13 -18.31
N VAL G 28 -33.70 32.57 -18.18
CA VAL G 28 -34.79 32.92 -19.01
C VAL G 28 -35.96 33.20 -18.12
N ASP G 29 -36.57 34.37 -18.32
CA ASP G 29 -37.65 34.87 -17.48
C ASP G 29 -37.27 34.85 -15.96
N GLY G 30 -36.04 35.24 -15.69
CA GLY G 30 -35.56 35.42 -14.30
C GLY G 30 -35.19 34.15 -13.57
N ALA G 31 -35.01 33.06 -14.32
CA ALA G 31 -34.56 31.83 -13.73
C ALA G 31 -33.75 30.93 -14.69
N PRO G 32 -32.92 30.02 -14.10
CA PRO G 32 -32.19 29.08 -14.95
C PRO G 32 -33.11 28.26 -15.86
N TYR G 33 -32.65 28.02 -17.07
CA TYR G 33 -33.43 27.39 -18.19
C TYR G 33 -32.47 26.47 -18.90
N ILE G 34 -32.98 25.31 -19.32
CA ILE G 34 -32.24 24.38 -20.16
C ILE G 34 -32.83 24.33 -21.56
N ILE G 35 -31.99 24.52 -22.58
CA ILE G 35 -32.41 24.43 -23.97
C ILE G 35 -32.47 22.94 -24.35
N LEU G 36 -33.70 22.44 -24.40
CA LEU G 36 -33.97 21.12 -24.94
C LEU G 36 -34.37 21.39 -26.38
N GLY G 37 -33.38 21.47 -27.24
CA GLY G 37 -33.57 22.01 -28.56
C GLY G 37 -33.84 21.18 -29.72
N SER G 38 -34.23 21.88 -30.79
CA SER G 38 -34.42 21.27 -32.10
C SER G 38 -33.78 22.31 -33.04
N GLN G 39 -33.07 21.85 -34.07
CA GLN G 39 -32.51 22.82 -35.03
C GLN G 39 -32.96 22.41 -36.39
N THR G 40 -33.38 23.37 -37.24
CA THR G 40 -33.91 23.09 -38.57
C THR G 40 -32.75 22.76 -39.54
N ASN G 41 -33.04 22.13 -40.71
CA ASN G 41 -32.12 22.07 -41.87
C ASN G 41 -31.93 23.54 -42.33
N ASN G 42 -30.98 23.73 -43.20
CA ASN G 42 -30.49 25.09 -43.53
C ASN G 42 -31.38 25.89 -44.44
N SER G 43 -32.32 25.24 -45.11
CA SER G 43 -33.17 25.86 -46.06
C SER G 43 -34.59 25.94 -45.55
N SER G 44 -34.77 25.98 -44.22
CA SER G 44 -36.15 26.02 -43.62
C SER G 44 -36.52 27.39 -43.04
N ASN G 45 -35.76 28.43 -43.36
CA ASN G 45 -35.92 29.76 -42.76
C ASN G 45 -36.89 30.62 -43.62
N TYR G 46 -38.02 30.02 -44.02
CA TYR G 46 -39.05 30.75 -44.76
C TYR G 46 -40.41 30.40 -44.23
N PRO G 47 -41.41 31.30 -44.40
CA PRO G 47 -42.80 31.09 -43.93
C PRO G 47 -43.39 29.77 -44.37
N ASP G 48 -43.20 29.42 -45.65
CA ASP G 48 -43.78 28.19 -46.21
C ASP G 48 -43.17 26.92 -45.62
N ALA G 49 -41.94 26.98 -45.13
CA ALA G 49 -41.32 25.75 -44.61
C ALA G 49 -41.68 25.44 -43.18
N LEU G 50 -42.25 26.39 -42.43
CA LEU G 50 -42.45 26.26 -41.03
C LEU G 50 -43.46 25.16 -40.72
N LYS G 51 -44.44 24.95 -41.62
N LYS G 51 -44.43 24.94 -41.62
CA LYS G 51 -45.38 23.81 -41.47
CA LYS G 51 -45.36 23.80 -41.46
C LYS G 51 -44.64 22.46 -41.37
C LYS G 51 -44.64 22.46 -41.37
N ASP G 52 -43.42 22.35 -41.95
CA ASP G 52 -42.61 21.12 -41.89
C ASP G 52 -41.62 21.04 -40.73
N VAL G 53 -41.56 22.10 -39.94
CA VAL G 53 -40.71 22.22 -38.78
C VAL G 53 -41.46 21.92 -37.49
N TRP G 54 -42.62 22.54 -37.26
CA TRP G 54 -43.29 22.49 -35.95
C TRP G 54 -43.74 21.07 -35.55
N PRO G 55 -44.24 20.28 -36.50
CA PRO G 55 -44.62 18.88 -36.09
C PRO G 55 -43.47 18.09 -35.48
N SER G 56 -42.27 18.17 -36.08
CA SER G 56 -41.11 17.50 -35.50
C SER G 56 -40.81 18.04 -34.08
N MET G 57 -40.88 19.37 -33.91
CA MET G 57 -40.62 19.97 -32.63
C MET G 57 -41.57 19.43 -31.57
N GLU G 58 -42.85 19.34 -31.93
CA GLU G 58 -43.83 18.77 -31.01
C GLU G 58 -43.55 17.32 -30.70
N LYS G 59 -43.29 16.51 -31.74
CA LYS G 59 -43.00 15.08 -31.47
C LYS G 59 -41.76 14.93 -30.60
N MET G 60 -40.76 15.80 -30.79
CA MET G 60 -39.53 15.72 -30.00
C MET G 60 -39.70 16.22 -28.55
N GLY G 61 -40.67 17.07 -28.29
CA GLY G 61 -40.87 17.69 -26.96
C GLY G 61 -39.80 18.73 -26.69
N ALA G 62 -39.33 19.38 -27.76
CA ALA G 62 -38.36 20.45 -27.62
C ALA G 62 -38.99 21.71 -27.12
N ASN G 63 -38.24 22.49 -26.33
CA ASN G 63 -38.73 23.75 -25.77
C ASN G 63 -38.19 24.97 -26.55
N THR G 64 -37.21 24.76 -27.45
CA THR G 64 -36.50 25.89 -28.11
C THR G 64 -36.14 25.48 -29.54
N LEU G 65 -36.46 26.32 -30.50
CA LEU G 65 -36.14 26.00 -31.88
C LEU G 65 -34.94 26.86 -32.26
N SER G 66 -33.90 26.27 -32.83
CA SER G 66 -32.77 27.05 -33.45
C SER G 66 -33.07 27.08 -34.93
N ILE G 67 -33.07 28.27 -35.56
CA ILE G 67 -33.44 28.40 -36.93
C ILE G 67 -32.67 29.61 -37.53
N PRO G 68 -32.22 29.49 -38.79
CA PRO G 68 -31.50 30.65 -39.37
C PRO G 68 -32.36 31.91 -39.59
N VAL G 69 -31.69 33.08 -39.49
CA VAL G 69 -32.15 34.27 -40.17
C VAL G 69 -30.94 34.66 -41.03
N ALA G 70 -31.16 34.70 -42.33
CA ALA G 70 -30.11 34.98 -43.32
C ALA G 70 -30.01 36.43 -43.66
N TRP G 71 -28.78 36.93 -43.66
CA TRP G 71 -28.50 38.32 -44.20
C TRP G 71 -29.22 38.51 -45.55
N GLU G 72 -29.10 37.57 -46.48
CA GLU G 72 -29.62 37.68 -47.83
C GLU G 72 -31.14 37.85 -47.81
N GLN G 73 -31.79 37.27 -46.80
CA GLN G 73 -33.25 37.46 -46.71
C GLN G 73 -33.74 38.77 -46.10
N ILE G 74 -33.02 39.35 -45.14
CA ILE G 74 -33.44 40.58 -44.43
C ILE G 74 -32.96 41.84 -45.19
N GLU G 75 -31.94 41.70 -46.02
CA GLU G 75 -31.35 42.85 -46.76
C GLU G 75 -31.02 42.40 -48.21
N PRO G 76 -32.09 42.04 -48.98
CA PRO G 76 -31.95 41.50 -50.30
C PRO G 76 -31.32 42.48 -51.24
N VAL G 77 -31.55 43.74 -50.90
CA VAL G 77 -31.01 44.86 -51.69
C VAL G 77 -30.53 45.83 -50.65
N GLU G 78 -29.37 46.46 -50.92
CA GLU G 78 -28.77 47.27 -49.88
C GLU G 78 -29.74 48.34 -49.32
N GLY G 79 -29.93 48.35 -48.01
CA GLY G 79 -30.79 49.33 -47.35
C GLY G 79 -32.27 49.07 -47.35
N GLN G 80 -32.68 47.95 -47.95
CA GLN G 80 -34.07 47.61 -48.16
C GLN G 80 -34.34 46.37 -47.28
N PHE G 81 -34.74 46.63 -46.04
CA PHE G 81 -34.93 45.56 -45.04
C PHE G 81 -36.31 44.91 -45.10
N ASP G 82 -36.32 43.59 -44.79
CA ASP G 82 -37.47 42.72 -44.87
C ASP G 82 -37.41 41.76 -43.69
N PHE G 83 -38.32 41.97 -42.74
CA PHE G 83 -38.46 41.09 -41.59
C PHE G 83 -39.71 40.23 -41.61
N SER G 84 -40.35 40.07 -42.79
CA SER G 84 -41.60 39.29 -42.87
C SER G 84 -41.41 37.86 -42.40
N PHE G 85 -40.22 37.26 -42.64
CA PHE G 85 -39.96 35.92 -42.06
C PHE G 85 -39.93 35.92 -40.53
N VAL G 86 -39.24 36.89 -39.97
CA VAL G 86 -39.05 36.98 -38.49
C VAL G 86 -40.45 37.22 -37.86
N ASP G 87 -41.23 38.11 -38.47
CA ASP G 87 -42.65 38.31 -38.03
C ASP G 87 -43.47 36.99 -37.87
N VAL G 88 -43.53 36.23 -38.95
CA VAL G 88 -44.27 34.94 -38.97
C VAL G 88 -43.65 34.00 -37.95
N LEU G 89 -42.31 33.88 -37.94
CA LEU G 89 -41.60 32.97 -36.98
C LEU G 89 -41.97 33.28 -35.53
N LEU G 90 -41.95 34.56 -35.17
CA LEU G 90 -42.21 34.95 -33.79
C LEU G 90 -43.66 34.52 -33.42
N LYS G 91 -44.59 34.83 -34.29
CA LYS G 91 -46.02 34.60 -34.07
C LYS G 91 -46.33 33.10 -33.89
N GLU G 92 -45.80 32.31 -34.81
CA GLU G 92 -45.96 30.86 -34.79
C GLU G 92 -45.32 30.25 -33.57
N ALA G 93 -44.16 30.73 -33.16
CA ALA G 93 -43.55 30.19 -31.94
C ALA G 93 -44.35 30.47 -30.67
N ARG G 94 -44.84 31.70 -30.56
CA ARG G 94 -45.73 32.14 -29.48
C ARG G 94 -47.03 31.32 -29.41
N GLN G 95 -47.61 30.99 -30.56
CA GLN G 95 -48.80 30.08 -30.60
C GLN G 95 -48.55 28.68 -29.99
N ARG G 96 -47.33 28.20 -30.12
CA ARG G 96 -46.94 26.88 -29.65
C ARG G 96 -46.23 26.89 -28.30
N LYS G 97 -46.08 28.09 -27.72
CA LYS G 97 -45.44 28.31 -26.47
C LYS G 97 -44.04 27.73 -26.42
N VAL G 98 -43.23 28.01 -27.46
CA VAL G 98 -41.81 27.63 -27.45
C VAL G 98 -40.95 28.87 -27.62
N ARG G 99 -39.66 28.70 -27.36
CA ARG G 99 -38.70 29.79 -27.44
C ARG G 99 -37.79 29.61 -28.65
N LEU G 100 -37.08 30.66 -29.04
CA LEU G 100 -36.27 30.69 -30.27
C LEU G 100 -34.81 31.09 -30.01
N VAL G 101 -33.96 30.50 -30.81
CA VAL G 101 -32.56 30.88 -30.93
C VAL G 101 -32.35 31.17 -32.40
N LEU G 102 -32.02 32.44 -32.74
CA LEU G 102 -31.88 32.80 -34.11
C LEU G 102 -30.41 32.65 -34.54
N LEU G 103 -30.19 32.06 -35.70
CA LEU G 103 -28.84 31.78 -36.25
C LEU G 103 -28.54 32.77 -37.36
N TRP G 104 -27.66 33.74 -37.11
CA TRP G 104 -27.37 34.88 -38.04
C TRP G 104 -26.35 34.38 -39.04
N PHE G 105 -26.85 33.98 -40.20
CA PHE G 105 -26.11 33.48 -41.31
C PHE G 105 -25.78 34.74 -42.14
N ALA G 106 -24.51 35.14 -42.01
CA ALA G 106 -24.08 36.44 -42.56
C ALA G 106 -22.72 36.30 -43.28
N THR G 107 -21.67 36.89 -42.69
CA THR G 107 -20.37 36.85 -43.35
C THR G 107 -19.83 35.44 -43.48
N TRP G 108 -20.05 34.60 -42.46
CA TRP G 108 -19.69 33.20 -42.55
C TRP G 108 -20.87 32.34 -42.23
N LYS G 109 -21.09 31.41 -43.15
CA LYS G 109 -21.78 30.18 -42.84
C LYS G 109 -20.91 29.01 -43.33
N ASN G 110 -20.43 28.19 -42.39
CA ASN G 110 -19.51 27.08 -42.69
C ASN G 110 -18.40 27.60 -43.60
N ASN G 111 -17.81 28.69 -43.14
CA ASN G 111 -16.63 29.30 -43.79
C ASN G 111 -16.93 30.23 -44.93
N ALA G 112 -18.16 30.26 -45.45
CA ALA G 112 -18.41 30.90 -46.76
C ALA G 112 -19.52 31.94 -46.70
N PRO G 113 -19.58 32.83 -47.68
CA PRO G 113 -20.59 33.86 -47.74
C PRO G 113 -21.91 33.57 -48.46
N HIS G 114 -22.32 32.30 -48.60
CA HIS G 114 -23.48 31.97 -49.44
C HIS G 114 -24.79 32.62 -48.98
N TYR G 115 -24.90 32.99 -47.69
CA TYR G 115 -26.11 33.63 -47.15
C TYR G 115 -26.03 35.15 -47.00
N ALA G 116 -24.89 35.72 -47.42
CA ALA G 116 -24.82 37.14 -47.61
C ALA G 116 -25.62 37.50 -48.88
N PRO G 117 -26.13 38.77 -48.96
CA PRO G 117 -26.88 39.21 -50.16
C PRO G 117 -25.98 39.16 -51.38
N ALA G 118 -26.57 39.08 -52.55
CA ALA G 118 -25.82 39.02 -53.81
C ALA G 118 -24.90 40.21 -53.96
N TRP G 119 -25.38 41.34 -53.49
CA TRP G 119 -24.62 42.59 -53.55
C TRP G 119 -23.39 42.56 -52.62
N VAL G 120 -23.37 41.67 -51.65
CA VAL G 120 -22.15 41.41 -50.90
C VAL G 120 -21.30 40.35 -51.57
N LYS G 121 -21.86 39.14 -51.71
CA LYS G 121 -21.06 37.96 -52.11
C LYS G 121 -20.51 37.97 -53.50
N LEU G 122 -21.09 38.78 -54.36
CA LEU G 122 -20.62 38.93 -55.71
C LEU G 122 -19.82 40.19 -55.90
N ASP G 123 -19.28 40.76 -54.84
CA ASP G 123 -18.49 42.02 -55.00
C ASP G 123 -17.18 41.91 -54.19
N ASN G 124 -16.23 41.16 -54.75
CA ASN G 124 -14.97 40.88 -54.10
C ASN G 124 -14.09 42.14 -53.88
N ALA G 125 -14.29 43.17 -54.69
CA ALA G 125 -13.52 44.40 -54.49
C ALA G 125 -13.86 45.03 -53.16
N ARG G 126 -15.15 45.23 -52.92
CA ARG G 126 -15.67 45.84 -51.74
C ARG G 126 -15.59 44.90 -50.52
N PHE G 127 -16.06 43.66 -50.75
CA PHE G 127 -16.07 42.64 -49.69
C PHE G 127 -15.08 41.50 -49.92
N PRO G 128 -13.84 41.68 -49.50
CA PRO G 128 -12.82 40.76 -50.03
C PRO G 128 -12.67 39.38 -49.38
N ARG G 129 -12.28 38.43 -50.22
CA ARG G 129 -11.95 37.06 -49.82
C ARG G 129 -10.53 36.83 -49.27
N VAL G 130 -10.40 35.86 -48.39
CA VAL G 130 -9.11 35.26 -48.04
C VAL G 130 -8.31 34.90 -49.31
N VAL G 131 -7.06 35.38 -49.36
CA VAL G 131 -6.06 34.95 -50.38
C VAL G 131 -5.02 33.99 -49.81
N LYS G 132 -4.76 32.87 -50.49
CA LYS G 132 -3.79 31.87 -50.05
C LYS G 132 -2.36 32.41 -50.21
N GLU G 133 -1.40 31.70 -49.64
CA GLU G 133 -0.01 32.11 -49.78
C GLU G 133 0.36 32.14 -51.28
N ASP G 134 -0.16 31.16 -52.04
CA ASP G 134 0.11 31.03 -53.49
C ASP G 134 -0.58 32.07 -54.40
N GLY G 135 -1.54 32.83 -53.85
CA GLY G 135 -2.21 33.94 -54.57
C GLY G 135 -3.60 33.62 -55.09
N ASP G 136 -3.97 32.34 -55.07
CA ASP G 136 -5.36 31.89 -55.37
C ASP G 136 -6.34 32.33 -54.28
N THR G 137 -7.58 32.58 -54.65
CA THR G 137 -8.57 33.11 -53.72
C THR G 137 -9.50 31.99 -53.25
N LEU G 138 -9.90 32.05 -51.98
CA LEU G 138 -10.81 31.04 -51.41
C LEU G 138 -12.16 31.71 -51.18
N ASN G 139 -13.24 30.93 -51.26
CA ASN G 139 -14.57 31.53 -51.04
C ASN G 139 -14.89 31.63 -49.57
N SER G 140 -14.17 32.53 -48.92
CA SER G 140 -14.22 32.70 -47.47
C SER G 140 -13.89 34.17 -47.30
N LEU G 141 -14.80 34.96 -46.76
CA LEU G 141 -14.50 36.41 -46.60
C LEU G 141 -13.48 36.74 -45.53
N SER G 142 -12.56 37.65 -45.82
CA SER G 142 -11.55 37.98 -44.88
C SER G 142 -12.11 38.78 -43.68
N PRO G 143 -11.69 38.45 -42.44
CA PRO G 143 -12.06 39.25 -41.29
C PRO G 143 -11.35 40.61 -41.24
N LEU G 144 -10.41 40.85 -42.13
CA LEU G 144 -9.83 42.18 -42.23
C LEU G 144 -10.61 43.09 -43.20
N GLY G 145 -11.65 42.60 -43.88
CA GLY G 145 -12.43 43.43 -44.77
C GLY G 145 -13.31 44.38 -43.98
N GLN G 146 -12.93 45.67 -43.97
CA GLN G 146 -13.60 46.66 -43.13
C GLN G 146 -15.00 47.04 -43.62
N ASN G 147 -15.23 46.89 -44.91
CA ASN G 147 -16.53 47.20 -45.51
C ASN G 147 -17.51 46.13 -45.14
N THR G 148 -17.04 44.89 -45.21
CA THR G 148 -17.84 43.68 -44.89
C THR G 148 -18.32 43.81 -43.45
N LEU G 149 -17.39 44.15 -42.57
CA LEU G 149 -17.72 44.21 -41.14
C LEU G 149 -18.78 45.27 -40.89
N ALA G 150 -18.63 46.49 -41.45
CA ALA G 150 -19.65 47.52 -41.26
C ALA G 150 -21.01 47.11 -41.84
N ALA G 151 -20.95 46.36 -42.94
CA ALA G 151 -22.20 45.91 -43.65
C ALA G 151 -22.92 44.84 -42.83
N ASP G 152 -22.18 43.78 -42.46
CA ASP G 152 -22.72 42.76 -41.52
C ASP G 152 -23.35 43.45 -40.29
N LYS G 153 -22.54 44.25 -39.62
CA LYS G 153 -22.93 44.96 -38.40
C LYS G 153 -24.23 45.78 -38.61
N LYS G 154 -24.34 46.53 -39.69
CA LYS G 154 -25.52 47.36 -39.94
C LYS G 154 -26.81 46.51 -40.04
N ALA G 155 -26.69 45.37 -40.74
CA ALA G 155 -27.80 44.43 -40.92
C ALA G 155 -28.21 43.76 -39.61
N PHE G 156 -27.20 43.27 -38.89
CA PHE G 156 -27.43 42.70 -37.56
C PHE G 156 -28.05 43.68 -36.61
N VAL G 157 -27.65 44.95 -36.73
CA VAL G 157 -28.30 45.97 -35.95
C VAL G 157 -29.78 46.15 -36.27
N GLU G 158 -30.13 46.10 -37.54
CA GLU G 158 -31.52 46.16 -37.95
C GLU G 158 -32.34 44.97 -37.44
N LEU G 159 -31.75 43.78 -37.50
CA LEU G 159 -32.43 42.58 -36.88
C LEU G 159 -32.66 42.77 -35.38
N MET G 160 -31.64 43.18 -34.65
CA MET G 160 -31.80 43.45 -33.24
C MET G 160 -32.81 44.53 -32.98
N LYS G 161 -32.88 45.56 -33.81
CA LYS G 161 -33.91 46.58 -33.63
C LYS G 161 -35.31 46.00 -33.86
N TYR G 162 -35.42 45.04 -34.78
CA TYR G 162 -36.71 44.36 -34.96
C TYR G 162 -37.13 43.65 -33.66
N LEU G 163 -36.22 42.90 -33.06
CA LEU G 163 -36.53 42.19 -31.82
C LEU G 163 -36.84 43.11 -30.68
N ALA G 164 -36.11 44.22 -30.59
CA ALA G 164 -36.40 45.24 -29.59
C ALA G 164 -37.81 45.82 -29.69
N LYS G 165 -38.23 46.13 -30.90
CA LYS G 165 -39.53 46.74 -31.16
C LYS G 165 -40.68 45.72 -31.18
N ARG G 166 -40.39 44.45 -31.47
CA ARG G 166 -41.43 43.47 -31.77
C ARG G 166 -41.36 42.18 -30.96
N ASP G 167 -40.44 42.08 -29.99
CA ASP G 167 -40.34 40.81 -29.22
C ASP G 167 -40.05 41.09 -27.73
N LYS G 168 -40.81 42.03 -27.20
CA LYS G 168 -40.67 42.52 -25.86
C LYS G 168 -40.73 41.45 -24.76
N ASP G 169 -41.38 40.30 -25.04
CA ASP G 169 -41.44 39.18 -24.07
C ASP G 169 -40.33 38.15 -24.35
N HIS G 170 -39.44 38.48 -25.31
CA HIS G 170 -38.23 37.70 -25.54
C HIS G 170 -38.56 36.25 -25.93
N THR G 171 -39.45 36.08 -26.87
CA THR G 171 -39.57 34.76 -27.54
C THR G 171 -38.15 34.26 -27.95
N VAL G 172 -37.35 35.13 -28.56
CA VAL G 172 -35.94 34.86 -28.92
C VAL G 172 -35.16 35.11 -27.64
N ILE G 173 -34.55 34.02 -27.17
CA ILE G 173 -33.77 34.04 -25.98
C ILE G 173 -32.27 34.21 -26.21
N MET G 174 -31.77 33.88 -27.39
CA MET G 174 -30.32 33.95 -27.65
C MET G 174 -30.12 34.05 -29.14
N VAL G 175 -28.97 34.63 -29.57
CA VAL G 175 -28.71 34.74 -30.99
C VAL G 175 -27.29 34.28 -31.27
N GLN G 176 -27.16 33.42 -32.24
CA GLN G 176 -25.87 32.88 -32.66
C GLN G 176 -25.32 33.81 -33.74
N VAL G 177 -24.11 34.28 -33.51
CA VAL G 177 -23.53 35.26 -34.45
C VAL G 177 -22.63 34.58 -35.46
N GLN G 178 -22.98 34.63 -36.76
CA GLN G 178 -22.37 33.87 -37.83
C GLN G 178 -22.69 32.36 -37.59
N ASN G 179 -22.15 31.48 -38.41
CA ASN G 179 -22.34 30.04 -38.29
C ASN G 179 -21.11 29.33 -38.79
N GLU G 180 -20.40 28.65 -37.88
CA GLU G 180 -19.18 27.94 -38.17
C GLU G 180 -18.22 28.85 -38.98
N VAL G 181 -17.75 29.87 -38.30
CA VAL G 181 -16.76 30.78 -38.90
C VAL G 181 -15.47 30.06 -39.19
N GLY G 182 -14.69 30.70 -40.04
CA GLY G 182 -13.32 30.28 -40.33
C GLY G 182 -13.13 30.08 -41.81
N THR G 183 -12.04 29.33 -42.12
CA THR G 183 -11.60 29.06 -43.50
C THR G 183 -11.08 27.66 -43.70
N TYR G 184 -11.57 27.03 -44.77
CA TYR G 184 -11.11 25.75 -45.25
C TYR G 184 -10.16 26.03 -46.38
N GLY G 185 -9.06 25.28 -46.38
CA GLY G 185 -8.09 25.31 -47.49
C GLY G 185 -6.94 26.29 -47.32
N ALA G 186 -6.88 27.03 -46.21
CA ALA G 186 -5.76 27.90 -45.86
C ALA G 186 -5.85 28.31 -44.41
N VAL G 187 -4.72 28.64 -43.80
CA VAL G 187 -4.70 28.96 -42.37
C VAL G 187 -5.23 30.36 -42.01
N ARG G 188 -4.99 31.32 -42.89
CA ARG G 188 -5.40 32.70 -42.71
C ARG G 188 -5.50 33.41 -44.04
N ASP G 189 -5.81 34.70 -43.98
CA ASP G 189 -5.68 35.58 -45.16
C ASP G 189 -4.16 35.88 -45.29
N TYR G 190 -3.65 35.64 -46.49
CA TYR G 190 -2.30 36.02 -46.88
C TYR G 190 -2.31 37.10 -47.93
N SER G 191 -3.40 37.86 -48.02
CA SER G 191 -3.45 39.06 -48.88
C SER G 191 -2.45 40.10 -48.41
N PRO G 192 -2.16 41.10 -49.26
CA PRO G 192 -1.35 42.23 -48.81
C PRO G 192 -1.92 42.91 -47.56
N MET G 193 -3.24 43.14 -47.60
CA MET G 193 -3.95 43.78 -46.51
C MET G 193 -3.69 43.02 -45.23
N ALA G 194 -3.82 41.69 -45.24
CA ALA G 194 -3.62 40.89 -44.05
C ALA G 194 -2.15 40.79 -43.64
N GLN G 195 -1.30 40.55 -44.62
CA GLN G 195 0.15 40.44 -44.33
C GLN G 195 0.71 41.65 -43.53
N ALA G 196 0.37 42.86 -43.96
CA ALA G 196 0.70 44.09 -43.22
C ALA G 196 0.33 44.10 -41.76
N VAL G 197 -0.87 43.59 -41.42
CA VAL G 197 -1.29 43.50 -40.00
C VAL G 197 -0.48 42.38 -39.33
N PHE G 198 -0.34 41.26 -39.99
CA PHE G 198 0.46 40.12 -39.45
C PHE G 198 1.88 40.50 -39.14
N ASN G 199 2.45 41.29 -40.03
CA ASN G 199 3.78 41.81 -39.84
C ASN G 199 3.90 42.83 -38.70
N ALA G 200 2.80 43.48 -38.31
CA ALA G 200 2.83 44.54 -37.28
C ALA G 200 2.79 43.96 -35.85
N ALA G 201 2.90 44.84 -34.86
CA ALA G 201 2.76 44.47 -33.45
C ALA G 201 1.47 43.67 -33.21
N VAL G 202 1.55 42.64 -32.37
CA VAL G 202 0.33 42.00 -31.89
C VAL G 202 -0.27 43.14 -31.09
N PRO G 203 -1.56 43.44 -31.27
CA PRO G 203 -2.25 44.48 -30.50
C PRO G 203 -2.13 44.31 -28.98
N ASP G 204 -1.91 45.45 -28.31
CA ASP G 204 -1.59 45.51 -26.88
C ASP G 204 -2.64 44.87 -25.96
N ASP G 205 -3.91 44.95 -26.35
CA ASP G 205 -5.00 44.42 -25.52
C ASP G 205 -4.86 42.91 -25.39
N LEU G 206 -4.58 42.22 -26.50
CA LEU G 206 -4.38 40.77 -26.48
C LEU G 206 -3.17 40.36 -25.67
N ILE G 207 -2.08 41.09 -25.86
CA ILE G 207 -0.82 40.84 -25.19
C ILE G 207 -1.01 41.01 -23.68
N GLN G 208 -1.63 42.12 -23.30
CA GLN G 208 -1.97 42.39 -21.89
C GLN G 208 -2.87 41.29 -21.28
N LYS G 209 -3.80 40.76 -22.07
CA LYS G 209 -4.71 39.69 -21.60
C LYS G 209 -4.06 38.30 -21.48
N LEU G 210 -3.27 37.89 -22.48
CA LEU G 210 -2.58 36.62 -22.43
C LEU G 210 -1.31 36.67 -21.57
N GLN G 211 -1.01 37.83 -21.02
CA GLN G 211 0.14 37.98 -20.12
C GLN G 211 1.46 37.66 -20.88
N LEU G 212 1.59 38.15 -22.13
CA LEU G 212 2.75 37.79 -23.00
C LEU G 212 3.78 38.93 -23.15
N LYS G 213 5.00 38.57 -23.58
CA LYS G 213 5.99 39.59 -24.03
C LYS G 213 5.55 40.22 -25.34
N PRO G 214 5.64 41.56 -25.47
CA PRO G 214 5.24 42.22 -26.71
C PRO G 214 6.06 41.76 -27.89
N GLY G 215 5.53 41.91 -29.10
CA GLY G 215 6.26 41.64 -30.33
C GLY G 215 5.27 41.56 -31.47
N THR G 216 5.76 41.21 -32.64
CA THR G 216 4.93 40.97 -33.83
C THR G 216 4.32 39.58 -33.73
N TRP G 217 3.43 39.23 -34.66
CA TRP G 217 2.74 37.93 -34.59
C TRP G 217 3.67 36.72 -34.62
N SER G 218 4.70 36.77 -35.47
CA SER G 218 5.66 35.66 -35.59
C SER G 218 6.56 35.53 -34.34
N GLN G 219 6.95 36.66 -33.76
CA GLN G 219 7.82 36.68 -32.59
C GLN G 219 7.10 36.07 -31.37
N VAL G 220 5.88 36.54 -31.12
CA VAL G 220 5.16 36.11 -29.91
C VAL G 220 4.55 34.73 -30.05
N PHE G 221 3.98 34.36 -31.21
CA PHE G 221 3.30 33.05 -31.40
C PHE G 221 4.03 31.97 -32.22
N GLY G 222 5.11 32.33 -32.92
CA GLY G 222 5.92 31.33 -33.61
C GLY G 222 5.13 30.45 -34.54
N ARG G 223 5.25 29.13 -34.37
CA ARG G 223 4.59 28.11 -35.20
C ARG G 223 3.08 28.33 -35.30
N ASP G 224 2.48 28.89 -34.24
CA ASP G 224 1.02 29.11 -34.23
C ASP G 224 0.60 30.55 -34.68
N ALA G 225 1.51 31.39 -35.19
CA ALA G 225 1.12 32.77 -35.57
C ALA G 225 0.00 32.85 -36.61
N ASP G 226 0.15 32.07 -37.66
CA ASP G 226 -0.76 32.12 -38.77
C ASP G 226 -2.14 31.74 -38.26
N GLU G 227 -2.25 30.62 -37.53
CA GLU G 227 -3.56 30.15 -37.10
C GLU G 227 -4.16 31.09 -36.07
N PHE G 228 -3.33 31.51 -35.12
CA PHE G 228 -3.80 32.43 -34.06
C PHE G 228 -4.23 33.82 -34.57
N PHE G 229 -3.54 34.30 -35.59
CA PHE G 229 -3.89 35.52 -36.27
C PHE G 229 -5.28 35.43 -36.89
N HIS G 230 -5.58 34.32 -37.55
CA HIS G 230 -6.90 34.19 -38.18
C HIS G 230 -7.96 34.15 -37.10
N ALA G 231 -7.72 33.33 -36.06
CA ALA G 231 -8.59 33.33 -34.92
C ALA G 231 -8.86 34.70 -34.32
N TYR G 232 -7.77 35.41 -34.01
CA TYR G 232 -7.94 36.72 -33.43
C TYR G 232 -8.79 37.62 -34.31
N GLN G 233 -8.54 37.66 -35.61
CA GLN G 233 -9.20 38.62 -36.51
C GLN G 233 -10.66 38.26 -36.69
N ILE G 234 -10.95 36.97 -36.74
CA ILE G 234 -12.36 36.52 -36.75
C ILE G 234 -13.06 36.85 -35.49
N ALA G 235 -12.38 36.58 -34.36
CA ALA G 235 -12.94 36.82 -33.03
C ALA G 235 -13.24 38.31 -32.84
N ARG G 236 -12.27 39.16 -33.24
CA ARG G 236 -12.50 40.63 -33.25
C ARG G 236 -13.73 41.05 -34.03
N TYR G 237 -13.86 40.50 -35.23
CA TYR G 237 -14.94 40.77 -36.16
C TYR G 237 -16.28 40.39 -35.50
N CYS G 238 -16.37 39.16 -35.02
CA CYS G 238 -17.63 38.72 -34.37
C CYS G 238 -17.98 39.47 -33.11
N ASP G 239 -16.95 39.92 -32.40
CA ASP G 239 -17.15 40.73 -31.20
C ASP G 239 -17.78 42.05 -31.53
N GLU G 240 -17.26 42.68 -32.55
CA GLU G 240 -17.79 44.00 -32.98
C GLU G 240 -19.30 44.00 -33.37
N VAL G 241 -19.65 42.96 -34.14
CA VAL G 241 -21.03 42.68 -34.54
C VAL G 241 -21.86 42.45 -33.31
N THR G 242 -21.36 41.59 -32.43
CA THR G 242 -22.01 41.27 -31.16
C THR G 242 -22.34 42.51 -30.31
N VAL G 243 -21.29 43.28 -30.02
CA VAL G 243 -21.42 44.59 -29.29
C VAL G 243 -22.47 45.54 -29.93
N ALA G 244 -22.38 45.70 -31.23
CA ALA G 244 -23.32 46.54 -31.99
C ALA G 244 -24.75 46.08 -31.75
N GLY G 245 -25.04 44.78 -31.92
CA GLY G 245 -26.35 44.25 -31.59
C GLY G 245 -26.82 44.31 -30.15
N LYS G 246 -25.92 44.00 -29.21
CA LYS G 246 -26.18 44.09 -27.78
C LYS G 246 -26.56 45.51 -27.32
N ALA G 247 -26.02 46.52 -28.00
CA ALA G 247 -26.35 47.91 -27.70
C ALA G 247 -27.84 48.15 -27.99
N ILE G 248 -28.42 47.37 -28.91
CA ILE G 248 -29.80 47.53 -29.25
C ILE G 248 -30.69 46.73 -28.31
N LYS G 249 -30.44 45.43 -28.21
CA LYS G 249 -31.11 44.59 -27.26
C LYS G 249 -30.06 43.65 -26.72
N ASN G 250 -29.83 43.71 -25.41
CA ASN G 250 -28.76 42.93 -24.77
C ASN G 250 -29.05 41.42 -24.53
N LEU G 251 -29.39 40.70 -25.59
CA LEU G 251 -29.64 39.26 -25.44
C LEU G 251 -28.29 38.56 -25.39
N PRO G 252 -28.23 37.40 -24.74
CA PRO G 252 -27.04 36.57 -24.83
C PRO G 252 -26.79 36.13 -26.30
N MET G 253 -25.52 36.14 -26.69
CA MET G 253 -25.05 35.78 -28.02
C MET G 253 -23.83 34.87 -27.99
N TYR G 254 -23.71 34.02 -28.97
CA TYR G 254 -22.66 32.98 -28.92
C TYR G 254 -22.22 32.66 -30.37
N VAL G 255 -21.10 31.93 -30.52
CA VAL G 255 -20.59 31.40 -31.75
C VAL G 255 -20.46 29.90 -31.63
N ASN G 256 -20.66 29.24 -32.77
CA ASN G 256 -20.64 27.79 -32.84
C ASN G 256 -19.45 27.31 -33.71
N VAL G 257 -18.71 26.38 -33.19
CA VAL G 257 -17.43 25.92 -33.77
C VAL G 257 -17.53 24.66 -34.59
N ALA G 258 -17.02 24.70 -35.81
CA ALA G 258 -16.71 23.53 -36.62
C ALA G 258 -15.50 22.91 -35.94
N LEU G 259 -15.69 21.86 -35.18
CA LEU G 259 -14.65 21.33 -34.32
C LEU G 259 -13.53 20.69 -35.12
N ARG G 260 -12.30 20.81 -34.60
CA ARG G 260 -11.23 19.86 -35.00
C ARG G 260 -11.35 18.61 -34.13
N ASN G 261 -10.85 17.50 -34.62
CA ASN G 261 -10.70 16.32 -33.79
C ASN G 261 -9.70 16.64 -32.69
N PRO G 262 -10.10 16.55 -31.39
CA PRO G 262 -9.19 16.96 -30.36
C PRO G 262 -8.00 15.99 -30.21
N PHE G 263 -8.22 14.72 -30.56
CA PHE G 263 -7.17 13.69 -30.51
C PHE G 263 -6.28 13.57 -31.75
N ASN G 264 -6.65 14.20 -32.88
CA ASN G 264 -6.01 13.90 -34.17
C ASN G 264 -6.55 14.96 -35.09
N PRO G 265 -6.18 16.23 -34.81
CA PRO G 265 -6.79 17.37 -35.51
C PRO G 265 -6.46 17.52 -36.97
N GLY G 266 -5.29 17.05 -37.40
CA GLY G 266 -4.75 17.47 -38.66
C GLY G 266 -4.39 18.94 -38.60
N LEU G 267 -4.25 19.49 -39.78
CA LEU G 267 -3.71 20.83 -39.94
C LEU G 267 -4.78 21.90 -40.06
N PRO G 268 -4.53 23.09 -39.48
CA PRO G 268 -5.50 24.17 -39.76
C PRO G 268 -5.66 24.40 -41.27
N GLY G 269 -6.90 24.49 -41.73
CA GLY G 269 -7.24 24.47 -43.16
C GLY G 269 -7.85 23.17 -43.67
N GLN G 270 -7.45 22.04 -43.08
CA GLN G 270 -8.17 20.75 -43.22
C GLN G 270 -9.42 20.83 -42.38
N TYR G 271 -9.24 21.23 -41.12
CA TYR G 271 -10.30 21.80 -40.33
C TYR G 271 -10.45 23.31 -40.56
N SER G 272 -11.58 23.86 -40.13
CA SER G 272 -11.90 25.30 -40.39
C SER G 272 -11.05 26.21 -39.54
N SER G 273 -10.02 26.78 -40.18
CA SER G 273 -9.03 27.55 -39.45
C SER G 273 -9.63 28.86 -38.95
N GLY G 274 -9.41 29.20 -37.69
CA GLY G 274 -9.81 30.50 -37.14
C GLY G 274 -11.10 30.48 -36.33
N GLY G 275 -11.84 29.40 -36.44
CA GLY G 275 -12.96 29.15 -35.52
C GLY G 275 -12.52 28.84 -34.11
N GLY G 276 -13.47 28.72 -33.18
CA GLY G 276 -13.11 28.47 -31.79
C GLY G 276 -12.70 27.04 -31.46
N THR G 277 -11.75 26.49 -32.20
CA THR G 277 -11.19 25.18 -31.94
C THR G 277 -10.35 25.16 -30.65
N ASP G 278 -10.21 23.98 -30.06
CA ASP G 278 -9.77 23.85 -28.71
C ASP G 278 -8.41 24.50 -28.46
N ASN G 279 -7.57 24.45 -29.47
CA ASN G 279 -6.26 25.14 -29.38
C ASN G 279 -6.29 26.68 -29.43
N VAL G 280 -7.40 27.30 -29.82
CA VAL G 280 -7.47 28.78 -29.84
C VAL G 280 -8.58 29.43 -28.98
N LEU G 281 -9.09 28.69 -28.01
CA LEU G 281 -10.10 29.20 -27.12
C LEU G 281 -9.59 30.36 -26.30
N HIS G 282 -8.35 30.26 -25.82
CA HIS G 282 -7.74 31.39 -25.12
C HIS G 282 -7.66 32.66 -25.98
N ILE G 283 -7.38 32.53 -27.29
CA ILE G 283 -7.36 33.69 -28.22
C ILE G 283 -8.78 34.29 -28.33
N TRP G 284 -9.77 33.43 -28.50
CA TRP G 284 -11.13 33.86 -28.63
C TRP G 284 -11.65 34.50 -27.40
N LYS G 285 -11.27 33.97 -26.25
CA LYS G 285 -11.77 34.55 -24.98
C LYS G 285 -11.18 35.94 -24.72
N ALA G 286 -9.92 36.10 -25.11
CA ALA G 286 -9.20 37.36 -24.92
C ALA G 286 -9.75 38.44 -25.91
N ALA G 287 -10.04 38.05 -27.15
CA ALA G 287 -10.40 39.00 -28.18
C ALA G 287 -11.87 39.30 -28.23
N ALA G 288 -12.69 38.36 -27.76
CA ALA G 288 -14.12 38.54 -27.85
C ALA G 288 -14.85 38.51 -26.48
N PRO G 289 -14.56 39.46 -25.55
CA PRO G 289 -15.15 39.42 -24.22
C PRO G 289 -16.69 39.67 -24.18
N ASN G 290 -17.30 40.12 -25.28
CA ASN G 290 -18.73 40.39 -25.33
C ASN G 290 -19.51 39.22 -25.89
N ILE G 291 -18.81 38.18 -26.36
CA ILE G 291 -19.44 36.97 -26.88
C ILE G 291 -19.58 36.09 -25.66
N ASP G 292 -20.83 35.77 -25.36
CA ASP G 292 -21.12 35.15 -24.10
C ASP G 292 -20.58 33.72 -23.90
N LEU G 293 -20.58 32.92 -24.94
CA LEU G 293 -19.97 31.60 -24.87
C LEU G 293 -19.61 31.09 -26.26
N ILE G 294 -18.72 30.09 -26.29
CA ILE G 294 -18.21 29.44 -27.51
C ILE G 294 -18.71 27.98 -27.50
N ALA G 295 -19.58 27.64 -28.46
CA ALA G 295 -20.34 26.34 -28.42
C ALA G 295 -19.82 25.29 -29.42
N PRO G 296 -19.64 24.03 -28.99
CA PRO G 296 -19.24 22.99 -29.90
C PRO G 296 -20.36 22.49 -30.73
N ASP G 297 -20.01 22.17 -31.95
CA ASP G 297 -20.86 21.57 -32.92
C ASP G 297 -20.41 20.11 -33.10
N ILE G 298 -21.24 19.14 -32.68
CA ILE G 298 -20.73 17.80 -32.46
C ILE G 298 -21.25 16.79 -33.48
N TYR G 299 -20.40 16.36 -34.44
CA TYR G 299 -20.76 15.25 -35.34
C TYR G 299 -19.89 14.00 -35.17
N PHE G 300 -19.05 13.97 -34.14
CA PHE G 300 -18.28 12.77 -33.79
C PHE G 300 -19.32 11.90 -33.08
N ARG G 301 -19.40 10.66 -33.47
CA ARG G 301 -20.36 9.70 -32.90
CA ARG G 301 -20.35 9.71 -32.88
C ARG G 301 -19.78 8.98 -31.70
N ASP G 302 -18.48 8.81 -31.70
CA ASP G 302 -17.86 7.93 -30.71
C ASP G 302 -17.74 8.59 -29.34
N TYR G 303 -17.99 7.80 -28.31
CA TYR G 303 -18.05 8.31 -26.94
C TYR G 303 -16.76 9.02 -26.52
N LYS G 304 -15.62 8.42 -26.79
CA LYS G 304 -14.37 8.93 -26.24
C LYS G 304 -14.04 10.30 -26.80
N THR G 305 -14.36 10.49 -28.07
CA THR G 305 -14.12 11.82 -28.66
C THR G 305 -15.19 12.84 -28.26
N VAL G 306 -16.46 12.48 -28.30
CA VAL G 306 -17.47 13.42 -27.77
C VAL G 306 -17.17 13.83 -26.31
N SER G 307 -16.85 12.85 -25.47
CA SER G 307 -16.55 13.14 -24.08
C SER G 307 -15.39 14.16 -23.92
N LYS G 308 -14.36 14.01 -24.75
CA LYS G 308 -13.22 14.96 -24.76
C LYS G 308 -13.65 16.38 -25.19
N VAL G 309 -14.46 16.46 -26.22
CA VAL G 309 -15.06 17.72 -26.64
C VAL G 309 -15.84 18.37 -25.48
N LEU G 310 -16.69 17.60 -24.80
CA LEU G 310 -17.41 18.20 -23.69
C LEU G 310 -16.44 18.67 -22.60
N GLU G 311 -15.41 17.86 -22.34
CA GLU G 311 -14.36 18.21 -21.40
C GLU G 311 -13.74 19.56 -21.73
N LEU G 312 -13.26 19.71 -22.98
CA LEU G 312 -12.54 20.94 -23.38
C LEU G 312 -13.40 22.21 -23.44
N TYR G 313 -14.69 22.10 -23.76
CA TYR G 313 -15.48 23.31 -23.89
C TYR G 313 -16.23 23.74 -22.66
N THR G 314 -16.24 22.84 -21.64
CA THR G 314 -16.76 23.18 -20.34
C THR G 314 -15.61 23.72 -19.52
N ARG G 315 -15.60 25.03 -19.28
CA ARG G 315 -14.56 25.73 -18.54
C ARG G 315 -15.17 26.77 -17.59
N PRO G 316 -14.43 27.24 -16.57
CA PRO G 316 -14.97 28.34 -15.79
C PRO G 316 -15.41 29.59 -16.55
N ASP G 317 -14.73 29.88 -17.65
CA ASP G 317 -15.00 31.04 -18.50
C ASP G 317 -15.86 30.65 -19.71
N ASN G 318 -16.48 29.48 -19.68
CA ASN G 318 -17.27 29.06 -20.86
C ASN G 318 -18.37 28.09 -20.53
N ALA G 319 -19.60 28.58 -20.55
CA ALA G 319 -20.76 27.72 -20.40
C ALA G 319 -20.81 26.72 -21.53
N LEU G 320 -21.21 25.47 -21.24
CA LEU G 320 -21.40 24.41 -22.24
C LEU G 320 -22.77 24.47 -22.92
N PHE G 321 -22.80 24.69 -24.22
CA PHE G 321 -24.00 24.63 -25.04
C PHE G 321 -23.71 23.79 -26.27
N VAL G 322 -24.40 22.65 -26.44
CA VAL G 322 -24.17 21.81 -27.59
C VAL G 322 -25.08 22.35 -28.67
N ALA G 323 -24.52 23.24 -29.49
CA ALA G 323 -25.25 24.05 -30.42
C ALA G 323 -25.73 23.32 -31.65
N GLU G 324 -25.10 22.17 -31.93
CA GLU G 324 -25.41 21.36 -33.04
C GLU G 324 -24.89 20.00 -32.59
N ILE G 325 -25.69 18.99 -32.86
CA ILE G 325 -25.30 17.58 -32.73
C ILE G 325 -26.12 16.81 -33.75
N GLY G 326 -25.57 15.70 -34.24
CA GLY G 326 -26.22 14.81 -35.18
C GLY G 326 -27.50 14.22 -34.61
N ASN G 327 -28.42 13.91 -35.50
CA ASN G 327 -29.74 13.49 -35.13
C ASN G 327 -29.84 11.95 -35.30
N ASP G 328 -28.74 11.25 -35.64
CA ASP G 328 -28.81 9.78 -35.62
C ASP G 328 -28.91 9.24 -34.15
N GLN G 329 -29.48 8.05 -34.01
CA GLN G 329 -29.61 7.36 -32.71
C GLN G 329 -28.45 7.48 -31.71
N PRO G 330 -27.19 7.35 -32.15
CA PRO G 330 -26.06 7.29 -31.26
C PRO G 330 -25.90 8.60 -30.43
N PHE G 331 -26.32 9.70 -31.06
CA PHE G 331 -26.13 11.02 -30.47
C PHE G 331 -27.01 11.34 -29.24
N ALA G 332 -28.16 10.69 -29.15
CA ALA G 332 -29.17 11.16 -28.19
C ALA G 332 -28.70 11.03 -26.77
N ARG G 333 -27.92 9.96 -26.45
CA ARG G 333 -27.44 9.79 -25.11
C ARG G 333 -26.46 10.86 -24.59
N TYR G 334 -25.89 11.62 -25.51
CA TYR G 334 -25.00 12.69 -25.11
C TYR G 334 -25.67 13.86 -24.43
N LEU G 335 -27.00 13.94 -24.45
CA LEU G 335 -27.70 14.81 -23.51
C LEU G 335 -27.23 14.62 -22.12
N PHE G 336 -27.17 13.37 -21.65
CA PHE G 336 -26.81 13.14 -20.23
C PHE G 336 -25.48 13.77 -19.73
N PRO G 337 -24.32 13.47 -20.37
CA PRO G 337 -23.09 14.16 -19.92
C PRO G 337 -23.11 15.66 -20.18
N THR G 338 -23.86 16.07 -21.21
CA THR G 338 -23.93 17.53 -21.50
C THR G 338 -24.55 18.22 -20.30
N LEU G 339 -25.66 17.71 -19.78
CA LEU G 339 -26.32 18.30 -18.65
C LEU G 339 -25.58 18.01 -17.33
N GLY G 340 -24.99 16.82 -17.18
CA GLY G 340 -24.04 16.54 -16.12
C GLY G 340 -22.84 17.45 -15.92
N LYS G 341 -22.41 18.11 -16.99
CA LYS G 341 -21.36 19.09 -16.90
C LYS G 341 -21.91 20.48 -16.61
N GLY G 342 -23.20 20.58 -16.27
CA GLY G 342 -23.85 21.83 -16.16
C GLY G 342 -24.14 22.56 -17.44
N GLY G 343 -24.13 21.85 -18.56
CA GLY G 343 -24.57 22.42 -19.78
C GLY G 343 -25.88 23.13 -19.77
N ILE G 344 -25.96 24.20 -20.57
CA ILE G 344 -27.19 24.98 -20.67
C ILE G 344 -28.15 24.49 -21.74
N GLY G 345 -27.74 23.54 -22.58
CA GLY G 345 -28.55 23.20 -23.67
C GLY G 345 -27.98 22.20 -24.62
N PHE G 346 -28.82 21.80 -25.58
CA PHE G 346 -28.53 20.64 -26.50
C PHE G 346 -29.50 20.74 -27.64
N SER G 347 -28.95 20.78 -28.86
CA SER G 347 -29.68 21.14 -30.10
C SER G 347 -29.39 20.23 -31.28
N PRO G 348 -30.09 19.08 -31.33
CA PRO G 348 -29.88 18.25 -32.50
C PRO G 348 -30.31 18.87 -33.83
N PHE G 349 -29.52 18.58 -34.85
CA PHE G 349 -29.61 19.20 -36.16
C PHE G 349 -30.50 18.41 -37.09
N GLY G 350 -31.20 19.10 -38.00
CA GLY G 350 -31.96 18.55 -39.02
C GLY G 350 -33.34 18.00 -38.64
N MET G 351 -33.91 18.63 -37.65
CA MET G 351 -35.18 18.16 -37.09
C MET G 351 -36.37 18.82 -37.84
N ASP G 352 -36.44 18.55 -39.13
CA ASP G 352 -37.62 18.90 -39.91
C ASP G 352 -37.80 17.89 -41.07
N ASP G 353 -38.99 17.97 -41.64
CA ASP G 353 -39.47 17.19 -42.72
C ASP G 353 -39.46 17.93 -44.04
N THR G 354 -38.31 18.54 -44.33
CA THR G 354 -38.12 19.34 -45.54
C THR G 354 -37.33 18.59 -46.63
N ASP G 355 -37.23 17.28 -46.49
CA ASP G 355 -36.76 16.38 -47.55
C ASP G 355 -35.24 16.54 -47.79
N TYR G 356 -34.50 16.39 -46.69
CA TYR G 356 -33.06 16.47 -46.70
C TYR G 356 -32.49 15.69 -45.57
N THR G 357 -31.49 14.87 -45.85
CA THR G 357 -30.70 14.32 -44.71
C THR G 357 -29.23 14.49 -44.99
N ASN G 358 -28.45 14.91 -43.99
CA ASN G 358 -26.99 14.97 -44.15
C ASN G 358 -26.26 13.67 -43.82
N TYR G 359 -26.98 12.56 -43.71
CA TYR G 359 -26.34 11.26 -43.78
C TYR G 359 -25.17 11.28 -44.79
N PRO G 360 -24.02 10.72 -44.44
CA PRO G 360 -23.74 9.92 -43.22
C PRO G 360 -23.42 10.67 -41.94
N LEU G 361 -23.55 11.99 -41.91
CA LEU G 361 -23.35 12.73 -40.68
C LEU G 361 -24.48 12.43 -39.70
N GLY G 362 -25.73 12.56 -40.13
CA GLY G 362 -26.92 12.24 -39.30
C GLY G 362 -27.73 11.04 -39.76
N ALA G 363 -28.99 10.95 -39.36
CA ALA G 363 -29.80 9.74 -39.64
C ALA G 363 -30.06 9.49 -41.10
N LYS G 364 -30.10 8.23 -41.49
CA LYS G 364 -30.25 7.86 -42.90
C LYS G 364 -31.68 8.14 -43.34
N VAL G 365 -32.62 7.78 -42.44
CA VAL G 365 -34.01 8.02 -42.67
C VAL G 365 -34.53 8.95 -41.56
N TYR G 366 -35.15 10.04 -41.97
CA TYR G 366 -35.80 10.93 -41.02
C TYR G 366 -37.24 10.59 -40.89
N ASN G 367 -37.62 9.93 -39.79
CA ASN G 367 -39.02 9.54 -39.55
C ASN G 367 -39.34 9.59 -38.07
N ASP G 368 -40.54 9.14 -37.69
CA ASP G 368 -40.93 9.23 -36.27
C ASP G 368 -39.96 8.55 -35.35
N GLU G 369 -39.53 7.35 -35.71
CA GLU G 369 -38.47 6.66 -34.94
C GLU G 369 -37.25 7.55 -34.66
N THR G 370 -36.79 8.29 -35.68
CA THR G 370 -35.58 9.14 -35.54
C THR G 370 -35.82 10.15 -34.47
N ILE G 371 -37.00 10.74 -34.49
CA ILE G 371 -37.34 11.81 -33.50
C ILE G 371 -37.52 11.23 -32.08
N GLU G 372 -38.16 10.06 -32.02
CA GLU G 372 -38.43 9.35 -30.78
C GLU G 372 -37.16 9.10 -29.97
N GLN G 373 -35.96 8.92 -30.59
CA GLN G 373 -34.82 8.63 -29.78
C GLN G 373 -34.53 9.87 -28.95
N PHE G 374 -34.73 11.06 -29.54
CA PHE G 374 -34.55 12.25 -28.75
C PHE G 374 -35.71 12.58 -27.79
N ALA G 375 -36.92 12.35 -28.26
CA ALA G 375 -38.13 12.52 -27.44
C ALA G 375 -38.03 11.77 -26.13
N GLN G 376 -37.50 10.55 -26.21
CA GLN G 376 -37.38 9.71 -25.04
C GLN G 376 -36.46 10.24 -23.96
N VAL G 377 -35.36 10.93 -24.36
CA VAL G 377 -34.43 11.48 -23.43
C VAL G 377 -34.96 12.85 -22.96
N TYR G 378 -35.58 13.66 -23.85
CA TYR G 378 -36.15 14.94 -23.42
C TYR G 378 -37.31 14.78 -22.43
N ARG G 379 -38.02 13.65 -22.50
CA ARG G 379 -39.12 13.36 -21.55
C ARG G 379 -38.61 13.12 -20.07
N LEU G 380 -37.33 12.81 -19.92
CA LEU G 380 -36.65 12.69 -18.62
C LEU G 380 -36.41 14.05 -18.00
N VAL G 381 -36.19 15.07 -18.87
CA VAL G 381 -35.82 16.35 -18.32
C VAL G 381 -36.95 17.37 -18.31
N ASN G 382 -37.82 17.36 -19.30
CA ASN G 382 -38.95 18.27 -19.38
C ASN G 382 -39.68 18.41 -18.05
N PRO G 383 -40.01 17.28 -17.40
CA PRO G 383 -40.83 17.44 -16.17
C PRO G 383 -40.13 18.12 -15.02
N MET G 384 -38.82 18.26 -15.10
CA MET G 384 -38.06 18.87 -14.03
C MET G 384 -37.19 19.96 -14.56
N MET G 385 -37.56 20.59 -15.66
CA MET G 385 -36.58 21.39 -16.40
C MET G 385 -36.08 22.56 -15.53
N ARG G 386 -36.99 23.32 -14.91
CA ARG G 386 -36.56 24.48 -14.07
C ARG G 386 -35.83 24.07 -12.79
N GLU G 387 -36.29 22.98 -12.16
CA GLU G 387 -35.67 22.44 -10.97
C GLU G 387 -34.22 22.00 -11.30
N TRP G 388 -34.09 21.21 -12.33
CA TRP G 388 -32.78 20.80 -12.85
C TRP G 388 -31.87 22.02 -13.14
N ALA G 389 -32.41 22.96 -13.86
CA ALA G 389 -31.66 24.13 -14.29
C ALA G 389 -31.08 24.83 -13.05
N ARG G 390 -31.93 24.98 -12.04
CA ARG G 390 -31.49 25.65 -10.81
C ARG G 390 -30.37 24.86 -10.12
N LEU G 391 -30.57 23.55 -10.00
CA LEU G 391 -29.61 22.73 -9.30
C LEU G 391 -28.26 22.68 -10.04
N SER G 392 -28.31 22.71 -11.37
CA SER G 392 -27.12 22.76 -12.21
C SER G 392 -26.45 24.15 -12.36
N TYR G 393 -26.91 25.11 -11.59
CA TYR G 393 -26.16 26.34 -11.32
C TYR G 393 -25.82 26.58 -9.83
N GLN G 394 -26.75 26.27 -8.94
CA GLN G 394 -26.61 26.52 -7.49
C GLN G 394 -26.01 25.34 -6.74
N GLY G 395 -26.21 24.14 -7.26
CA GLY G 395 -25.81 22.93 -6.56
C GLY G 395 -24.91 22.02 -7.39
N GLN G 396 -25.04 20.73 -7.11
CA GLN G 396 -24.12 19.73 -7.60
C GLN G 396 -24.96 18.79 -8.46
N VAL G 397 -24.51 18.56 -9.69
CA VAL G 397 -25.12 17.60 -10.65
C VAL G 397 -24.05 16.76 -11.30
N TRP G 398 -24.50 15.63 -11.87
CA TRP G 398 -23.74 14.64 -12.54
C TRP G 398 -24.61 14.08 -13.68
N GLY G 399 -23.96 13.59 -14.73
CA GLY G 399 -24.62 12.93 -15.84
C GLY G 399 -23.61 12.08 -16.57
N VAL G 400 -24.05 10.89 -16.99
CA VAL G 400 -23.24 9.94 -17.72
C VAL G 400 -23.99 9.31 -18.89
N ALA G 401 -23.28 8.90 -19.91
CA ALA G 401 -23.87 8.10 -20.98
C ALA G 401 -23.14 6.78 -21.11
N GLU G 402 -23.80 5.85 -21.81
CA GLU G 402 -23.26 4.49 -22.08
C GLU G 402 -21.93 4.60 -22.78
N PRO G 403 -20.86 4.12 -22.15
CA PRO G 403 -19.50 4.47 -22.63
C PRO G 403 -18.87 3.60 -23.68
N LEU G 404 -19.52 2.50 -24.00
CA LEU G 404 -19.18 1.72 -25.20
C LEU G 404 -20.11 2.06 -26.37
N ASP G 405 -19.54 2.20 -27.56
CA ASP G 405 -20.34 2.40 -28.74
C ASP G 405 -20.94 1.07 -29.17
N SER G 406 -21.93 1.12 -30.04
CA SER G 406 -22.54 -0.11 -30.55
C SER G 406 -21.45 -0.94 -31.19
N THR G 407 -21.55 -2.26 -31.04
CA THR G 407 -20.51 -3.14 -31.55
C THR G 407 -20.40 -3.06 -33.08
N THR G 408 -19.18 -2.86 -33.56
CA THR G 408 -18.91 -2.78 -35.01
C THR G 408 -18.80 -4.18 -35.60
N GLU G 409 -18.89 -4.25 -36.93
CA GLU G 409 -18.91 -5.53 -37.65
C GLU G 409 -17.58 -6.32 -37.50
N THR G 410 -16.45 -5.62 -37.63
CA THR G 410 -15.14 -6.23 -37.37
C THR G 410 -15.05 -6.91 -35.99
N GLN G 411 -15.51 -6.20 -34.94
CA GLN G 411 -15.57 -6.78 -33.60
C GLN G 411 -16.60 -7.93 -33.53
N LYS G 412 -17.73 -7.75 -34.22
CA LYS G 412 -18.80 -8.76 -34.32
C LYS G 412 -18.35 -10.11 -34.91
N ILE G 413 -17.27 -10.09 -35.68
CA ILE G 413 -16.61 -11.31 -36.17
C ILE G 413 -15.97 -12.09 -35.02
N TRP G 414 -15.14 -11.41 -34.23
CA TRP G 414 -14.38 -12.06 -33.16
C TRP G 414 -15.25 -12.41 -31.95
N LYS G 423 -13.19 -14.90 -25.44
CA LYS G 423 -14.63 -14.64 -25.52
C LYS G 423 -15.23 -14.25 -24.17
N GLU G 424 -15.03 -15.09 -23.16
CA GLU G 424 -15.48 -14.84 -21.79
C GLU G 424 -14.75 -13.66 -21.16
N GLN G 425 -13.45 -13.55 -21.43
CA GLN G 425 -12.64 -12.42 -20.98
C GLN G 425 -13.07 -11.09 -21.63
N HIS G 426 -13.60 -11.16 -22.85
CA HIS G 426 -14.19 -10.00 -23.55
C HIS G 426 -15.47 -9.53 -22.84
N LYS G 427 -16.33 -10.47 -22.47
CA LYS G 427 -17.54 -10.19 -21.65
C LYS G 427 -17.23 -9.59 -20.26
N LYS G 428 -16.08 -9.93 -19.69
CA LYS G 428 -15.60 -9.34 -18.43
C LYS G 428 -15.04 -7.93 -18.64
N ASP G 429 -14.32 -7.71 -19.74
CA ASP G 429 -13.79 -6.38 -20.07
C ASP G 429 -14.92 -5.38 -20.34
N ARG G 430 -15.90 -5.82 -21.12
CA ARG G 430 -17.06 -5.00 -21.48
C ARG G 430 -17.86 -4.68 -20.22
N ALA G 431 -18.22 -5.70 -19.44
CA ALA G 431 -18.85 -5.48 -18.14
C ALA G 431 -18.20 -4.35 -17.36
N SER G 432 -16.86 -4.41 -17.24
CA SER G 432 -16.13 -3.44 -16.42
C SER G 432 -16.11 -2.02 -17.05
N ALA G 433 -15.93 -1.99 -18.37
CA ALA G 433 -16.04 -0.77 -19.17
C ALA G 433 -17.45 -0.16 -19.09
N LEU G 434 -18.47 -1.02 -19.07
CA LEU G 434 -19.88 -0.58 -18.87
C LEU G 434 -20.32 -0.32 -17.43
N THR G 435 -19.35 -0.22 -16.51
CA THR G 435 -19.61 0.22 -15.16
C THR G 435 -18.92 1.57 -14.89
N GLN G 436 -19.71 2.55 -14.47
CA GLN G 436 -19.22 3.88 -14.15
C GLN G 436 -19.47 4.21 -12.70
N GLN G 437 -18.47 4.82 -12.04
CA GLN G 437 -18.53 5.26 -10.65
C GLN G 437 -18.62 6.76 -10.55
N LEU G 438 -19.52 7.24 -9.71
CA LEU G 438 -19.63 8.68 -9.45
C LEU G 438 -19.53 9.00 -7.96
N ASP G 439 -18.65 9.94 -7.62
CA ASP G 439 -18.50 10.41 -6.26
C ASP G 439 -19.50 11.50 -5.96
N LEU G 440 -20.52 11.18 -5.18
CA LEU G 440 -21.55 12.12 -4.80
C LEU G 440 -21.47 12.70 -3.37
N GLY G 441 -20.27 12.83 -2.81
CA GLY G 441 -20.10 13.24 -1.43
C GLY G 441 -19.98 12.10 -0.44
N LEU G 442 -21.00 11.94 0.41
CA LEU G 442 -20.99 10.80 1.35
C LEU G 442 -21.33 9.53 0.59
N TRP G 443 -21.95 9.64 -0.56
CA TRP G 443 -22.46 8.49 -1.28
C TRP G 443 -21.87 8.48 -2.67
N ASP G 444 -21.62 7.28 -3.18
CA ASP G 444 -21.21 7.05 -4.55
C ASP G 444 -22.33 6.33 -5.29
N ALA G 445 -22.48 6.66 -6.55
CA ALA G 445 -23.32 5.89 -7.43
C ALA G 445 -22.49 5.02 -8.34
N GLU G 446 -23.07 3.89 -8.74
CA GLU G 446 -22.52 3.01 -9.74
C GLU G 446 -23.56 2.80 -10.82
N VAL G 447 -23.19 3.15 -12.04
CA VAL G 447 -24.10 3.12 -13.19
C VAL G 447 -23.64 2.00 -14.12
N THR G 448 -24.58 1.12 -14.49
CA THR G 448 -24.31 0.05 -15.44
C THR G 448 -25.42 -0.02 -16.46
N TYR G 449 -25.11 -0.63 -17.60
CA TYR G 449 -25.92 -0.61 -18.81
C TYR G 449 -26.11 -1.99 -19.43
N GLY G 450 -27.37 -2.35 -19.70
CA GLY G 450 -27.69 -3.54 -20.49
C GLY G 450 -27.73 -4.76 -19.61
N ARG G 451 -28.64 -4.74 -18.65
CA ARG G 451 -28.79 -5.84 -17.74
C ARG G 451 -30.25 -5.98 -17.33
N PRO G 452 -30.60 -7.12 -16.76
CA PRO G 452 -31.98 -7.24 -16.27
C PRO G 452 -32.26 -6.30 -15.12
N MET G 453 -33.55 -6.19 -14.82
CA MET G 453 -34.02 -5.37 -13.70
C MET G 453 -34.02 -6.11 -12.35
N PHE G 454 -33.62 -7.37 -12.36
CA PHE G 454 -33.57 -8.23 -11.20
C PHE G 454 -32.24 -8.99 -11.23
N TRP G 455 -31.78 -9.41 -10.07
CA TRP G 455 -30.55 -10.19 -9.92
C TRP G 455 -29.28 -9.35 -10.26
N VAL G 456 -28.13 -10.00 -10.48
CA VAL G 456 -26.85 -9.31 -10.64
C VAL G 456 -26.03 -9.88 -11.83
N THR G 457 -26.70 -10.32 -12.89
CA THR G 457 -25.98 -10.74 -14.10
C THR G 457 -25.29 -9.49 -14.67
N PRO G 458 -23.99 -9.62 -14.99
CA PRO G 458 -23.16 -8.45 -15.36
C PRO G 458 -23.71 -7.73 -16.60
N PRO G 459 -23.49 -6.39 -16.68
CA PRO G 459 -23.90 -5.59 -17.82
C PRO G 459 -23.27 -6.03 -19.15
N GLU G 460 -24.07 -6.08 -20.20
CA GLU G 460 -23.59 -6.42 -21.55
C GLU G 460 -23.87 -5.31 -22.54
N GLY G 461 -24.26 -4.14 -22.04
CA GLY G 461 -24.64 -3.04 -22.93
C GLY G 461 -26.00 -3.13 -23.60
N ASN G 462 -26.55 -1.95 -23.95
CA ASN G 462 -27.73 -1.88 -24.79
C ASN G 462 -27.36 -2.04 -26.25
N THR G 463 -28.33 -2.49 -27.03
CA THR G 463 -28.18 -2.69 -28.43
C THR G 463 -29.30 -1.96 -29.17
N PRO G 464 -29.04 -0.77 -29.74
CA PRO G 464 -27.74 -0.06 -29.72
C PRO G 464 -27.38 0.65 -28.39
N ALA G 465 -26.13 1.13 -28.25
CA ALA G 465 -25.72 1.91 -27.11
C ALA G 465 -26.62 3.13 -27.05
N ALA G 466 -27.25 3.32 -25.90
CA ALA G 466 -28.32 4.32 -25.71
C ALA G 466 -28.48 4.86 -24.26
N GLY G 467 -27.93 4.20 -23.22
CA GLY G 467 -28.20 4.53 -21.83
C GLY G 467 -27.53 5.77 -21.29
N GLY G 468 -28.07 6.33 -20.21
CA GLY G 468 -27.43 7.29 -19.38
C GLY G 468 -28.20 7.61 -18.15
N ALA G 469 -27.71 8.56 -17.37
CA ALA G 469 -28.31 8.87 -16.10
C ALA G 469 -28.00 10.27 -15.69
N LEU G 470 -28.90 10.82 -14.94
CA LEU G 470 -28.74 12.14 -14.32
C LEU G 470 -28.94 12.04 -12.84
N ILE G 471 -28.08 12.73 -12.09
CA ILE G 471 -28.19 12.80 -10.63
C ILE G 471 -27.98 14.23 -10.27
N ALA G 472 -28.83 14.76 -9.36
CA ALA G 472 -28.56 16.03 -8.64
C ALA G 472 -28.60 15.84 -7.16
N GLN G 473 -27.84 16.64 -6.43
CA GLN G 473 -27.85 16.55 -5.01
C GLN G 473 -28.88 17.50 -4.42
N LEU G 474 -29.71 16.97 -3.53
CA LEU G 474 -30.70 17.81 -2.81
C LEU G 474 -30.25 18.16 -1.42
N ASP G 475 -29.71 17.16 -0.74
CA ASP G 475 -29.07 17.30 0.55
C ASP G 475 -27.90 16.30 0.68
N ASP G 476 -27.22 16.32 1.81
CA ASP G 476 -26.07 15.44 2.11
C ASP G 476 -26.38 13.97 1.77
N ASN G 477 -27.61 13.56 2.12
CA ASN G 477 -28.05 12.22 1.88
C ASN G 477 -29.21 12.05 0.91
N GLU G 478 -29.59 13.09 0.17
CA GLU G 478 -30.72 13.01 -0.78
C GLU G 478 -30.37 13.48 -2.18
N TYR G 479 -30.87 12.75 -3.18
CA TYR G 479 -30.51 12.97 -4.56
C TYR G 479 -31.71 12.85 -5.46
N LEU G 480 -31.75 13.69 -6.47
CA LEU G 480 -32.71 13.56 -7.54
C LEU G 480 -32.14 12.66 -8.62
N VAL G 481 -32.87 11.64 -9.05
CA VAL G 481 -32.32 10.71 -9.97
C VAL G 481 -33.31 10.34 -11.08
N THR G 482 -32.83 10.34 -12.32
CA THR G 482 -33.59 9.78 -13.47
C THR G 482 -32.56 9.24 -14.45
N ALA G 483 -32.90 8.17 -15.14
CA ALA G 483 -31.94 7.43 -15.94
C ALA G 483 -32.67 6.67 -17.03
N TYR G 484 -31.94 6.06 -17.94
CA TYR G 484 -32.49 5.55 -19.16
C TYR G 484 -31.70 4.35 -19.61
N LYS G 485 -32.38 3.21 -19.70
CA LYS G 485 -31.72 1.90 -20.09
C LYS G 485 -30.41 1.69 -19.30
N ALA G 486 -30.56 1.75 -17.99
CA ALA G 486 -29.47 1.62 -17.07
C ALA G 486 -29.95 1.30 -15.67
N ARG G 487 -28.96 0.86 -14.88
CA ARG G 487 -29.08 0.63 -13.46
C ARG G 487 -28.20 1.64 -12.72
N VAL G 488 -28.78 2.25 -11.72
CA VAL G 488 -28.07 3.10 -10.80
C VAL G 488 -28.10 2.51 -9.41
N GLU G 489 -26.91 2.31 -8.84
CA GLU G 489 -26.79 1.73 -7.53
C GLU G 489 -26.01 2.63 -6.59
N PHE G 490 -26.55 2.81 -5.38
CA PHE G 490 -25.91 3.63 -4.35
C PHE G 490 -25.08 2.83 -3.34
N LYS G 491 -24.09 3.51 -2.77
CA LYS G 491 -23.18 2.95 -1.77
C LYS G 491 -22.46 4.10 -1.06
N PRO G 492 -21.97 3.87 0.17
CA PRO G 492 -21.21 4.90 0.87
C PRO G 492 -19.89 5.11 0.16
N SER G 493 -19.42 6.35 0.24
CA SER G 493 -18.29 6.76 -0.53
C SER G 493 -17.01 6.42 0.21
N GLN G 494 -17.11 6.41 1.54
CA GLN G 494 -15.96 6.19 2.44
C GLN G 494 -16.25 4.93 3.27
N GLU G 495 -15.18 4.38 3.84
CA GLU G 495 -15.26 3.12 4.58
C GLU G 495 -16.03 3.40 5.88
N LEU G 496 -17.06 2.61 6.16
CA LEU G 496 -17.86 2.83 7.37
C LEU G 496 -17.17 2.11 8.52
N ALA G 497 -17.49 2.51 9.74
CA ALA G 497 -16.91 1.92 10.96
C ALA G 497 -18.02 1.61 11.95
N GLY G 498 -18.34 0.32 12.11
CA GLY G 498 -19.44 -0.12 13.00
C GLY G 498 -20.84 0.26 12.54
N LYS G 499 -20.95 0.66 11.27
CA LYS G 499 -22.19 1.11 10.68
C LYS G 499 -22.48 0.33 9.41
N LYS G 500 -23.78 0.21 9.14
CA LYS G 500 -24.30 -0.33 7.92
C LYS G 500 -25.00 0.80 7.18
N PHE G 501 -25.46 0.50 5.98
CA PHE G 501 -26.17 1.49 5.20
C PHE G 501 -27.32 0.84 4.46
N MET G 502 -28.32 1.65 4.11
CA MET G 502 -29.33 1.24 3.15
CA MET G 502 -29.44 1.26 3.27
C MET G 502 -29.94 2.47 2.50
N ILE G 503 -30.72 2.21 1.47
CA ILE G 503 -31.62 3.15 0.95
C ILE G 503 -32.61 3.40 2.08
N GLU G 504 -32.80 4.64 2.47
CA GLU G 504 -33.91 4.96 3.37
C GLU G 504 -35.26 5.04 2.63
N ARG G 505 -35.35 5.81 1.54
CA ARG G 505 -36.60 5.94 0.85
C ARG G 505 -36.36 6.40 -0.58
N VAL G 506 -36.98 5.70 -1.51
CA VAL G 506 -37.05 6.17 -2.88
C VAL G 506 -38.49 6.51 -3.21
N GLU G 507 -38.70 7.73 -3.70
CA GLU G 507 -40.03 8.19 -4.03
C GLU G 507 -40.00 8.53 -5.50
N GLU G 508 -40.98 8.07 -6.29
CA GLU G 508 -41.15 8.54 -7.65
C GLU G 508 -42.14 9.69 -7.63
N GLY G 509 -41.88 10.77 -8.40
CA GLY G 509 -42.82 11.85 -8.43
C GLY G 509 -42.59 12.89 -9.51
N ARG G 510 -42.97 14.11 -9.17
CA ARG G 510 -42.95 15.21 -10.12
C ARG G 510 -42.97 16.51 -9.36
N PHE G 511 -42.56 17.61 -10.00
CA PHE G 511 -42.81 18.98 -9.48
C PHE G 511 -44.08 19.63 -9.99
N GLU G 512 -44.80 20.26 -9.05
CA GLU G 512 -46.06 20.93 -9.28
C GLU G 512 -45.95 22.26 -8.51
N LYS G 513 -46.00 23.36 -9.24
CA LYS G 513 -45.72 24.72 -8.70
C LYS G 513 -44.39 24.86 -7.91
N GLY G 514 -43.36 24.12 -8.29
CA GLY G 514 -42.07 24.11 -7.58
C GLY G 514 -41.95 23.10 -6.42
N LYS G 515 -43.05 22.41 -6.09
CA LYS G 515 -43.12 21.52 -4.94
C LYS G 515 -43.18 20.10 -5.49
N TRP G 516 -42.47 19.22 -4.80
CA TRP G 516 -42.50 17.78 -5.03
C TRP G 516 -43.84 17.11 -4.65
N VAL G 517 -44.34 16.30 -5.55
CA VAL G 517 -45.57 15.55 -5.35
C VAL G 517 -45.17 14.09 -5.52
N MET G 518 -45.22 13.33 -4.41
N MET G 518 -45.21 13.34 -4.41
CA MET G 518 -44.94 11.89 -4.42
CA MET G 518 -44.99 11.90 -4.43
C MET G 518 -46.08 11.10 -5.07
C MET G 518 -46.12 11.21 -5.20
N GLU G 519 -45.73 10.23 -6.03
CA GLU G 519 -46.69 9.35 -6.71
C GLU G 519 -46.64 7.98 -6.05
N ARG G 520 -45.44 7.41 -5.85
CA ARG G 520 -45.31 6.10 -5.14
C ARG G 520 -43.92 5.93 -4.60
N VAL G 521 -43.74 4.97 -3.72
CA VAL G 521 -42.48 4.63 -3.17
C VAL G 521 -41.97 3.44 -3.92
N TRP G 522 -40.75 3.52 -4.45
CA TRP G 522 -40.09 2.30 -4.97
C TRP G 522 -39.48 1.56 -3.81
N ASN G 523 -39.67 0.23 -3.72
CA ASN G 523 -39.15 -0.54 -2.67
C ASN G 523 -39.15 -2.02 -3.13
N GLY G 524 -38.75 -2.94 -2.24
CA GLY G 524 -38.92 -4.33 -2.63
C GLY G 524 -38.03 -4.60 -3.82
N ASP G 525 -38.52 -5.35 -4.79
CA ASP G 525 -37.81 -5.74 -5.99
C ASP G 525 -37.25 -4.48 -6.71
N GLN G 526 -37.98 -3.37 -6.58
CA GLN G 526 -37.64 -2.17 -7.32
C GLN G 526 -36.37 -1.50 -6.76
N THR G 527 -35.88 -1.91 -5.62
CA THR G 527 -34.69 -1.32 -5.03
C THR G 527 -33.70 -2.31 -4.46
N ASP G 528 -33.95 -3.62 -4.66
CA ASP G 528 -33.02 -4.63 -4.17
C ASP G 528 -31.81 -4.82 -5.11
N TRP G 529 -31.99 -4.45 -6.37
CA TRP G 529 -31.05 -4.71 -7.49
C TRP G 529 -30.74 -3.38 -8.18
N GLY G 530 -30.45 -2.37 -7.34
CA GLY G 530 -30.28 -1.02 -7.87
C GLY G 530 -31.60 -0.44 -8.34
N LEU G 531 -31.52 0.72 -8.97
CA LEU G 531 -32.64 1.41 -9.58
C LEU G 531 -32.56 1.24 -11.10
N ASN G 532 -33.50 0.49 -11.65
CA ASN G 532 -33.47 -0.02 -12.98
C ASN G 532 -34.48 0.74 -13.82
N PHE G 533 -33.97 1.34 -14.88
CA PHE G 533 -34.71 2.18 -15.81
C PHE G 533 -34.70 1.56 -17.21
N THR G 534 -35.80 1.67 -17.95
CA THR G 534 -35.92 1.20 -19.32
C THR G 534 -35.98 2.49 -20.15
N ASP G 535 -36.88 2.52 -21.13
CA ASP G 535 -37.10 3.69 -21.97
C ASP G 535 -38.13 4.67 -21.42
N ARG G 536 -38.85 4.29 -20.38
CA ARG G 536 -39.90 5.13 -19.86
C ARG G 536 -39.37 6.06 -18.80
N PRO G 537 -40.01 7.26 -18.70
CA PRO G 537 -39.49 8.27 -17.79
C PRO G 537 -39.98 8.04 -16.35
N HIS G 538 -39.05 8.06 -15.36
CA HIS G 538 -39.36 8.15 -13.95
C HIS G 538 -38.37 9.03 -13.18
N LEU G 539 -38.85 9.97 -12.39
CA LEU G 539 -37.99 10.88 -11.67
C LEU G 539 -38.13 10.47 -10.21
N LEU G 540 -36.99 10.22 -9.58
CA LEU G 540 -36.88 9.69 -8.25
C LEU G 540 -36.15 10.63 -7.30
N ARG G 541 -36.64 10.70 -6.06
CA ARG G 541 -35.90 11.30 -4.95
C ARG G 541 -35.38 10.14 -4.13
N VAL G 542 -34.08 10.05 -3.99
CA VAL G 542 -33.46 8.92 -3.32
C VAL G 542 -32.81 9.34 -2.02
N LYS G 543 -33.27 8.78 -0.88
CA LYS G 543 -32.71 9.20 0.42
C LYS G 543 -31.97 8.01 0.95
N MET G 544 -30.66 8.18 1.18
CA MET G 544 -29.78 7.18 1.73
C MET G 544 -29.58 7.42 3.22
N ALA G 545 -29.33 6.32 3.96
CA ALA G 545 -29.06 6.44 5.42
C ALA G 545 -27.98 5.45 5.85
N SER G 546 -27.04 5.91 6.70
CA SER G 546 -26.10 5.04 7.40
C SER G 546 -26.72 4.82 8.77
N TYR G 547 -26.49 3.66 9.37
CA TYR G 547 -27.08 3.38 10.67
C TYR G 547 -26.20 2.48 11.53
N SER G 548 -26.29 2.70 12.85
CA SER G 548 -25.49 1.96 13.83
C SER G 548 -26.14 0.62 14.10
N VAL G 549 -25.28 -0.35 14.40
CA VAL G 549 -25.73 -1.66 14.83
C VAL G 549 -25.01 -2.07 16.09
N GLN G 550 -24.67 -1.08 16.93
CA GLN G 550 -23.68 -1.23 18.03
C GLN G 550 -24.01 -2.30 19.08
N ALA H 12 -72.77 -9.63 5.80
CA ALA H 12 -72.26 -10.79 5.01
C ALA H 12 -71.33 -11.67 5.85
N PRO H 13 -71.34 -13.01 5.62
CA PRO H 13 -70.60 -13.96 6.43
C PRO H 13 -69.09 -13.79 6.30
N LEU H 14 -68.35 -13.97 7.39
CA LEU H 14 -66.88 -13.79 7.28
C LEU H 14 -66.34 -14.82 6.31
N PRO H 15 -65.37 -14.42 5.49
CA PRO H 15 -64.59 -15.53 4.92
C PRO H 15 -63.95 -16.44 6.00
N GLU H 16 -63.75 -17.72 5.66
CA GLU H 16 -63.00 -18.66 6.49
C GLU H 16 -62.33 -19.76 5.70
N LEU H 17 -61.23 -20.30 6.25
CA LEU H 17 -60.61 -21.48 5.69
C LEU H 17 -61.13 -22.70 6.47
N LEU H 18 -61.78 -23.62 5.76
CA LEU H 18 -62.47 -24.80 6.30
C LEU H 18 -61.65 -25.98 5.94
N SER H 19 -61.50 -26.94 6.87
CA SER H 19 -60.70 -28.11 6.66
C SER H 19 -61.45 -29.27 7.23
N ASN H 20 -61.75 -30.27 6.41
CA ASN H 20 -62.43 -31.49 6.90
C ASN H 20 -62.26 -32.62 5.91
N ASN H 21 -62.06 -33.83 6.44
CA ASN H 21 -61.87 -35.06 5.68
C ASN H 21 -60.61 -34.98 4.81
N GLY H 22 -59.55 -34.37 5.34
CA GLY H 22 -58.31 -34.09 4.60
C GLY H 22 -58.42 -33.12 3.42
N LYS H 23 -59.54 -32.42 3.29
CA LYS H 23 -59.81 -31.48 2.19
C LYS H 23 -59.97 -30.08 2.76
N HIS H 24 -59.93 -29.08 1.87
CA HIS H 24 -60.06 -27.69 2.30
C HIS H 24 -60.92 -26.83 1.38
N ALA H 25 -61.44 -25.75 1.96
CA ALA H 25 -62.15 -24.77 1.20
C ALA H 25 -61.93 -23.35 1.75
N LEU H 26 -61.66 -22.43 0.83
CA LEU H 26 -61.83 -21.01 1.14
C LEU H 26 -63.26 -20.58 0.98
N MET H 27 -63.92 -20.31 2.11
CA MET H 27 -65.31 -19.88 2.06
C MET H 27 -65.38 -18.38 1.91
N VAL H 28 -66.02 -17.90 0.85
CA VAL H 28 -66.31 -16.49 0.63
C VAL H 28 -67.80 -16.26 0.33
N ASP H 29 -68.45 -15.43 1.16
CA ASP H 29 -69.90 -15.21 1.04
C ASP H 29 -70.69 -16.50 1.27
N GLY H 30 -70.17 -17.36 2.13
CA GLY H 30 -70.84 -18.57 2.53
C GLY H 30 -70.73 -19.81 1.68
N ALA H 31 -69.72 -19.84 0.80
CA ALA H 31 -69.52 -20.94 -0.12
C ALA H 31 -68.05 -21.02 -0.58
N PRO H 32 -67.61 -22.23 -1.00
CA PRO H 32 -66.24 -22.35 -1.46
C PRO H 32 -65.94 -21.42 -2.63
N TYR H 33 -64.67 -20.96 -2.66
CA TYR H 33 -64.29 -19.95 -3.64
C TYR H 33 -62.88 -20.25 -4.10
N ILE H 34 -62.59 -20.04 -5.37
CA ILE H 34 -61.21 -20.13 -5.88
C ILE H 34 -60.61 -18.79 -6.23
N ILE H 35 -59.42 -18.53 -5.70
CA ILE H 35 -58.69 -17.29 -6.02
C ILE H 35 -58.06 -17.55 -7.40
N LEU H 36 -58.64 -16.96 -8.46
CA LEU H 36 -58.00 -16.82 -9.78
C LEU H 36 -57.35 -15.40 -9.72
N GLY H 37 -56.08 -15.36 -9.30
CA GLY H 37 -55.55 -14.08 -8.79
C GLY H 37 -54.63 -13.42 -9.77
N SER H 38 -54.40 -12.15 -9.53
CA SER H 38 -53.18 -11.54 -10.01
C SER H 38 -52.48 -10.84 -8.86
N GLN H 39 -51.14 -10.75 -8.91
CA GLN H 39 -50.41 -10.01 -7.87
C GLN H 39 -49.64 -8.86 -8.53
N THR H 40 -49.64 -7.69 -7.89
CA THR H 40 -48.93 -6.50 -8.46
C THR H 40 -47.42 -6.71 -8.22
N ASN H 41 -46.60 -5.96 -8.98
CA ASN H 41 -45.20 -5.66 -8.57
C ASN H 41 -45.13 -4.93 -7.22
N ASN H 42 -43.93 -4.92 -6.63
CA ASN H 42 -43.76 -4.54 -5.23
C ASN H 42 -44.02 -3.10 -4.94
N SER H 43 -43.99 -2.29 -5.96
CA SER H 43 -44.11 -0.83 -5.77
C SER H 43 -45.40 -0.25 -6.32
N SER H 44 -46.45 -1.08 -6.47
CA SER H 44 -47.74 -0.62 -6.92
C SER H 44 -48.79 -0.35 -5.81
N ASN H 45 -48.34 -0.17 -4.57
CA ASN H 45 -49.27 -0.09 -3.41
C ASN H 45 -49.48 1.38 -3.08
N TYR H 46 -49.82 2.16 -4.12
CA TYR H 46 -50.01 3.62 -4.04
C TYR H 46 -51.14 3.97 -4.99
N PRO H 47 -52.00 4.90 -4.57
CA PRO H 47 -53.16 5.29 -5.34
C PRO H 47 -52.84 5.58 -6.78
N ASP H 48 -51.74 6.33 -7.05
CA ASP H 48 -51.37 6.67 -8.41
C ASP H 48 -51.05 5.46 -9.33
N ALA H 49 -50.61 4.36 -8.72
CA ALA H 49 -50.24 3.14 -9.47
C ALA H 49 -51.42 2.29 -9.86
N LEU H 50 -52.55 2.40 -9.12
CA LEU H 50 -53.68 1.54 -9.42
C LEU H 50 -54.20 1.58 -10.85
N LYS H 51 -54.13 2.73 -11.54
CA LYS H 51 -54.51 2.83 -12.96
C LYS H 51 -53.66 1.90 -13.86
N ASP H 52 -52.44 1.55 -13.40
CA ASP H 52 -51.54 0.54 -14.04
C ASP H 52 -51.73 -0.89 -13.58
N VAL H 53 -52.73 -1.12 -12.73
CA VAL H 53 -52.96 -2.46 -12.18
C VAL H 53 -54.26 -3.03 -12.73
N TRP H 54 -55.34 -2.25 -12.69
CA TRP H 54 -56.68 -2.72 -13.07
C TRP H 54 -56.77 -3.21 -14.48
N PRO H 55 -56.21 -2.48 -15.48
CA PRO H 55 -56.38 -3.01 -16.84
C PRO H 55 -55.89 -4.45 -17.06
N SER H 56 -54.72 -4.75 -16.51
CA SER H 56 -54.14 -6.10 -16.62
C SER H 56 -55.04 -7.09 -15.93
N MET H 57 -55.65 -6.67 -14.83
CA MET H 57 -56.48 -7.59 -14.09
C MET H 57 -57.71 -7.95 -14.89
N GLU H 58 -58.27 -6.93 -15.55
CA GLU H 58 -59.46 -7.09 -16.42
C GLU H 58 -59.13 -8.02 -17.56
N LYS H 59 -57.99 -7.79 -18.21
CA LYS H 59 -57.59 -8.60 -19.34
C LYS H 59 -57.35 -10.04 -18.93
N MET H 60 -56.77 -10.24 -17.73
CA MET H 60 -56.58 -11.60 -17.18
C MET H 60 -57.88 -12.36 -16.85
N GLY H 61 -58.92 -11.60 -16.54
CA GLY H 61 -60.13 -12.17 -15.96
C GLY H 61 -59.89 -12.74 -14.56
N ALA H 62 -59.00 -12.09 -13.78
CA ALA H 62 -58.72 -12.47 -12.37
C ALA H 62 -59.87 -11.96 -11.51
N ASN H 63 -60.14 -12.74 -10.50
CA ASN H 63 -61.17 -12.38 -9.55
C ASN H 63 -60.68 -11.84 -8.23
N THR H 64 -59.38 -11.90 -7.98
CA THR H 64 -58.81 -11.48 -6.69
C THR H 64 -57.46 -10.81 -6.95
N LEU H 65 -57.23 -9.63 -6.35
CA LEU H 65 -55.94 -8.92 -6.46
C LEU H 65 -55.20 -9.13 -5.17
N SER H 66 -53.94 -9.52 -5.26
CA SER H 66 -53.01 -9.52 -4.15
C SER H 66 -52.11 -8.27 -4.27
N ILE H 67 -52.10 -7.41 -3.24
CA ILE H 67 -51.36 -6.15 -3.35
C ILE H 67 -50.78 -5.84 -1.97
N PRO H 68 -49.56 -5.26 -1.93
CA PRO H 68 -49.00 -4.89 -0.59
C PRO H 68 -49.77 -3.78 0.13
N VAL H 69 -49.81 -3.92 1.46
CA VAL H 69 -50.04 -2.77 2.34
C VAL H 69 -48.81 -2.74 3.28
N ALA H 70 -48.06 -1.65 3.19
CA ALA H 70 -46.78 -1.59 3.85
C ALA H 70 -46.82 -0.91 5.23
N TRP H 71 -46.09 -1.42 6.20
CA TRP H 71 -46.09 -0.75 7.51
C TRP H 71 -45.64 0.70 7.39
N GLU H 72 -44.63 0.89 6.54
CA GLU H 72 -44.06 2.25 6.26
C GLU H 72 -45.11 3.21 5.75
N GLN H 73 -46.07 2.73 4.94
CA GLN H 73 -47.12 3.64 4.44
C GLN H 73 -48.24 3.90 5.44
N ILE H 74 -48.57 2.94 6.29
CA ILE H 74 -49.69 3.16 7.24
C ILE H 74 -49.30 3.82 8.57
N GLU H 75 -48.01 3.75 8.95
CA GLU H 75 -47.43 4.37 10.17
C GLU H 75 -46.04 5.00 9.90
N PRO H 76 -46.03 6.05 9.05
CA PRO H 76 -44.83 6.72 8.60
C PRO H 76 -44.13 7.44 9.75
N VAL H 77 -44.94 7.91 10.70
CA VAL H 77 -44.48 8.44 12.00
C VAL H 77 -45.18 7.62 13.07
N GLU H 78 -44.45 7.26 14.12
CA GLU H 78 -45.00 6.37 15.13
C GLU H 78 -46.28 6.97 15.70
N GLY H 79 -47.33 6.15 15.75
CA GLY H 79 -48.67 6.57 16.20
C GLY H 79 -49.51 7.48 15.30
N GLN H 80 -49.00 7.83 14.11
CA GLN H 80 -49.70 8.72 13.17
C GLN H 80 -50.08 7.88 12.01
N PHE H 81 -51.27 7.34 12.04
CA PHE H 81 -51.64 6.37 11.00
C PHE H 81 -52.20 7.05 9.76
N ASP H 82 -52.11 6.35 8.62
CA ASP H 82 -52.57 6.84 7.34
C ASP H 82 -53.12 5.65 6.55
N PHE H 83 -54.45 5.57 6.46
CA PHE H 83 -55.09 4.52 5.62
C PHE H 83 -55.57 5.03 4.31
N SER H 84 -55.13 6.21 3.86
CA SER H 84 -55.58 6.73 2.57
C SER H 84 -55.48 5.76 1.38
N PHE H 85 -54.43 4.95 1.31
CA PHE H 85 -54.26 3.95 0.24
C PHE H 85 -55.28 2.84 0.34
N VAL H 86 -55.43 2.27 1.53
CA VAL H 86 -56.43 1.21 1.72
C VAL H 86 -57.82 1.73 1.35
N ASP H 87 -58.14 2.97 1.73
CA ASP H 87 -59.42 3.58 1.37
C ASP H 87 -59.72 3.53 -0.14
N VAL H 88 -58.76 4.02 -0.92
CA VAL H 88 -58.95 4.18 -2.36
C VAL H 88 -58.90 2.79 -2.98
N LEU H 89 -58.06 1.91 -2.45
CA LEU H 89 -57.99 0.52 -2.94
C LEU H 89 -59.32 -0.19 -2.79
N LEU H 90 -59.90 -0.09 -1.61
CA LEU H 90 -61.20 -0.72 -1.36
C LEU H 90 -62.27 -0.18 -2.29
N LYS H 91 -62.35 1.17 -2.42
CA LYS H 91 -63.24 1.81 -3.40
C LYS H 91 -63.11 1.22 -4.81
N GLU H 92 -61.86 1.17 -5.27
CA GLU H 92 -61.59 0.89 -6.68
C GLU H 92 -61.78 -0.61 -7.00
N ALA H 93 -61.49 -1.49 -6.02
CA ALA H 93 -61.73 -2.94 -6.12
C ALA H 93 -63.25 -3.18 -6.21
N ARG H 94 -64.02 -2.50 -5.35
CA ARG H 94 -65.46 -2.70 -5.31
C ARG H 94 -66.10 -2.26 -6.61
N GLN H 95 -65.58 -1.18 -7.21
CA GLN H 95 -66.14 -0.67 -8.45
C GLN H 95 -66.00 -1.76 -9.48
N ARG H 96 -64.86 -2.46 -9.44
CA ARG H 96 -64.62 -3.56 -10.39
C ARG H 96 -65.21 -4.90 -9.99
N LYS H 97 -65.85 -4.96 -8.84
CA LYS H 97 -66.38 -6.23 -8.30
C LYS H 97 -65.32 -7.35 -8.31
N VAL H 98 -64.15 -7.06 -7.73
CA VAL H 98 -63.11 -8.06 -7.43
C VAL H 98 -62.86 -8.08 -5.92
N ARG H 99 -62.12 -9.08 -5.50
CA ARG H 99 -61.80 -9.28 -4.14
C ARG H 99 -60.33 -8.96 -3.94
N LEU H 100 -59.95 -8.80 -2.70
CA LEU H 100 -58.58 -8.43 -2.34
C LEU H 100 -57.90 -9.39 -1.36
N VAL H 101 -56.58 -9.60 -1.51
CA VAL H 101 -55.71 -10.26 -0.53
C VAL H 101 -54.64 -9.19 -0.26
N LEU H 102 -54.66 -8.67 0.96
CA LEU H 102 -53.69 -7.66 1.36
C LEU H 102 -52.48 -8.39 1.85
N LEU H 103 -51.31 -7.99 1.33
CA LEU H 103 -50.05 -8.49 1.82
C LEU H 103 -49.40 -7.50 2.80
N TRP H 104 -49.25 -7.96 4.03
CA TRP H 104 -48.68 -7.11 5.08
C TRP H 104 -47.16 -7.19 5.03
N PHE H 105 -46.55 -6.10 4.53
CA PHE H 105 -45.10 -5.97 4.34
C PHE H 105 -44.64 -5.18 5.55
N ALA H 106 -43.96 -5.86 6.46
CA ALA H 106 -43.70 -5.24 7.78
C ALA H 106 -42.34 -5.66 8.34
N THR H 107 -42.32 -6.52 9.37
CA THR H 107 -41.05 -6.97 9.95
C THR H 107 -40.15 -7.64 8.93
N TRP H 108 -40.73 -8.58 8.12
CA TRP H 108 -40.02 -9.15 6.96
C TRP H 108 -40.75 -8.95 5.64
N LYS H 109 -39.98 -8.59 4.61
CA LYS H 109 -40.39 -8.66 3.22
C LYS H 109 -39.12 -9.24 2.59
N ASN H 110 -39.18 -10.50 2.17
CA ASN H 110 -38.02 -11.14 1.56
C ASN H 110 -36.81 -10.99 2.50
N ASN H 111 -37.03 -11.31 3.79
CA ASN H 111 -35.97 -11.42 4.78
C ASN H 111 -35.62 -10.10 5.43
N ALA H 112 -36.04 -8.97 4.85
CA ALA H 112 -35.54 -7.67 5.23
C ALA H 112 -36.60 -6.65 5.64
N PRO H 113 -36.19 -5.59 6.36
CA PRO H 113 -37.13 -4.65 6.92
C PRO H 113 -37.25 -3.40 6.09
N HIS H 114 -37.16 -3.50 4.75
CA HIS H 114 -37.22 -2.31 3.90
C HIS H 114 -38.57 -1.59 3.92
N TYR H 115 -39.65 -2.32 4.22
CA TYR H 115 -40.99 -1.77 4.28
C TYR H 115 -41.45 -1.42 5.71
N ALA H 116 -40.60 -1.61 6.72
CA ALA H 116 -40.87 -1.04 8.01
C ALA H 116 -40.61 0.45 7.94
N PRO H 117 -41.33 1.23 8.74
CA PRO H 117 -41.09 2.67 8.75
C PRO H 117 -39.62 3.00 9.06
N ALA H 118 -39.22 4.23 8.74
CA ALA H 118 -37.85 4.68 9.00
C ALA H 118 -37.46 4.61 10.47
N TRP H 119 -38.41 5.07 11.32
CA TRP H 119 -38.26 5.03 12.79
C TRP H 119 -38.04 3.61 13.29
N VAL H 120 -38.57 2.60 12.56
CA VAL H 120 -38.28 1.20 12.87
C VAL H 120 -36.97 0.78 12.31
N LYS H 121 -36.86 0.77 10.97
CA LYS H 121 -35.67 0.16 10.30
C LYS H 121 -34.31 0.87 10.49
N LEU H 122 -34.35 2.13 10.94
CA LEU H 122 -33.11 2.84 11.25
C LEU H 122 -32.81 2.92 12.73
N ASP H 123 -33.62 2.25 13.57
CA ASP H 123 -33.36 2.15 15.01
C ASP H 123 -33.02 0.75 15.42
N ASN H 124 -31.79 0.35 15.17
CA ASN H 124 -31.40 -1.01 15.46
C ASN H 124 -31.41 -1.34 16.97
N ALA H 125 -30.95 -0.43 17.80
CA ALA H 125 -30.92 -0.74 19.23
C ALA H 125 -32.33 -1.04 19.82
N ARG H 126 -33.38 -0.41 19.29
CA ARG H 126 -34.78 -0.70 19.69
C ARG H 126 -35.30 -1.96 19.00
N PHE H 127 -34.96 -2.08 17.71
CA PHE H 127 -35.49 -3.06 16.80
C PHE H 127 -34.31 -3.85 16.21
N PRO H 128 -33.76 -4.79 16.98
CA PRO H 128 -32.52 -5.44 16.60
C PRO H 128 -32.51 -6.37 15.42
N ARG H 129 -31.41 -6.30 14.68
CA ARG H 129 -31.10 -7.22 13.64
C ARG H 129 -30.49 -8.51 14.08
N VAL H 130 -30.62 -9.47 13.19
CA VAL H 130 -29.86 -10.70 13.30
C VAL H 130 -28.36 -10.44 13.26
N VAL H 131 -27.68 -10.95 14.29
CA VAL H 131 -26.20 -11.01 14.34
C VAL H 131 -25.64 -12.39 13.97
N LYS H 132 -24.61 -12.43 13.12
CA LYS H 132 -24.04 -13.67 12.60
C LYS H 132 -23.15 -14.25 13.71
N GLU H 133 -22.72 -15.51 13.51
CA GLU H 133 -21.82 -16.24 14.45
C GLU H 133 -20.50 -15.50 14.63
N ASP H 134 -20.08 -14.75 13.60
CA ASP H 134 -18.83 -13.96 13.61
C ASP H 134 -18.95 -12.51 14.13
N GLY H 135 -20.16 -12.09 14.53
CA GLY H 135 -20.37 -10.77 15.11
C GLY H 135 -20.87 -9.73 14.11
N ASP H 136 -20.82 -10.05 12.81
CA ASP H 136 -21.33 -9.13 11.81
C ASP H 136 -22.87 -9.12 11.84
N THR H 137 -23.46 -8.08 11.28
CA THR H 137 -24.91 -7.85 11.32
C THR H 137 -25.50 -7.93 9.90
N LEU H 138 -26.54 -8.73 9.77
CA LEU H 138 -27.41 -8.78 8.57
C LEU H 138 -28.63 -7.89 8.65
N ASN H 139 -29.17 -7.46 7.50
CA ASN H 139 -30.32 -6.59 7.51
C ASN H 139 -31.58 -7.42 7.46
N SER H 140 -31.83 -8.07 8.60
CA SER H 140 -32.90 -9.02 8.80
C SER H 140 -33.23 -8.90 10.26
N LEU H 141 -34.45 -8.49 10.55
CA LEU H 141 -34.82 -8.23 11.94
C LEU H 141 -35.01 -9.53 12.80
N SER H 142 -34.49 -9.52 14.03
CA SER H 142 -34.55 -10.74 14.86
C SER H 142 -35.94 -10.96 15.35
N PRO H 143 -36.42 -12.23 15.25
CA PRO H 143 -37.73 -12.54 15.82
C PRO H 143 -37.74 -12.59 17.36
N LEU H 144 -36.61 -12.36 18.00
CA LEU H 144 -36.61 -12.17 19.44
C LEU H 144 -36.59 -10.71 19.88
N GLY H 145 -36.65 -9.76 18.94
CA GLY H 145 -36.89 -8.36 19.31
C GLY H 145 -38.34 -8.19 19.80
N GLN H 146 -38.54 -7.89 21.07
CA GLN H 146 -39.92 -7.76 21.60
C GLN H 146 -40.52 -6.38 21.33
N ASN H 147 -39.70 -5.34 21.14
CA ASN H 147 -40.25 -4.03 20.76
C ASN H 147 -40.78 -4.09 19.32
N THR H 148 -39.99 -4.77 18.48
CA THR H 148 -40.31 -5.02 17.06
C THR H 148 -41.64 -5.78 16.92
N LEU H 149 -41.76 -6.89 17.64
CA LEU H 149 -43.02 -7.66 17.66
C LEU H 149 -44.15 -6.80 18.17
N ALA H 150 -43.94 -6.08 19.27
CA ALA H 150 -44.98 -5.25 19.81
C ALA H 150 -45.40 -4.15 18.81
N ALA H 151 -44.41 -3.60 18.11
CA ALA H 151 -44.59 -2.51 17.17
C ALA H 151 -45.28 -3.03 15.89
N ASP H 152 -44.87 -4.20 15.42
CA ASP H 152 -45.51 -4.79 14.17
C ASP H 152 -46.96 -5.15 14.55
N LYS H 153 -47.12 -5.91 15.61
CA LYS H 153 -48.47 -6.21 16.14
C LYS H 153 -49.40 -4.96 16.29
N LYS H 154 -48.93 -3.90 16.94
CA LYS H 154 -49.78 -2.72 17.12
C LYS H 154 -50.23 -2.17 15.74
N ALA H 155 -49.30 -2.06 14.79
CA ALA H 155 -49.61 -1.55 13.46
C ALA H 155 -50.64 -2.40 12.71
N PHE H 156 -50.46 -3.71 12.82
CA PHE H 156 -51.27 -4.69 12.14
C PHE H 156 -52.68 -4.64 12.67
N VAL H 157 -52.78 -4.49 13.99
CA VAL H 157 -54.06 -4.29 14.65
C VAL H 157 -54.87 -3.09 14.14
N GLU H 158 -54.22 -1.96 13.96
CA GLU H 158 -54.87 -0.77 13.43
C GLU H 158 -55.38 -0.98 12.01
N LEU H 159 -54.57 -1.66 11.20
CA LEU H 159 -55.00 -2.07 9.87
C LEU H 159 -56.23 -2.98 9.91
N MET H 160 -56.26 -3.94 10.83
CA MET H 160 -57.43 -4.79 10.93
C MET H 160 -58.63 -4.02 11.44
N LYS H 161 -58.42 -3.09 12.39
CA LYS H 161 -59.47 -2.19 12.84
C LYS H 161 -60.05 -1.38 11.71
N TYR H 162 -59.18 -0.93 10.78
CA TYR H 162 -59.67 -0.24 9.62
C TYR H 162 -60.60 -1.17 8.81
N LEU H 163 -60.18 -2.42 8.58
CA LEU H 163 -61.00 -3.38 7.85
C LEU H 163 -62.33 -3.73 8.55
N ALA H 164 -62.26 -3.93 9.85
CA ALA H 164 -63.46 -4.20 10.66
C ALA H 164 -64.57 -3.17 10.47
N LYS H 165 -64.15 -1.90 10.53
CA LYS H 165 -65.03 -0.74 10.46
C LYS H 165 -65.42 -0.35 9.06
N ARG H 166 -64.49 -0.53 8.11
CA ARG H 166 -64.65 0.03 6.76
C ARG H 166 -64.85 -1.02 5.62
N ASP H 167 -64.83 -2.30 5.97
CA ASP H 167 -64.95 -3.38 4.98
C ASP H 167 -65.89 -4.51 5.49
N LYS H 168 -67.08 -4.08 5.87
CA LYS H 168 -68.17 -4.95 6.35
C LYS H 168 -68.63 -6.03 5.41
N ASP H 169 -68.45 -5.86 4.10
CA ASP H 169 -68.85 -6.88 3.12
C ASP H 169 -67.64 -7.77 2.77
N HIS H 170 -66.49 -7.56 3.40
CA HIS H 170 -65.30 -8.38 3.21
C HIS H 170 -64.76 -8.34 1.76
N THR H 171 -64.60 -7.15 1.19
CA THR H 171 -63.83 -6.98 -0.05
C THR H 171 -62.41 -7.64 0.07
N VAL H 172 -61.72 -7.32 1.15
CA VAL H 172 -60.55 -8.08 1.60
C VAL H 172 -60.98 -9.45 2.21
N ILE H 173 -60.59 -10.52 1.51
CA ILE H 173 -60.94 -11.88 1.94
C ILE H 173 -59.82 -12.64 2.69
N MET H 174 -58.56 -12.24 2.54
CA MET H 174 -57.45 -12.87 3.20
C MET H 174 -56.39 -11.85 3.43
N VAL H 175 -55.56 -12.09 4.42
CA VAL H 175 -54.41 -11.24 4.63
C VAL H 175 -53.16 -12.10 4.77
N GLN H 176 -52.09 -11.73 4.04
CA GLN H 176 -50.84 -12.37 4.18
C GLN H 176 -50.05 -11.61 5.25
N VAL H 177 -49.59 -12.31 6.25
CA VAL H 177 -48.80 -11.76 7.37
C VAL H 177 -47.33 -11.88 7.04
N GLN H 178 -46.70 -10.71 6.83
CA GLN H 178 -45.29 -10.59 6.38
C GLN H 178 -45.20 -11.08 4.95
N ASN H 179 -44.01 -10.96 4.31
CA ASN H 179 -43.82 -11.52 2.98
C ASN H 179 -42.50 -12.25 2.94
N GLU H 180 -42.49 -13.56 2.68
CA GLU H 180 -41.25 -14.32 2.64
C GLU H 180 -40.32 -14.02 3.85
N VAL H 181 -40.76 -14.45 5.02
CA VAL H 181 -39.96 -14.33 6.26
C VAL H 181 -38.69 -15.21 6.21
N GLY H 182 -37.76 -14.93 7.11
CA GLY H 182 -36.48 -15.61 7.17
C GLY H 182 -35.24 -14.77 7.07
N THR H 183 -34.09 -15.42 6.85
CA THR H 183 -32.79 -14.75 6.88
C THR H 183 -31.89 -15.41 5.85
N TYR H 184 -31.34 -14.60 4.93
CA TYR H 184 -30.29 -15.01 4.00
C TYR H 184 -28.98 -14.60 4.69
N GLY H 185 -27.97 -15.46 4.59
CA GLY H 185 -26.64 -15.17 5.17
C GLY H 185 -26.38 -15.71 6.56
N ALA H 186 -27.41 -16.15 7.26
CA ALA H 186 -27.22 -16.84 8.56
C ALA H 186 -28.36 -17.79 8.79
N VAL H 187 -28.12 -18.80 9.58
CA VAL H 187 -29.16 -19.76 9.93
C VAL H 187 -30.17 -19.17 10.92
N ARG H 188 -29.67 -18.33 11.84
CA ARG H 188 -30.44 -17.78 12.91
C ARG H 188 -29.79 -16.52 13.49
N ASP H 189 -30.41 -15.94 14.50
CA ASP H 189 -29.84 -14.89 15.32
C ASP H 189 -28.84 -15.49 16.30
N TYR H 190 -27.63 -14.92 16.33
CA TYR H 190 -26.56 -15.30 17.30
C TYR H 190 -26.17 -14.15 18.25
N SER H 191 -27.05 -13.15 18.36
CA SER H 191 -26.95 -12.07 19.34
C SER H 191 -26.94 -12.64 20.75
N PRO H 192 -26.43 -11.88 21.71
CA PRO H 192 -26.51 -12.35 23.10
C PRO H 192 -27.95 -12.57 23.58
N MET H 193 -28.86 -11.69 23.15
CA MET H 193 -30.28 -11.92 23.42
C MET H 193 -30.71 -13.29 22.88
N ALA H 194 -30.34 -13.61 21.63
CA ALA H 194 -30.77 -14.88 21.03
C ALA H 194 -30.04 -16.12 21.59
N GLN H 195 -28.76 -15.95 21.95
CA GLN H 195 -28.00 -17.04 22.61
C GLN H 195 -28.54 -17.41 23.99
N ALA H 196 -29.11 -16.44 24.72
CA ALA H 196 -29.73 -16.72 26.03
C ALA H 196 -30.99 -17.61 25.91
N VAL H 197 -31.76 -17.46 24.83
CA VAL H 197 -32.93 -18.31 24.58
C VAL H 197 -32.52 -19.66 23.98
N PHE H 198 -31.51 -19.67 23.11
CA PHE H 198 -31.00 -20.90 22.46
C PHE H 198 -30.41 -21.87 23.45
N ASN H 199 -29.61 -21.31 24.36
CA ASN H 199 -28.89 -22.04 25.42
C ASN H 199 -29.80 -22.20 26.62
N ALA H 200 -30.97 -22.77 26.36
CA ALA H 200 -32.00 -23.01 27.36
C ALA H 200 -32.96 -24.07 26.84
N ALA H 201 -33.92 -24.41 27.70
CA ALA H 201 -34.96 -25.38 27.38
C ALA H 201 -35.76 -24.95 26.14
N VAL H 202 -36.06 -25.95 25.32
CA VAL H 202 -37.09 -25.89 24.29
C VAL H 202 -38.42 -25.74 25.06
N PRO H 203 -39.36 -24.88 24.58
CA PRO H 203 -40.62 -24.69 25.31
C PRO H 203 -41.53 -25.93 25.42
N ASP H 204 -42.18 -26.05 26.57
CA ASP H 204 -43.12 -27.14 26.91
C ASP H 204 -44.04 -27.50 25.75
N ASP H 205 -44.67 -26.50 25.17
CA ASP H 205 -45.65 -26.76 24.12
C ASP H 205 -45.04 -27.40 22.88
N LEU H 206 -43.83 -27.00 22.46
CA LEU H 206 -43.22 -27.61 21.27
C LEU H 206 -42.74 -29.04 21.52
N ILE H 207 -42.19 -29.25 22.72
CA ILE H 207 -41.86 -30.56 23.24
C ILE H 207 -43.03 -31.51 23.13
N GLN H 208 -44.18 -31.09 23.67
CA GLN H 208 -45.41 -31.92 23.71
C GLN H 208 -45.94 -32.19 22.32
N LYS H 209 -46.15 -31.13 21.55
CA LYS H 209 -46.76 -31.25 20.22
C LYS H 209 -45.97 -32.10 19.22
N LEU H 210 -44.64 -32.18 19.37
CA LEU H 210 -43.78 -33.01 18.53
C LEU H 210 -43.31 -34.31 19.24
N GLN H 211 -43.87 -34.58 20.42
CA GLN H 211 -43.59 -35.83 21.16
C GLN H 211 -42.08 -36.07 21.33
N LEU H 212 -41.40 -35.08 21.91
CA LEU H 212 -39.95 -35.13 22.10
C LEU H 212 -39.56 -35.26 23.56
N LYS H 213 -38.34 -35.73 23.82
CA LYS H 213 -37.79 -35.71 25.18
C LYS H 213 -37.42 -34.26 25.52
N PRO H 214 -37.53 -33.82 26.79
CA PRO H 214 -37.12 -32.47 27.16
C PRO H 214 -35.62 -32.20 26.97
N GLY H 215 -35.26 -30.92 26.90
CA GLY H 215 -33.87 -30.51 26.81
C GLY H 215 -33.72 -29.13 26.19
N THR H 216 -32.47 -28.74 25.96
CA THR H 216 -32.16 -27.50 25.27
C THR H 216 -32.27 -27.73 23.76
N TRP H 217 -32.11 -26.68 22.95
CA TRP H 217 -32.29 -26.78 21.49
C TRP H 217 -31.30 -27.73 20.82
N SER H 218 -30.05 -27.62 21.24
CA SER H 218 -28.96 -28.40 20.71
C SER H 218 -29.13 -29.87 21.08
N GLN H 219 -29.60 -30.15 22.29
CA GLN H 219 -29.80 -31.53 22.78
C GLN H 219 -30.96 -32.18 22.05
N VAL H 220 -32.11 -31.50 22.13
CA VAL H 220 -33.34 -31.99 21.51
C VAL H 220 -33.23 -32.11 19.99
N PHE H 221 -32.79 -31.05 19.30
CA PHE H 221 -32.79 -31.03 17.80
C PHE H 221 -31.40 -31.20 17.11
N GLY H 222 -30.31 -31.21 17.90
CA GLY H 222 -28.98 -31.54 17.35
C GLY H 222 -28.50 -30.63 16.22
N ARG H 223 -28.13 -31.25 15.09
CA ARG H 223 -27.68 -30.56 13.86
C ARG H 223 -28.74 -29.59 13.32
N ASP H 224 -30.02 -29.90 13.57
CA ASP H 224 -31.15 -29.05 13.14
C ASP H 224 -31.46 -27.85 14.05
N ALA H 225 -30.77 -27.72 15.18
CA ALA H 225 -31.16 -26.82 16.26
C ALA H 225 -31.25 -25.34 15.85
N ASP H 226 -30.25 -24.91 15.10
CA ASP H 226 -30.09 -23.48 14.76
C ASP H 226 -31.26 -23.06 13.85
N GLU H 227 -31.54 -23.90 12.88
CA GLU H 227 -32.57 -23.60 11.85
C GLU H 227 -33.97 -23.67 12.48
N PHE H 228 -34.15 -24.68 13.31
CA PHE H 228 -35.43 -24.96 13.96
C PHE H 228 -35.79 -23.88 14.95
N PHE H 229 -34.77 -23.41 15.69
CA PHE H 229 -34.86 -22.28 16.58
C PHE H 229 -35.39 -21.06 15.79
N HIS H 230 -34.75 -20.74 14.67
CA HIS H 230 -35.09 -19.55 13.84
C HIS H 230 -36.53 -19.67 13.34
N ALA H 231 -36.82 -20.84 12.81
CA ALA H 231 -38.20 -21.16 12.36
C ALA H 231 -39.24 -21.12 13.48
N TYR H 232 -38.94 -21.75 14.65
CA TYR H 232 -39.81 -21.58 15.81
C TYR H 232 -40.08 -20.10 16.15
N GLN H 233 -39.01 -19.32 16.26
CA GLN H 233 -39.12 -17.97 16.83
C GLN H 233 -39.84 -17.05 15.86
N ILE H 234 -39.51 -17.20 14.58
CA ILE H 234 -40.24 -16.50 13.52
C ILE H 234 -41.75 -16.94 13.51
N ALA H 235 -42.01 -18.25 13.60
CA ALA H 235 -43.40 -18.74 13.62
C ALA H 235 -44.27 -18.22 14.81
N ARG H 236 -43.72 -18.27 16.03
CA ARG H 236 -44.31 -17.57 17.20
C ARG H 236 -44.60 -16.10 16.96
N TYR H 237 -43.64 -15.40 16.35
CA TYR H 237 -43.75 -13.95 16.07
C TYR H 237 -44.92 -13.71 15.11
N CYS H 238 -44.94 -14.43 14.03
CA CYS H 238 -46.04 -14.35 13.02
C CYS H 238 -47.43 -14.78 13.63
N ASP H 239 -47.42 -15.80 14.48
CA ASP H 239 -48.63 -16.22 15.18
C ASP H 239 -49.20 -15.18 16.13
N GLU H 240 -48.35 -14.54 16.97
CA GLU H 240 -48.85 -13.46 17.81
C GLU H 240 -49.40 -12.27 17.02
N VAL H 241 -48.74 -11.89 15.91
CA VAL H 241 -49.24 -10.85 15.05
C VAL H 241 -50.60 -11.32 14.54
N THR H 242 -50.63 -12.55 14.03
CA THR H 242 -51.87 -13.09 13.42
C THR H 242 -53.04 -13.05 14.45
N VAL H 243 -52.77 -13.57 15.67
CA VAL H 243 -53.81 -13.59 16.75
C VAL H 243 -54.36 -12.19 17.07
N ALA H 244 -53.44 -11.25 17.28
CA ALA H 244 -53.79 -9.88 17.58
C ALA H 244 -54.72 -9.33 16.51
N GLY H 245 -54.41 -9.66 15.25
CA GLY H 245 -55.18 -9.21 14.12
C GLY H 245 -56.56 -9.88 14.05
N LYS H 246 -56.59 -11.21 14.15
CA LYS H 246 -57.83 -12.01 14.15
C LYS H 246 -58.75 -11.62 15.31
N ALA H 247 -58.19 -11.22 16.44
CA ALA H 247 -59.04 -10.69 17.51
C ALA H 247 -59.88 -9.47 17.13
N ILE H 248 -59.39 -8.63 16.22
CA ILE H 248 -60.12 -7.45 15.74
C ILE H 248 -61.07 -7.92 14.64
N LYS H 249 -60.56 -8.73 13.71
CA LYS H 249 -61.46 -9.27 12.65
C LYS H 249 -60.87 -10.59 12.13
N ASN H 250 -61.63 -11.69 12.28
CA ASN H 250 -61.07 -13.02 12.06
C ASN H 250 -61.05 -13.49 10.60
N LEU H 251 -60.35 -12.73 9.73
CA LEU H 251 -60.15 -13.18 8.34
C LEU H 251 -59.12 -14.28 8.32
N PRO H 252 -59.14 -15.16 7.30
CA PRO H 252 -58.02 -16.07 7.09
C PRO H 252 -56.73 -15.37 6.87
N MET H 253 -55.66 -15.93 7.41
CA MET H 253 -54.39 -15.28 7.31
C MET H 253 -53.40 -16.37 7.07
N TYR H 254 -52.38 -16.06 6.30
CA TYR H 254 -51.50 -17.07 5.90
C TYR H 254 -50.11 -16.41 5.77
N VAL H 255 -49.16 -17.27 5.52
CA VAL H 255 -47.78 -16.85 5.27
C VAL H 255 -47.29 -17.55 4.01
N ASN H 256 -46.34 -16.90 3.30
CA ASN H 256 -45.95 -17.31 1.98
C ASN H 256 -44.44 -17.57 1.95
N VAL H 257 -44.02 -18.69 1.38
CA VAL H 257 -42.67 -19.19 1.62
C VAL H 257 -41.69 -18.97 0.49
N ALA H 258 -40.53 -18.43 0.85
CA ALA H 258 -39.40 -18.40 -0.09
C ALA H 258 -38.88 -19.82 -0.13
N LEU H 259 -39.17 -20.51 -1.19
CA LEU H 259 -38.94 -21.99 -1.22
C LEU H 259 -37.44 -22.32 -1.30
N ARG H 260 -37.09 -23.43 -0.67
CA ARG H 260 -35.82 -24.08 -0.92
C ARG H 260 -36.11 -25.14 -1.96
N ASN H 261 -35.11 -25.48 -2.75
CA ASN H 261 -35.27 -26.46 -3.78
C ASN H 261 -35.53 -27.82 -3.05
N PRO H 262 -36.66 -28.47 -3.36
CA PRO H 262 -37.13 -29.67 -2.66
C PRO H 262 -36.24 -30.92 -2.76
N PHE H 263 -35.54 -31.05 -3.89
N PHE H 263 -35.52 -31.05 -3.88
CA PHE H 263 -34.58 -32.13 -4.17
CA PHE H 263 -34.55 -32.13 -4.08
C PHE H 263 -33.17 -31.74 -3.77
C PHE H 263 -33.20 -31.78 -3.46
N ASN H 264 -32.86 -30.45 -3.84
N ASN H 264 -32.61 -30.69 -3.95
CA ASN H 264 -31.48 -30.01 -3.87
CA ASN H 264 -31.26 -30.31 -3.55
C ASN H 264 -31.32 -28.68 -3.10
C ASN H 264 -31.28 -28.86 -3.06
N PRO H 265 -31.72 -28.66 -1.80
CA PRO H 265 -31.87 -27.34 -1.18
C PRO H 265 -30.58 -26.54 -0.96
N GLY H 266 -29.48 -27.23 -0.72
CA GLY H 266 -28.34 -26.61 -0.02
C GLY H 266 -28.67 -26.19 1.40
N LEU H 267 -27.91 -25.23 1.92
CA LEU H 267 -27.93 -24.94 3.35
C LEU H 267 -28.85 -23.75 3.69
N PRO H 268 -29.43 -23.74 4.91
CA PRO H 268 -30.12 -22.56 5.44
C PRO H 268 -29.19 -21.35 5.50
N GLY H 269 -29.72 -20.20 5.05
CA GLY H 269 -28.93 -18.99 4.84
C GLY H 269 -28.64 -18.74 3.36
N GLN H 270 -28.46 -19.81 2.59
CA GLN H 270 -28.41 -19.78 1.14
C GLN H 270 -29.85 -19.65 0.63
N TYR H 271 -30.72 -20.55 1.12
CA TYR H 271 -32.15 -20.28 1.12
C TYR H 271 -32.50 -19.48 2.36
N SER H 272 -33.73 -18.94 2.39
CA SER H 272 -34.20 -18.08 3.49
C SER H 272 -34.50 -18.97 4.67
N SER H 273 -33.53 -18.98 5.59
CA SER H 273 -33.63 -19.73 6.83
C SER H 273 -34.78 -19.25 7.69
N GLY H 274 -35.61 -20.20 8.17
CA GLY H 274 -36.62 -19.93 9.20
C GLY H 274 -38.03 -19.76 8.64
N GLY H 275 -38.15 -19.45 7.35
CA GLY H 275 -39.47 -19.45 6.70
C GLY H 275 -39.96 -20.88 6.67
N GLY H 276 -41.13 -21.08 6.07
CA GLY H 276 -41.83 -22.42 6.14
C GLY H 276 -41.42 -23.37 5.09
N THR H 277 -40.10 -23.61 4.97
CA THR H 277 -39.53 -24.55 4.03
C THR H 277 -39.98 -25.94 4.43
N ASP H 278 -39.92 -26.83 3.47
CA ASP H 278 -40.56 -28.15 3.63
C ASP H 278 -40.10 -28.91 4.89
N ASN H 279 -38.82 -28.73 5.19
CA ASN H 279 -38.21 -29.37 6.35
C ASN H 279 -38.58 -28.79 7.73
N VAL H 280 -39.22 -27.62 7.76
CA VAL H 280 -39.70 -27.04 9.00
C VAL H 280 -41.24 -26.89 9.05
N LEU H 281 -41.96 -27.52 8.13
CA LEU H 281 -43.42 -27.42 8.17
C LEU H 281 -43.99 -27.83 9.54
N HIS H 282 -43.49 -28.94 10.11
CA HIS H 282 -43.83 -29.37 11.50
C HIS H 282 -43.62 -28.38 12.61
N ILE H 283 -42.49 -27.66 12.56
CA ILE H 283 -42.21 -26.62 13.51
C ILE H 283 -43.21 -25.49 13.34
N TRP H 284 -43.35 -25.03 12.11
CA TRP H 284 -44.33 -23.98 11.78
C TRP H 284 -45.74 -24.37 12.20
N LYS H 285 -46.14 -25.59 11.88
CA LYS H 285 -47.45 -26.06 12.26
C LYS H 285 -47.63 -26.18 13.78
N ALA H 286 -46.61 -26.62 14.51
CA ALA H 286 -46.69 -26.68 15.99
C ALA H 286 -46.63 -25.29 16.63
N ALA H 287 -45.75 -24.43 16.08
CA ALA H 287 -45.50 -23.11 16.66
C ALA H 287 -46.53 -22.04 16.36
N ALA H 288 -47.34 -22.22 15.31
CA ALA H 288 -48.18 -21.15 14.82
C ALA H 288 -49.56 -21.70 14.45
N PRO H 289 -50.30 -22.19 15.45
CA PRO H 289 -51.60 -22.84 15.15
C PRO H 289 -52.72 -21.89 14.70
N ASN H 290 -52.55 -20.58 14.90
CA ASN H 290 -53.49 -19.58 14.45
C ASN H 290 -53.29 -19.14 13.00
N ILE H 291 -52.16 -19.50 12.37
CA ILE H 291 -51.97 -19.21 10.96
C ILE H 291 -52.71 -20.26 10.10
N ASP H 292 -53.56 -19.83 9.18
CA ASP H 292 -54.46 -20.77 8.46
C ASP H 292 -53.72 -21.68 7.52
N LEU H 293 -52.74 -21.15 6.77
CA LEU H 293 -52.05 -22.03 5.83
C LEU H 293 -50.63 -21.49 5.58
N ILE H 294 -49.77 -22.38 5.12
CA ILE H 294 -48.41 -22.07 4.61
C ILE H 294 -48.39 -22.16 3.08
N ALA H 295 -48.14 -21.05 2.38
CA ALA H 295 -48.37 -21.00 0.94
C ALA H 295 -47.00 -21.01 0.24
N PRO H 296 -46.85 -21.76 -0.80
CA PRO H 296 -45.55 -21.81 -1.47
C PRO H 296 -45.49 -20.74 -2.54
N ASP H 297 -44.29 -20.13 -2.72
CA ASP H 297 -43.99 -19.12 -3.78
C ASP H 297 -43.15 -19.79 -4.85
N ILE H 298 -43.76 -19.99 -6.01
CA ILE H 298 -43.16 -20.88 -7.00
C ILE H 298 -42.45 -20.12 -8.11
N TYR H 299 -41.11 -20.16 -8.12
CA TYR H 299 -40.40 -19.64 -9.31
C TYR H 299 -39.60 -20.68 -10.10
N PHE H 300 -39.61 -21.95 -9.63
CA PHE H 300 -39.13 -23.05 -10.45
C PHE H 300 -40.06 -23.23 -11.65
N ARG H 301 -39.46 -23.41 -12.84
CA ARG H 301 -40.19 -23.48 -14.12
CA ARG H 301 -40.20 -23.47 -14.10
C ARG H 301 -40.54 -24.91 -14.51
N ASP H 302 -39.78 -25.86 -14.00
CA ASP H 302 -39.77 -27.21 -14.55
C ASP H 302 -40.79 -28.06 -13.84
N TYR H 303 -41.43 -28.88 -14.63
CA TYR H 303 -42.60 -29.63 -14.16
C TYR H 303 -42.27 -30.50 -12.95
N LYS H 304 -41.12 -31.20 -12.95
CA LYS H 304 -40.77 -32.12 -11.81
C LYS H 304 -40.70 -31.43 -10.44
N THR H 305 -40.09 -30.27 -10.43
CA THR H 305 -39.83 -29.54 -9.20
C THR H 305 -41.15 -28.89 -8.79
N VAL H 306 -41.82 -28.24 -9.73
CA VAL H 306 -43.13 -27.64 -9.37
C VAL H 306 -44.07 -28.68 -8.84
N SER H 307 -44.15 -29.82 -9.55
CA SER H 307 -44.96 -30.95 -9.08
C SER H 307 -44.60 -31.38 -7.65
N LYS H 308 -43.28 -31.53 -7.33
CA LYS H 308 -42.87 -31.90 -5.99
C LYS H 308 -43.30 -30.84 -4.92
N VAL H 309 -43.19 -29.54 -5.27
CA VAL H 309 -43.62 -28.50 -4.38
C VAL H 309 -45.11 -28.60 -4.06
N LEU H 310 -45.93 -28.76 -5.11
CA LEU H 310 -47.39 -28.85 -4.93
C LEU H 310 -47.67 -30.07 -4.03
N GLU H 311 -46.88 -31.12 -4.19
CA GLU H 311 -46.99 -32.33 -3.32
C GLU H 311 -46.70 -32.03 -1.88
N LEU H 312 -45.53 -31.40 -1.61
CA LEU H 312 -45.15 -31.10 -0.25
C LEU H 312 -46.09 -30.16 0.53
N TYR H 313 -46.71 -29.20 -0.17
CA TYR H 313 -47.49 -28.11 0.48
C TYR H 313 -48.98 -28.44 0.59
N THR H 314 -49.39 -29.49 -0.15
CA THR H 314 -50.79 -30.00 -0.04
C THR H 314 -50.76 -31.17 0.98
N ARG H 315 -51.37 -30.91 2.13
CA ARG H 315 -51.35 -31.86 3.26
C ARG H 315 -52.73 -31.81 3.88
N PRO H 316 -53.08 -32.81 4.69
CA PRO H 316 -54.31 -32.68 5.44
C PRO H 316 -54.39 -31.46 6.35
N ASP H 317 -53.23 -31.03 6.85
CA ASP H 317 -53.17 -29.87 7.75
C ASP H 317 -52.83 -28.54 7.05
N ASN H 318 -52.97 -28.49 5.73
CA ASN H 318 -52.47 -27.32 4.95
C ASN H 318 -53.11 -27.22 3.60
N ALA H 319 -54.06 -26.28 3.48
CA ALA H 319 -54.63 -25.92 2.17
C ALA H 319 -53.54 -25.44 1.18
N LEU H 320 -53.70 -25.81 -0.07
CA LEU H 320 -52.78 -25.45 -1.12
C LEU H 320 -53.24 -24.11 -1.68
N PHE H 321 -52.36 -23.11 -1.54
CA PHE H 321 -52.55 -21.77 -2.09
C PHE H 321 -51.23 -21.36 -2.75
N VAL H 322 -51.24 -21.24 -4.06
CA VAL H 322 -50.07 -20.82 -4.85
C VAL H 322 -50.01 -19.25 -4.77
N ALA H 323 -49.35 -18.77 -3.73
CA ALA H 323 -49.46 -17.36 -3.36
C ALA H 323 -48.68 -16.47 -4.31
N GLU H 324 -47.71 -17.09 -4.93
CA GLU H 324 -46.93 -16.37 -5.93
C GLU H 324 -46.48 -17.41 -6.91
N ILE H 325 -46.49 -17.07 -8.19
CA ILE H 325 -45.87 -17.85 -9.24
C ILE H 325 -45.43 -16.91 -10.38
N GLY H 326 -44.40 -17.32 -11.11
CA GLY H 326 -43.98 -16.51 -12.29
C GLY H 326 -45.04 -16.25 -13.33
N ASN H 327 -44.84 -15.21 -14.11
CA ASN H 327 -45.80 -14.79 -15.07
C ASN H 327 -45.33 -15.10 -16.47
N ASP H 328 -44.27 -15.89 -16.61
CA ASP H 328 -43.84 -16.30 -17.91
C ASP H 328 -44.67 -17.50 -18.36
N GLN H 329 -44.70 -17.69 -19.66
CA GLN H 329 -45.65 -18.60 -20.30
C GLN H 329 -45.62 -20.01 -19.70
N PRO H 330 -44.43 -20.61 -19.39
CA PRO H 330 -44.45 -21.99 -18.84
C PRO H 330 -45.25 -22.16 -17.55
N PHE H 331 -45.51 -21.08 -16.78
CA PHE H 331 -46.12 -21.20 -15.49
C PHE H 331 -47.62 -21.30 -15.58
N ALA H 332 -48.26 -20.84 -16.67
CA ALA H 332 -49.74 -20.80 -16.70
C ALA H 332 -50.37 -22.18 -16.47
N ARG H 333 -49.83 -23.19 -17.12
CA ARG H 333 -50.43 -24.54 -17.07
C ARG H 333 -50.43 -25.12 -15.67
N TYR H 334 -49.60 -24.61 -14.76
CA TYR H 334 -49.62 -25.12 -13.37
C TYR H 334 -50.92 -24.83 -12.60
N LEU H 335 -51.78 -24.00 -13.15
CA LEU H 335 -53.14 -23.84 -12.63
C LEU H 335 -53.85 -25.18 -12.51
N PHE H 336 -53.62 -26.05 -13.48
CA PHE H 336 -54.40 -27.28 -13.54
C PHE H 336 -54.04 -28.26 -12.42
N PRO H 337 -52.75 -28.62 -12.24
CA PRO H 337 -52.43 -29.47 -11.07
C PRO H 337 -52.80 -28.81 -9.72
N THR H 338 -52.66 -27.50 -9.61
CA THR H 338 -52.96 -26.77 -8.40
C THR H 338 -54.41 -27.04 -8.02
N LEU H 339 -55.31 -26.82 -9.01
CA LEU H 339 -56.74 -26.99 -8.72
C LEU H 339 -57.07 -28.47 -8.55
N GLY H 340 -56.40 -29.32 -9.34
CA GLY H 340 -56.52 -30.83 -9.14
C GLY H 340 -56.18 -31.35 -7.74
N LYS H 341 -55.21 -30.72 -7.07
CA LYS H 341 -54.89 -31.07 -5.68
C LYS H 341 -55.83 -30.47 -4.63
N GLY H 342 -56.86 -29.73 -5.06
CA GLY H 342 -57.78 -29.11 -4.18
C GLY H 342 -57.34 -27.72 -3.79
N GLY H 343 -56.40 -27.17 -4.54
CA GLY H 343 -56.03 -25.78 -4.27
C GLY H 343 -57.13 -24.72 -4.23
N ILE H 344 -56.95 -23.77 -3.32
CA ILE H 344 -57.90 -22.72 -3.11
C ILE H 344 -57.55 -21.56 -3.97
N GLY H 345 -56.34 -21.55 -4.55
CA GLY H 345 -55.98 -20.39 -5.34
C GLY H 345 -54.65 -20.40 -6.05
N PHE H 346 -54.41 -19.35 -6.84
CA PHE H 346 -53.24 -19.31 -7.74
C PHE H 346 -53.03 -17.83 -8.08
N SER H 347 -51.84 -17.30 -7.87
CA SER H 347 -51.60 -15.83 -7.98
C SER H 347 -50.31 -15.52 -8.68
N PRO H 348 -50.39 -15.41 -10.04
CA PRO H 348 -49.14 -15.00 -10.73
C PRO H 348 -48.68 -13.59 -10.38
N PHE H 349 -47.37 -13.40 -10.42
CA PHE H 349 -46.73 -12.23 -9.93
C PHE H 349 -46.36 -11.25 -11.04
N GLY H 350 -46.42 -9.97 -10.68
CA GLY H 350 -46.09 -8.88 -11.57
C GLY H 350 -47.07 -8.54 -12.64
N MET H 351 -48.36 -8.71 -12.37
CA MET H 351 -49.35 -8.45 -13.35
C MET H 351 -49.82 -7.02 -13.32
N ASP H 352 -48.93 -6.13 -13.72
CA ASP H 352 -49.22 -4.73 -13.86
C ASP H 352 -48.22 -4.11 -14.84
N ASP H 353 -48.58 -2.90 -15.28
CA ASP H 353 -47.85 -2.13 -16.31
C ASP H 353 -47.07 -0.97 -15.65
N THR H 354 -46.46 -1.21 -14.50
CA THR H 354 -45.66 -0.17 -13.82
C THR H 354 -44.18 -0.19 -14.31
N ASP H 355 -43.90 -0.69 -15.50
CA ASP H 355 -42.53 -0.66 -16.06
C ASP H 355 -41.50 -1.41 -15.20
N TYR H 356 -41.82 -2.67 -14.88
CA TYR H 356 -40.89 -3.53 -14.14
C TYR H 356 -41.09 -4.97 -14.56
N THR H 357 -40.00 -5.66 -14.86
CA THR H 357 -40.07 -7.09 -15.11
C THR H 357 -38.96 -7.73 -14.31
N ASN H 358 -39.26 -8.88 -13.70
CA ASN H 358 -38.30 -9.60 -12.88
C ASN H 358 -37.59 -10.76 -13.60
N TYR H 359 -37.75 -10.81 -14.94
CA TYR H 359 -36.91 -11.66 -15.79
C TYR H 359 -35.47 -11.55 -15.26
N PRO H 360 -34.75 -12.65 -15.08
CA PRO H 360 -35.07 -13.99 -15.58
C PRO H 360 -36.14 -14.86 -14.86
N LEU H 361 -36.63 -14.40 -13.71
CA LEU H 361 -37.66 -15.17 -12.96
C LEU H 361 -38.96 -15.20 -13.78
N GLY H 362 -39.51 -14.02 -14.10
CA GLY H 362 -40.72 -13.84 -14.91
C GLY H 362 -40.51 -13.63 -16.41
N ALA H 363 -41.58 -13.22 -17.09
CA ALA H 363 -41.58 -12.76 -18.49
C ALA H 363 -40.60 -11.63 -18.82
N LYS H 364 -39.84 -11.87 -19.87
CA LYS H 364 -38.88 -10.90 -20.42
C LYS H 364 -39.58 -9.60 -20.78
N VAL H 365 -40.79 -9.71 -21.34
CA VAL H 365 -41.54 -8.61 -21.90
C VAL H 365 -42.97 -8.74 -21.34
N TYR H 366 -43.46 -7.65 -20.74
CA TYR H 366 -44.86 -7.64 -20.22
C TYR H 366 -45.78 -6.97 -21.22
N ASN H 367 -46.61 -7.76 -21.88
CA ASN H 367 -47.54 -7.19 -22.83
C ASN H 367 -48.80 -8.04 -22.84
N ASP H 368 -49.73 -7.73 -23.72
CA ASP H 368 -51.03 -8.39 -23.77
C ASP H 368 -50.89 -9.89 -24.00
N GLU H 369 -49.90 -10.30 -24.77
CA GLU H 369 -49.63 -11.74 -24.94
C GLU H 369 -49.23 -12.44 -23.63
N THR H 370 -48.47 -11.75 -22.79
CA THR H 370 -48.03 -12.29 -21.54
C THR H 370 -49.27 -12.56 -20.72
N ILE H 371 -50.13 -11.55 -20.66
CA ILE H 371 -51.37 -11.69 -19.84
C ILE H 371 -52.26 -12.79 -20.43
N GLU H 372 -52.40 -12.80 -21.75
CA GLU H 372 -53.25 -13.79 -22.47
C GLU H 372 -52.95 -15.24 -22.10
N GLN H 373 -51.68 -15.60 -21.82
CA GLN H 373 -51.38 -17.02 -21.53
C GLN H 373 -52.11 -17.40 -20.22
N PHE H 374 -52.33 -16.47 -19.30
CA PHE H 374 -53.13 -16.75 -18.08
C PHE H 374 -54.61 -16.53 -18.30
N ALA H 375 -54.98 -15.51 -19.08
CA ALA H 375 -56.34 -15.27 -19.50
C ALA H 375 -56.96 -16.55 -20.01
N GLN H 376 -56.21 -17.28 -20.82
CA GLN H 376 -56.73 -18.45 -21.55
C GLN H 376 -57.02 -19.58 -20.59
N VAL H 377 -56.20 -19.78 -19.58
CA VAL H 377 -56.53 -20.83 -18.57
C VAL H 377 -57.63 -20.35 -17.59
N TYR H 378 -57.62 -19.08 -17.18
CA TYR H 378 -58.68 -18.61 -16.27
C TYR H 378 -60.04 -18.70 -16.95
N ARG H 379 -60.11 -18.45 -18.26
CA ARG H 379 -61.38 -18.65 -19.00
C ARG H 379 -61.98 -20.07 -18.87
N LEU H 380 -61.19 -21.09 -18.56
CA LEU H 380 -61.74 -22.47 -18.32
C LEU H 380 -62.42 -22.55 -16.98
N VAL H 381 -62.00 -21.73 -16.01
CA VAL H 381 -62.44 -21.92 -14.63
C VAL H 381 -63.48 -20.95 -14.18
N ASN H 382 -63.35 -19.71 -14.60
CA ASN H 382 -64.31 -18.66 -14.25
C ASN H 382 -65.78 -19.03 -14.46
N PRO H 383 -66.13 -19.65 -15.61
CA PRO H 383 -67.57 -19.97 -15.86
C PRO H 383 -68.13 -21.08 -14.91
N MET H 384 -67.26 -21.75 -14.19
CA MET H 384 -67.65 -22.78 -13.21
C MET H 384 -67.03 -22.55 -11.84
N MET H 385 -66.67 -21.32 -11.49
CA MET H 385 -65.77 -21.16 -10.35
C MET H 385 -66.35 -21.75 -9.10
N ARG H 386 -67.57 -21.35 -8.80
CA ARG H 386 -68.23 -21.80 -7.55
C ARG H 386 -68.51 -23.30 -7.55
N GLU H 387 -68.96 -23.81 -8.69
CA GLU H 387 -69.27 -25.21 -8.82
C GLU H 387 -68.01 -26.07 -8.65
N TRP H 388 -66.91 -25.64 -9.28
CA TRP H 388 -65.66 -26.34 -9.16
C TRP H 388 -65.18 -26.29 -7.74
N ALA H 389 -65.25 -25.10 -7.16
CA ALA H 389 -64.82 -24.93 -5.76
C ALA H 389 -65.50 -25.90 -4.76
N ARG H 390 -66.81 -26.03 -4.95
CA ARG H 390 -67.61 -26.94 -4.13
C ARG H 390 -67.23 -28.38 -4.36
N LEU H 391 -67.11 -28.78 -5.61
CA LEU H 391 -66.74 -30.16 -5.97
C LEU H 391 -65.39 -30.59 -5.39
N SER H 392 -64.51 -29.60 -5.38
CA SER H 392 -63.14 -29.75 -4.93
C SER H 392 -63.17 -30.07 -3.45
N TYR H 393 -63.87 -29.26 -2.68
CA TYR H 393 -63.94 -29.41 -1.25
C TYR H 393 -64.69 -30.69 -0.79
N GLN H 394 -65.81 -30.99 -1.47
CA GLN H 394 -66.84 -31.97 -1.06
C GLN H 394 -66.86 -33.26 -1.86
N GLY H 395 -66.05 -33.31 -2.91
CA GLY H 395 -66.06 -34.43 -3.82
C GLY H 395 -64.67 -34.74 -4.33
N GLN H 396 -64.61 -35.14 -5.61
CA GLN H 396 -63.40 -35.63 -6.24
C GLN H 396 -63.15 -34.83 -7.52
N VAL H 397 -61.93 -34.29 -7.57
CA VAL H 397 -61.42 -33.55 -8.68
C VAL H 397 -60.03 -34.04 -8.97
N TRP H 398 -59.59 -33.80 -10.19
CA TRP H 398 -58.29 -34.17 -10.67
C TRP H 398 -57.83 -33.04 -11.55
N GLY H 399 -56.53 -32.94 -11.73
CA GLY H 399 -55.97 -31.89 -12.54
C GLY H 399 -54.55 -32.19 -12.95
N VAL H 400 -54.23 -31.94 -14.22
CA VAL H 400 -52.94 -32.31 -14.78
C VAL H 400 -52.46 -31.30 -15.77
N ALA H 401 -51.12 -31.20 -15.86
CA ALA H 401 -50.47 -30.27 -16.78
C ALA H 401 -49.51 -31.06 -17.63
N GLU H 402 -49.17 -30.50 -18.79
CA GLU H 402 -48.26 -31.14 -19.75
C GLU H 402 -46.90 -31.35 -19.06
N PRO H 403 -46.47 -32.62 -18.94
CA PRO H 403 -45.38 -33.01 -18.01
C PRO H 403 -43.95 -32.94 -18.52
N LEU H 404 -43.80 -32.62 -19.79
CA LEU H 404 -42.52 -32.27 -20.37
C LEU H 404 -42.48 -30.76 -20.55
N ASP H 405 -41.33 -30.20 -20.20
CA ASP H 405 -41.10 -28.79 -20.41
C ASP H 405 -40.75 -28.64 -21.86
N SER H 406 -40.59 -27.39 -22.29
CA SER H 406 -40.30 -27.07 -23.68
C SER H 406 -38.88 -27.50 -24.11
N THR H 407 -38.79 -28.10 -25.29
CA THR H 407 -37.48 -28.58 -25.81
C THR H 407 -36.46 -27.46 -26.02
N THR H 408 -35.39 -27.54 -25.22
CA THR H 408 -34.29 -26.57 -25.17
C THR H 408 -33.60 -26.34 -26.52
N GLU H 417 -27.44 -34.67 -33.40
CA GLU H 417 -28.55 -35.53 -33.80
C GLU H 417 -28.12 -37.00 -33.87
N ALA H 418 -29.00 -37.90 -34.35
CA ALA H 418 -28.68 -39.34 -34.48
C ALA H 418 -29.72 -40.09 -35.36
N THR H 419 -29.78 -41.42 -35.23
CA THR H 419 -30.86 -42.26 -35.79
C THR H 419 -30.90 -42.25 -37.31
N GLU H 424 -36.72 -42.32 -34.19
CA GLU H 424 -38.05 -42.81 -33.87
C GLU H 424 -38.20 -43.30 -32.42
N GLN H 425 -37.10 -43.75 -31.81
CA GLN H 425 -37.11 -44.21 -30.41
C GLN H 425 -37.49 -43.10 -29.43
N HIS H 426 -36.73 -42.00 -29.46
CA HIS H 426 -36.98 -40.86 -28.57
C HIS H 426 -38.43 -40.37 -28.66
N LYS H 427 -38.97 -40.34 -29.87
CA LYS H 427 -40.38 -39.98 -30.09
C LYS H 427 -41.37 -40.89 -29.33
N LYS H 428 -41.07 -42.19 -29.24
CA LYS H 428 -41.93 -43.11 -28.44
C LYS H 428 -41.78 -42.88 -26.93
N ASP H 429 -40.57 -42.49 -26.49
CA ASP H 429 -40.29 -42.15 -25.08
C ASP H 429 -41.17 -40.95 -24.73
N ARG H 430 -41.15 -39.96 -25.60
CA ARG H 430 -41.90 -38.72 -25.42
C ARG H 430 -43.40 -38.91 -25.58
N ALA H 431 -43.85 -39.75 -26.52
CA ALA H 431 -45.29 -40.04 -26.58
C ALA H 431 -45.76 -40.62 -25.25
N SER H 432 -44.96 -41.54 -24.69
CA SER H 432 -45.26 -42.20 -23.42
C SER H 432 -45.23 -41.22 -22.24
N ALA H 433 -44.21 -40.35 -22.20
CA ALA H 433 -44.12 -39.37 -21.12
C ALA H 433 -45.26 -38.34 -21.24
N LEU H 434 -45.77 -38.11 -22.46
CA LEU H 434 -46.89 -37.16 -22.66
C LEU H 434 -48.27 -37.79 -22.61
N THR H 435 -48.38 -38.92 -21.89
CA THR H 435 -49.62 -39.66 -21.71
C THR H 435 -49.79 -39.92 -20.23
N GLN H 436 -50.86 -39.40 -19.64
CA GLN H 436 -51.13 -39.46 -18.24
C GLN H 436 -52.41 -40.23 -18.00
N GLN H 437 -52.40 -41.10 -17.00
CA GLN H 437 -53.56 -41.91 -16.64
C GLN H 437 -54.09 -41.36 -15.36
N LEU H 438 -55.42 -41.30 -15.26
CA LEU H 438 -56.10 -40.85 -14.06
C LEU H 438 -57.18 -41.89 -13.77
N ASP H 439 -57.11 -42.42 -12.56
CA ASP H 439 -58.10 -43.38 -12.05
C ASP H 439 -59.28 -42.58 -11.53
N LEU H 440 -60.42 -42.60 -12.24
CA LEU H 440 -61.63 -41.87 -11.78
C LEU H 440 -62.78 -42.74 -11.16
N GLY H 441 -62.42 -43.91 -10.66
CA GLY H 441 -63.37 -44.84 -10.04
C GLY H 441 -63.64 -45.97 -11.00
N LEU H 442 -64.84 -45.98 -11.59
CA LEU H 442 -65.20 -46.97 -12.63
C LEU H 442 -64.60 -46.75 -13.99
N TRP H 443 -64.13 -45.51 -14.21
CA TRP H 443 -63.53 -45.05 -15.46
C TRP H 443 -62.18 -44.40 -15.18
N ASP H 444 -61.29 -44.57 -16.16
CA ASP H 444 -59.98 -43.91 -16.25
C ASP H 444 -60.02 -42.94 -17.42
N ALA H 445 -59.28 -41.87 -17.28
CA ALA H 445 -59.05 -40.88 -18.36
C ALA H 445 -57.59 -40.99 -18.73
N GLU H 446 -57.32 -40.80 -20.02
CA GLU H 446 -55.96 -40.68 -20.54
C GLU H 446 -55.80 -39.32 -21.20
N VAL H 447 -54.83 -38.57 -20.69
CA VAL H 447 -54.63 -37.21 -21.14
C VAL H 447 -53.40 -37.21 -21.95
N THR H 448 -53.50 -36.69 -23.16
CA THR H 448 -52.33 -36.60 -24.05
C THR H 448 -52.22 -35.21 -24.61
N TYR H 449 -50.97 -34.83 -24.98
CA TYR H 449 -50.71 -33.47 -25.34
C TYR H 449 -50.05 -33.35 -26.72
N GLY H 450 -50.59 -32.49 -27.57
CA GLY H 450 -49.97 -32.20 -28.81
C GLY H 450 -50.15 -33.27 -29.84
N ARG H 451 -51.40 -33.41 -30.26
CA ARG H 451 -51.78 -34.24 -31.40
C ARG H 451 -52.93 -33.56 -32.19
N PRO H 452 -53.25 -34.06 -33.39
CA PRO H 452 -54.44 -33.51 -34.07
C PRO H 452 -55.74 -33.83 -33.33
N MET H 453 -56.84 -33.38 -33.90
CA MET H 453 -58.17 -33.51 -33.31
C MET H 453 -58.87 -34.71 -33.85
N PHE H 454 -58.19 -35.42 -34.77
CA PHE H 454 -58.74 -36.49 -35.59
C PHE H 454 -57.69 -37.58 -35.68
N TRP H 455 -58.13 -38.83 -35.72
CA TRP H 455 -57.26 -40.01 -35.79
C TRP H 455 -56.42 -40.22 -34.51
N VAL H 456 -55.40 -41.09 -34.56
CA VAL H 456 -54.69 -41.52 -33.37
C VAL H 456 -53.14 -41.43 -33.43
N THR H 457 -52.62 -40.60 -34.32
CA THR H 457 -51.19 -40.20 -34.28
C THR H 457 -50.68 -39.91 -32.84
N PRO H 458 -49.54 -40.48 -32.44
CA PRO H 458 -49.08 -40.24 -31.09
C PRO H 458 -48.78 -38.78 -30.77
N PRO H 459 -48.97 -38.40 -29.49
CA PRO H 459 -48.68 -37.03 -29.09
C PRO H 459 -47.20 -36.68 -29.26
N GLU H 460 -46.96 -35.46 -29.73
CA GLU H 460 -45.61 -34.89 -29.79
C GLU H 460 -45.44 -33.75 -28.77
N GLY H 461 -46.47 -33.47 -28.00
CA GLY H 461 -46.46 -32.27 -27.10
C GLY H 461 -46.68 -30.96 -27.82
N ASN H 462 -47.17 -29.97 -27.05
CA ASN H 462 -47.29 -28.58 -27.50
C ASN H 462 -45.93 -27.83 -27.51
N THR H 463 -45.86 -26.84 -28.40
CA THR H 463 -44.74 -25.91 -28.55
C THR H 463 -45.22 -24.46 -28.37
N PRO H 464 -45.01 -23.85 -27.19
CA PRO H 464 -44.27 -24.37 -26.04
C PRO H 464 -45.19 -25.30 -25.25
N ALA H 465 -44.64 -25.96 -24.25
CA ALA H 465 -45.45 -26.82 -23.39
C ALA H 465 -46.51 -25.95 -22.73
N ALA H 466 -47.76 -26.41 -22.74
CA ALA H 466 -48.87 -25.54 -22.26
C ALA H 466 -50.20 -26.18 -21.88
N GLY H 467 -50.37 -27.46 -22.15
CA GLY H 467 -51.66 -28.04 -21.94
C GLY H 467 -51.92 -28.52 -20.55
N GLY H 468 -53.20 -28.77 -20.32
CA GLY H 468 -53.62 -29.34 -19.07
C GLY H 468 -55.05 -29.79 -19.15
N ALA H 469 -55.57 -30.30 -18.03
CA ALA H 469 -56.95 -30.77 -17.98
C ALA H 469 -57.44 -30.70 -16.58
N LEU H 470 -58.73 -30.47 -16.42
CA LEU H 470 -59.41 -30.57 -15.15
C LEU H 470 -60.60 -31.54 -15.28
N ILE H 471 -60.81 -32.40 -14.27
CA ILE H 471 -61.96 -33.33 -14.22
C ILE H 471 -62.54 -33.32 -12.80
N ALA H 472 -63.85 -33.20 -12.70
CA ALA H 472 -64.59 -33.37 -11.42
C ALA H 472 -65.56 -34.50 -11.63
N GLN H 473 -65.64 -35.37 -10.62
CA GLN H 473 -66.65 -36.47 -10.59
C GLN H 473 -68.00 -35.89 -10.16
N LEU H 474 -68.97 -36.04 -11.03
CA LEU H 474 -70.38 -35.67 -10.68
C LEU H 474 -71.20 -36.84 -10.13
N ASP H 475 -70.90 -38.01 -10.63
CA ASP H 475 -71.62 -39.24 -10.29
C ASP H 475 -70.72 -40.41 -10.68
N ASP H 476 -71.20 -41.63 -10.42
CA ASP H 476 -70.43 -42.84 -10.65
C ASP H 476 -69.87 -42.87 -12.07
N ASN H 477 -70.71 -42.47 -13.04
CA ASN H 477 -70.37 -42.54 -14.44
C ASN H 477 -70.41 -41.18 -15.10
N GLU H 478 -70.29 -40.11 -14.35
CA GLU H 478 -70.48 -38.77 -14.96
C GLU H 478 -69.47 -37.79 -14.46
N TYR H 479 -68.80 -37.10 -15.42
CA TYR H 479 -67.73 -36.20 -15.09
C TYR H 479 -67.90 -34.81 -15.72
N LEU H 480 -67.38 -33.79 -15.04
CA LEU H 480 -67.35 -32.45 -15.57
C LEU H 480 -65.89 -32.35 -16.09
N VAL H 481 -65.65 -31.86 -17.29
CA VAL H 481 -64.36 -31.89 -17.92
C VAL H 481 -64.12 -30.57 -18.66
N THR H 482 -62.95 -29.98 -18.45
CA THR H 482 -62.52 -28.90 -19.31
C THR H 482 -60.99 -29.00 -19.46
N ALA H 483 -60.47 -28.72 -20.65
CA ALA H 483 -59.05 -28.96 -20.87
C ALA H 483 -58.53 -27.99 -21.93
N TYR H 484 -57.21 -28.02 -22.14
CA TYR H 484 -56.54 -27.00 -22.92
C TYR H 484 -55.38 -27.62 -23.65
N LYS H 485 -55.39 -27.52 -24.96
CA LYS H 485 -54.30 -28.02 -25.83
C LYS H 485 -53.95 -29.47 -25.46
N ALA H 486 -54.98 -30.31 -25.44
CA ALA H 486 -54.95 -31.68 -24.94
C ALA H 486 -56.07 -32.46 -25.49
N ARG H 487 -55.83 -33.77 -25.47
CA ARG H 487 -56.89 -34.75 -25.68
C ARG H 487 -57.18 -35.49 -24.39
N VAL H 488 -58.46 -35.65 -24.11
CA VAL H 488 -58.88 -36.46 -22.99
C VAL H 488 -59.70 -37.64 -23.50
N GLU H 489 -59.32 -38.86 -23.08
CA GLU H 489 -59.99 -40.08 -23.53
C GLU H 489 -60.40 -40.95 -22.36
N PHE H 490 -61.65 -41.36 -22.34
CA PHE H 490 -62.20 -42.15 -21.25
C PHE H 490 -62.30 -43.61 -21.62
N LYS H 491 -62.11 -44.48 -20.63
CA LYS H 491 -62.09 -45.93 -20.79
C LYS H 491 -62.45 -46.60 -19.44
N PRO H 492 -62.95 -47.85 -19.47
CA PRO H 492 -63.19 -48.52 -18.19
C PRO H 492 -61.93 -48.67 -17.33
N SER H 493 -62.12 -48.50 -16.03
CA SER H 493 -61.03 -48.63 -15.07
C SER H 493 -60.71 -50.07 -14.64
N GLN H 494 -61.72 -50.92 -14.69
CA GLN H 494 -61.63 -52.34 -14.38
C GLN H 494 -62.09 -53.09 -15.64
N GLU H 495 -61.51 -54.26 -15.92
CA GLU H 495 -61.91 -55.07 -17.09
C GLU H 495 -63.38 -55.42 -16.90
N LEU H 496 -64.14 -55.31 -17.97
CA LEU H 496 -65.60 -55.50 -17.90
C LEU H 496 -65.89 -56.97 -18.11
N ALA H 497 -67.05 -57.42 -17.64
CA ALA H 497 -67.34 -58.85 -17.55
C ALA H 497 -68.25 -59.24 -18.70
N GLY H 498 -67.67 -59.27 -19.89
CA GLY H 498 -68.43 -59.54 -21.10
C GLY H 498 -69.10 -58.31 -21.73
N LYS H 499 -69.06 -57.17 -21.03
CA LYS H 499 -69.72 -55.94 -21.48
C LYS H 499 -68.81 -55.14 -22.36
N LYS H 500 -69.46 -54.30 -23.16
CA LYS H 500 -68.79 -53.27 -23.93
C LYS H 500 -68.99 -51.93 -23.23
N PHE H 501 -68.32 -50.89 -23.74
CA PHE H 501 -68.51 -49.59 -23.17
C PHE H 501 -68.53 -48.56 -24.30
N MET H 502 -69.15 -47.43 -23.97
CA MET H 502 -69.02 -46.26 -24.82
CA MET H 502 -69.10 -46.26 -24.82
C MET H 502 -69.25 -44.97 -24.04
N ILE H 503 -69.05 -43.85 -24.75
CA ILE H 503 -69.57 -42.59 -24.26
C ILE H 503 -71.07 -42.65 -24.43
N GLU H 504 -71.79 -42.41 -23.35
CA GLU H 504 -73.23 -42.30 -23.41
C GLU H 504 -73.60 -40.97 -24.04
N ARG H 505 -72.99 -39.93 -23.50
CA ARG H 505 -73.28 -38.56 -23.87
C ARG H 505 -72.25 -37.58 -23.43
N VAL H 506 -71.97 -36.60 -24.29
CA VAL H 506 -71.13 -35.46 -23.94
C VAL H 506 -71.93 -34.21 -24.24
N GLU H 507 -72.11 -33.34 -23.24
CA GLU H 507 -72.78 -32.05 -23.42
C GLU H 507 -71.78 -30.93 -23.12
N GLU H 508 -71.72 -29.96 -24.01
CA GLU H 508 -71.03 -28.74 -23.73
C GLU H 508 -72.06 -27.75 -23.20
N GLY H 509 -71.70 -27.11 -22.09
CA GLY H 509 -72.58 -26.09 -21.54
C GLY H 509 -71.96 -25.19 -20.51
N ARG H 510 -72.82 -24.68 -19.66
CA ARG H 510 -72.48 -23.66 -18.66
C ARG H 510 -73.46 -23.79 -17.49
N PHE H 511 -73.06 -23.22 -16.36
CA PHE H 511 -73.93 -23.01 -15.22
C PHE H 511 -74.60 -21.67 -15.20
N GLU H 512 -75.89 -21.68 -14.90
CA GLU H 512 -76.61 -20.44 -14.64
C GLU H 512 -77.52 -20.62 -13.44
N LYS H 513 -77.33 -19.76 -12.44
CA LYS H 513 -78.02 -19.85 -11.15
C LYS H 513 -77.75 -21.22 -10.50
N GLY H 514 -76.52 -21.71 -10.65
CA GLY H 514 -76.18 -23.07 -10.21
C GLY H 514 -76.74 -24.26 -11.00
N LYS H 515 -77.52 -24.00 -12.05
CA LYS H 515 -78.16 -25.02 -12.86
C LYS H 515 -77.39 -25.19 -14.16
N TRP H 516 -77.18 -26.44 -14.56
CA TRP H 516 -76.55 -26.78 -15.88
C TRP H 516 -77.48 -26.45 -17.05
N VAL H 517 -77.00 -25.61 -17.97
CA VAL H 517 -77.65 -25.33 -19.27
C VAL H 517 -76.81 -25.93 -20.39
N MET H 518 -77.44 -26.81 -21.18
CA MET H 518 -76.75 -27.46 -22.32
C MET H 518 -76.81 -26.48 -23.47
N GLU H 519 -75.67 -26.28 -24.14
CA GLU H 519 -75.57 -25.54 -25.43
C GLU H 519 -75.62 -26.41 -26.67
N ARG H 520 -74.95 -27.57 -26.59
CA ARG H 520 -74.88 -28.52 -27.69
C ARG H 520 -74.39 -29.83 -27.16
N VAL H 521 -74.53 -30.85 -27.96
CA VAL H 521 -73.99 -32.17 -27.66
C VAL H 521 -72.78 -32.40 -28.58
N TRP H 522 -71.67 -32.79 -27.96
CA TRP H 522 -70.50 -33.29 -28.78
C TRP H 522 -70.78 -34.73 -29.21
N ASN H 523 -70.61 -35.04 -30.48
CA ASN H 523 -70.73 -36.46 -30.94
C ASN H 523 -69.93 -36.67 -32.23
N GLY H 524 -69.97 -37.86 -32.85
CA GLY H 524 -69.34 -38.06 -34.13
C GLY H 524 -67.84 -37.71 -34.05
N ASP H 525 -67.33 -36.91 -34.97
CA ASP H 525 -65.88 -36.62 -35.00
C ASP H 525 -65.45 -36.08 -33.65
N GLN H 526 -66.33 -35.26 -33.01
CA GLN H 526 -65.93 -34.58 -31.77
C GLN H 526 -65.67 -35.56 -30.58
N THR H 527 -66.16 -36.80 -30.67
CA THR H 527 -65.93 -37.81 -29.61
C THR H 527 -65.38 -39.14 -30.10
N ASP H 528 -65.05 -39.26 -31.38
CA ASP H 528 -64.53 -40.49 -31.92
C ASP H 528 -63.06 -40.73 -31.52
N TRP H 529 -62.35 -39.63 -31.26
CA TRP H 529 -60.89 -39.62 -31.10
C TRP H 529 -60.61 -38.91 -29.77
N GLY H 530 -61.31 -39.31 -28.70
CA GLY H 530 -61.26 -38.54 -27.45
C GLY H 530 -61.96 -37.22 -27.56
N LEU H 531 -61.66 -36.40 -26.55
CA LEU H 531 -62.22 -35.09 -26.41
C LEU H 531 -61.04 -34.15 -26.54
N ASN H 532 -61.04 -33.41 -27.65
CA ASN H 532 -59.90 -32.58 -28.09
C ASN H 532 -60.17 -31.09 -27.86
N PHE H 533 -59.30 -30.51 -27.08
CA PHE H 533 -59.34 -29.10 -26.71
C PHE H 533 -58.15 -28.36 -27.34
N THR H 534 -58.48 -27.15 -27.81
CA THR H 534 -57.49 -26.18 -28.30
C THR H 534 -57.27 -25.10 -27.22
N ASP H 535 -57.17 -23.83 -27.66
CA ASP H 535 -57.04 -22.73 -26.65
C ASP H 535 -58.34 -22.15 -26.25
N ARG H 536 -59.44 -22.56 -26.87
CA ARG H 536 -60.78 -22.04 -26.52
C ARG H 536 -61.45 -22.77 -25.41
N PRO H 537 -62.29 -22.08 -24.63
CA PRO H 537 -62.96 -22.72 -23.52
C PRO H 537 -64.15 -23.55 -23.90
N HIS H 538 -64.22 -24.80 -23.39
CA HIS H 538 -65.43 -25.62 -23.50
C HIS H 538 -65.54 -26.34 -22.21
N LEU H 539 -66.69 -26.22 -21.55
CA LEU H 539 -67.02 -27.00 -20.35
C LEU H 539 -67.92 -28.19 -20.71
N LEU H 540 -67.47 -29.40 -20.38
CA LEU H 540 -68.20 -30.63 -20.79
C LEU H 540 -68.73 -31.41 -19.63
N ARG H 541 -69.90 -31.98 -19.84
CA ARG H 541 -70.41 -33.04 -18.97
C ARG H 541 -70.36 -34.33 -19.77
N VAL H 542 -69.66 -35.30 -19.25
CA VAL H 542 -69.31 -36.53 -19.98
C VAL H 542 -69.89 -37.66 -19.21
N LYS H 543 -70.81 -38.37 -19.83
CA LYS H 543 -71.51 -39.53 -19.20
C LYS H 543 -71.04 -40.80 -19.94
N MET H 544 -70.47 -41.76 -19.17
CA MET H 544 -69.92 -43.04 -19.68
C MET H 544 -70.89 -44.13 -19.33
N ALA H 545 -70.86 -45.22 -20.12
CA ALA H 545 -71.74 -46.35 -19.93
C ALA H 545 -71.08 -47.65 -20.36
N SER H 546 -71.25 -48.68 -19.55
CA SER H 546 -70.96 -50.05 -19.94
C SER H 546 -72.27 -50.69 -20.33
N TYR H 547 -72.22 -51.58 -21.31
CA TYR H 547 -73.45 -52.19 -21.83
C TYR H 547 -73.24 -53.66 -22.23
N SER H 548 -74.26 -54.46 -21.95
CA SER H 548 -74.24 -55.89 -22.27
C SER H 548 -74.38 -56.12 -23.77
N VAL H 549 -73.71 -57.18 -24.22
CA VAL H 549 -73.87 -57.70 -25.60
C VAL H 549 -74.13 -59.21 -25.62
N GLN H 550 -74.41 -59.80 -24.46
CA GLN H 550 -74.51 -61.28 -24.32
C GLN H 550 -75.51 -61.94 -25.27
C1 UUU I . 19.75 -29.57 25.13
C2 UUU I . 20.18 -30.88 25.80
C3 UUU I . 21.56 -30.76 26.48
C4 UUU I . 21.67 -29.57 27.41
C5 UUU I . 21.24 -28.29 26.69
C6 UUU I . 19.78 -28.44 26.13
C8 UUU I . 20.19 -31.99 24.76
O8 UUU I . 18.86 -32.30 24.38
O1 UUU I . 20.57 -29.31 23.99
O6 UUU I . 19.37 -27.19 25.50
O5 UUU I . 21.34 -27.17 27.60
N1 UUU I . 22.64 -30.74 25.44
NA NA J . 30.35 -38.86 64.66
NA NA K . 21.90 -24.92 50.35
NA NA L . 31.81 -41.62 64.70
C1 UUU M . -9.84 6.63 49.63
C2 UUU M . -8.64 6.72 48.64
C3 UUU M . -8.69 5.63 47.58
C4 UUU M . -10.02 5.69 46.86
C5 UUU M . -11.15 5.51 47.85
C6 UUU M . -11.17 6.60 48.92
C8 UUU M . -7.33 6.73 49.42
O8 UUU M . -7.26 7.88 50.24
O1 UUU M . -9.72 5.50 50.51
O6 UUU M . -12.29 6.50 49.82
O5 UUU M . -12.44 5.30 47.24
N1 UUU M . -8.49 4.27 48.20
NA NA N . -12.87 -22.09 55.61
NA NA O . -4.98 10.03 6.84
NA NA P . -8.29 10.76 7.96
C1 UUU Q . 52.17 21.72 -3.91
C2 UUU Q . 52.24 20.47 -4.82
C3 UUU Q . 52.36 19.21 -3.92
C4 UUU Q . 51.29 19.13 -2.85
C5 UUU Q . 51.32 20.38 -1.96
C6 UUU Q . 51.07 21.59 -2.86
C8 UUU Q . 53.35 20.52 -5.80
O8 UUU Q . 53.07 21.47 -6.82
O1 UUU Q . 53.41 22.01 -3.26
O6 UUU Q . 50.99 22.75 -2.00
O5 UUU Q . 50.43 20.31 -0.87
N1 UUU Q . 53.66 19.08 -3.29
NA NA R . 28.82 -13.08 -4.51
NA NA S . 30.59 -15.25 -6.22
NA NA T . 21.23 10.87 -19.45
NA NA U . 15.05 -15.36 -10.03
C1 UUU V . -12.07 -55.04 -6.11
C2 UUU V . -10.64 -55.13 -5.63
C3 UUU V . -9.60 -54.85 -6.72
C4 UUU V . -9.92 -53.62 -7.56
C5 UUU V . -11.37 -53.59 -8.04
C6 UUU V . -12.34 -53.73 -6.87
C8 UUU V . -10.29 -56.42 -4.88
O8 UUU V . -10.98 -56.52 -3.68
O1 UUU V . -12.45 -56.12 -6.99
O6 UUU V . -13.67 -53.59 -7.33
O5 UUU V . -11.67 -52.42 -8.79
N1 UUU V . -9.45 -55.99 -7.69
NA NA W . 20.57 -28.64 -7.78
NA NA X . 23.25 -30.30 -7.21
NA NA Y . -0.74 -32.28 -9.81
C1 UUU Z . 20.59 -3.84 -35.20
C2 UUU Z . 21.73 -3.97 -36.24
C3 UUU Z . 21.49 -5.13 -37.17
C4 UUU Z . 20.08 -5.10 -37.77
C5 UUU Z . 19.05 -5.07 -36.67
C6 UUU Z . 19.22 -3.84 -35.77
C8 UUU Z . 23.10 -4.07 -35.60
O8 UUU Z . 23.47 -2.88 -34.95
O1 UUU Z . 20.68 -4.98 -34.26
O6 UUU Z . 18.24 -3.81 -34.74
O5 UUU Z . 17.74 -5.15 -37.22
N1 UUU Z . 21.76 -6.40 -36.44
NA NA AA . 21.65 -3.98 -77.73
NA NA BA . 16.46 8.80 -86.25
NA NA CA . 19.83 21.62 -61.10
NA NA DA . 9.11 0.06 -57.93
NA NA EA . 18.80 -2.81 -76.79
C ACT FA . 20.53 22.36 -58.28
O ACT FA . 20.52 21.09 -58.47
OXT ACT FA . 19.49 23.05 -58.08
CH3 ACT FA . 21.81 23.12 -58.38
C1 UUU GA . 6.20 39.76 13.95
C2 UUU GA . 7.66 39.72 14.50
C3 UUU GA . 8.74 40.19 13.48
C4 UUU GA . 8.32 41.49 12.84
C5 UUU GA . 6.94 41.39 12.19
C6 UUU GA . 5.90 41.11 13.29
C8 UUU GA . 8.05 38.39 15.10
O8 UUU GA . 7.33 38.17 16.26
O1 UUU GA . 5.97 38.69 13.01
O6 UUU GA . 4.61 41.11 12.68
O5 UUU GA . 6.57 42.56 11.48
N1 UUU GA . 9.02 39.17 12.43
NA NA HA . 36.13 69.24 17.19
NA NA IA . 14.91 66.26 37.09
C1 UUU JA . -24.92 22.13 -41.04
C2 UUU JA . -24.38 20.84 -40.41
C3 UUU JA . -23.07 21.06 -39.62
C4 UUU JA . -23.24 22.13 -38.58
C5 UUU JA . -23.70 23.44 -39.23
C6 UUU JA . -25.05 23.25 -39.99
C8 UUU JA . -24.19 19.74 -41.45
O8 UUU JA . -25.45 19.34 -41.96
O1 UUU JA . -24.04 22.59 -42.09
O6 UUU JA . -25.44 24.49 -40.58
O5 UUU JA . -23.80 24.51 -38.29
N1 UUU JA . -21.92 21.39 -40.47
NA NA KA . -16.82 10.94 -1.45
NA NA LA . -43.69 9.18 -12.91
NA NA MA . -25.27 24.92 -15.34
C1 UUU NA . -41.13 -10.73 -5.29
C2 UUU NA . -40.87 -11.88 -6.29
C3 UUU NA . -40.59 -13.21 -5.56
C4 UUU NA . -41.69 -13.45 -4.54
C5 UUU NA . -41.94 -12.34 -3.52
C6 UUU NA . -42.29 -11.07 -4.32
C8 UUU NA . -39.69 -11.62 -7.24
O8 UUU NA . -40.08 -10.58 -8.13
O1 UUU NA . -39.91 -10.40 -4.62
O6 UUU NA . -42.58 -10.00 -3.42
O5 UUU NA . -42.95 -12.55 -2.56
N1 UUU NA . -39.27 -13.24 -4.90
NA NA OA . -69.36 -23.11 -24.27
NA NA PA . -60.67 -47.51 -10.59
#